data_9CC3
#
_entry.id   9CC3
#
_cell.length_a   1.00
_cell.length_b   1.00
_cell.length_c   1.00
_cell.angle_alpha   90.00
_cell.angle_beta   90.00
_cell.angle_gamma   90.00
#
_symmetry.space_group_name_H-M   'P 1'
#
loop_
_entity.id
_entity.type
_entity.pdbx_description
1 polymer 'Endogenous Co-purified substrate modeled as unknown residues'
2 polymer 'Lon protease homolog, mitochondrial'
3 non-polymer "ADENOSINE-5'-DIPHOSPHATE"
4 non-polymer 'MAGNESIUM ION'
#
loop_
_entity_poly.entity_id
_entity_poly.type
_entity_poly.pdbx_seq_one_letter_code
_entity_poly.pdbx_strand_id
1 'polypeptide(L)'
;(UNK)(UNK)(UNK)(UNK)(UNK)(UNK)(UNK)(UNK)(UNK)(UNK)(UNK)(UNK)(UNK)(UNK)(UNK)(UNK)
(UNK)(UNK)(UNK)(UNK)(UNK)(UNK)(UNK)(UNK)(UNK)(UNK)(UNK)(UNK)(UNK)(UNK)
;
G
2 'polypeptide(L)'
;MHHHHHHENLYFQGAHMMTIPDVFPHLPLIAITRNPVFPRFIKIIEVKNKKLVELLRRKVRLAQPYVGVFLKRDDSNESD
VVESLDEIYHTGTFAQIHEMQDLGDKLRMIVMGHRRVHISRQLEVEPEEPEAENKHKPRRKSKRGKKEAEDELSARHPAE
LAMEPTPELPAEVLMVEVENVVHEDFQVTEEVKALTAEIVKTIRDIIALNPLYRESVLQMMQAGQRVVDNPIYLSDMGAA
LTGAESHELQDVLEETNIPKRLYKALSLLKKEFELSKLQQRLGREVEEKIKQTHRKYLLQEQLKIIKKELGLEKDDKDAI
EEKFRERLKELVVPKHVMDVVDEELSKLGLLDNHSSEFNVTRNYLDWLTSIPWGKYSNENLDLARAQAVLEEDHYGMEDV
KKRILEFIAVSQLRGSTQGKILCFYGPPGVGKTSIARSIARALNREYFRFSVGGMTDVAEIKGHRRTYVGAMPGKIIQCL
KKTKTENPLILIDEVDKIGRGYQGDPSSALLELLDPEQNANFLDHYLDVPVDLSKVLFICTANVTDTIPEPLRDRMEMIN
VSGYVAQEKLAIAERYLVPQARALCGLDESKAKLSSDVLTLLIKQYCRESGVRNLQKQVEKVLRKSAYKIVSGEAESVEV
TPENLQDFVGKPVFTVERMYDVTPPGVVMGLAWTAMGGSTLFVETSLRRPQDKDAKGDKDGSLEVTGQLGEVMKESARIA
YTFARAFLMQHAPANDYLVTSHIHLHVPEGATPKDGPSAGCTIVTALLSLAMGRPVRQNLAMTGEVSLTGKILPVGGIKE
KTIAAKRAGVTCIVLPAENKKDFYDLAAFITEGLEVHFVEHYREIFDIAFPDEQAEALAVER
;
A,B,C,D,E,F
#
# COMPACT_ATOMS: atom_id res chain seq x y z
N UNK A 1 69.41 -11.55 17.98
CA UNK A 1 69.69 -11.61 16.56
C UNK A 1 68.81 -10.64 15.77
N UNK A 2 69.26 -10.27 14.57
CA UNK A 2 68.47 -9.36 13.75
C UNK A 2 67.19 -10.01 13.26
N UNK A 3 67.18 -11.34 13.11
CA UNK A 3 65.99 -12.05 12.66
C UNK A 3 64.93 -12.18 13.74
N UNK A 4 65.12 -11.56 14.90
CA UNK A 4 64.12 -11.64 15.96
C UNK A 4 62.79 -11.04 15.54
N UNK A 5 62.81 -10.08 14.61
CA UNK A 5 61.57 -9.47 14.15
C UNK A 5 60.68 -10.45 13.39
N UNK A 6 61.22 -11.58 12.94
CA UNK A 6 60.42 -12.56 12.22
C UNK A 6 59.33 -13.15 13.11
N UNK A 7 59.63 -13.41 14.38
CA UNK A 7 58.62 -13.94 15.29
C UNK A 7 57.50 -12.93 15.50
N UNK A 8 57.84 -11.65 15.66
CA UNK A 8 56.81 -10.62 15.81
C UNK A 8 55.97 -10.49 14.55
N UNK A 9 56.61 -10.58 13.38
CA UNK A 9 55.88 -10.51 12.12
C UNK A 9 54.92 -11.68 11.98
N UNK A 10 55.37 -12.89 12.36
CA UNK A 10 54.49 -14.05 12.31
C UNK A 10 53.33 -13.91 13.29
N UNK A 11 53.60 -13.39 14.49
CA UNK A 11 52.53 -13.18 15.46
C UNK A 11 51.50 -12.18 14.94
N UNK A 12 51.97 -11.10 14.31
CA UNK A 12 51.06 -10.12 13.75
C UNK A 12 50.26 -10.71 12.60
N UNK A 13 50.90 -11.48 11.72
CA UNK A 13 50.20 -12.09 10.59
C UNK A 13 49.25 -13.20 11.01
N UNK A 14 49.43 -13.75 12.21
CA UNK A 14 48.50 -14.77 12.69
C UNK A 14 47.07 -14.24 12.80
N UNK A 15 46.92 -12.93 13.03
CA UNK A 15 45.59 -12.34 13.08
C UNK A 15 44.94 -12.31 11.70
N UNK A 16 45.72 -12.04 10.65
CA UNK A 16 45.21 -12.02 9.29
C UNK A 16 45.23 -13.39 8.62
N UNK A 17 45.75 -14.41 9.29
CA UNK A 17 45.80 -15.74 8.69
C UNK A 17 44.41 -16.31 8.45
N UNK A 18 43.44 -15.92 9.26
CA UNK A 18 42.07 -16.42 9.11
C UNK A 18 41.11 -15.36 9.63
N UNK A 19 40.40 -14.70 8.72
CA UNK A 19 39.42 -13.70 9.11
C UNK A 19 38.15 -14.36 9.61
N UNK A 20 37.32 -13.57 10.29
CA UNK A 20 36.06 -14.03 10.85
C UNK A 20 34.92 -13.19 10.29
N UNK A 21 33.89 -13.86 9.78
CA UNK A 21 32.73 -13.15 9.25
C UNK A 21 31.79 -12.74 10.37
N UNK A 22 30.97 -11.73 10.09
CA UNK A 22 30.03 -11.22 11.07
C UNK A 22 28.75 -10.79 10.36
N UNK A 23 27.61 -11.06 11.00
CA UNK A 23 26.33 -10.67 10.44
C UNK A 23 26.03 -9.22 10.75
N UNK A 24 25.38 -8.55 9.80
CA UNK A 24 25.01 -7.15 9.92
C UNK A 24 23.57 -6.97 9.47
N UNK A 25 22.78 -6.28 10.30
CA UNK A 25 21.38 -6.02 9.96
C UNK A 25 21.30 -4.92 8.90
N UNK A 26 20.22 -4.96 8.12
CA UNK A 26 19.99 -3.98 7.08
C UNK A 26 18.50 -3.75 6.91
N UNK A 27 18.14 -2.56 6.44
CA UNK A 27 16.75 -2.19 6.21
C UNK A 27 16.45 -2.17 4.72
N UNK A 28 15.15 -2.22 4.41
CA UNK A 28 14.69 -2.20 3.03
C UNK A 28 13.51 -1.25 2.90
N UNK A 29 13.39 -0.64 1.73
CA UNK A 29 12.29 0.28 1.47
C UNK A 29 10.97 -0.46 1.40
N UNK A 30 9.94 0.13 1.99
CA UNK A 30 8.61 -0.48 2.00
C UNK A 30 7.52 0.58 1.98
N GLN B 279 65.13 13.02 33.12
CA GLN B 279 66.15 13.19 32.10
C GLN B 279 66.90 11.88 31.86
N GLN B 280 67.36 11.25 32.93
CA GLN B 280 68.09 10.00 32.83
C GLN B 280 67.18 8.77 32.85
N ARG B 281 65.86 8.95 33.03
CA ARG B 281 64.96 7.82 33.06
C ARG B 281 64.89 7.11 31.72
N LEU B 282 65.28 7.79 30.63
CA LEU B 282 65.25 7.16 29.32
C LEU B 282 66.19 5.96 29.24
N GLY B 283 67.39 6.08 29.82
CA GLY B 283 68.31 4.96 29.82
C GLY B 283 67.81 3.76 30.60
N ARG B 284 67.14 4.00 31.72
CA ARG B 284 66.58 2.90 32.50
C ARG B 284 65.41 2.25 31.75
N GLU B 285 64.55 3.06 31.14
CA GLU B 285 63.43 2.52 30.37
C GLU B 285 63.92 1.70 29.20
N VAL B 286 64.93 2.19 28.49
CA VAL B 286 65.49 1.46 27.35
C VAL B 286 66.11 0.14 27.81
N GLU B 287 66.81 0.17 28.94
CA GLU B 287 67.41 -1.06 29.47
C GLU B 287 66.35 -2.07 29.85
N GLU B 288 65.28 -1.62 30.50
CA GLU B 288 64.19 -2.54 30.87
C GLU B 288 63.52 -3.12 29.62
N LYS B 289 63.28 -2.28 28.61
CA LYS B 289 62.69 -2.77 27.38
C LYS B 289 63.59 -3.77 26.67
N ILE B 290 64.90 -3.51 26.67
CA ILE B 290 65.84 -4.44 26.04
C ILE B 290 65.86 -5.77 26.79
N LYS B 291 65.80 -5.71 28.13
CA LYS B 291 65.74 -6.95 28.91
C LYS B 291 64.47 -7.74 28.61
N GLN B 292 63.33 -7.05 28.52
CA GLN B 292 62.07 -7.74 28.20
C GLN B 292 62.13 -8.36 26.81
N THR B 293 62.65 -7.62 25.83
CA THR B 293 62.76 -8.16 24.47
C THR B 293 63.72 -9.35 24.42
N HIS B 294 64.82 -9.28 25.17
CA HIS B 294 65.74 -10.40 25.22
C HIS B 294 65.09 -11.63 25.85
N ARG B 295 64.30 -11.42 26.91
CA ARG B 295 63.60 -12.55 27.53
C ARG B 295 62.60 -13.16 26.54
N LYS B 296 61.86 -12.31 25.82
CA LYS B 296 60.90 -12.82 24.84
C LYS B 296 61.59 -13.59 23.73
N TYR B 297 62.72 -13.08 23.23
CA TYR B 297 63.44 -13.78 22.18
C TYR B 297 64.06 -15.09 22.69
N LEU B 298 64.52 -15.11 23.94
CA LEU B 298 65.02 -16.35 24.52
C LEU B 298 63.91 -17.38 24.63
N LEU B 299 62.71 -16.95 25.04
CA LEU B 299 61.57 -17.87 25.08
C LEU B 299 61.24 -18.39 23.68
N GLN B 300 61.26 -17.52 22.68
CA GLN B 300 60.99 -17.95 21.31
C GLN B 300 62.05 -18.95 20.82
N GLU B 301 63.32 -18.68 21.12
CA GLU B 301 64.38 -19.60 20.72
C GLU B 301 64.24 -20.95 21.43
N GLN B 302 63.88 -20.94 22.70
CA GLN B 302 63.66 -22.19 23.43
C GLN B 302 62.50 -22.96 22.83
N LEU B 303 61.43 -22.26 22.45
CA LEU B 303 60.29 -22.93 21.81
C LEU B 303 60.71 -23.54 20.47
N LYS B 304 61.51 -22.81 19.69
CA LYS B 304 61.98 -23.34 18.42
C LYS B 304 62.87 -24.57 18.63
N ILE B 305 63.74 -24.53 19.63
CA ILE B 305 64.60 -25.68 19.93
C ILE B 305 63.76 -26.88 20.35
N ILE B 306 62.74 -26.64 21.17
CA ILE B 306 61.86 -27.73 21.60
C ILE B 306 61.13 -28.33 20.41
N LYS B 307 60.65 -27.47 19.50
CA LYS B 307 59.97 -27.95 18.30
C LYS B 307 60.90 -28.78 17.43
N LYS B 308 62.16 -28.33 17.29
CA LYS B 308 63.12 -29.10 16.51
C LYS B 308 63.41 -30.45 17.17
N GLU B 309 63.54 -30.47 18.49
CA GLU B 309 63.83 -31.72 19.19
C GLU B 309 62.66 -32.69 19.12
N LEU B 310 61.42 -32.19 19.19
CA LEU B 310 60.25 -33.06 19.18
C LEU B 310 60.11 -33.80 17.85
N GLY B 311 60.69 -33.27 16.78
CA GLY B 311 60.60 -33.92 15.48
C GLY B 311 61.33 -35.24 15.40
N LEU B 312 62.27 -35.49 16.31
CA LEU B 312 63.03 -36.73 16.32
C LEU B 312 62.38 -37.82 17.16
N GLU B 313 61.24 -37.55 17.78
CA GLU B 313 60.60 -38.51 18.68
C GLU B 313 59.26 -39.03 18.20
N LYS B 314 58.43 -38.20 17.58
CA LYS B 314 57.10 -38.62 17.16
C LYS B 314 56.73 -37.91 15.86
N ASP B 315 55.96 -38.62 15.03
CA ASP B 315 55.51 -38.07 13.75
C ASP B 315 54.19 -38.72 13.39
N ASP B 316 53.11 -37.94 13.40
CA ASP B 316 51.79 -38.48 13.07
C ASP B 316 51.44 -38.28 11.60
N LYS B 317 52.41 -37.88 10.79
CA LYS B 317 52.18 -37.65 9.37
C LYS B 317 51.60 -38.87 8.66
N ASP B 318 52.26 -40.02 8.82
CA ASP B 318 51.90 -41.19 8.03
C ASP B 318 50.51 -41.72 8.37
N ALA B 319 50.14 -41.71 9.66
CA ALA B 319 48.85 -42.24 10.06
C ALA B 319 47.70 -41.44 9.43
N ILE B 320 47.73 -40.12 9.57
CA ILE B 320 46.65 -39.30 9.02
C ILE B 320 46.68 -39.33 7.49
N GLU B 321 47.89 -39.36 6.90
CA GLU B 321 47.98 -39.43 5.45
C GLU B 321 47.35 -40.70 4.91
N GLU B 322 47.65 -41.85 5.53
CA GLU B 322 47.05 -43.11 5.09
C GLU B 322 45.56 -43.16 5.39
N LYS B 323 45.13 -42.54 6.49
CA LYS B 323 43.70 -42.46 6.78
C LYS B 323 42.97 -41.69 5.69
N PHE B 324 43.58 -40.62 5.19
CA PHE B 324 43.00 -39.91 4.05
C PHE B 324 43.01 -40.78 2.80
N ARG B 325 44.14 -41.42 2.50
CA ARG B 325 44.26 -42.16 1.25
C ARG B 325 43.31 -43.35 1.18
N GLU B 326 43.06 -44.01 2.32
CA GLU B 326 42.24 -45.23 2.28
C GLU B 326 40.82 -44.92 1.83
N ARG B 327 40.33 -43.71 2.12
CA ARG B 327 39.03 -43.29 1.62
C ARG B 327 39.01 -43.22 0.09
N LEU B 328 40.16 -42.90 -0.52
CA LEU B 328 40.20 -42.73 -1.97
C LEU B 328 40.08 -44.04 -2.71
N LYS B 329 40.30 -45.18 -2.03
CA LYS B 329 40.36 -46.47 -2.71
C LYS B 329 39.03 -46.83 -3.35
N GLU B 330 37.92 -46.65 -2.62
CA GLU B 330 36.62 -47.09 -3.11
C GLU B 330 35.99 -46.10 -4.09
N LEU B 331 36.59 -44.92 -4.25
CA LEU B 331 35.97 -43.82 -4.97
C LEU B 331 36.61 -43.66 -6.35
N VAL B 332 35.76 -43.49 -7.37
CA VAL B 332 36.23 -43.18 -8.72
C VAL B 332 36.34 -41.66 -8.85
N VAL B 333 37.49 -41.12 -8.46
CA VAL B 333 37.70 -39.69 -8.31
C VAL B 333 38.07 -39.05 -9.64
N PRO B 334 37.37 -38.00 -10.08
CA PRO B 334 37.77 -37.28 -11.29
C PRO B 334 39.15 -36.65 -11.13
N LYS B 335 39.84 -36.50 -12.27
CA LYS B 335 41.20 -35.95 -12.24
C LYS B 335 41.22 -34.52 -11.72
N HIS B 336 40.24 -33.70 -12.11
CA HIS B 336 40.21 -32.29 -11.75
C HIS B 336 40.09 -32.08 -10.24
N VAL B 337 39.68 -33.09 -9.49
CA VAL B 337 39.78 -33.05 -8.03
C VAL B 337 40.82 -34.02 -7.49
N MET B 338 41.23 -35.03 -8.27
CA MET B 338 42.32 -35.89 -7.85
C MET B 338 43.61 -35.10 -7.68
N ASP B 339 43.91 -34.20 -8.63
CA ASP B 339 45.12 -33.40 -8.51
C ASP B 339 45.05 -32.48 -7.29
N VAL B 340 43.87 -31.91 -7.02
CA VAL B 340 43.71 -31.04 -5.86
C VAL B 340 43.93 -31.82 -4.58
N VAL B 341 43.35 -33.02 -4.48
CA VAL B 341 43.53 -33.83 -3.29
C VAL B 341 45.01 -34.18 -3.10
N ASP B 342 45.67 -34.58 -4.19
CA ASP B 342 47.08 -34.95 -4.09
C ASP B 342 47.94 -33.77 -3.65
N GLU B 343 47.69 -32.58 -4.20
CA GLU B 343 48.51 -31.43 -3.84
C GLU B 343 48.23 -30.98 -2.41
N GLU B 344 46.99 -31.13 -1.94
CA GLU B 344 46.70 -30.79 -0.54
C GLU B 344 47.36 -31.77 0.42
N LEU B 345 47.38 -33.07 0.09
CA LEU B 345 48.16 -34.00 0.90
C LEU B 345 49.64 -33.63 0.90
N SER B 346 50.16 -33.25 -0.27
CA SER B 346 51.57 -32.85 -0.34
C SER B 346 51.84 -31.63 0.53
N LYS B 347 50.95 -30.64 0.49
CA LYS B 347 51.12 -29.45 1.32
C LYS B 347 51.01 -29.77 2.80
N LEU B 348 50.05 -30.63 3.17
CA LEU B 348 49.86 -30.98 4.56
C LEU B 348 51.06 -31.75 5.11
N GLY B 349 51.69 -32.58 4.26
CA GLY B 349 52.82 -33.36 4.72
C GLY B 349 54.06 -32.55 5.05
N LEU B 350 54.14 -31.29 4.61
CA LEU B 350 55.26 -30.43 4.93
C LEU B 350 54.87 -29.25 5.81
N LEU B 351 53.71 -29.29 6.45
CA LEU B 351 53.20 -28.18 7.25
C LEU B 351 53.09 -28.61 8.71
N ASP B 352 53.47 -27.70 9.61
CA ASP B 352 53.45 -27.99 11.04
C ASP B 352 52.03 -28.28 11.51
N ASN B 353 51.88 -29.35 12.29
CA ASN B 353 50.56 -29.81 12.72
C ASN B 353 49.87 -28.86 13.68
N HIS B 354 50.58 -27.93 14.30
CA HIS B 354 49.98 -26.99 15.24
C HIS B 354 49.52 -25.69 14.58
N SER B 355 49.81 -25.49 13.31
CA SER B 355 49.40 -24.27 12.63
C SER B 355 47.91 -24.32 12.27
N SER B 356 47.29 -23.14 12.23
CA SER B 356 45.88 -23.05 11.86
C SER B 356 45.66 -23.47 10.41
N GLU B 357 46.59 -23.08 9.53
CA GLU B 357 46.47 -23.48 8.12
C GLU B 357 46.51 -24.99 7.97
N PHE B 358 47.26 -25.69 8.83
CA PHE B 358 47.26 -27.15 8.80
C PHE B 358 45.87 -27.70 9.08
N ASN B 359 45.19 -27.14 10.10
CA ASN B 359 43.84 -27.60 10.41
C ASN B 359 42.87 -27.25 9.29
N VAL B 360 43.05 -26.09 8.66
CA VAL B 360 42.19 -25.74 7.52
C VAL B 360 42.37 -26.75 6.39
N THR B 361 43.63 -27.10 6.09
CA THR B 361 43.90 -28.08 5.04
C THR B 361 43.32 -29.44 5.41
N ARG B 362 43.45 -29.83 6.69
CA ARG B 362 42.94 -31.12 7.14
C ARG B 362 41.43 -31.19 6.99
N ASN B 363 40.73 -30.12 7.41
CA ASN B 363 39.28 -30.09 7.28
C ASN B 363 38.84 -30.09 5.82
N TYR B 364 39.56 -29.33 4.98
CA TYR B 364 39.23 -29.31 3.56
C TYR B 364 39.43 -30.68 2.92
N LEU B 365 40.51 -31.39 3.30
CA LEU B 365 40.74 -32.72 2.78
C LEU B 365 39.69 -33.71 3.28
N ASP B 366 39.29 -33.58 4.56
CA ASP B 366 38.22 -34.43 5.06
C ASP B 366 36.93 -34.22 4.29
N TRP B 367 36.58 -32.97 4.00
CA TRP B 367 35.38 -32.70 3.22
C TRP B 367 35.51 -33.21 1.79
N LEU B 368 36.70 -33.07 1.19
CA LEU B 368 36.91 -33.58 -0.16
C LEU B 368 36.76 -35.10 -0.21
N THR B 369 37.35 -35.81 0.75
CA THR B 369 37.26 -37.26 0.78
C THR B 369 35.91 -37.75 1.25
N SER B 370 35.10 -36.90 1.87
CA SER B 370 33.75 -37.27 2.26
C SER B 370 32.77 -37.28 1.09
N ILE B 371 33.12 -36.64 -0.01
CA ILE B 371 32.20 -36.62 -1.16
C ILE B 371 32.16 -38.00 -1.80
N PRO B 372 30.98 -38.55 -2.07
CA PRO B 372 30.87 -39.86 -2.74
C PRO B 372 31.04 -39.77 -4.26
N TRP B 373 32.27 -39.43 -4.69
CA TRP B 373 32.58 -39.29 -6.11
C TRP B 373 32.24 -40.55 -6.90
N GLY B 374 31.26 -40.47 -7.79
CA GLY B 374 30.91 -41.55 -8.68
C GLY B 374 30.19 -42.72 -8.06
N LYS B 375 29.88 -42.67 -6.75
CA LYS B 375 29.16 -43.76 -6.10
C LYS B 375 27.66 -43.52 -6.24
N TYR B 376 27.15 -43.83 -7.44
CA TYR B 376 25.74 -43.66 -7.72
C TYR B 376 24.93 -44.75 -7.03
N SER B 377 23.66 -44.43 -6.75
CA SER B 377 22.75 -45.42 -6.21
C SER B 377 22.19 -46.27 -7.35
N ASN B 378 22.17 -47.58 -7.14
CA ASN B 378 21.71 -48.52 -8.17
C ASN B 378 20.19 -48.42 -8.28
N GLU B 379 19.75 -47.39 -9.01
CA GLU B 379 18.33 -47.16 -9.19
C GLU B 379 17.73 -48.15 -10.17
N ASN B 380 16.43 -48.37 -10.05
CA ASN B 380 15.67 -49.20 -10.99
C ASN B 380 14.40 -48.48 -11.37
N LEU B 381 13.99 -48.65 -12.63
CA LEU B 381 12.86 -47.92 -13.20
C LEU B 381 11.68 -48.83 -13.56
N ASP B 382 11.54 -49.97 -12.91
CA ASP B 382 10.42 -50.86 -13.20
C ASP B 382 9.10 -50.18 -12.87
N LEU B 383 8.15 -50.25 -13.81
CA LEU B 383 6.85 -49.62 -13.59
C LEU B 383 6.01 -50.41 -12.59
N ALA B 384 6.14 -51.74 -12.57
CA ALA B 384 5.32 -52.56 -11.68
C ALA B 384 5.63 -52.26 -10.22
N ARG B 385 6.92 -52.21 -9.86
CA ARG B 385 7.28 -51.94 -8.47
C ARG B 385 6.90 -50.52 -8.07
N ALA B 386 7.04 -49.56 -8.99
CA ALA B 386 6.63 -48.18 -8.70
C ALA B 386 5.13 -48.11 -8.44
N GLN B 387 4.34 -48.78 -9.27
CA GLN B 387 2.89 -48.80 -9.06
C GLN B 387 2.54 -49.48 -7.74
N ALA B 388 3.23 -50.57 -7.41
CA ALA B 388 2.96 -51.29 -6.17
C ALA B 388 3.26 -50.41 -4.96
N VAL B 389 4.41 -49.75 -4.95
CA VAL B 389 4.77 -48.93 -3.79
C VAL B 389 3.88 -47.69 -3.71
N LEU B 390 3.47 -47.13 -4.85
CA LEU B 390 2.55 -46.00 -4.81
C LEU B 390 1.18 -46.41 -4.28
N GLU B 391 0.72 -47.61 -4.65
CA GLU B 391 -0.54 -48.12 -4.08
C GLU B 391 -0.40 -48.37 -2.58
N GLU B 392 0.73 -48.92 -2.15
CA GLU B 392 0.93 -49.20 -0.72
C GLU B 392 0.97 -47.92 0.10
N ASP B 393 1.69 -46.90 -0.40
CA ASP B 393 1.93 -45.71 0.41
C ASP B 393 0.70 -44.82 0.50
N HIS B 394 -0.05 -44.66 -0.59
CA HIS B 394 -1.13 -43.69 -0.63
C HIS B 394 -2.41 -44.32 -1.14
N TYR B 395 -3.53 -43.94 -0.54
CA TYR B 395 -4.85 -44.34 -1.01
C TYR B 395 -5.45 -43.25 -1.89
N GLY B 396 -6.20 -43.68 -2.90
CA GLY B 396 -6.82 -42.73 -3.81
C GLY B 396 -5.77 -41.97 -4.61
N MET B 397 -6.11 -40.74 -4.99
CA MET B 397 -5.20 -39.86 -5.74
C MET B 397 -4.69 -40.54 -7.01
N GLU B 398 -5.60 -41.19 -7.75
CA GLU B 398 -5.19 -41.96 -8.92
C GLU B 398 -4.64 -41.06 -10.03
N ASP B 399 -5.10 -39.81 -10.12
CA ASP B 399 -4.63 -38.94 -11.19
C ASP B 399 -3.16 -38.57 -11.01
N VAL B 400 -2.76 -38.16 -9.81
CA VAL B 400 -1.36 -37.84 -9.59
C VAL B 400 -0.49 -39.07 -9.69
N LYS B 401 -1.01 -40.23 -9.27
CA LYS B 401 -0.25 -41.47 -9.42
C LYS B 401 -0.04 -41.82 -10.89
N LYS B 402 -1.08 -41.65 -11.71
CA LYS B 402 -0.93 -41.88 -13.14
C LYS B 402 0.08 -40.92 -13.75
N ARG B 403 0.07 -39.66 -13.30
CA ARG B 403 1.09 -38.71 -13.75
C ARG B 403 2.49 -39.15 -13.34
N ILE B 404 2.65 -39.70 -12.13
CA ILE B 404 3.95 -40.16 -11.67
C ILE B 404 4.45 -41.34 -12.52
N LEU B 405 3.56 -42.30 -12.79
CA LEU B 405 3.95 -43.40 -13.68
C LEU B 405 4.28 -42.91 -15.08
N GLU B 406 3.56 -41.89 -15.56
CA GLU B 406 3.89 -41.31 -16.87
C GLU B 406 5.30 -40.70 -16.85
N PHE B 407 5.62 -39.97 -15.77
CA PHE B 407 6.96 -39.39 -15.65
C PHE B 407 8.03 -40.47 -15.60
N ILE B 408 7.79 -41.54 -14.83
CA ILE B 408 8.76 -42.61 -14.74
C ILE B 408 8.93 -43.29 -16.09
N ALA B 409 7.82 -43.48 -16.81
CA ALA B 409 7.88 -44.06 -18.15
C ALA B 409 8.71 -43.21 -19.09
N VAL B 410 8.49 -41.90 -19.07
CA VAL B 410 9.24 -40.99 -19.94
C VAL B 410 10.73 -41.03 -19.59
N SER B 411 11.05 -41.03 -18.29
CA SER B 411 12.44 -41.07 -17.86
C SER B 411 13.11 -42.37 -18.30
N GLN B 412 12.42 -43.50 -18.14
CA GLN B 412 12.99 -44.78 -18.53
C GLN B 412 13.19 -44.86 -20.04
N LEU B 413 12.21 -44.40 -20.81
CA LEU B 413 12.32 -44.46 -22.27
C LEU B 413 13.39 -43.53 -22.80
N ARG B 414 13.58 -42.37 -22.17
CA ARG B 414 14.63 -41.45 -22.59
C ARG B 414 16.00 -41.86 -22.06
N GLY B 415 16.05 -42.77 -21.09
CA GLY B 415 17.33 -43.17 -20.53
C GLY B 415 17.98 -42.12 -19.65
N SER B 416 17.22 -41.16 -19.16
CA SER B 416 17.76 -40.10 -18.32
C SER B 416 16.62 -39.51 -17.49
N THR B 417 17.01 -38.76 -16.45
CA THR B 417 16.07 -38.13 -15.56
C THR B 417 16.03 -36.61 -15.70
N GLN B 418 17.11 -36.00 -16.20
CA GLN B 418 17.17 -34.55 -16.33
C GLN B 418 16.11 -34.04 -17.30
N GLY B 419 15.86 -32.73 -17.23
CA GLY B 419 14.79 -32.13 -17.98
C GLY B 419 13.97 -31.17 -17.15
N LYS B 420 12.69 -31.49 -16.97
CA LYS B 420 11.77 -30.65 -16.22
C LYS B 420 11.62 -31.18 -14.80
N ILE B 421 11.58 -30.27 -13.83
CA ILE B 421 11.52 -30.63 -12.42
C ILE B 421 10.06 -30.81 -12.01
N LEU B 422 9.76 -31.96 -11.42
CA LEU B 422 8.39 -32.25 -10.98
C LEU B 422 8.07 -31.46 -9.72
N CYS B 423 6.87 -30.88 -9.69
CA CYS B 423 6.43 -30.07 -8.55
C CYS B 423 4.97 -30.38 -8.25
N PHE B 424 4.65 -30.55 -6.97
CA PHE B 424 3.29 -30.78 -6.53
C PHE B 424 2.80 -29.58 -5.73
N TYR B 425 1.62 -29.07 -6.07
CA TYR B 425 1.04 -27.94 -5.37
C TYR B 425 -0.41 -28.26 -5.03
N GLY B 426 -0.88 -27.67 -3.93
CA GLY B 426 -2.23 -27.89 -3.47
C GLY B 426 -2.45 -27.35 -2.07
N PRO B 427 -3.63 -27.59 -1.52
CA PRO B 427 -3.94 -27.12 -0.16
C PRO B 427 -3.05 -27.81 0.86
N PRO B 428 -2.73 -27.13 1.96
CA PRO B 428 -1.87 -27.75 2.98
C PRO B 428 -2.55 -28.94 3.64
N GLY B 429 -1.72 -29.89 4.10
CA GLY B 429 -2.20 -31.04 4.82
C GLY B 429 -2.57 -32.24 3.98
N VAL B 430 -2.44 -32.16 2.66
CA VAL B 430 -2.81 -33.28 1.79
C VAL B 430 -1.66 -34.26 1.65
N GLY B 431 -0.57 -34.01 2.37
CA GLY B 431 0.55 -34.93 2.36
C GLY B 431 1.49 -34.79 1.19
N LYS B 432 1.77 -33.56 0.74
CA LYS B 432 2.65 -33.36 -0.40
C LYS B 432 4.07 -33.86 -0.11
N THR B 433 4.56 -33.62 1.11
CA THR B 433 5.94 -34.00 1.43
C THR B 433 6.13 -35.52 1.46
N SER B 434 5.05 -36.27 1.70
CA SER B 434 5.17 -37.73 1.75
C SER B 434 5.29 -38.34 0.36
N ILE B 435 4.86 -37.61 -0.68
CA ILE B 435 4.85 -38.15 -2.03
C ILE B 435 6.28 -38.43 -2.50
N ALA B 436 7.19 -37.50 -2.26
CA ALA B 436 8.56 -37.65 -2.76
C ALA B 436 9.25 -38.86 -2.13
N ARG B 437 8.90 -39.19 -0.89
CA ARG B 437 9.44 -40.39 -0.27
C ARG B 437 8.97 -41.64 -1.00
N SER B 438 7.72 -41.63 -1.49
CA SER B 438 7.25 -42.73 -2.33
C SER B 438 8.05 -42.82 -3.62
N ILE B 439 8.42 -41.66 -4.19
CA ILE B 439 9.26 -41.65 -5.38
C ILE B 439 10.62 -42.26 -5.09
N ALA B 440 11.20 -41.90 -3.94
CA ALA B 440 12.49 -42.48 -3.55
C ALA B 440 12.39 -43.98 -3.36
N ARG B 441 11.30 -44.45 -2.75
CA ARG B 441 11.09 -45.88 -2.58
C ARG B 441 10.97 -46.57 -3.94
N ALA B 442 10.22 -45.98 -4.86
CA ALA B 442 10.02 -46.60 -6.17
C ALA B 442 11.32 -46.66 -6.96
N LEU B 443 12.04 -45.55 -7.04
CA LEU B 443 13.25 -45.52 -7.87
C LEU B 443 14.48 -46.01 -7.10
N ASN B 444 14.32 -46.33 -5.82
CA ASN B 444 15.41 -46.80 -4.96
C ASN B 444 16.54 -45.76 -4.93
N ARG B 445 16.17 -44.57 -4.49
CA ARG B 445 17.08 -43.45 -4.38
C ARG B 445 17.08 -42.91 -2.95
N GLU B 446 18.26 -42.45 -2.51
CA GLU B 446 18.36 -41.85 -1.19
C GLU B 446 17.51 -40.58 -1.11
N TYR B 447 16.77 -40.44 -0.04
CA TYR B 447 15.83 -39.35 0.13
C TYR B 447 16.44 -38.24 0.97
N PHE B 448 16.20 -36.99 0.56
CA PHE B 448 16.62 -35.82 1.30
C PHE B 448 15.59 -34.72 1.13
N ARG B 449 15.52 -33.83 2.11
CA ARG B 449 14.56 -32.73 2.08
C ARG B 449 15.12 -31.55 2.87
N PHE B 450 15.01 -30.37 2.29
CA PHE B 450 15.28 -29.12 3.00
C PHE B 450 14.37 -28.05 2.45
N SER B 451 13.70 -27.33 3.36
CA SER B 451 12.72 -26.33 2.96
C SER B 451 13.41 -25.01 2.66
N VAL B 452 13.06 -24.39 1.54
CA VAL B 452 13.58 -23.08 1.17
C VAL B 452 12.69 -21.95 1.64
N GLY B 453 11.65 -22.24 2.41
CA GLY B 453 10.81 -21.21 2.98
C GLY B 453 11.56 -20.36 4.01
N GLY B 454 11.49 -19.04 3.85
CA GLY B 454 12.15 -18.16 4.79
C GLY B 454 13.66 -18.15 4.69
N MET B 455 14.22 -18.47 3.53
CA MET B 455 15.67 -18.48 3.35
C MET B 455 16.23 -17.07 3.40
N THR B 456 17.04 -16.78 4.43
CA THR B 456 17.56 -15.44 4.61
C THR B 456 18.70 -15.11 3.66
N ASP B 457 19.50 -16.12 3.27
CA ASP B 457 20.67 -15.85 2.45
C ASP B 457 21.02 -17.08 1.62
N VAL B 458 21.85 -16.85 0.60
CA VAL B 458 22.33 -17.93 -0.26
C VAL B 458 23.41 -18.76 0.43
N ALA B 459 23.90 -18.31 1.58
CA ALA B 459 25.02 -18.98 2.23
C ALA B 459 24.71 -20.42 2.61
N GLU B 460 23.46 -20.73 2.97
CA GLU B 460 23.12 -22.09 3.37
C GLU B 460 23.16 -23.04 2.18
N ILE B 461 22.72 -22.57 1.01
CA ILE B 461 22.80 -23.41 -0.19
C ILE B 461 24.23 -23.48 -0.71
N LYS B 462 24.99 -22.39 -0.64
CA LYS B 462 26.24 -22.28 -1.37
C LYS B 462 27.47 -22.24 -0.46
N GLY B 463 27.29 -22.13 0.85
CA GLY B 463 28.41 -22.20 1.77
C GLY B 463 29.15 -20.89 1.92
N HIS B 464 30.30 -20.98 2.58
CA HIS B 464 31.15 -19.84 2.86
C HIS B 464 32.56 -20.11 2.33
N ARG B 465 33.31 -19.03 2.13
CA ARG B 465 34.67 -19.15 1.61
C ARG B 465 35.55 -19.92 2.58
N ARG B 466 36.47 -20.71 2.03
CA ARG B 466 37.28 -21.62 2.84
C ARG B 466 38.11 -20.90 3.89
N THR B 467 38.57 -19.69 3.58
CA THR B 467 39.49 -19.00 4.50
C THR B 467 38.81 -18.53 5.78
N TYR B 468 37.49 -18.46 5.80
CA TYR B 468 36.78 -18.01 7.00
C TYR B 468 36.88 -19.05 8.11
N VAL B 469 36.83 -18.56 9.36
CA VAL B 469 36.83 -19.44 10.51
C VAL B 469 35.50 -20.16 10.62
N GLY B 470 35.55 -21.48 10.72
CA GLY B 470 34.34 -22.27 10.91
C GLY B 470 33.44 -22.36 9.71
N ALA B 471 33.97 -22.20 8.50
CA ALA B 471 33.15 -22.31 7.30
C ALA B 471 32.79 -23.76 7.03
N MET B 472 31.62 -23.97 6.44
CA MET B 472 31.12 -25.30 6.10
C MET B 472 30.59 -25.27 4.67
N PRO B 473 30.60 -26.42 3.97
CA PRO B 473 30.33 -26.41 2.53
C PRO B 473 28.89 -26.12 2.15
N GLY B 474 27.99 -25.92 3.11
CA GLY B 474 26.61 -25.64 2.76
C GLY B 474 25.75 -26.91 2.73
N LYS B 475 24.47 -26.69 2.39
CA LYS B 475 23.47 -27.75 2.58
C LYS B 475 23.58 -28.83 1.51
N ILE B 476 23.88 -28.46 0.27
CA ILE B 476 23.90 -29.45 -0.80
C ILE B 476 25.03 -30.46 -0.61
N ILE B 477 26.22 -29.97 -0.27
CA ILE B 477 27.34 -30.88 -0.03
C ILE B 477 27.10 -31.73 1.21
N GLN B 478 26.45 -31.17 2.24
CA GLN B 478 26.05 -32.00 3.38
C GLN B 478 25.08 -33.09 2.96
N CYS B 479 24.15 -32.78 2.06
CA CYS B 479 23.26 -33.79 1.50
C CYS B 479 24.05 -34.89 0.80
N LEU B 480 25.01 -34.50 -0.04
CA LEU B 480 25.81 -35.48 -0.76
C LEU B 480 26.59 -36.37 0.20
N LYS B 481 27.17 -35.78 1.25
CA LYS B 481 27.93 -36.55 2.23
C LYS B 481 27.01 -37.49 3.00
N LYS B 482 25.83 -37.01 3.40
CA LYS B 482 24.93 -37.81 4.23
C LYS B 482 24.34 -38.98 3.44
N THR B 483 23.90 -38.74 2.21
CA THR B 483 23.34 -39.81 1.39
C THR B 483 24.40 -40.75 0.84
N LYS B 484 25.64 -40.29 0.71
CA LYS B 484 26.74 -41.07 0.14
C LYS B 484 26.43 -41.58 -1.25
N THR B 485 25.60 -40.85 -1.99
CA THR B 485 25.22 -41.22 -3.35
C THR B 485 25.27 -40.00 -4.25
N GLU B 486 25.58 -40.24 -5.53
CA GLU B 486 25.64 -39.16 -6.51
C GLU B 486 24.26 -38.77 -7.03
N ASN B 487 23.23 -39.57 -6.79
CA ASN B 487 21.91 -39.24 -7.29
C ASN B 487 20.83 -39.36 -6.23
N PRO B 488 20.88 -38.59 -5.15
CA PRO B 488 19.79 -38.62 -4.18
C PRO B 488 18.59 -37.83 -4.67
N LEU B 489 17.44 -38.13 -4.07
CA LEU B 489 16.24 -37.35 -4.33
C LEU B 489 16.16 -36.20 -3.34
N ILE B 490 15.95 -34.99 -3.85
CA ILE B 490 15.98 -33.77 -3.04
C ILE B 490 14.61 -33.11 -3.14
N LEU B 491 14.01 -32.84 -1.98
CA LEU B 491 12.71 -32.17 -1.92
C LEU B 491 12.94 -30.69 -1.59
N ILE B 492 12.45 -29.81 -2.46
CA ILE B 492 12.53 -28.37 -2.23
C ILE B 492 11.16 -27.93 -1.72
N ASP B 493 11.01 -27.89 -0.40
CA ASP B 493 9.74 -27.55 0.22
C ASP B 493 9.54 -26.03 0.25
N GLU B 494 8.27 -25.63 0.13
CA GLU B 494 7.88 -24.23 0.19
C GLU B 494 8.64 -23.39 -0.83
N VAL B 495 8.69 -23.88 -2.06
CA VAL B 495 9.42 -23.20 -3.13
C VAL B 495 8.78 -21.87 -3.48
N ASP B 496 7.50 -21.69 -3.17
CA ASP B 496 6.81 -20.44 -3.48
C ASP B 496 7.12 -19.31 -2.51
N LYS B 497 7.76 -19.60 -1.38
CA LYS B 497 8.07 -18.59 -0.36
C LYS B 497 9.52 -18.16 -0.36
N ILE B 498 10.32 -18.60 -1.33
CA ILE B 498 11.74 -18.25 -1.33
C ILE B 498 11.90 -16.78 -1.70
N GLY B 499 12.78 -16.09 -0.97
CA GLY B 499 13.04 -14.70 -1.25
C GLY B 499 14.07 -14.51 -2.35
N ARG B 500 14.01 -13.35 -3.01
CA ARG B 500 14.94 -13.04 -4.08
C ARG B 500 15.47 -11.61 -3.95
N PRO B 506 18.62 -16.07 -3.18
CA PRO B 506 18.30 -17.50 -3.04
C PRO B 506 17.63 -18.06 -4.29
N SER B 507 16.77 -17.25 -4.92
CA SER B 507 16.16 -17.66 -6.18
C SER B 507 17.22 -17.86 -7.26
N SER B 508 18.23 -17.00 -7.26
CA SER B 508 19.36 -17.19 -8.19
C SER B 508 20.09 -18.50 -7.89
N ALA B 509 20.25 -18.83 -6.61
CA ALA B 509 20.87 -20.09 -6.25
C ALA B 509 20.05 -21.29 -6.75
N LEU B 510 18.72 -21.24 -6.59
CA LEU B 510 17.89 -22.32 -7.09
C LEU B 510 17.94 -22.41 -8.62
N LEU B 511 17.98 -21.27 -9.30
CA LEU B 511 18.10 -21.29 -10.76
C LEU B 511 19.42 -21.92 -11.19
N GLU B 512 20.51 -21.58 -10.49
CA GLU B 512 21.79 -22.19 -10.78
C GLU B 512 21.77 -23.69 -10.48
N LEU B 513 21.04 -24.11 -9.45
CA LEU B 513 21.02 -25.50 -9.02
C LEU B 513 20.17 -26.39 -9.92
N LEU B 514 19.04 -25.88 -10.42
CA LEU B 514 18.08 -26.70 -11.14
C LEU B 514 18.35 -26.78 -12.64
N ASP B 515 19.18 -25.90 -13.18
CA ASP B 515 19.44 -25.90 -14.62
C ASP B 515 20.25 -27.13 -14.99
N PRO B 516 19.76 -28.01 -15.87
CA PRO B 516 20.52 -29.22 -16.22
C PRO B 516 21.85 -28.93 -16.90
N GLU B 517 21.98 -27.81 -17.61
CA GLU B 517 23.24 -27.50 -18.28
C GLU B 517 24.21 -26.77 -17.35
N GLN B 518 23.70 -26.19 -16.26
CA GLN B 518 24.52 -25.42 -15.33
C GLN B 518 24.93 -26.22 -14.10
N ASN B 519 24.09 -27.14 -13.63
CA ASN B 519 24.42 -27.92 -12.44
C ASN B 519 25.44 -29.01 -12.71
N ALA B 520 25.79 -29.27 -13.96
CA ALA B 520 26.78 -30.30 -14.27
C ALA B 520 28.16 -29.96 -13.74
N ASN B 521 28.42 -28.68 -13.47
CA ASN B 521 29.68 -28.23 -12.88
C ASN B 521 29.37 -27.25 -11.75
N PHE B 522 28.43 -27.65 -10.89
CA PHE B 522 28.01 -26.80 -9.78
C PHE B 522 29.20 -26.50 -8.87
N LEU B 523 29.54 -25.23 -8.75
CA LEU B 523 30.71 -24.78 -8.00
C LEU B 523 30.26 -24.25 -6.65
N ASP B 524 30.94 -24.67 -5.59
CA ASP B 524 30.62 -24.28 -4.22
C ASP B 524 31.71 -23.38 -3.67
N HIS B 525 31.31 -22.45 -2.80
CA HIS B 525 32.25 -21.49 -2.24
C HIS B 525 33.31 -22.15 -1.36
N TYR B 526 32.99 -23.26 -0.69
CA TYR B 526 33.96 -23.87 0.22
C TYR B 526 34.90 -24.81 -0.51
N LEU B 527 34.35 -25.76 -1.28
CA LEU B 527 35.20 -26.74 -1.96
C LEU B 527 36.07 -26.08 -3.03
N ASP B 528 35.56 -25.04 -3.67
CA ASP B 528 36.21 -24.37 -4.79
C ASP B 528 36.43 -25.29 -5.98
N VAL B 529 35.74 -26.42 -6.02
CA VAL B 529 35.81 -27.35 -7.15
C VAL B 529 34.38 -27.71 -7.56
N PRO B 530 34.12 -27.95 -8.84
CA PRO B 530 32.76 -28.26 -9.27
C PRO B 530 32.36 -29.68 -8.95
N VAL B 531 31.07 -29.85 -8.67
CA VAL B 531 30.46 -31.16 -8.42
C VAL B 531 29.37 -31.39 -9.45
N ASP B 532 29.34 -32.60 -10.01
CA ASP B 532 28.39 -32.94 -11.08
C ASP B 532 27.07 -33.38 -10.46
N LEU B 533 26.21 -32.38 -10.19
CA LEU B 533 24.87 -32.64 -9.68
C LEU B 533 23.87 -32.98 -10.77
N SER B 534 24.32 -33.28 -11.99
CA SER B 534 23.41 -33.59 -13.08
C SER B 534 22.64 -34.88 -12.84
N LYS B 535 23.14 -35.77 -11.99
CA LYS B 535 22.49 -37.07 -11.79
C LYS B 535 21.43 -37.06 -10.70
N VAL B 536 21.39 -36.03 -9.86
CA VAL B 536 20.43 -35.99 -8.75
C VAL B 536 19.04 -35.71 -9.30
N LEU B 537 18.02 -35.90 -8.46
CA LEU B 537 16.62 -35.75 -8.86
C LEU B 537 15.97 -34.73 -7.94
N PHE B 538 15.55 -33.60 -8.50
CA PHE B 538 14.90 -32.56 -7.70
C PHE B 538 13.39 -32.71 -7.75
N ILE B 539 12.76 -32.54 -6.59
CA ILE B 539 11.32 -32.43 -6.46
C ILE B 539 11.00 -31.19 -5.64
N CYS B 540 10.05 -30.40 -6.10
CA CYS B 540 9.67 -29.17 -5.43
C CYS B 540 8.22 -29.24 -4.96
N THR B 541 7.89 -28.39 -3.99
CA THR B 541 6.57 -28.38 -3.39
C THR B 541 6.21 -26.96 -3.01
N ALA B 542 4.97 -26.57 -3.35
CA ALA B 542 4.49 -25.23 -3.05
C ALA B 542 3.03 -25.29 -2.64
N ASN B 543 2.59 -24.25 -1.92
CA ASN B 543 1.19 -24.16 -1.54
C ASN B 543 0.34 -23.54 -2.65
N VAL B 544 0.88 -22.54 -3.33
CA VAL B 544 0.16 -21.87 -4.42
C VAL B 544 1.19 -21.45 -5.47
N THR B 545 0.75 -21.41 -6.73
CA THR B 545 1.61 -21.09 -7.86
C THR B 545 1.69 -19.60 -8.15
N ASP B 546 1.05 -18.77 -7.33
CA ASP B 546 1.02 -17.34 -7.60
C ASP B 546 2.34 -16.66 -7.26
N THR B 547 3.00 -17.09 -6.18
CA THR B 547 4.20 -16.42 -5.69
C THR B 547 5.49 -17.10 -6.10
N ILE B 548 5.42 -18.21 -6.83
CA ILE B 548 6.66 -18.84 -7.31
C ILE B 548 7.33 -17.92 -8.32
N PRO B 549 8.66 -17.75 -8.27
CA PRO B 549 9.32 -16.85 -9.22
C PRO B 549 9.10 -17.27 -10.67
N GLU B 550 8.95 -16.29 -11.54
CA GLU B 550 8.75 -16.56 -12.97
C GLU B 550 9.88 -17.35 -13.62
N PRO B 551 11.16 -17.08 -13.36
CA PRO B 551 12.21 -17.92 -13.97
C PRO B 551 12.15 -19.38 -13.57
N LEU B 552 11.42 -19.72 -12.50
CA LEU B 552 11.25 -21.11 -12.12
C LEU B 552 10.11 -21.81 -12.86
N ARG B 553 9.11 -21.05 -13.31
CA ARG B 553 7.90 -21.65 -13.88
C ARG B 553 8.12 -22.29 -15.24
N ASP B 554 9.20 -21.98 -15.95
CA ASP B 554 9.51 -22.64 -17.20
C ASP B 554 10.46 -23.83 -17.03
N ARG B 555 11.24 -23.85 -15.94
CA ARG B 555 12.03 -25.01 -15.59
C ARG B 555 11.17 -26.10 -14.96
N MET B 556 9.89 -25.82 -14.69
CA MET B 556 9.10 -26.63 -13.78
C MET B 556 7.68 -26.74 -14.32
N GLU B 557 6.98 -27.81 -13.94
CA GLU B 557 5.58 -27.98 -14.29
C GLU B 557 4.78 -28.26 -13.03
N MET B 558 3.49 -27.94 -13.07
CA MET B 558 2.64 -27.97 -11.89
C MET B 558 1.75 -29.20 -11.90
N ILE B 559 1.69 -29.88 -10.76
CA ILE B 559 0.74 -30.98 -10.53
C ILE B 559 -0.14 -30.58 -9.37
N ASN B 560 -1.46 -30.59 -9.59
CA ASN B 560 -2.42 -30.17 -8.57
C ASN B 560 -2.89 -31.40 -7.81
N VAL B 561 -2.47 -31.51 -6.56
CA VAL B 561 -2.90 -32.61 -5.69
C VAL B 561 -4.17 -32.22 -4.93
N SER B 562 -5.32 -32.47 -5.55
CA SER B 562 -6.59 -32.10 -4.94
C SER B 562 -6.91 -33.00 -3.75
N GLY B 563 -7.91 -32.58 -2.97
CA GLY B 563 -8.30 -33.30 -1.79
C GLY B 563 -9.16 -34.52 -2.10
N TYR B 564 -9.61 -35.17 -1.04
CA TYR B 564 -10.39 -36.38 -1.15
C TYR B 564 -11.88 -36.07 -1.11
N VAL B 565 -12.68 -37.06 -1.50
CA VAL B 565 -14.13 -36.99 -1.40
C VAL B 565 -14.55 -37.77 -0.16
N ALA B 566 -15.82 -37.61 0.24
CA ALA B 566 -16.30 -38.16 1.50
C ALA B 566 -16.08 -39.66 1.59
N GLN B 567 -16.36 -40.40 0.51
CA GLN B 567 -16.15 -41.84 0.54
C GLN B 567 -14.67 -42.19 0.61
N GLU B 568 -13.83 -41.48 -0.14
CA GLU B 568 -12.38 -41.69 -0.03
C GLU B 568 -11.89 -41.31 1.36
N LYS B 569 -12.46 -40.26 1.96
CA LYS B 569 -12.11 -39.89 3.32
C LYS B 569 -12.46 -41.02 4.29
N LEU B 570 -13.64 -41.62 4.14
CA LEU B 570 -14.02 -42.75 4.99
C LEU B 570 -13.07 -43.92 4.82
N ALA B 571 -12.73 -44.24 3.56
CA ALA B 571 -11.84 -45.38 3.31
C ALA B 571 -10.46 -45.14 3.89
N ILE B 572 -9.89 -43.94 3.69
CA ILE B 572 -8.55 -43.67 4.20
C ILE B 572 -8.58 -43.61 5.72
N ALA B 573 -9.67 -43.11 6.32
CA ALA B 573 -9.78 -43.13 7.77
C ALA B 573 -9.74 -44.56 8.29
N GLU B 574 -10.61 -45.41 7.74
CA GLU B 574 -10.68 -46.81 8.18
C GLU B 574 -9.34 -47.51 8.01
N ARG B 575 -8.64 -47.23 6.91
CA ARG B 575 -7.38 -47.93 6.65
C ARG B 575 -6.26 -47.42 7.55
N TYR B 576 -6.01 -46.11 7.55
CA TYR B 576 -4.84 -45.57 8.23
C TYR B 576 -5.19 -44.81 9.51
N LEU B 577 -6.17 -43.91 9.46
CA LEU B 577 -6.31 -42.92 10.51
C LEU B 577 -6.75 -43.54 11.83
N VAL B 578 -7.75 -44.42 11.79
CA VAL B 578 -8.23 -45.08 13.01
C VAL B 578 -7.12 -45.96 13.59
N PRO B 579 -6.44 -46.80 12.80
CA PRO B 579 -5.34 -47.57 13.39
C PRO B 579 -4.21 -46.71 13.95
N GLN B 580 -3.84 -45.63 13.26
CA GLN B 580 -2.78 -44.77 13.75
C GLN B 580 -3.17 -44.06 15.03
N ALA B 581 -4.41 -43.57 15.11
CA ALA B 581 -4.89 -42.94 16.32
C ALA B 581 -4.96 -43.93 17.47
N ARG B 582 -5.40 -45.16 17.20
CA ARG B 582 -5.42 -46.19 18.23
C ARG B 582 -4.02 -46.50 18.73
N ALA B 583 -3.05 -46.61 17.81
CA ALA B 583 -1.67 -46.86 18.22
C ALA B 583 -1.12 -45.72 19.05
N LEU B 584 -1.43 -44.47 18.67
CA LEU B 584 -0.96 -43.32 19.44
C LEU B 584 -1.57 -43.32 20.84
N CYS B 585 -2.88 -43.53 20.93
CA CYS B 585 -3.54 -43.51 22.24
C CYS B 585 -3.35 -44.82 22.99
N GLY B 586 -2.95 -45.89 22.29
CA GLY B 586 -2.77 -47.17 22.92
C GLY B 586 -4.03 -47.99 23.07
N LEU B 587 -5.16 -47.55 22.51
CA LEU B 587 -6.41 -48.29 22.61
C LEU B 587 -6.42 -49.46 21.63
N ASP B 588 -7.49 -50.23 21.70
CA ASP B 588 -7.71 -51.36 20.80
C ASP B 588 -9.14 -51.34 20.31
N GLU B 589 -9.42 -52.21 19.33
CA GLU B 589 -10.77 -52.27 18.76
C GLU B 589 -11.80 -52.77 19.75
N SER B 590 -11.39 -53.44 20.82
CA SER B 590 -12.32 -53.97 21.80
C SER B 590 -12.65 -52.97 22.91
N LYS B 591 -11.67 -52.21 23.37
CA LYS B 591 -11.91 -51.26 24.45
C LYS B 591 -12.66 -50.02 23.98
N ALA B 592 -12.51 -49.65 22.70
CA ALA B 592 -13.15 -48.46 22.15
C ALA B 592 -13.68 -48.84 20.76
N LYS B 593 -14.95 -49.23 20.70
CA LYS B 593 -15.57 -49.59 19.44
C LYS B 593 -15.90 -48.34 18.62
N LEU B 594 -15.49 -48.34 17.35
CA LEU B 594 -15.74 -47.23 16.43
C LEU B 594 -16.17 -47.85 15.10
N SER B 595 -17.48 -48.01 14.93
CA SER B 595 -18.02 -48.67 13.77
C SER B 595 -17.99 -47.77 12.54
N SER B 596 -18.39 -48.34 11.40
CA SER B 596 -18.40 -47.56 10.16
C SER B 596 -19.52 -46.54 10.14
N ASP B 597 -20.63 -46.81 10.82
CA ASP B 597 -21.79 -45.92 10.79
C ASP B 597 -21.44 -44.57 11.41
N VAL B 598 -20.82 -44.58 12.59
CA VAL B 598 -20.44 -43.32 13.23
C VAL B 598 -19.38 -42.59 12.42
N LEU B 599 -18.48 -43.33 11.77
CA LEU B 599 -17.48 -42.69 10.92
C LEU B 599 -18.15 -41.97 9.75
N THR B 600 -19.12 -42.63 9.09
CA THR B 600 -19.83 -41.99 7.99
C THR B 600 -20.60 -40.77 8.47
N LEU B 601 -21.24 -40.87 9.64
CA LEU B 601 -21.97 -39.72 10.18
C LEU B 601 -21.03 -38.56 10.46
N LEU B 602 -19.85 -38.86 11.02
CA LEU B 602 -18.88 -37.81 11.32
C LEU B 602 -18.35 -37.17 10.04
N ILE B 603 -18.13 -37.96 9.00
CA ILE B 603 -17.74 -37.40 7.71
C ILE B 603 -18.84 -36.49 7.17
N LYS B 604 -20.08 -36.94 7.25
CA LYS B 604 -21.19 -36.18 6.68
C LYS B 604 -21.43 -34.87 7.42
N GLN B 605 -21.23 -34.87 8.75
CA GLN B 605 -21.64 -33.73 9.56
C GLN B 605 -20.49 -32.86 10.05
N TYR B 606 -19.26 -33.36 10.07
CA TYR B 606 -18.16 -32.63 10.70
C TYR B 606 -16.94 -32.42 9.83
N CYS B 607 -16.76 -33.18 8.75
CA CYS B 607 -15.54 -33.11 7.94
C CYS B 607 -15.91 -33.02 6.46
N ARG B 608 -16.83 -32.11 6.14
CA ARG B 608 -17.32 -31.94 4.78
C ARG B 608 -16.27 -31.37 3.83
N GLU B 609 -15.15 -30.86 4.34
CA GLU B 609 -14.13 -30.28 3.47
C GLU B 609 -13.33 -31.38 2.77
N SER B 610 -12.48 -30.95 1.85
CA SER B 610 -11.61 -31.88 1.14
C SER B 610 -10.37 -32.26 1.95
N GLY B 611 -10.05 -31.50 2.99
CA GLY B 611 -8.91 -31.83 3.82
C GLY B 611 -9.14 -33.05 4.68
N VAL B 612 -8.04 -33.65 5.13
CA VAL B 612 -8.10 -34.87 5.93
C VAL B 612 -7.67 -34.65 7.38
N ARG B 613 -7.02 -33.52 7.68
CA ARG B 613 -6.47 -33.31 9.02
C ARG B 613 -7.57 -33.13 10.07
N ASN B 614 -8.67 -32.47 9.71
CA ASN B 614 -9.74 -32.25 10.69
C ASN B 614 -10.41 -33.58 11.06
N LEU B 615 -10.52 -34.49 10.10
CA LEU B 615 -11.00 -35.83 10.42
C LEU B 615 -10.09 -36.53 11.42
N GLN B 616 -8.77 -36.39 11.23
CA GLN B 616 -7.82 -36.93 12.20
C GLN B 616 -8.02 -36.30 13.57
N LYS B 617 -8.26 -35.00 13.61
CA LYS B 617 -8.49 -34.32 14.89
C LYS B 617 -9.74 -34.86 15.58
N GLN B 618 -10.82 -35.04 14.83
CA GLN B 618 -12.06 -35.55 15.43
C GLN B 618 -11.88 -36.99 15.93
N VAL B 619 -11.21 -37.84 15.14
CA VAL B 619 -10.98 -39.22 15.55
C VAL B 619 -10.12 -39.25 16.81
N GLU B 620 -9.07 -38.43 16.84
CA GLU B 620 -8.21 -38.38 18.02
C GLU B 620 -8.97 -37.87 19.23
N LYS B 621 -9.86 -36.88 19.05
CA LYS B 621 -10.66 -36.40 20.17
C LYS B 621 -11.57 -37.50 20.71
N VAL B 622 -12.24 -38.23 19.83
CA VAL B 622 -13.11 -39.32 20.27
C VAL B 622 -12.31 -40.37 21.02
N LEU B 623 -11.14 -40.76 20.47
CA LEU B 623 -10.35 -41.81 21.11
C LEU B 623 -9.78 -41.34 22.44
N ARG B 624 -9.37 -40.08 22.54
CA ARG B 624 -8.84 -39.58 23.80
C ARG B 624 -9.93 -39.46 24.86
N LYS B 625 -11.16 -39.10 24.46
CA LYS B 625 -12.25 -39.08 25.42
C LYS B 625 -12.59 -40.50 25.88
N SER B 626 -12.55 -41.47 24.96
CA SER B 626 -12.74 -42.86 25.36
C SER B 626 -11.66 -43.31 26.32
N ALA B 627 -10.41 -42.92 26.07
CA ALA B 627 -9.32 -43.26 26.96
C ALA B 627 -9.51 -42.63 28.33
N TYR B 628 -9.95 -41.38 28.37
CA TYR B 628 -10.21 -40.72 29.65
C TYR B 628 -11.33 -41.44 30.41
N LYS B 629 -12.38 -41.86 29.71
CA LYS B 629 -13.44 -42.62 30.36
C LYS B 629 -12.93 -43.95 30.90
N ILE B 630 -12.06 -44.63 30.15
CA ILE B 630 -11.55 -45.92 30.59
C ILE B 630 -10.65 -45.76 31.81
N VAL B 631 -9.73 -44.79 31.77
CA VAL B 631 -8.76 -44.62 32.85
C VAL B 631 -9.46 -44.19 34.14
N SER B 632 -10.42 -43.28 34.04
CA SER B 632 -11.10 -42.75 35.21
C SER B 632 -11.96 -43.78 35.92
N GLY B 633 -12.19 -44.93 35.31
CA GLY B 633 -13.01 -45.95 35.93
C GLY B 633 -14.49 -45.80 35.69
N GLU B 634 -14.90 -44.88 34.83
CA GLU B 634 -16.32 -44.74 34.50
C GLU B 634 -16.85 -45.95 33.75
N ALA B 635 -16.03 -46.61 32.94
CA ALA B 635 -16.43 -47.81 32.23
C ALA B 635 -15.19 -48.60 31.85
N GLU B 636 -15.33 -49.92 31.82
CA GLU B 636 -14.21 -50.78 31.41
C GLU B 636 -14.04 -50.74 29.90
N SER B 637 -15.12 -50.54 29.15
CA SER B 637 -15.05 -50.35 27.71
C SER B 637 -16.22 -49.45 27.30
N VAL B 638 -16.05 -48.79 26.16
CA VAL B 638 -17.04 -47.85 25.65
C VAL B 638 -17.18 -48.05 24.14
N GLU B 639 -18.40 -47.85 23.65
CA GLU B 639 -18.69 -47.94 22.22
C GLU B 639 -19.31 -46.63 21.77
N VAL B 640 -19.05 -46.26 20.52
CA VAL B 640 -19.56 -45.02 19.94
C VAL B 640 -20.78 -45.36 19.09
N THR B 641 -21.88 -44.65 19.34
CA THR B 641 -23.14 -44.85 18.62
C THR B 641 -23.66 -43.49 18.21
N PRO B 642 -24.43 -43.40 17.12
CA PRO B 642 -24.86 -42.08 16.63
C PRO B 642 -25.63 -41.24 17.63
N GLU B 643 -26.38 -41.86 18.54
CA GLU B 643 -27.18 -41.05 19.47
C GLU B 643 -26.33 -40.41 20.57
N ASN B 644 -25.19 -41.00 20.93
CA ASN B 644 -24.33 -40.40 21.93
C ASN B 644 -23.05 -39.79 21.36
N LEU B 645 -22.94 -39.67 20.03
CA LEU B 645 -21.74 -39.11 19.43
C LEU B 645 -21.57 -37.65 19.81
N GLN B 646 -22.68 -36.90 19.92
CA GLN B 646 -22.59 -35.49 20.29
C GLN B 646 -21.98 -35.31 21.68
N ASP B 647 -22.11 -36.31 22.55
CA ASP B 647 -21.47 -36.25 23.86
C ASP B 647 -19.96 -36.31 23.76
N PHE B 648 -19.42 -36.83 22.65
CA PHE B 648 -17.98 -36.93 22.45
C PHE B 648 -17.45 -35.83 21.55
N VAL B 649 -18.26 -35.36 20.60
CA VAL B 649 -17.79 -34.43 19.57
C VAL B 649 -18.40 -33.04 19.68
N GLY B 650 -19.56 -32.90 20.31
CA GLY B 650 -20.17 -31.58 20.45
C GLY B 650 -21.21 -31.30 19.39
N LYS B 651 -21.42 -30.00 19.16
CA LYS B 651 -22.43 -29.55 18.21
C LYS B 651 -22.06 -29.97 16.79
N PRO B 652 -23.03 -30.46 16.02
CA PRO B 652 -22.77 -30.71 14.60
C PRO B 652 -22.45 -29.41 13.87
N VAL B 653 -21.51 -29.49 12.93
CA VAL B 653 -21.20 -28.32 12.11
C VAL B 653 -22.35 -28.01 11.15
N PHE B 654 -22.97 -29.05 10.58
CA PHE B 654 -24.14 -28.90 9.73
C PHE B 654 -25.28 -29.66 10.38
N THR B 655 -26.33 -28.93 10.75
CA THR B 655 -27.43 -29.54 11.51
C THR B 655 -28.30 -30.42 10.62
N VAL B 656 -28.90 -29.84 9.58
CA VAL B 656 -29.82 -30.55 8.71
C VAL B 656 -29.40 -30.38 7.26
N GLU B 657 -29.60 -31.44 6.47
CA GLU B 657 -29.15 -31.43 5.08
C GLU B 657 -30.01 -30.56 4.18
N ARG B 658 -31.30 -30.44 4.47
CA ARG B 658 -32.18 -29.63 3.63
C ARG B 658 -33.28 -29.02 4.48
N MET B 659 -33.79 -27.88 4.01
CA MET B 659 -34.81 -27.15 4.77
C MET B 659 -36.19 -27.79 4.64
N TYR B 660 -36.49 -28.39 3.50
CA TYR B 660 -37.83 -28.87 3.20
C TYR B 660 -37.82 -30.38 3.00
N ASP B 661 -38.80 -31.06 3.60
CA ASP B 661 -39.08 -32.44 3.24
C ASP B 661 -40.11 -32.54 2.12
N VAL B 662 -41.09 -31.65 2.13
CA VAL B 662 -42.06 -31.52 1.05
C VAL B 662 -42.16 -30.04 0.69
N THR B 663 -42.05 -29.74 -0.61
CA THR B 663 -41.99 -28.35 -1.03
C THR B 663 -43.38 -27.80 -1.29
N PRO B 664 -43.66 -26.58 -0.86
CA PRO B 664 -44.94 -25.94 -1.21
C PRO B 664 -44.94 -25.50 -2.66
N PRO B 665 -46.06 -24.99 -3.18
CA PRO B 665 -46.09 -24.59 -4.60
C PRO B 665 -45.02 -23.58 -4.99
N GLY B 666 -44.68 -22.63 -4.12
CA GLY B 666 -43.78 -21.57 -4.49
C GLY B 666 -42.31 -21.81 -4.26
N VAL B 667 -41.90 -23.03 -3.92
CA VAL B 667 -40.52 -23.33 -3.58
C VAL B 667 -39.97 -24.41 -4.51
N VAL B 668 -38.78 -24.16 -5.06
CA VAL B 668 -38.09 -25.10 -5.92
C VAL B 668 -36.65 -25.25 -5.41
N MET B 669 -36.18 -26.49 -5.36
CA MET B 669 -34.87 -26.82 -4.82
C MET B 669 -33.79 -26.62 -5.87
N GLY B 670 -32.66 -26.04 -5.44
CA GLY B 670 -31.54 -25.78 -6.32
C GLY B 670 -30.23 -26.22 -5.68
N LEU B 671 -29.15 -25.98 -6.42
CA LEU B 671 -27.80 -26.34 -5.97
C LEU B 671 -26.86 -25.15 -6.17
N ALA B 672 -25.82 -25.10 -5.34
CA ALA B 672 -24.86 -24.01 -5.40
C ALA B 672 -23.47 -24.53 -5.04
N TRP B 673 -22.45 -23.86 -5.57
CA TRP B 673 -21.08 -24.18 -5.21
C TRP B 673 -20.70 -23.51 -3.90
N THR B 674 -19.84 -24.19 -3.13
CA THR B 674 -19.35 -23.67 -1.87
C THR B 674 -17.97 -24.27 -1.62
N ALA B 675 -17.15 -23.54 -0.85
CA ALA B 675 -15.82 -24.02 -0.53
C ALA B 675 -15.85 -25.31 0.26
N MET B 676 -16.79 -25.43 1.21
CA MET B 676 -16.92 -26.63 2.02
C MET B 676 -17.74 -27.68 1.29
N GLY B 677 -17.35 -28.01 0.06
CA GLY B 677 -18.13 -28.93 -0.74
C GLY B 677 -19.39 -28.26 -1.28
N GLY B 678 -20.26 -29.04 -1.92
CA GLY B 678 -21.47 -28.49 -2.46
C GLY B 678 -22.45 -28.07 -1.38
N SER B 679 -23.43 -27.27 -1.78
CA SER B 679 -24.45 -26.77 -0.86
C SER B 679 -25.76 -26.59 -1.60
N THR B 680 -26.85 -26.86 -0.90
CA THR B 680 -28.18 -26.72 -1.45
C THR B 680 -28.80 -25.39 -1.04
N LEU B 681 -29.39 -24.70 -2.02
CA LEU B 681 -30.18 -23.50 -1.75
C LEU B 681 -31.58 -23.69 -2.31
N PHE B 682 -32.57 -23.23 -1.57
CA PHE B 682 -33.95 -23.21 -2.05
C PHE B 682 -34.28 -21.83 -2.58
N VAL B 683 -35.33 -21.77 -3.40
CA VAL B 683 -35.84 -20.51 -3.93
C VAL B 683 -37.30 -20.39 -3.52
N GLU B 684 -37.62 -19.29 -2.84
CA GLU B 684 -38.95 -19.06 -2.32
C GLU B 684 -39.59 -17.85 -2.99
N THR B 685 -40.82 -18.00 -3.44
CA THR B 685 -41.60 -16.92 -4.01
C THR B 685 -42.93 -16.82 -3.30
N SER B 686 -43.43 -15.60 -3.14
CA SER B 686 -44.68 -15.37 -2.45
C SER B 686 -45.38 -14.17 -3.04
N LEU B 687 -46.69 -14.09 -2.84
CA LEU B 687 -47.49 -12.99 -3.37
C LEU B 687 -47.49 -11.85 -2.36
N ARG B 688 -47.11 -10.65 -2.82
CA ARG B 688 -46.92 -9.51 -1.94
C ARG B 688 -48.14 -8.59 -1.88
N ARG B 689 -49.07 -8.70 -2.82
CA ARG B 689 -50.26 -7.88 -2.84
C ARG B 689 -51.47 -8.80 -2.94
N PRO B 690 -52.61 -8.40 -2.38
CA PRO B 690 -53.75 -9.33 -2.29
C PRO B 690 -54.52 -9.50 -3.59
N GLN B 691 -53.79 -9.69 -4.69
CA GLN B 691 -54.38 -10.01 -6.00
C GLN B 691 -55.52 -9.06 -6.37
N ASP B 692 -55.23 -7.77 -6.29
CA ASP B 692 -56.23 -6.74 -6.58
C ASP B 692 -56.66 -6.79 -8.04
N LYS B 699 -52.31 -2.45 -13.95
CA LYS B 699 -50.96 -1.91 -13.94
C LYS B 699 -49.92 -3.01 -14.10
N ASP B 700 -48.66 -2.61 -14.26
CA ASP B 700 -47.59 -3.58 -14.43
C ASP B 700 -47.34 -4.34 -13.14
N GLY B 701 -46.97 -5.61 -13.28
CA GLY B 701 -46.52 -6.38 -12.15
C GLY B 701 -45.11 -6.00 -11.74
N SER B 702 -44.68 -6.56 -10.61
CA SER B 702 -43.36 -6.23 -10.08
C SER B 702 -42.78 -7.45 -9.38
N LEU B 703 -41.46 -7.49 -9.30
CA LEU B 703 -40.73 -8.56 -8.63
C LEU B 703 -39.72 -7.94 -7.67
N GLU B 704 -39.77 -8.36 -6.41
CA GLU B 704 -38.82 -7.91 -5.40
C GLU B 704 -37.93 -9.08 -5.01
N VAL B 705 -36.62 -8.85 -5.04
CA VAL B 705 -35.62 -9.90 -4.82
C VAL B 705 -34.81 -9.53 -3.59
N THR B 706 -34.73 -10.47 -2.64
CA THR B 706 -33.96 -10.29 -1.42
C THR B 706 -33.17 -11.57 -1.14
N GLY B 707 -32.12 -11.44 -0.34
CA GLY B 707 -31.28 -12.58 -0.01
C GLY B 707 -29.82 -12.39 -0.34
N GLN B 708 -29.36 -11.14 -0.39
CA GLN B 708 -27.96 -10.81 -0.67
C GLN B 708 -27.52 -11.34 -2.02
N LEU B 709 -28.43 -11.31 -2.99
CA LEU B 709 -28.10 -11.74 -4.34
C LEU B 709 -27.16 -10.75 -5.01
N GLY B 710 -26.19 -11.26 -5.75
CA GLY B 710 -25.27 -10.40 -6.47
C GLY B 710 -25.91 -9.76 -7.68
N GLU B 711 -25.16 -8.84 -8.29
CA GLU B 711 -25.66 -8.15 -9.47
C GLU B 711 -25.91 -9.11 -10.62
N VAL B 712 -24.99 -10.05 -10.84
CA VAL B 712 -25.18 -11.04 -11.90
C VAL B 712 -26.40 -11.89 -11.61
N MET B 713 -26.57 -12.32 -10.36
CA MET B 713 -27.73 -13.13 -10.01
C MET B 713 -29.03 -12.34 -10.06
N LYS B 714 -28.99 -11.04 -9.75
CA LYS B 714 -30.18 -10.22 -9.89
C LYS B 714 -30.57 -10.05 -11.35
N GLU B 715 -29.58 -9.86 -12.23
CA GLU B 715 -29.87 -9.81 -13.66
C GLU B 715 -30.43 -11.14 -14.15
N SER B 716 -29.88 -12.25 -13.65
CA SER B 716 -30.41 -13.56 -13.99
C SER B 716 -31.85 -13.71 -13.52
N ALA B 717 -32.16 -13.18 -12.33
CA ALA B 717 -33.54 -13.22 -11.83
C ALA B 717 -34.48 -12.40 -12.70
N ARG B 718 -34.04 -11.23 -13.17
CA ARG B 718 -34.88 -10.44 -14.06
C ARG B 718 -35.11 -11.15 -15.39
N ILE B 719 -34.05 -11.76 -15.95
CA ILE B 719 -34.20 -12.54 -17.17
C ILE B 719 -35.16 -13.69 -16.96
N ALA B 720 -35.06 -14.35 -15.80
CA ALA B 720 -35.95 -15.44 -15.47
C ALA B 720 -37.39 -14.96 -15.36
N TYR B 721 -37.60 -13.79 -14.77
CA TYR B 721 -38.95 -13.24 -14.68
C TYR B 721 -39.54 -12.96 -16.06
N THR B 722 -38.75 -12.34 -16.94
CA THR B 722 -39.23 -12.05 -18.29
C THR B 722 -39.54 -13.35 -19.05
N PHE B 723 -38.65 -14.33 -18.97
CA PHE B 723 -38.88 -15.59 -19.66
C PHE B 723 -40.07 -16.34 -19.08
N ALA B 724 -40.27 -16.28 -17.76
CA ALA B 724 -41.44 -16.91 -17.16
C ALA B 724 -42.72 -16.25 -17.65
N ARG B 725 -42.72 -14.92 -17.74
CA ARG B 725 -43.88 -14.22 -18.30
C ARG B 725 -44.17 -14.70 -19.71
N ALA B 726 -43.13 -14.75 -20.56
CA ALA B 726 -43.32 -15.16 -21.94
C ALA B 726 -43.80 -16.60 -22.04
N PHE B 727 -43.20 -17.49 -21.25
CA PHE B 727 -43.55 -18.90 -21.31
C PHE B 727 -44.97 -19.14 -20.83
N LEU B 728 -45.38 -18.45 -19.77
CA LEU B 728 -46.75 -18.59 -19.29
C LEU B 728 -47.75 -18.01 -20.28
N MET B 729 -47.40 -16.90 -20.94
CA MET B 729 -48.28 -16.36 -21.97
C MET B 729 -48.43 -17.33 -23.13
N GLN B 730 -47.33 -17.97 -23.54
CA GLN B 730 -47.39 -18.90 -24.67
C GLN B 730 -48.16 -20.17 -24.30
N HIS B 731 -47.82 -20.78 -23.17
CA HIS B 731 -48.44 -22.05 -22.78
C HIS B 731 -49.87 -21.88 -22.30
N ALA B 732 -50.12 -20.86 -21.48
CA ALA B 732 -51.44 -20.63 -20.90
C ALA B 732 -51.82 -19.17 -21.10
N PRO B 733 -52.41 -18.84 -22.25
CA PRO B 733 -52.77 -17.44 -22.52
C PRO B 733 -53.74 -16.85 -21.51
N ALA B 734 -54.61 -17.67 -20.92
CA ALA B 734 -55.61 -17.17 -19.99
C ALA B 734 -55.09 -16.94 -18.58
N ASN B 735 -53.85 -17.34 -18.29
CA ASN B 735 -53.29 -17.20 -16.95
C ASN B 735 -52.75 -15.78 -16.79
N ASP B 736 -53.44 -14.99 -15.97
CA ASP B 736 -53.08 -13.58 -15.77
C ASP B 736 -52.18 -13.36 -14.57
N TYR B 737 -51.66 -14.43 -13.96
CA TYR B 737 -50.91 -14.29 -12.70
C TYR B 737 -49.65 -13.46 -12.89
N LEU B 738 -48.71 -13.96 -13.70
CA LEU B 738 -47.38 -13.35 -13.75
C LEU B 738 -47.38 -11.94 -14.33
N VAL B 739 -48.42 -11.55 -15.06
CA VAL B 739 -48.39 -10.24 -15.71
C VAL B 739 -48.83 -9.14 -14.77
N THR B 740 -49.75 -9.41 -13.85
CA THR B 740 -50.31 -8.38 -12.99
C THR B 740 -50.02 -8.56 -11.50
N SER B 741 -49.57 -9.73 -11.06
CA SER B 741 -49.35 -9.95 -9.65
C SER B 741 -48.00 -9.41 -9.20
N HIS B 742 -47.95 -8.96 -7.94
CA HIS B 742 -46.71 -8.51 -7.32
C HIS B 742 -46.10 -9.67 -6.55
N ILE B 743 -44.87 -10.03 -6.90
CA ILE B 743 -44.24 -11.23 -6.38
C ILE B 743 -42.95 -10.86 -5.67
N HIS B 744 -42.75 -11.42 -4.49
CA HIS B 744 -41.51 -11.29 -3.74
C HIS B 744 -40.74 -12.60 -3.80
N LEU B 745 -39.47 -12.53 -4.16
CA LEU B 745 -38.63 -13.70 -4.32
C LEU B 745 -37.49 -13.64 -3.31
N HIS B 746 -37.35 -14.68 -2.50
CA HIS B 746 -36.31 -14.75 -1.48
C HIS B 746 -35.57 -16.07 -1.56
N VAL B 747 -34.25 -16.00 -1.41
CA VAL B 747 -33.41 -17.18 -1.29
C VAL B 747 -33.02 -17.31 0.18
N PRO B 748 -33.42 -18.38 0.88
CA PRO B 748 -33.16 -18.47 2.32
C PRO B 748 -31.68 -18.42 2.69
N GLU B 749 -31.40 -18.37 3.99
CA GLU B 749 -30.06 -18.11 4.52
C GLU B 749 -29.55 -16.75 4.01
N GLY B 750 -30.31 -15.72 4.40
CA GLY B 750 -30.03 -14.37 3.93
C GLY B 750 -28.75 -13.77 4.45
N ALA B 751 -28.14 -14.38 5.47
CA ALA B 751 -26.89 -13.86 5.99
C ALA B 751 -25.70 -14.17 5.09
N THR B 752 -25.85 -15.11 4.16
CA THR B 752 -24.75 -15.54 3.31
C THR B 752 -24.87 -14.89 1.93
N PRO B 753 -23.90 -14.09 1.50
CA PRO B 753 -23.95 -13.53 0.15
C PRO B 753 -23.78 -14.63 -0.89
N LYS B 754 -24.51 -14.50 -2.00
CA LYS B 754 -24.49 -15.49 -3.08
C LYS B 754 -24.62 -14.79 -4.41
N ASP B 755 -24.00 -15.36 -5.44
CA ASP B 755 -24.04 -14.80 -6.78
C ASP B 755 -24.00 -15.94 -7.79
N GLY B 756 -23.80 -15.59 -9.06
CA GLY B 756 -23.75 -16.57 -10.12
C GLY B 756 -25.08 -16.74 -10.82
N PRO B 757 -25.05 -16.92 -12.14
CA PRO B 757 -26.31 -17.05 -12.90
C PRO B 757 -26.83 -18.47 -13.00
N SER B 758 -26.20 -19.44 -12.32
CA SER B 758 -26.60 -20.83 -12.46
C SER B 758 -28.00 -21.12 -11.95
N ALA B 759 -28.60 -20.22 -11.16
CA ALA B 759 -29.90 -20.47 -10.57
C ALA B 759 -31.06 -19.97 -11.44
N GLY B 760 -30.80 -19.52 -12.66
CA GLY B 760 -31.86 -18.92 -13.46
C GLY B 760 -33.02 -19.86 -13.72
N CYS B 761 -32.72 -21.09 -14.12
CA CYS B 761 -33.79 -22.05 -14.39
C CYS B 761 -34.57 -22.40 -13.13
N THR B 762 -33.91 -22.45 -11.98
CA THR B 762 -34.62 -22.66 -10.72
C THR B 762 -35.59 -21.52 -10.46
N ILE B 763 -35.18 -20.28 -10.76
CA ILE B 763 -36.05 -19.13 -10.58
C ILE B 763 -37.25 -19.22 -11.53
N VAL B 764 -37.02 -19.61 -12.78
CA VAL B 764 -38.12 -19.77 -13.73
C VAL B 764 -39.10 -20.81 -13.22
N THR B 765 -38.56 -21.95 -12.74
CA THR B 765 -39.42 -23.02 -12.24
C THR B 765 -40.23 -22.56 -11.04
N ALA B 766 -39.60 -21.82 -10.11
CA ALA B 766 -40.31 -21.33 -8.95
C ALA B 766 -41.43 -20.37 -9.36
N LEU B 767 -41.13 -19.44 -10.27
CA LEU B 767 -42.15 -18.50 -10.71
C LEU B 767 -43.32 -19.20 -11.39
N LEU B 768 -43.02 -20.17 -12.26
CA LEU B 768 -44.09 -20.88 -12.96
C LEU B 768 -44.93 -21.72 -11.98
N SER B 769 -44.27 -22.38 -11.02
CA SER B 769 -45.00 -23.17 -10.04
C SER B 769 -45.88 -22.30 -9.17
N LEU B 770 -45.39 -21.12 -8.78
CA LEU B 770 -46.23 -20.19 -8.03
C LEU B 770 -47.41 -19.72 -8.87
N ALA B 771 -47.16 -19.42 -10.14
CA ALA B 771 -48.23 -18.93 -11.01
C ALA B 771 -49.30 -19.98 -11.26
N MET B 772 -48.92 -21.26 -11.41
CA MET B 772 -49.90 -22.30 -11.68
C MET B 772 -50.45 -22.94 -10.41
N GLY B 773 -49.83 -22.71 -9.27
CA GLY B 773 -50.29 -23.33 -8.04
C GLY B 773 -50.02 -24.81 -7.94
N ARG B 774 -49.07 -25.32 -8.71
CA ARG B 774 -48.74 -26.75 -8.71
C ARG B 774 -47.33 -26.94 -8.19
N PRO B 775 -47.13 -27.72 -7.13
CA PRO B 775 -45.77 -27.97 -6.64
C PRO B 775 -44.97 -28.83 -7.60
N VAL B 776 -43.66 -28.61 -7.59
CA VAL B 776 -42.72 -29.35 -8.42
C VAL B 776 -42.51 -30.73 -7.83
N ARG B 777 -41.84 -31.60 -8.59
CA ARG B 777 -41.47 -32.92 -8.08
C ARG B 777 -40.69 -32.77 -6.77
N GLN B 778 -41.04 -33.63 -5.80
CA GLN B 778 -40.63 -33.41 -4.42
C GLN B 778 -39.17 -33.77 -4.15
N ASN B 779 -38.43 -34.26 -5.15
CA ASN B 779 -37.02 -34.59 -4.96
C ASN B 779 -36.17 -34.09 -6.13
N LEU B 780 -36.70 -33.18 -6.95
CA LEU B 780 -35.98 -32.69 -8.10
C LEU B 780 -35.12 -31.49 -7.76
N ALA B 781 -33.90 -31.47 -8.30
CA ALA B 781 -32.99 -30.34 -8.18
C ALA B 781 -32.46 -29.99 -9.56
N MET B 782 -32.27 -28.70 -9.81
CA MET B 782 -31.89 -28.25 -11.14
C MET B 782 -30.92 -27.07 -11.04
N THR B 783 -30.01 -27.00 -12.00
CA THR B 783 -29.10 -25.88 -12.17
C THR B 783 -28.97 -25.55 -13.64
N GLY B 784 -28.56 -24.32 -13.93
CA GLY B 784 -28.34 -23.92 -15.31
C GLY B 784 -28.75 -22.50 -15.62
N GLU B 785 -27.85 -21.76 -16.28
CA GLU B 785 -28.18 -20.40 -16.71
C GLU B 785 -29.21 -20.44 -17.82
N VAL B 786 -30.17 -19.53 -17.76
CA VAL B 786 -31.27 -19.46 -18.72
C VAL B 786 -31.14 -18.16 -19.50
N SER B 787 -31.19 -18.27 -20.82
CA SER B 787 -31.20 -17.09 -21.68
C SER B 787 -32.61 -16.51 -21.77
N LEU B 788 -32.71 -15.33 -22.37
CA LEU B 788 -34.00 -14.68 -22.52
C LEU B 788 -34.94 -15.50 -23.41
N THR B 789 -34.39 -16.26 -24.35
CA THR B 789 -35.18 -17.10 -25.23
C THR B 789 -35.42 -18.49 -24.66
N GLY B 790 -34.77 -18.85 -23.55
CA GLY B 790 -35.01 -20.11 -22.88
C GLY B 790 -33.91 -21.14 -22.97
N LYS B 791 -32.83 -20.87 -23.71
CA LYS B 791 -31.75 -21.83 -23.83
C LYS B 791 -31.03 -21.98 -22.49
N ILE B 792 -30.69 -23.22 -22.14
CA ILE B 792 -30.03 -23.55 -20.89
C ILE B 792 -28.53 -23.64 -21.16
N LEU B 793 -27.79 -22.64 -20.71
CA LEU B 793 -26.35 -22.55 -20.89
C LEU B 793 -25.62 -23.39 -19.85
N PRO B 794 -24.38 -23.81 -20.14
CA PRO B 794 -23.62 -24.58 -19.17
C PRO B 794 -23.24 -23.75 -17.95
N VAL B 795 -23.01 -24.45 -16.83
CA VAL B 795 -22.61 -23.83 -15.57
C VAL B 795 -21.44 -24.60 -14.99
N GLY B 796 -20.70 -23.94 -14.11
CA GLY B 796 -19.55 -24.54 -13.47
C GLY B 796 -19.88 -25.19 -12.15
N GLY B 797 -18.88 -25.89 -11.59
CA GLY B 797 -19.05 -26.55 -10.32
C GLY B 797 -20.02 -27.71 -10.34
N ILE B 798 -19.99 -28.53 -11.39
CA ILE B 798 -20.91 -29.66 -11.48
C ILE B 798 -20.60 -30.70 -10.40
N LYS B 799 -19.32 -30.88 -10.07
CA LYS B 799 -18.94 -31.89 -9.08
C LYS B 799 -19.54 -31.59 -7.71
N GLU B 800 -19.35 -30.35 -7.23
CA GLU B 800 -19.86 -30.00 -5.91
C GLU B 800 -21.39 -30.03 -5.88
N LYS B 801 -22.03 -29.54 -6.94
CA LYS B 801 -23.48 -29.56 -7.00
C LYS B 801 -24.02 -30.98 -6.98
N THR B 802 -23.37 -31.88 -7.73
CA THR B 802 -23.79 -33.28 -7.74
C THR B 802 -23.59 -33.92 -6.37
N ILE B 803 -22.48 -33.61 -5.70
CA ILE B 803 -22.25 -34.16 -4.36
C ILE B 803 -23.31 -33.66 -3.40
N ALA B 804 -23.63 -32.36 -3.46
CA ALA B 804 -24.67 -31.80 -2.59
C ALA B 804 -26.03 -32.44 -2.85
N ALA B 805 -26.37 -32.64 -4.14
CA ALA B 805 -27.63 -33.28 -4.47
C ALA B 805 -27.67 -34.72 -3.94
N LYS B 806 -26.58 -35.44 -4.08
CA LYS B 806 -26.51 -36.81 -3.57
C LYS B 806 -26.69 -36.85 -2.06
N ARG B 807 -26.04 -35.91 -1.36
CA ARG B 807 -26.14 -35.86 0.10
C ARG B 807 -27.56 -35.51 0.54
N ALA B 808 -28.21 -34.58 -0.16
CA ALA B 808 -29.53 -34.10 0.23
C ALA B 808 -30.66 -35.02 -0.20
N GLY B 809 -30.36 -36.23 -0.65
CA GLY B 809 -31.41 -37.17 -1.02
C GLY B 809 -32.10 -36.88 -2.34
N VAL B 810 -31.43 -36.17 -3.25
CA VAL B 810 -32.03 -35.91 -4.56
C VAL B 810 -32.09 -37.19 -5.37
N THR B 811 -33.23 -37.45 -6.00
CA THR B 811 -33.39 -38.58 -6.89
C THR B 811 -33.26 -38.22 -8.35
N CYS B 812 -33.90 -37.13 -8.79
CA CYS B 812 -33.81 -36.64 -10.15
C CYS B 812 -33.09 -35.29 -10.16
N ILE B 813 -32.06 -35.18 -10.99
CA ILE B 813 -31.27 -33.96 -11.09
C ILE B 813 -31.27 -33.51 -12.55
N VAL B 814 -31.41 -32.20 -12.76
CA VAL B 814 -31.45 -31.62 -14.09
C VAL B 814 -30.20 -30.78 -14.29
N LEU B 815 -29.46 -31.06 -15.36
CA LEU B 815 -28.23 -30.36 -15.69
C LEU B 815 -28.26 -29.94 -17.15
N PRO B 816 -27.57 -28.86 -17.51
CA PRO B 816 -27.48 -28.48 -18.93
C PRO B 816 -26.72 -29.53 -19.72
N ALA B 817 -27.13 -29.71 -20.98
CA ALA B 817 -26.52 -30.75 -21.81
C ALA B 817 -25.05 -30.46 -22.10
N GLU B 818 -24.65 -29.19 -22.03
CA GLU B 818 -23.24 -28.85 -22.26
C GLU B 818 -22.36 -29.28 -21.10
N ASN B 819 -22.95 -29.63 -19.96
CA ASN B 819 -22.20 -30.10 -18.80
C ASN B 819 -22.12 -31.61 -18.71
N LYS B 820 -22.50 -32.32 -19.79
CA LYS B 820 -22.44 -33.78 -19.78
C LYS B 820 -21.03 -34.29 -19.54
N LYS B 821 -20.03 -33.61 -20.12
CA LYS B 821 -18.64 -34.01 -19.92
C LYS B 821 -18.27 -33.97 -18.44
N ASP B 822 -18.59 -32.86 -17.76
CA ASP B 822 -18.24 -32.74 -16.35
C ASP B 822 -19.01 -33.73 -15.49
N PHE B 823 -20.26 -34.03 -15.86
CA PHE B 823 -21.03 -34.99 -15.09
C PHE B 823 -20.46 -36.40 -15.22
N TYR B 824 -20.16 -36.83 -16.45
CA TYR B 824 -19.64 -38.17 -16.65
C TYR B 824 -18.15 -38.30 -16.36
N ASP B 825 -17.43 -37.18 -16.22
CA ASP B 825 -16.04 -37.24 -15.81
C ASP B 825 -15.88 -37.51 -14.32
N LEU B 826 -16.96 -37.43 -13.55
CA LEU B 826 -16.89 -37.66 -12.11
C LEU B 826 -16.64 -39.13 -11.82
N ALA B 827 -16.30 -39.41 -10.55
CA ALA B 827 -16.09 -40.78 -10.13
C ALA B 827 -17.38 -41.59 -10.25
N ALA B 828 -17.22 -42.90 -10.46
CA ALA B 828 -18.38 -43.75 -10.69
C ALA B 828 -19.33 -43.78 -9.51
N PHE B 829 -18.80 -43.84 -8.29
CA PHE B 829 -19.65 -43.97 -7.10
C PHE B 829 -20.46 -42.72 -6.80
N ILE B 830 -20.06 -41.56 -7.34
CA ILE B 830 -20.76 -40.32 -7.03
C ILE B 830 -22.13 -40.30 -7.69
N THR B 831 -22.21 -40.68 -8.96
CA THR B 831 -23.42 -40.53 -9.75
C THR B 831 -24.23 -41.82 -9.90
N GLU B 832 -24.14 -42.75 -8.94
CA GLU B 832 -24.84 -44.01 -9.08
C GLU B 832 -26.35 -43.84 -8.97
N GLY B 833 -26.82 -43.11 -7.96
CA GLY B 833 -28.23 -43.07 -7.63
C GLY B 833 -29.06 -41.99 -8.30
N LEU B 834 -28.49 -41.22 -9.21
CA LEU B 834 -29.18 -40.08 -9.82
C LEU B 834 -29.67 -40.45 -11.21
N GLU B 835 -30.96 -40.18 -11.48
CA GLU B 835 -31.52 -40.30 -12.81
C GLU B 835 -31.43 -38.93 -13.50
N VAL B 836 -30.19 -38.60 -13.89
CA VAL B 836 -29.89 -37.28 -14.42
C VAL B 836 -30.64 -37.05 -15.73
N HIS B 837 -31.20 -35.85 -15.88
CA HIS B 837 -31.83 -35.43 -17.12
C HIS B 837 -31.05 -34.25 -17.69
N PHE B 838 -30.61 -34.37 -18.94
CA PHE B 838 -29.86 -33.33 -19.62
C PHE B 838 -30.78 -32.57 -20.56
N VAL B 839 -30.72 -31.24 -20.51
CA VAL B 839 -31.64 -30.39 -21.23
C VAL B 839 -30.86 -29.35 -22.04
N GLU B 840 -31.51 -28.84 -23.08
CA GLU B 840 -30.98 -27.76 -23.90
C GLU B 840 -31.91 -26.56 -23.99
N HIS B 841 -33.21 -26.74 -23.79
CA HIS B 841 -34.17 -25.65 -23.76
C HIS B 841 -35.06 -25.85 -22.54
N TYR B 842 -35.62 -24.74 -22.03
CA TYR B 842 -36.33 -24.81 -20.77
C TYR B 842 -37.59 -25.67 -20.85
N ARG B 843 -38.20 -25.80 -22.04
CA ARG B 843 -39.42 -26.58 -22.14
C ARG B 843 -39.22 -28.04 -21.72
N GLU B 844 -38.02 -28.57 -21.90
CA GLU B 844 -37.71 -29.89 -21.36
C GLU B 844 -37.79 -29.90 -19.84
N ILE B 845 -37.26 -28.85 -19.20
CA ILE B 845 -37.35 -28.76 -17.74
C ILE B 845 -38.80 -28.60 -17.30
N PHE B 846 -39.60 -27.88 -18.08
CA PHE B 846 -41.02 -27.75 -17.78
C PHE B 846 -41.72 -29.10 -17.86
N ASP B 847 -41.41 -29.89 -18.89
CA ASP B 847 -42.00 -31.22 -19.01
C ASP B 847 -41.53 -32.17 -17.92
N ILE B 848 -40.31 -31.98 -17.42
CA ILE B 848 -39.79 -32.88 -16.39
C ILE B 848 -40.35 -32.51 -15.01
N ALA B 849 -40.33 -31.23 -14.67
CA ALA B 849 -40.71 -30.79 -13.33
C ALA B 849 -42.20 -30.83 -13.08
N PHE B 850 -43.02 -30.69 -14.13
CA PHE B 850 -44.47 -30.64 -14.01
C PHE B 850 -45.10 -31.71 -14.90
N PRO B 851 -45.04 -32.98 -14.49
CA PRO B 851 -45.67 -34.04 -15.28
C PRO B 851 -47.18 -33.87 -15.32
N ASP B 852 -47.79 -34.31 -16.41
CA ASP B 852 -49.23 -34.21 -16.72
C ASP B 852 -50.05 -33.24 -15.85
N LEU C 299 66.25 -41.21 21.32
CA LEU C 299 66.65 -41.83 22.58
C LEU C 299 67.55 -40.89 23.38
N GLN C 300 68.76 -40.67 22.88
CA GLN C 300 69.70 -39.77 23.56
C GLN C 300 69.22 -38.32 23.52
N GLU C 301 68.49 -37.94 22.47
CA GLU C 301 67.97 -36.58 22.37
C GLU C 301 66.92 -36.28 23.42
N GLN C 302 66.32 -37.32 24.03
CA GLN C 302 65.33 -37.11 25.07
C GLN C 302 65.90 -36.39 26.29
N LEU C 303 67.20 -36.57 26.56
CA LEU C 303 67.82 -35.91 27.71
C LEU C 303 67.77 -34.40 27.57
N LYS C 304 67.79 -33.88 26.34
CA LYS C 304 67.66 -32.45 26.11
C LYS C 304 66.20 -32.05 25.84
N ILE C 305 65.42 -32.96 25.24
CA ILE C 305 64.02 -32.66 24.97
C ILE C 305 63.25 -32.46 26.27
N ILE C 306 63.50 -33.33 27.27
CA ILE C 306 62.83 -33.19 28.56
C ILE C 306 63.28 -31.92 29.27
N LYS C 307 64.56 -31.57 29.17
CA LYS C 307 65.04 -30.33 29.77
C LYS C 307 64.37 -29.11 29.14
N LYS C 308 64.24 -29.11 27.81
CA LYS C 308 63.56 -28.01 27.14
C LYS C 308 62.08 -27.94 27.53
N GLU C 309 61.43 -29.10 27.63
CA GLU C 309 60.03 -29.12 28.02
C GLU C 309 59.83 -28.62 29.44
N LEU C 310 60.74 -28.97 30.35
CA LEU C 310 60.67 -28.46 31.72
C LEU C 310 60.95 -26.97 31.78
N GLY C 311 61.89 -26.48 30.97
CA GLY C 311 62.16 -25.05 30.94
C GLY C 311 60.99 -24.24 30.41
N LEU C 312 60.35 -24.73 29.36
CA LEU C 312 59.18 -24.05 28.82
C LEU C 312 57.95 -24.33 29.66
N GLU C 313 56.98 -23.42 29.59
CA GLU C 313 55.74 -23.59 30.31
C GLU C 313 54.90 -24.70 29.69
N LYS C 314 54.37 -25.58 30.52
CA LYS C 314 53.53 -26.68 30.08
C LYS C 314 52.33 -26.79 30.99
N ASP C 315 51.15 -26.97 30.39
CA ASP C 315 49.90 -27.10 31.13
C ASP C 315 49.13 -28.31 30.62
N ASP C 316 48.50 -29.04 31.54
CA ASP C 316 47.73 -30.21 31.19
C ASP C 316 46.31 -29.83 30.76
N LYS C 317 46.20 -29.09 29.66
CA LYS C 317 44.90 -28.66 29.15
C LYS C 317 44.11 -29.80 28.53
N ASP C 318 44.72 -30.98 28.35
CA ASP C 318 44.04 -32.10 27.71
C ASP C 318 42.89 -32.64 28.56
N ALA C 319 42.79 -32.23 29.82
CA ALA C 319 41.68 -32.64 30.67
C ALA C 319 40.33 -32.12 30.19
N ILE C 320 40.33 -31.16 29.27
CA ILE C 320 39.08 -30.57 28.78
C ILE C 320 38.24 -31.63 28.08
N GLU C 321 38.87 -32.66 27.51
CA GLU C 321 38.12 -33.72 26.83
C GLU C 321 37.19 -34.45 27.79
N GLU C 322 37.73 -34.93 28.91
CA GLU C 322 36.87 -35.59 29.89
C GLU C 322 36.04 -34.58 30.67
N LYS C 323 36.46 -33.30 30.69
CA LYS C 323 35.59 -32.28 31.27
C LYS C 323 34.28 -32.17 30.50
N PHE C 324 34.36 -32.20 29.17
CA PHE C 324 33.14 -32.24 28.35
C PHE C 324 32.45 -33.59 28.46
N ARG C 325 33.21 -34.68 28.41
CA ARG C 325 32.62 -36.00 28.26
C ARG C 325 31.83 -36.44 29.48
N GLU C 326 32.17 -35.93 30.67
CA GLU C 326 31.46 -36.34 31.87
C GLU C 326 30.00 -35.93 31.84
N ARG C 327 29.65 -34.91 31.05
CA ARG C 327 28.27 -34.47 30.98
C ARG C 327 27.35 -35.50 30.33
N LEU C 328 27.91 -36.43 29.55
CA LEU C 328 27.11 -37.42 28.84
C LEU C 328 26.93 -38.73 29.61
N LYS C 329 27.46 -38.82 30.83
CA LYS C 329 27.37 -40.07 31.59
C LYS C 329 25.91 -40.45 31.87
N GLU C 330 25.11 -39.47 32.31
CA GLU C 330 23.70 -39.72 32.62
C GLU C 330 22.77 -39.49 31.44
N LEU C 331 23.30 -39.05 30.31
CA LEU C 331 22.49 -38.79 29.13
C LEU C 331 22.39 -40.03 28.26
N VAL C 332 21.35 -40.06 27.42
CA VAL C 332 21.21 -41.11 26.41
C VAL C 332 21.41 -40.47 25.05
N VAL C 333 22.65 -40.48 24.57
CA VAL C 333 23.01 -39.79 23.33
C VAL C 333 22.67 -40.67 22.13
N PRO C 334 21.91 -40.16 21.16
CA PRO C 334 21.72 -40.92 19.92
C PRO C 334 23.01 -41.03 19.14
N LYS C 335 23.08 -42.05 18.28
CA LYS C 335 24.33 -42.37 17.59
C LYS C 335 24.78 -41.23 16.68
N HIS C 336 23.84 -40.60 15.98
CA HIS C 336 24.22 -39.54 15.05
C HIS C 336 24.78 -38.33 15.78
N VAL C 337 24.26 -38.01 16.96
CA VAL C 337 24.81 -36.91 17.75
C VAL C 337 26.16 -37.30 18.36
N MET C 338 26.26 -38.55 18.84
CA MET C 338 27.51 -39.00 19.45
C MET C 338 28.66 -39.01 18.45
N ASP C 339 28.38 -39.39 17.20
CA ASP C 339 29.42 -39.36 16.17
C ASP C 339 29.95 -37.95 15.95
N VAL C 340 29.04 -36.98 15.85
CA VAL C 340 29.45 -35.59 15.66
C VAL C 340 30.24 -35.10 16.87
N VAL C 341 29.80 -35.47 18.07
CA VAL C 341 30.53 -35.07 19.28
C VAL C 341 31.93 -35.66 19.26
N ASP C 342 32.07 -36.92 18.86
CA ASP C 342 33.39 -37.55 18.80
C ASP C 342 34.29 -36.86 17.78
N GLU C 343 33.75 -36.54 16.59
CA GLU C 343 34.56 -35.84 15.59
C GLU C 343 34.99 -34.46 16.08
N GLU C 344 34.08 -33.74 16.74
CA GLU C 344 34.44 -32.42 17.25
C GLU C 344 35.50 -32.53 18.34
N LEU C 345 35.38 -33.53 19.22
CA LEU C 345 36.39 -33.72 20.26
C LEU C 345 37.74 -34.06 19.66
N SER C 346 37.74 -34.89 18.60
CA SER C 346 38.99 -35.19 17.91
C SER C 346 39.59 -33.95 17.26
N LYS C 347 38.75 -33.09 16.68
CA LYS C 347 39.24 -31.85 16.08
C LYS C 347 39.80 -30.92 17.13
N LEU C 348 39.17 -30.85 18.30
CA LEU C 348 39.61 -29.95 19.36
C LEU C 348 41.00 -30.32 19.85
N GLY C 349 41.31 -31.61 19.91
CA GLY C 349 42.61 -32.05 20.40
C GLY C 349 43.78 -31.62 19.53
N LEU C 350 43.54 -31.29 18.27
CA LEU C 350 44.59 -30.88 17.36
C LEU C 350 44.78 -29.38 17.30
N LEU C 351 43.70 -28.60 17.47
CA LEU C 351 43.80 -27.15 17.41
C LEU C 351 44.60 -26.60 18.58
N ASP C 352 45.41 -25.58 18.31
CA ASP C 352 46.07 -24.84 19.37
C ASP C 352 45.03 -24.09 20.18
N ASN C 353 45.20 -24.07 21.50
CA ASN C 353 44.19 -23.49 22.38
C ASN C 353 44.02 -22.00 22.18
N HIS C 354 44.96 -21.32 21.52
CA HIS C 354 44.83 -19.90 21.27
C HIS C 354 44.07 -19.58 19.99
N SER C 355 43.85 -20.58 19.13
CA SER C 355 43.22 -20.34 17.84
C SER C 355 41.74 -20.00 18.00
N SER C 356 41.25 -19.15 17.10
CA SER C 356 39.83 -18.82 17.08
C SER C 356 38.99 -20.05 16.72
N GLU C 357 39.50 -20.89 15.80
CA GLU C 357 38.82 -22.14 15.50
C GLU C 357 38.69 -23.02 16.73
N PHE C 358 39.71 -23.02 17.59
CA PHE C 358 39.62 -23.77 18.84
C PHE C 358 38.49 -23.26 19.71
N ASN C 359 38.35 -21.94 19.81
CA ASN C 359 37.28 -21.37 20.62
C ASN C 359 35.91 -21.71 20.02
N VAL C 360 35.78 -21.66 18.70
CA VAL C 360 34.51 -22.01 18.07
C VAL C 360 34.17 -23.48 18.33
N THR C 361 35.16 -24.36 18.19
CA THR C 361 34.93 -25.78 18.46
C THR C 361 34.57 -26.01 19.92
N ARG C 362 35.23 -25.30 20.83
CA ARG C 362 34.93 -25.44 22.25
C ARG C 362 33.51 -24.99 22.57
N ASN C 363 33.07 -23.88 21.98
CA ASN C 363 31.70 -23.43 22.19
C ASN C 363 30.70 -24.41 21.61
N TYR C 364 31.01 -24.97 20.42
CA TYR C 364 30.12 -25.95 19.81
C TYR C 364 30.00 -27.19 20.68
N LEU C 365 31.11 -27.68 21.22
CA LEU C 365 31.06 -28.85 22.09
C LEU C 365 30.36 -28.54 23.40
N ASP C 366 30.53 -27.32 23.92
CA ASP C 366 29.83 -26.92 25.14
C ASP C 366 28.32 -26.92 24.91
N TRP C 367 27.87 -26.43 23.76
CA TRP C 367 26.45 -26.46 23.45
C TRP C 367 25.96 -27.89 23.23
N LEU C 368 26.77 -28.72 22.57
CA LEU C 368 26.36 -30.09 22.29
C LEU C 368 26.25 -30.93 23.54
N THR C 369 27.18 -30.78 24.48
CA THR C 369 27.20 -31.59 25.70
C THR C 369 26.30 -31.05 26.79
N SER C 370 25.61 -29.93 26.55
CA SER C 370 24.67 -29.40 27.52
C SER C 370 23.22 -29.72 27.19
N ILE C 371 22.93 -30.17 25.97
CA ILE C 371 21.56 -30.59 25.63
C ILE C 371 21.21 -31.84 26.43
N PRO C 372 20.07 -31.91 27.10
CA PRO C 372 19.73 -33.08 27.93
C PRO C 372 19.26 -34.26 27.09
N TRP C 373 20.21 -34.91 26.40
CA TRP C 373 19.90 -36.06 25.56
C TRP C 373 19.30 -37.20 26.38
N GLY C 374 18.02 -37.50 26.14
CA GLY C 374 17.36 -38.60 26.82
C GLY C 374 16.81 -38.28 28.19
N LYS C 375 17.01 -37.07 28.71
CA LYS C 375 16.45 -36.72 29.99
C LYS C 375 14.98 -36.37 29.86
N TYR C 376 14.18 -36.84 30.83
CA TYR C 376 12.76 -36.57 30.87
C TYR C 376 12.34 -36.26 32.29
N SER C 377 11.49 -35.24 32.45
CA SER C 377 10.94 -34.91 33.75
C SER C 377 9.95 -35.99 34.20
N ASN C 378 9.89 -36.22 35.50
CA ASN C 378 9.00 -37.24 36.04
C ASN C 378 7.55 -36.75 35.99
N GLU C 379 6.88 -37.03 34.87
CA GLU C 379 5.52 -36.56 34.68
C GLU C 379 4.58 -37.20 35.69
N ASN C 380 3.69 -36.39 36.26
CA ASN C 380 2.73 -36.85 37.26
C ASN C 380 1.50 -37.37 36.53
N LEU C 381 1.29 -38.68 36.60
CA LEU C 381 0.15 -39.32 35.94
C LEU C 381 -1.05 -39.49 36.86
N ASP C 382 -0.98 -39.02 38.10
CA ASP C 382 -2.08 -39.16 39.05
C ASP C 382 -3.19 -38.18 38.67
N LEU C 383 -4.34 -38.72 38.24
CA LEU C 383 -5.44 -37.86 37.80
C LEU C 383 -5.99 -37.02 38.93
N ALA C 384 -6.12 -37.59 40.13
CA ALA C 384 -6.80 -36.89 41.22
C ALA C 384 -6.08 -35.61 41.62
N ARG C 385 -4.78 -35.71 41.90
CA ARG C 385 -4.04 -34.53 42.33
C ARG C 385 -3.78 -33.57 41.18
N ALA C 386 -3.67 -34.08 39.95
CA ALA C 386 -3.57 -33.20 38.79
C ALA C 386 -4.82 -32.36 38.63
N GLN C 387 -6.01 -32.95 38.83
CA GLN C 387 -7.24 -32.18 38.79
C GLN C 387 -7.30 -31.21 39.98
N ALA C 388 -6.88 -31.67 41.15
CA ALA C 388 -6.95 -30.82 42.34
C ALA C 388 -6.08 -29.57 42.19
N VAL C 389 -4.88 -29.72 41.64
CA VAL C 389 -4.01 -28.56 41.47
C VAL C 389 -4.49 -27.65 40.34
N LEU C 390 -5.20 -28.20 39.35
CA LEU C 390 -5.81 -27.34 38.33
C LEU C 390 -6.98 -26.54 38.87
N GLU C 391 -7.80 -27.14 39.74
CA GLU C 391 -8.87 -26.37 40.38
C GLU C 391 -8.32 -25.41 41.43
N GLU C 392 -7.08 -25.64 41.88
CA GLU C 392 -6.50 -24.79 42.91
C GLU C 392 -6.30 -23.36 42.41
N ASP C 393 -5.82 -23.21 41.18
CA ASP C 393 -5.39 -21.90 40.70
C ASP C 393 -6.46 -21.15 39.92
N HIS C 394 -7.27 -21.85 39.11
CA HIS C 394 -8.23 -21.18 38.25
C HIS C 394 -9.61 -21.80 38.39
N TYR C 395 -10.62 -20.95 38.49
CA TYR C 395 -12.01 -21.40 38.49
C TYR C 395 -12.54 -21.49 37.06
N GLY C 396 -13.56 -22.31 36.88
CA GLY C 396 -14.17 -22.46 35.58
C GLY C 396 -13.22 -23.10 34.58
N MET C 397 -13.38 -22.73 33.31
CA MET C 397 -12.56 -23.26 32.22
C MET C 397 -12.61 -24.79 32.17
N GLU C 398 -13.83 -25.31 31.99
CA GLU C 398 -14.03 -26.75 31.98
C GLU C 398 -13.33 -27.41 30.80
N ASP C 399 -13.37 -26.76 29.63
CA ASP C 399 -12.85 -27.37 28.41
C ASP C 399 -11.35 -27.63 28.50
N VAL C 400 -10.58 -26.64 28.97
CA VAL C 400 -9.13 -26.81 29.03
C VAL C 400 -8.75 -27.84 30.08
N LYS C 401 -9.43 -27.84 31.23
CA LYS C 401 -9.15 -28.83 32.26
C LYS C 401 -9.47 -30.23 31.76
N LYS C 402 -10.58 -30.39 31.04
CA LYS C 402 -10.93 -31.68 30.47
C LYS C 402 -9.89 -32.12 29.43
N ARG C 403 -9.42 -31.18 28.61
CA ARG C 403 -8.38 -31.51 27.64
C ARG C 403 -7.10 -31.98 28.33
N ILE C 404 -6.71 -31.30 29.40
CA ILE C 404 -5.50 -31.71 30.12
C ILE C 404 -5.69 -33.08 30.78
N LEU C 405 -6.86 -33.32 31.37
CA LEU C 405 -7.11 -34.63 31.96
C LEU C 405 -7.09 -35.74 30.91
N GLU C 406 -7.67 -35.47 29.74
CA GLU C 406 -7.61 -36.45 28.65
C GLU C 406 -6.17 -36.69 28.21
N PHE C 407 -5.37 -35.63 28.15
CA PHE C 407 -3.96 -35.78 27.80
C PHE C 407 -3.25 -36.68 28.81
N ILE C 408 -3.50 -36.45 30.10
CA ILE C 408 -2.88 -37.27 31.13
C ILE C 408 -3.32 -38.73 31.00
N ALA C 409 -4.62 -38.95 30.77
CA ALA C 409 -5.12 -40.31 30.66
C ALA C 409 -4.51 -41.03 29.46
N VAL C 410 -4.41 -40.34 28.32
CA VAL C 410 -3.82 -40.96 27.13
C VAL C 410 -2.35 -41.26 27.37
N SER C 411 -1.62 -40.34 28.01
CA SER C 411 -0.22 -40.60 28.35
C SER C 411 -0.09 -41.78 29.30
N GLN C 412 -1.08 -41.97 30.18
CA GLN C 412 -1.03 -43.10 31.11
C GLN C 412 -1.32 -44.42 30.40
N LEU C 413 -2.22 -44.42 29.42
CA LEU C 413 -2.55 -45.66 28.72
C LEU C 413 -1.37 -46.17 27.91
N ARG C 414 -0.74 -45.30 27.13
CA ARG C 414 0.37 -45.72 26.29
C ARG C 414 1.65 -45.97 27.08
N GLY C 415 1.70 -45.58 28.35
CA GLY C 415 2.83 -45.88 29.19
C GLY C 415 4.09 -45.08 28.90
N SER C 416 3.99 -44.01 28.12
CA SER C 416 5.16 -43.20 27.79
C SER C 416 4.74 -41.75 27.70
N THR C 417 5.72 -40.86 27.86
CA THR C 417 5.45 -39.43 27.76
C THR C 417 4.96 -39.08 26.35
N GLN C 418 4.01 -38.15 26.29
CA GLN C 418 3.39 -37.75 25.04
C GLN C 418 3.56 -36.27 24.82
N GLY C 419 3.71 -35.87 23.56
CA GLY C 419 3.81 -34.48 23.17
C GLY C 419 2.62 -34.09 22.30
N LYS C 420 2.08 -32.90 22.54
CA LYS C 420 0.94 -32.40 21.80
C LYS C 420 1.08 -30.90 21.63
N ILE C 421 0.31 -30.35 20.69
CA ILE C 421 0.32 -28.92 20.39
C ILE C 421 -1.10 -28.42 20.59
N LEU C 422 -1.28 -27.51 21.54
CA LEU C 422 -2.59 -26.94 21.86
C LEU C 422 -2.56 -25.43 21.65
N CYS C 423 -3.66 -24.89 21.12
CA CYS C 423 -3.80 -23.46 20.89
C CYS C 423 -5.01 -22.96 21.68
N PHE C 424 -4.79 -21.92 22.48
CA PHE C 424 -5.85 -21.29 23.26
C PHE C 424 -6.16 -19.92 22.66
N TYR C 425 -7.42 -19.72 22.28
CA TYR C 425 -7.86 -18.45 21.72
C TYR C 425 -9.16 -18.02 22.38
N GLY C 426 -9.31 -16.70 22.55
CA GLY C 426 -10.48 -16.16 23.20
C GLY C 426 -10.31 -14.69 23.54
N PRO C 427 -11.31 -14.11 24.19
CA PRO C 427 -11.23 -12.70 24.60
C PRO C 427 -10.07 -12.47 25.56
N PRO C 428 -9.47 -11.29 25.53
CA PRO C 428 -8.35 -11.01 26.45
C PRO C 428 -8.78 -11.08 27.90
N GLY C 429 -7.87 -11.54 28.75
CA GLY C 429 -8.14 -11.60 30.18
C GLY C 429 -9.04 -12.73 30.61
N VAL C 430 -8.90 -13.92 30.01
CA VAL C 430 -9.67 -15.09 30.40
C VAL C 430 -8.82 -16.16 31.07
N GLY C 431 -7.50 -15.99 31.09
CA GLY C 431 -6.62 -16.91 31.74
C GLY C 431 -5.86 -17.88 30.84
N LYS C 432 -5.64 -17.53 29.57
CA LYS C 432 -4.91 -18.42 28.67
C LYS C 432 -3.42 -18.46 29.02
N THR C 433 -2.83 -17.31 29.33
CA THR C 433 -1.41 -17.27 29.64
C THR C 433 -1.13 -17.82 31.04
N SER C 434 -2.03 -17.56 31.99
CA SER C 434 -1.78 -17.94 33.37
C SER C 434 -1.86 -19.44 33.59
N ILE C 435 -2.75 -20.12 32.85
CA ILE C 435 -2.96 -21.56 33.06
C ILE C 435 -1.73 -22.37 32.70
N ALA C 436 -0.83 -21.82 31.85
CA ALA C 436 0.36 -22.56 31.44
C ALA C 436 1.22 -22.95 32.63
N ARG C 437 1.26 -22.12 33.68
CA ARG C 437 2.00 -22.49 34.88
C ARG C 437 1.27 -23.58 35.66
N SER C 438 -0.06 -23.48 35.74
CA SER C 438 -0.84 -24.51 36.44
C SER C 438 -0.73 -25.86 35.74
N ILE C 439 -0.78 -25.86 34.41
CA ILE C 439 -0.64 -27.11 33.66
C ILE C 439 0.75 -27.70 33.87
N ALA C 440 1.78 -26.85 33.86
CA ALA C 440 3.14 -27.33 34.10
C ALA C 440 3.28 -27.94 35.48
N ARG C 441 2.67 -27.30 36.50
CA ARG C 441 2.70 -27.87 37.85
C ARG C 441 1.95 -29.20 37.90
N ALA C 442 0.80 -29.28 37.22
CA ALA C 442 0.04 -30.52 37.21
C ALA C 442 0.82 -31.66 36.57
N LEU C 443 1.50 -31.38 35.46
CA LEU C 443 2.29 -32.40 34.77
C LEU C 443 3.70 -32.52 35.33
N ASN C 444 4.09 -31.68 36.28
CA ASN C 444 5.44 -31.63 36.84
C ASN C 444 6.49 -31.32 35.77
N ARG C 445 6.06 -30.87 34.59
CA ARG C 445 6.97 -30.52 33.52
C ARG C 445 7.61 -29.16 33.78
N GLU C 446 8.84 -29.01 33.34
CA GLU C 446 9.50 -27.71 33.42
C GLU C 446 8.82 -26.72 32.48
N TYR C 447 8.70 -25.47 32.92
CA TYR C 447 7.93 -24.46 32.21
C TYR C 447 8.86 -23.42 31.60
N PHE C 448 8.50 -22.95 30.41
CA PHE C 448 9.27 -21.93 29.72
C PHE C 448 8.31 -21.14 28.83
N ARG C 449 8.61 -19.85 28.67
CA ARG C 449 7.77 -18.95 27.89
C ARG C 449 8.61 -18.00 27.07
N PHE C 450 8.27 -17.85 25.80
CA PHE C 450 8.81 -16.81 24.95
C PHE C 450 7.71 -16.34 24.01
N SER C 451 7.69 -15.03 23.75
CA SER C 451 6.62 -14.41 22.99
C SER C 451 7.08 -14.13 21.56
N VAL C 452 6.25 -14.50 20.59
CA VAL C 452 6.54 -14.26 19.19
C VAL C 452 5.82 -13.01 18.72
N GLY C 453 5.36 -12.20 19.67
CA GLY C 453 4.72 -10.94 19.35
C GLY C 453 5.68 -9.99 18.66
N GLY C 454 5.32 -9.55 17.46
CA GLY C 454 6.23 -8.72 16.68
C GLY C 454 7.47 -9.41 16.18
N MET C 455 7.47 -10.73 16.12
CA MET C 455 8.65 -11.48 15.71
C MET C 455 8.89 -11.31 14.22
N THR C 456 10.01 -10.66 13.88
CA THR C 456 10.38 -10.44 12.49
C THR C 456 11.68 -11.10 12.10
N ASP C 457 12.45 -11.62 13.05
CA ASP C 457 13.74 -12.24 12.79
C ASP C 457 13.60 -13.75 12.96
N VAL C 458 13.92 -14.49 11.90
CA VAL C 458 13.90 -15.95 11.96
C VAL C 458 14.95 -16.49 12.92
N ALA C 459 16.02 -15.72 13.16
CA ALA C 459 17.12 -16.18 13.99
C ALA C 459 16.69 -16.48 15.42
N GLU C 460 15.56 -15.93 15.88
CA GLU C 460 15.08 -16.27 17.21
C GLU C 460 14.58 -17.71 17.28
N ILE C 461 14.03 -18.23 16.18
CA ILE C 461 13.50 -19.58 16.16
C ILE C 461 14.55 -20.60 15.72
N LYS C 462 15.36 -20.26 14.72
CA LYS C 462 16.30 -21.20 14.13
C LYS C 462 17.75 -20.90 14.46
N GLY C 463 18.07 -19.73 15.01
CA GLY C 463 19.44 -19.41 15.32
C GLY C 463 20.23 -18.98 14.09
N HIS C 464 21.54 -18.90 14.29
CA HIS C 464 22.48 -18.49 13.24
C HIS C 464 23.57 -19.53 13.09
N ARG C 465 24.13 -19.59 11.88
CA ARG C 465 25.23 -20.51 11.62
C ARG C 465 26.43 -20.14 12.47
N ARG C 466 27.12 -21.16 12.97
CA ARG C 466 28.23 -20.93 13.91
C ARG C 466 29.46 -20.33 13.25
N THR C 467 29.47 -20.16 11.93
CA THR C 467 30.56 -19.47 11.27
C THR C 467 30.64 -18.01 11.72
N TYR C 468 29.49 -17.38 11.88
CA TYR C 468 29.45 -15.96 12.27
C TYR C 468 29.96 -15.80 13.70
N VAL C 469 30.46 -14.59 13.98
CA VAL C 469 30.96 -14.27 15.31
C VAL C 469 29.79 -14.17 16.29
N GLY C 470 29.89 -14.89 17.39
CA GLY C 470 28.87 -14.82 18.43
C GLY C 470 27.50 -15.35 18.04
N ALA C 471 27.46 -16.46 17.31
CA ALA C 471 26.19 -17.07 16.97
C ALA C 471 25.62 -17.84 18.15
N MET C 472 24.30 -17.88 18.24
CA MET C 472 23.62 -18.56 19.33
C MET C 472 22.54 -19.45 18.75
N PRO C 473 22.26 -20.60 19.38
CA PRO C 473 21.30 -21.55 18.79
C PRO C 473 19.88 -21.02 18.67
N GLY C 474 19.46 -20.13 19.56
CA GLY C 474 18.10 -19.62 19.50
C GLY C 474 17.24 -20.06 20.66
N LYS C 475 15.96 -19.66 20.59
CA LYS C 475 15.07 -19.78 21.73
C LYS C 475 14.84 -21.23 22.14
N ILE C 476 14.61 -22.11 21.17
CA ILE C 476 14.23 -23.48 21.49
C ILE C 476 15.39 -24.24 22.14
N ILE C 477 16.58 -24.12 21.56
CA ILE C 477 17.75 -24.78 22.13
C ILE C 477 18.15 -24.17 23.47
N GLN C 478 18.02 -22.85 23.62
CA GLN C 478 18.25 -22.23 24.92
C GLN C 478 17.28 -22.78 25.96
N CYS C 479 16.02 -22.98 25.58
CA CYS C 479 15.05 -23.60 26.48
C CYS C 479 15.46 -25.02 26.84
N LEU C 480 15.91 -25.80 25.85
CA LEU C 480 16.32 -27.16 26.13
C LEU C 480 17.50 -27.21 27.08
N LYS C 481 18.45 -26.29 26.92
CA LYS C 481 19.59 -26.23 27.84
C LYS C 481 19.15 -25.76 29.22
N LYS C 482 18.19 -24.84 29.30
CA LYS C 482 17.78 -24.27 30.57
C LYS C 482 16.98 -25.26 31.40
N THR C 483 15.91 -25.82 30.82
CA THR C 483 15.03 -26.74 31.55
C THR C 483 15.68 -28.09 31.80
N LYS C 484 16.72 -28.43 31.05
CA LYS C 484 17.45 -29.70 31.24
C LYS C 484 16.55 -30.91 31.07
N THR C 485 15.48 -30.75 30.29
CA THR C 485 14.57 -31.85 30.00
C THR C 485 14.18 -31.79 28.53
N GLU C 486 13.92 -32.96 27.94
CA GLU C 486 13.47 -33.04 26.56
C GLU C 486 11.96 -33.00 26.42
N ASN C 487 11.22 -32.87 27.53
CA ASN C 487 9.78 -32.72 27.45
C ASN C 487 9.27 -31.54 28.28
N PRO C 488 9.71 -30.32 28.01
CA PRO C 488 9.18 -29.16 28.75
C PRO C 488 7.85 -28.71 28.17
N LEU C 489 7.27 -27.71 28.82
CA LEU C 489 6.04 -27.08 28.37
C LEU C 489 6.41 -25.73 27.75
N ILE C 490 6.10 -25.56 26.47
CA ILE C 490 6.41 -24.34 25.74
C ILE C 490 5.13 -23.53 25.57
N LEU C 491 5.17 -22.29 26.04
CA LEU C 491 4.08 -21.34 25.85
C LEU C 491 4.52 -20.28 24.85
N ILE C 492 3.92 -20.29 23.67
CA ILE C 492 4.21 -19.33 22.61
C ILE C 492 3.06 -18.34 22.60
N ASP C 493 3.27 -17.18 23.22
CA ASP C 493 2.22 -16.18 23.32
C ASP C 493 2.13 -15.35 22.06
N GLU C 494 0.92 -14.84 21.78
CA GLU C 494 0.66 -13.97 20.64
C GLU C 494 1.11 -14.60 19.33
N VAL C 495 0.77 -15.88 19.15
CA VAL C 495 1.09 -16.57 17.91
C VAL C 495 0.33 -15.98 16.74
N ASP C 496 -0.79 -15.31 16.99
CA ASP C 496 -1.59 -14.71 15.94
C ASP C 496 -1.06 -13.36 15.49
N LYS C 497 -0.09 -12.78 16.20
CA LYS C 497 0.47 -11.48 15.87
C LYS C 497 1.96 -11.60 15.55
N ILE C 498 2.33 -12.63 14.79
CA ILE C 498 3.70 -12.80 14.35
C ILE C 498 3.95 -11.95 13.12
N GLY C 499 5.14 -11.37 13.02
CA GLY C 499 5.47 -10.45 11.96
C GLY C 499 6.16 -11.11 10.79
N ARG C 500 6.73 -10.28 9.92
CA ARG C 500 7.43 -10.76 8.73
C ARG C 500 8.62 -9.84 8.47
N GLY C 501 9.69 -10.42 7.94
CA GLY C 501 10.89 -9.67 7.62
C GLY C 501 10.74 -8.79 6.40
N ASP C 505 10.81 -14.57 7.20
CA ASP C 505 9.43 -14.81 7.59
C ASP C 505 9.38 -15.89 8.68
N PRO C 506 9.23 -15.46 9.93
CA PRO C 506 9.14 -16.43 11.04
C PRO C 506 7.96 -17.39 10.92
N SER C 507 6.89 -17.00 10.22
CA SER C 507 5.74 -17.89 10.08
C SER C 507 6.09 -19.18 9.37
N SER C 508 7.09 -19.16 8.48
CA SER C 508 7.55 -20.38 7.83
C SER C 508 8.51 -21.19 8.69
N ALA C 509 9.05 -20.59 9.76
CA ALA C 509 9.91 -21.32 10.68
C ALA C 509 9.12 -22.04 11.77
N LEU C 510 7.99 -21.46 12.20
CA LEU C 510 7.14 -22.13 13.18
C LEU C 510 6.53 -23.40 12.60
N LEU C 511 6.26 -23.42 11.30
CA LEU C 511 5.71 -24.63 10.67
C LEU C 511 6.66 -25.81 10.79
N GLU C 512 7.98 -25.56 10.85
CA GLU C 512 8.93 -26.63 11.11
C GLU C 512 8.93 -27.05 12.56
N LEU C 513 8.45 -26.20 13.47
CA LEU C 513 8.38 -26.49 14.89
C LEU C 513 7.02 -27.06 15.30
N LEU C 514 5.94 -26.41 14.90
CA LEU C 514 4.58 -26.85 15.23
C LEU C 514 4.03 -27.86 14.24
N ASP C 515 4.74 -28.94 13.98
CA ASP C 515 4.28 -29.96 13.03
C ASP C 515 4.73 -31.33 13.52
N PRO C 516 3.80 -32.22 13.88
CA PRO C 516 4.17 -33.55 14.38
C PRO C 516 4.95 -34.37 13.36
N GLU C 517 4.76 -34.08 12.08
CA GLU C 517 5.39 -34.86 11.02
C GLU C 517 6.87 -34.51 10.81
N GLN C 518 7.33 -33.37 11.30
CA GLN C 518 8.72 -32.97 11.10
C GLN C 518 9.42 -32.44 12.35
N ASN C 519 8.71 -32.17 13.45
CA ASN C 519 9.38 -31.69 14.65
C ASN C 519 10.19 -32.77 15.36
N ALA C 520 10.02 -34.04 14.99
CA ALA C 520 10.80 -35.11 15.59
C ALA C 520 12.26 -35.07 15.17
N ASN C 521 12.61 -34.32 14.12
CA ASN C 521 13.97 -34.18 13.66
C ASN C 521 14.26 -32.69 13.42
N PHE C 522 13.89 -31.87 14.40
CA PHE C 522 14.09 -30.43 14.30
C PHE C 522 15.57 -30.10 14.12
N LEU C 523 15.88 -29.38 13.05
CA LEU C 523 17.25 -29.06 12.67
C LEU C 523 17.51 -27.59 12.96
N ASP C 524 18.54 -27.33 13.77
CA ASP C 524 18.91 -25.98 14.17
C ASP C 524 20.14 -25.54 13.39
N HIS C 525 20.18 -24.26 13.03
CA HIS C 525 21.29 -23.75 12.22
C HIS C 525 22.62 -23.82 12.96
N TYR C 526 22.62 -23.66 14.28
CA TYR C 526 23.87 -23.69 15.03
C TYR C 526 24.33 -25.12 15.28
N LEU C 527 23.51 -25.92 15.95
CA LEU C 527 23.90 -27.30 16.26
C LEU C 527 24.04 -28.13 15.00
N ASP C 528 23.14 -27.95 14.04
CA ASP C 528 23.12 -28.71 12.78
C ASP C 528 22.97 -30.20 13.03
N VAL C 529 22.38 -30.57 14.16
CA VAL C 529 22.05 -31.97 14.45
C VAL C 529 20.58 -32.04 14.85
N PRO C 530 19.83 -33.00 14.30
CA PRO C 530 18.41 -33.09 14.64
C PRO C 530 18.18 -33.42 16.11
N VAL C 531 17.11 -32.86 16.67
CA VAL C 531 16.67 -33.16 18.02
C VAL C 531 15.21 -33.57 17.97
N ASP C 532 14.80 -34.39 18.94
CA ASP C 532 13.44 -34.93 18.98
C ASP C 532 12.58 -34.08 19.90
N LEU C 533 11.83 -33.15 19.30
CA LEU C 533 10.89 -32.32 20.04
C LEU C 533 9.47 -32.85 20.00
N SER C 534 9.25 -34.06 19.47
CA SER C 534 7.91 -34.61 19.35
C SER C 534 7.23 -34.83 20.69
N LYS C 535 7.99 -34.97 21.77
CA LYS C 535 7.43 -35.16 23.10
C LYS C 535 7.23 -33.85 23.86
N VAL C 536 7.66 -32.73 23.27
CA VAL C 536 7.48 -31.43 23.92
C VAL C 536 6.03 -30.98 23.77
N LEU C 537 5.45 -30.49 24.86
CA LEU C 537 4.08 -30.00 24.88
C LEU C 537 4.10 -28.51 24.55
N PHE C 538 3.52 -28.16 23.40
CA PHE C 538 3.49 -26.78 22.93
C PHE C 538 2.11 -26.18 23.18
N ILE C 539 2.08 -24.98 23.78
CA ILE C 539 0.86 -24.24 24.01
C ILE C 539 1.00 -22.88 23.36
N CYS C 540 0.01 -22.48 22.57
CA CYS C 540 0.04 -21.22 21.83
C CYS C 540 -1.19 -20.40 22.20
N THR C 541 -0.96 -19.12 22.49
CA THR C 541 -2.02 -18.20 22.86
C THR C 541 -2.28 -17.21 21.72
N ALA C 542 -3.56 -17.05 21.39
CA ALA C 542 -3.96 -16.13 20.33
C ALA C 542 -5.20 -15.36 20.78
N ASN C 543 -5.37 -14.17 20.20
CA ASN C 543 -6.53 -13.34 20.51
C ASN C 543 -7.71 -13.66 19.58
N VAL C 544 -7.44 -13.90 18.30
CA VAL C 544 -8.49 -14.26 17.35
C VAL C 544 -7.90 -15.23 16.34
N THR C 545 -8.72 -16.19 15.90
CA THR C 545 -8.20 -17.30 15.10
C THR C 545 -7.97 -16.90 13.64
N ASP C 546 -8.79 -15.99 13.11
CA ASP C 546 -8.84 -15.77 11.66
C ASP C 546 -7.61 -15.02 11.12
N THR C 547 -6.60 -14.76 11.95
CA THR C 547 -5.38 -14.12 11.48
C THR C 547 -4.16 -15.02 11.61
N ILE C 548 -4.28 -16.18 12.24
CA ILE C 548 -3.17 -17.14 12.29
C ILE C 548 -2.95 -17.70 10.90
N PRO C 549 -1.71 -17.91 10.46
CA PRO C 549 -1.48 -18.49 9.12
C PRO C 549 -2.13 -19.86 9.00
N GLU C 550 -2.61 -20.15 7.79
CA GLU C 550 -3.31 -21.41 7.54
C GLU C 550 -2.48 -22.65 7.86
N PRO C 551 -1.21 -22.77 7.46
CA PRO C 551 -0.45 -23.98 7.83
C PRO C 551 -0.34 -24.18 9.33
N LEU C 552 -0.25 -23.11 10.11
CA LEU C 552 -0.17 -23.25 11.56
C LEU C 552 -1.52 -23.66 12.15
N ARG C 553 -2.61 -23.07 11.67
CA ARG C 553 -3.94 -23.45 12.14
C ARG C 553 -4.27 -24.89 11.76
N ASP C 554 -3.69 -25.39 10.66
CA ASP C 554 -3.97 -26.76 10.24
C ASP C 554 -3.44 -27.76 11.26
N ARG C 555 -2.24 -27.51 11.80
CA ARG C 555 -1.60 -28.44 12.70
C ARG C 555 -2.06 -28.29 14.15
N MET C 556 -2.35 -27.06 14.59
CA MET C 556 -2.69 -26.81 15.97
C MET C 556 -4.11 -27.26 16.28
N GLU C 557 -4.35 -27.55 17.56
CA GLU C 557 -5.67 -27.89 18.06
C GLU C 557 -6.28 -26.64 18.69
N MET C 558 -7.35 -26.13 18.09
CA MET C 558 -7.95 -24.88 18.54
C MET C 558 -8.92 -25.16 19.69
N ILE C 559 -8.68 -24.50 20.83
CA ILE C 559 -9.55 -24.60 22.00
C ILE C 559 -10.05 -23.19 22.32
N ASN C 560 -11.37 -23.04 22.39
CA ASN C 560 -11.98 -21.73 22.61
C ASN C 560 -12.16 -21.51 24.10
N VAL C 561 -11.40 -20.56 24.64
CA VAL C 561 -11.53 -20.17 26.04
C VAL C 561 -12.56 -19.05 26.14
N SER C 562 -13.82 -19.40 26.31
CA SER C 562 -14.89 -18.41 26.32
C SER C 562 -14.84 -17.57 27.59
N GLY C 563 -15.65 -16.52 27.61
CA GLY C 563 -15.71 -15.63 28.75
C GLY C 563 -16.44 -16.24 29.92
N TYR C 564 -16.45 -15.49 31.02
CA TYR C 564 -17.05 -15.95 32.27
C TYR C 564 -18.40 -15.28 32.50
N VAL C 565 -19.33 -16.04 33.07
CA VAL C 565 -20.64 -15.51 33.42
C VAL C 565 -20.55 -14.73 34.73
N ALA C 566 -21.59 -13.96 35.03
CA ALA C 566 -21.59 -13.12 36.22
C ALA C 566 -21.37 -13.94 37.49
N GLN C 567 -22.03 -15.09 37.60
CA GLN C 567 -21.80 -15.97 38.75
C GLN C 567 -20.38 -16.51 38.76
N GLU C 568 -19.86 -16.92 37.59
CA GLU C 568 -18.48 -17.39 37.52
C GLU C 568 -17.51 -16.27 37.89
N LYS C 569 -17.77 -15.05 37.42
CA LYS C 569 -16.91 -13.93 37.78
C LYS C 569 -16.97 -13.64 39.27
N LEU C 570 -18.16 -13.76 39.88
CA LEU C 570 -18.29 -13.56 41.31
C LEU C 570 -17.48 -14.59 42.08
N ALA C 571 -17.58 -15.86 41.68
CA ALA C 571 -16.81 -16.91 42.34
C ALA C 571 -15.31 -16.68 42.17
N ILE C 572 -14.88 -16.32 40.96
CA ILE C 572 -13.47 -16.06 40.70
C ILE C 572 -12.98 -14.91 41.57
N ALA C 573 -13.74 -13.82 41.64
CA ALA C 573 -13.33 -12.69 42.46
C ALA C 573 -13.20 -13.10 43.92
N GLU C 574 -14.24 -13.72 44.47
CA GLU C 574 -14.25 -14.07 45.89
C GLU C 574 -13.12 -15.02 46.24
N ARG C 575 -12.83 -15.99 45.37
CA ARG C 575 -11.87 -17.02 45.72
C ARG C 575 -10.43 -16.69 45.33
N TYR C 576 -10.19 -15.85 44.34
CA TYR C 576 -8.83 -15.60 43.90
C TYR C 576 -8.48 -14.11 43.85
N LEU C 577 -9.43 -13.28 43.43
CA LEU C 577 -9.09 -11.87 43.15
C LEU C 577 -9.08 -11.04 44.42
N VAL C 578 -10.13 -11.16 45.23
CA VAL C 578 -10.19 -10.41 46.48
C VAL C 578 -9.04 -10.76 47.42
N PRO C 579 -8.71 -12.04 47.66
CA PRO C 579 -7.54 -12.33 48.51
C PRO C 579 -6.23 -11.76 47.99
N GLN C 580 -5.98 -11.88 46.67
CA GLN C 580 -4.72 -11.38 46.13
C GLN C 580 -4.66 -9.86 46.16
N ALA C 581 -5.76 -9.19 45.83
CA ALA C 581 -5.79 -7.73 45.90
C ALA C 581 -5.62 -7.25 47.34
N ARG C 582 -6.24 -7.96 48.30
CA ARG C 582 -6.06 -7.62 49.70
C ARG C 582 -4.61 -7.79 50.13
N ALA C 583 -3.97 -8.88 49.69
CA ALA C 583 -2.56 -9.10 50.02
C ALA C 583 -1.68 -8.02 49.40
N LEU C 584 -1.97 -7.59 48.18
CA LEU C 584 -1.22 -6.52 47.55
C LEU C 584 -1.43 -5.18 48.27
N CYS C 585 -2.64 -4.92 48.73
CA CYS C 585 -2.93 -3.67 49.44
C CYS C 585 -2.72 -3.77 50.94
N GLY C 586 -2.61 -4.97 51.49
CA GLY C 586 -2.40 -5.13 52.92
C GLY C 586 -3.63 -4.91 53.77
N LEU C 587 -4.82 -4.96 53.18
CA LEU C 587 -6.08 -4.73 53.90
C LEU C 587 -6.78 -6.07 54.10
N ASP C 588 -6.67 -6.60 55.32
CA ASP C 588 -7.43 -7.79 55.67
C ASP C 588 -8.91 -7.44 55.84
N GLU C 589 -9.72 -8.47 56.06
CA GLU C 589 -11.17 -8.29 56.10
C GLU C 589 -11.62 -7.36 57.23
N SER C 590 -10.88 -7.31 58.33
CA SER C 590 -11.27 -6.44 59.43
C SER C 590 -11.09 -4.97 59.10
N LYS C 591 -10.22 -4.63 58.15
CA LYS C 591 -10.02 -3.24 57.76
C LYS C 591 -10.99 -2.79 56.68
N ALA C 592 -11.31 -3.66 55.73
CA ALA C 592 -12.24 -3.33 54.66
C ALA C 592 -13.14 -4.53 54.41
N LYS C 593 -14.45 -4.30 54.39
CA LYS C 593 -15.43 -5.35 54.20
C LYS C 593 -16.00 -5.28 52.79
N LEU C 594 -16.01 -6.43 52.10
CA LEU C 594 -16.58 -6.55 50.75
C LEU C 594 -17.54 -7.74 50.76
N SER C 595 -18.79 -7.48 51.13
CA SER C 595 -19.78 -8.54 51.17
C SER C 595 -20.15 -8.99 49.76
N SER C 596 -20.79 -10.15 49.67
CA SER C 596 -21.21 -10.67 48.38
C SER C 596 -22.23 -9.77 47.72
N ASP C 597 -23.06 -9.07 48.51
CA ASP C 597 -24.04 -8.16 47.95
C ASP C 597 -23.38 -6.99 47.22
N VAL C 598 -22.25 -6.51 47.75
CA VAL C 598 -21.51 -5.45 47.08
C VAL C 598 -20.86 -5.97 45.80
N LEU C 599 -20.25 -7.15 45.86
CA LEU C 599 -19.54 -7.70 44.71
C LEU C 599 -20.49 -8.00 43.57
N THR C 600 -21.66 -8.58 43.86
CA THR C 600 -22.60 -8.91 42.80
C THR C 600 -23.13 -7.64 42.13
N LEU C 601 -23.40 -6.59 42.91
CA LEU C 601 -23.85 -5.33 42.33
C LEU C 601 -22.75 -4.71 41.46
N LEU C 602 -21.51 -4.75 41.96
CA LEU C 602 -20.39 -4.19 41.20
C LEU C 602 -20.20 -4.93 39.88
N ILE C 603 -20.34 -6.26 39.90
CA ILE C 603 -20.23 -7.04 38.66
C ILE C 603 -21.38 -6.72 37.73
N LYS C 604 -22.59 -6.62 38.27
CA LYS C 604 -23.77 -6.37 37.43
C LYS C 604 -23.69 -5.01 36.76
N GLN C 605 -23.21 -3.99 37.46
CA GLN C 605 -23.27 -2.62 36.97
C GLN C 605 -21.96 -2.09 36.40
N TYR C 606 -20.85 -2.80 36.57
CA TYR C 606 -19.57 -2.26 36.11
C TYR C 606 -18.69 -3.22 35.34
N CYS C 607 -18.90 -4.53 35.40
CA CYS C 607 -17.95 -5.51 34.88
C CYS C 607 -18.67 -6.55 34.02
N ARG C 608 -19.47 -6.09 33.07
CA ARG C 608 -20.21 -6.98 32.20
C ARG C 608 -19.39 -7.55 31.05
N GLU C 609 -18.12 -7.15 30.92
CA GLU C 609 -17.30 -7.66 29.83
C GLU C 609 -17.01 -9.15 30.03
N SER C 610 -16.63 -9.80 28.93
CA SER C 610 -16.35 -11.23 28.97
C SER C 610 -15.09 -11.56 29.76
N GLY C 611 -14.13 -10.64 29.81
CA GLY C 611 -12.90 -10.87 30.52
C GLY C 611 -13.04 -10.71 32.03
N VAL C 612 -11.91 -10.65 32.73
CA VAL C 612 -11.90 -10.52 34.19
C VAL C 612 -11.01 -9.38 34.66
N ARG C 613 -10.27 -8.73 33.77
CA ARG C 613 -9.35 -7.68 34.18
C ARG C 613 -10.09 -6.45 34.69
N ASN C 614 -11.24 -6.12 34.10
CA ASN C 614 -12.00 -4.96 34.56
C ASN C 614 -12.53 -5.15 35.97
N LEU C 615 -13.01 -6.36 36.29
CA LEU C 615 -13.46 -6.64 37.66
C LEU C 615 -12.31 -6.52 38.65
N GLN C 616 -11.14 -7.03 38.28
CA GLN C 616 -9.97 -6.88 39.13
C GLN C 616 -9.61 -5.41 39.33
N LYS C 617 -9.70 -4.63 38.27
CA LYS C 617 -9.39 -3.20 38.38
C LYS C 617 -10.36 -2.49 39.31
N GLN C 618 -11.65 -2.80 39.19
CA GLN C 618 -12.64 -2.18 40.07
C GLN C 618 -12.43 -2.57 41.52
N VAL C 619 -12.16 -3.86 41.77
CA VAL C 619 -11.93 -4.32 43.14
C VAL C 619 -10.69 -3.65 43.72
N GLU C 620 -9.62 -3.57 42.92
CA GLU C 620 -8.41 -2.91 43.38
C GLU C 620 -8.64 -1.43 43.62
N LYS C 621 -9.47 -0.79 42.81
CA LYS C 621 -9.80 0.62 43.04
C LYS C 621 -10.52 0.81 44.36
N VAL C 622 -11.49 -0.05 44.64
CA VAL C 622 -12.20 0.03 45.93
C VAL C 622 -11.23 -0.18 47.08
N LEU C 623 -10.37 -1.19 46.98
CA LEU C 623 -9.44 -1.48 48.06
C LEU C 623 -8.42 -0.37 48.25
N ARG C 624 -7.95 0.24 47.17
CA ARG C 624 -6.97 1.31 47.29
C ARG C 624 -7.60 2.59 47.82
N LYS C 625 -8.86 2.86 47.47
CA LYS C 625 -9.54 3.99 48.09
C LYS C 625 -9.76 3.76 49.59
N SER C 626 -10.12 2.53 49.97
CA SER C 626 -10.21 2.20 51.39
C SER C 626 -8.85 2.36 52.07
N ALA C 627 -7.77 1.96 51.40
CA ALA C 627 -6.44 2.11 51.96
C ALA C 627 -6.08 3.59 52.16
N TYR C 628 -6.42 4.43 51.18
CA TYR C 628 -6.17 5.87 51.33
C TYR C 628 -6.97 6.44 52.49
N LYS C 629 -8.24 6.04 52.61
CA LYS C 629 -9.05 6.53 53.73
C LYS C 629 -8.48 6.09 55.07
N ILE C 630 -7.97 4.86 55.15
CA ILE C 630 -7.39 4.37 56.41
C ILE C 630 -6.10 5.12 56.73
N VAL C 631 -5.24 5.29 55.73
CA VAL C 631 -3.95 5.94 55.97
C VAL C 631 -4.14 7.40 56.34
N SER C 632 -5.08 8.09 55.69
CA SER C 632 -5.31 9.50 55.95
C SER C 632 -5.87 9.77 57.34
N GLY C 633 -6.30 8.74 58.06
CA GLY C 633 -6.86 8.91 59.37
C GLY C 633 -8.33 9.23 59.42
N GLU C 634 -9.03 9.17 58.28
CA GLU C 634 -10.47 9.41 58.28
C GLU C 634 -11.20 8.36 59.09
N ALA C 635 -10.81 7.09 58.97
CA ALA C 635 -11.44 6.02 59.73
C ALA C 635 -10.45 4.87 59.85
N GLU C 636 -10.48 4.20 61.00
CA GLU C 636 -9.64 3.02 61.20
C GLU C 636 -10.14 1.82 60.39
N SER C 637 -11.40 1.83 60.00
CA SER C 637 -11.96 0.77 59.14
C SER C 637 -13.13 1.36 58.38
N VAL C 638 -13.39 0.80 57.20
CA VAL C 638 -14.43 1.29 56.30
C VAL C 638 -15.35 0.13 55.94
N GLU C 639 -16.64 0.41 55.83
CA GLU C 639 -17.65 -0.57 55.47
C GLU C 639 -18.20 -0.19 54.10
N VAL C 640 -18.15 -1.13 53.16
CA VAL C 640 -18.66 -0.92 51.80
C VAL C 640 -20.08 -1.45 51.73
N THR C 641 -20.99 -0.61 51.25
CA THR C 641 -22.41 -0.94 51.18
C THR C 641 -22.89 -0.64 49.76
N PRO C 642 -23.97 -1.28 49.33
CA PRO C 642 -24.48 -1.00 47.97
C PRO C 642 -24.90 0.44 47.75
N GLU C 643 -25.25 1.18 48.80
CA GLU C 643 -25.68 2.56 48.62
C GLU C 643 -24.50 3.52 48.50
N ASN C 644 -23.40 3.26 49.21
CA ASN C 644 -22.24 4.13 49.17
C ASN C 644 -21.13 3.61 48.26
N LEU C 645 -21.40 2.59 47.45
CA LEU C 645 -20.39 2.05 46.55
C LEU C 645 -20.00 3.07 45.49
N GLN C 646 -20.95 3.92 45.08
CA GLN C 646 -20.66 4.92 44.04
C GLN C 646 -19.58 5.89 44.47
N ASP C 647 -19.41 6.10 45.78
CA ASP C 647 -18.33 6.96 46.26
C ASP C 647 -16.97 6.37 45.92
N PHE C 648 -16.86 5.04 45.86
CA PHE C 648 -15.58 4.39 45.57
C PHE C 648 -15.41 4.14 44.08
N VAL C 649 -16.30 3.35 43.49
CA VAL C 649 -16.14 2.99 42.09
C VAL C 649 -16.42 4.19 41.17
N GLY C 650 -17.47 4.95 41.44
CA GLY C 650 -17.86 6.06 40.60
C GLY C 650 -19.25 5.89 40.02
N LYS C 651 -19.47 6.54 38.88
CA LYS C 651 -20.76 6.48 38.21
C LYS C 651 -21.01 5.07 37.68
N PRO C 652 -22.21 4.52 37.89
CA PRO C 652 -22.54 3.22 37.28
C PRO C 652 -22.50 3.29 35.76
N VAL C 653 -22.05 2.21 35.15
CA VAL C 653 -21.96 2.14 33.69
C VAL C 653 -23.28 1.66 33.08
N PHE C 654 -23.76 0.49 33.50
CA PHE C 654 -25.02 -0.06 33.04
C PHE C 654 -26.05 0.07 34.17
N THR C 655 -27.19 0.69 33.87
CA THR C 655 -28.20 0.97 34.89
C THR C 655 -29.59 0.44 34.57
N VAL C 656 -29.93 0.24 33.30
CA VAL C 656 -31.27 -0.19 32.94
C VAL C 656 -31.20 -1.29 31.89
N GLU C 657 -32.00 -2.35 32.05
CA GLU C 657 -31.98 -3.48 31.14
C GLU C 657 -33.16 -3.48 30.18
N ARG C 658 -34.28 -2.85 30.55
CA ARG C 658 -35.47 -2.82 29.71
C ARG C 658 -35.93 -1.38 29.53
N MET C 659 -36.20 -1.01 28.28
CA MET C 659 -36.77 0.31 28.01
C MET C 659 -38.26 0.37 28.29
N TYR C 660 -38.96 -0.76 28.23
CA TYR C 660 -40.39 -0.82 28.47
C TYR C 660 -40.65 -1.74 29.65
N ASP C 661 -41.49 -1.27 30.58
CA ASP C 661 -42.02 -2.17 31.60
C ASP C 661 -43.28 -2.88 31.11
N VAL C 662 -44.09 -2.20 30.30
CA VAL C 662 -45.26 -2.78 29.66
C VAL C 662 -45.19 -2.45 28.18
N THR C 663 -45.33 -3.47 27.34
CA THR C 663 -45.20 -3.25 25.90
C THR C 663 -46.53 -2.84 25.30
N PRO C 664 -46.60 -1.68 24.65
CA PRO C 664 -47.84 -1.27 23.99
C PRO C 664 -48.03 -2.01 22.68
N PRO C 665 -49.19 -1.90 22.05
CA PRO C 665 -49.39 -2.53 20.74
C PRO C 665 -48.38 -2.02 19.72
N GLY C 666 -47.88 -2.94 18.89
CA GLY C 666 -46.88 -2.60 17.90
C GLY C 666 -45.45 -2.63 18.41
N VAL C 667 -45.23 -3.00 19.66
CA VAL C 667 -43.90 -3.07 20.24
C VAL C 667 -43.70 -4.46 20.84
N VAL C 668 -42.56 -5.07 20.52
CA VAL C 668 -42.24 -6.41 21.01
C VAL C 668 -40.74 -6.45 21.30
N MET C 669 -40.36 -7.30 22.26
CA MET C 669 -39.01 -7.33 22.79
C MET C 669 -38.19 -8.39 22.06
N GLY C 670 -37.01 -8.00 21.58
CA GLY C 670 -36.07 -8.91 20.96
C GLY C 670 -34.79 -9.04 21.76
N LEU C 671 -33.84 -9.75 21.16
CA LEU C 671 -32.54 -10.00 21.77
C LEU C 671 -31.43 -9.73 20.75
N ALA C 672 -30.25 -9.37 21.26
CA ALA C 672 -29.12 -9.02 20.42
C ALA C 672 -27.83 -9.49 21.06
N TRP C 673 -26.78 -9.57 20.25
CA TRP C 673 -25.45 -9.99 20.70
C TRP C 673 -24.50 -8.80 20.70
N THR C 674 -23.79 -8.62 21.81
CA THR C 674 -22.82 -7.54 21.94
C THR C 674 -21.59 -8.05 22.68
N ALA C 675 -20.50 -7.30 22.55
CA ALA C 675 -19.27 -7.67 23.24
C ALA C 675 -19.43 -7.63 24.75
N MET C 676 -20.12 -6.62 25.27
CA MET C 676 -20.39 -6.51 26.71
C MET C 676 -21.55 -7.38 27.16
N GLY C 677 -21.50 -8.67 26.86
CA GLY C 677 -22.61 -9.56 27.17
C GLY C 677 -23.76 -9.34 26.21
N GLY C 678 -24.89 -10.00 26.46
CA GLY C 678 -26.05 -9.83 25.62
C GLY C 678 -26.71 -8.47 25.84
N SER C 679 -27.58 -8.12 24.89
CA SER C 679 -28.32 -6.88 24.97
C SER C 679 -29.71 -7.09 24.39
N THR C 680 -30.70 -6.42 24.98
CA THR C 680 -32.06 -6.53 24.50
C THR C 680 -32.42 -5.34 23.63
N LEU C 681 -33.29 -5.57 22.66
CA LEU C 681 -33.77 -4.51 21.78
C LEU C 681 -35.28 -4.67 21.59
N PHE C 682 -35.95 -3.53 21.41
CA PHE C 682 -37.39 -3.49 21.23
C PHE C 682 -37.68 -3.00 19.83
N VAL C 683 -38.49 -3.74 19.08
CA VAL C 683 -38.90 -3.29 17.76
C VAL C 683 -40.17 -2.46 17.90
N GLU C 684 -40.15 -1.24 17.35
CA GLU C 684 -41.24 -0.30 17.50
C GLU C 684 -41.85 0.00 16.13
N THR C 685 -43.19 -0.04 16.08
CA THR C 685 -43.92 0.26 14.85
C THR C 685 -45.06 1.22 15.19
N SER C 686 -45.36 2.10 14.23
CA SER C 686 -46.43 3.06 14.40
C SER C 686 -46.88 3.53 13.03
N LEU C 687 -48.11 4.06 12.98
CA LEU C 687 -48.65 4.58 11.73
C LEU C 687 -47.92 5.86 11.32
N ARG C 688 -47.81 6.06 10.01
CA ARG C 688 -47.21 7.26 9.45
C ARG C 688 -48.23 8.17 8.78
N ARG C 689 -49.39 7.65 8.40
CA ARG C 689 -50.49 8.42 7.85
C ARG C 689 -51.76 8.01 8.56
N PRO C 690 -52.80 8.87 8.54
CA PRO C 690 -54.02 8.56 9.31
C PRO C 690 -54.87 7.46 8.70
N GLN C 691 -54.33 6.75 7.72
CA GLN C 691 -55.01 5.60 7.10
C GLN C 691 -56.35 6.00 6.48
N LYS C 699 -54.12 2.34 -4.64
CA LYS C 699 -52.99 2.62 -3.78
C LYS C 699 -52.77 1.48 -2.77
N ASP C 700 -51.57 1.41 -2.20
CA ASP C 700 -51.23 0.40 -1.23
C ASP C 700 -50.27 0.97 -0.19
N GLY C 701 -50.15 0.27 0.92
CA GLY C 701 -49.29 0.71 2.00
C GLY C 701 -47.82 0.47 1.71
N SER C 702 -46.99 0.99 2.62
CA SER C 702 -45.54 0.86 2.49
C SER C 702 -44.92 0.89 3.87
N LEU C 703 -43.70 0.36 3.96
CA LEU C 703 -42.97 0.27 5.23
C LEU C 703 -41.67 1.04 5.12
N GLU C 704 -41.43 1.90 6.11
CA GLU C 704 -40.18 2.65 6.22
C GLU C 704 -39.45 2.18 7.47
N VAL C 705 -38.17 1.85 7.31
CA VAL C 705 -37.36 1.28 8.38
C VAL C 705 -36.22 2.24 8.70
N THR C 706 -36.03 2.52 9.98
CA THR C 706 -34.97 3.41 10.45
C THR C 706 -34.32 2.79 11.69
N GLY C 707 -33.13 3.29 12.02
CA GLY C 707 -32.42 2.79 13.18
C GLY C 707 -31.04 2.27 12.86
N GLN C 708 -30.44 2.76 11.78
CA GLN C 708 -29.10 2.36 11.34
C GLN C 708 -29.02 0.85 11.13
N LEU C 709 -30.08 0.27 10.59
CA LEU C 709 -30.08 -1.14 10.27
C LEU C 709 -29.22 -1.41 9.03
N GLY C 710 -28.49 -2.52 9.06
CA GLY C 710 -27.64 -2.87 7.93
C GLY C 710 -28.44 -3.39 6.75
N GLU C 711 -27.72 -3.68 5.67
CA GLU C 711 -28.37 -4.17 4.46
C GLU C 711 -29.02 -5.53 4.68
N VAL C 712 -28.38 -6.40 5.47
CA VAL C 712 -28.99 -7.69 5.79
C VAL C 712 -30.25 -7.50 6.63
N MET C 713 -30.18 -6.60 7.61
CA MET C 713 -31.35 -6.37 8.46
C MET C 713 -32.49 -5.71 7.69
N LYS C 714 -32.18 -4.85 6.72
CA LYS C 714 -33.23 -4.28 5.89
C LYS C 714 -33.91 -5.36 5.05
N GLU C 715 -33.13 -6.29 4.50
CA GLU C 715 -33.71 -7.40 3.75
C GLU C 715 -34.57 -8.27 4.66
N SER C 716 -34.11 -8.52 5.88
CA SER C 716 -34.91 -9.27 6.84
C SER C 716 -36.21 -8.55 7.17
N ALA C 717 -36.16 -7.22 7.29
CA ALA C 717 -37.37 -6.44 7.54
C ALA C 717 -38.33 -6.55 6.37
N ARG C 718 -37.82 -6.50 5.13
CA ARG C 718 -38.68 -6.65 3.96
C ARG C 718 -39.34 -8.02 3.93
N ILE C 719 -38.56 -9.07 4.21
CA ILE C 719 -39.10 -10.42 4.25
C ILE C 719 -40.16 -10.53 5.34
N ALA C 720 -39.90 -9.94 6.50
CA ALA C 720 -40.86 -9.95 7.59
C ALA C 720 -42.14 -9.24 7.20
N TYR C 721 -42.02 -8.11 6.50
CA TYR C 721 -43.21 -7.36 6.07
C TYR C 721 -44.05 -8.17 5.11
N THR C 722 -43.42 -8.79 4.10
CA THR C 722 -44.21 -9.55 3.13
C THR C 722 -44.81 -10.80 3.76
N PHE C 723 -44.06 -11.45 4.66
CA PHE C 723 -44.62 -12.62 5.35
C PHE C 723 -45.77 -12.24 6.26
N ALA C 724 -45.68 -11.09 6.94
CA ALA C 724 -46.78 -10.62 7.77
C ALA C 724 -48.01 -10.33 6.92
N ARG C 725 -47.80 -9.70 5.76
CA ARG C 725 -48.91 -9.49 4.83
C ARG C 725 -49.57 -10.81 4.45
N ALA C 726 -48.76 -11.79 4.06
CA ALA C 726 -49.31 -13.09 3.66
C ALA C 726 -50.03 -13.78 4.81
N PHE C 727 -49.47 -13.71 6.01
CA PHE C 727 -50.06 -14.38 7.16
C PHE C 727 -51.40 -13.76 7.54
N LEU C 728 -51.46 -12.42 7.58
CA LEU C 728 -52.71 -11.76 7.92
C LEU C 728 -53.73 -11.87 6.79
N MET C 729 -53.26 -12.11 5.56
CA MET C 729 -54.18 -12.31 4.44
C MET C 729 -55.05 -13.55 4.63
N GLN C 730 -54.54 -14.58 5.31
CA GLN C 730 -55.28 -15.82 5.50
C GLN C 730 -55.77 -16.04 6.93
N HIS C 731 -55.09 -15.52 7.94
CA HIS C 731 -55.59 -15.67 9.30
C HIS C 731 -56.82 -14.80 9.53
N ALA C 732 -56.85 -13.61 8.93
CA ALA C 732 -58.00 -12.71 9.03
C ALA C 732 -58.10 -11.92 7.73
N PRO C 733 -58.74 -12.49 6.71
CA PRO C 733 -58.79 -11.82 5.40
C PRO C 733 -59.45 -10.45 5.44
N ALA C 734 -60.43 -10.24 6.33
CA ALA C 734 -61.11 -8.95 6.40
C ALA C 734 -60.21 -7.84 6.93
N ASN C 735 -59.07 -8.19 7.53
CA ASN C 735 -58.17 -7.19 8.12
C ASN C 735 -57.14 -6.79 7.07
N ASP C 736 -57.48 -5.75 6.31
CA ASP C 736 -56.60 -5.20 5.28
C ASP C 736 -55.64 -4.14 5.82
N TYR C 737 -55.34 -4.17 7.11
CA TYR C 737 -54.50 -3.14 7.72
C TYR C 737 -53.09 -3.14 7.11
N LEU C 738 -52.50 -4.32 6.94
CA LEU C 738 -51.11 -4.38 6.51
C LEU C 738 -50.93 -4.08 5.03
N VAL C 739 -51.99 -4.20 4.22
CA VAL C 739 -51.86 -3.98 2.78
C VAL C 739 -52.26 -2.58 2.35
N THR C 740 -52.83 -1.77 3.25
CA THR C 740 -53.27 -0.42 2.90
C THR C 740 -52.62 0.68 3.72
N SER C 741 -52.20 0.40 4.95
CA SER C 741 -51.67 1.42 5.84
C SER C 741 -50.17 1.59 5.62
N HIS C 742 -49.69 2.81 5.86
CA HIS C 742 -48.27 3.14 5.80
C HIS C 742 -47.69 3.04 7.20
N ILE C 743 -46.68 2.18 7.36
CA ILE C 743 -46.15 1.85 8.68
C ILE C 743 -44.69 2.25 8.74
N HIS C 744 -44.31 2.88 9.86
CA HIS C 744 -42.93 3.21 10.16
C HIS C 744 -42.41 2.23 11.20
N LEU C 745 -41.24 1.65 10.93
CA LEU C 745 -40.61 0.68 11.82
C LEU C 745 -39.28 1.24 12.30
N HIS C 746 -39.08 1.23 13.61
CA HIS C 746 -37.86 1.76 14.21
C HIS C 746 -37.30 0.78 15.23
N VAL C 747 -35.98 0.78 15.34
CA VAL C 747 -35.26 0.09 16.41
C VAL C 747 -34.49 1.14 17.18
N PRO C 748 -34.85 1.42 18.44
CA PRO C 748 -34.26 2.56 19.15
C PRO C 748 -32.78 2.41 19.44
N GLU C 749 -32.20 3.41 20.12
CA GLU C 749 -30.76 3.55 20.26
C GLU C 749 -30.12 3.60 18.87
N GLY C 750 -30.51 4.64 18.13
CA GLY C 750 -30.16 4.76 16.73
C GLY C 750 -28.71 5.10 16.47
N ALA C 751 -27.97 5.52 17.50
CA ALA C 751 -26.57 5.84 17.32
C ALA C 751 -25.69 4.61 17.14
N THR C 752 -26.15 3.45 17.59
CA THR C 752 -25.36 2.22 17.49
C THR C 752 -25.80 1.42 16.26
N PRO C 753 -24.89 1.15 15.31
CA PRO C 753 -25.26 0.30 14.17
C PRO C 753 -25.58 -1.12 14.63
N LYS C 754 -26.54 -1.74 13.94
CA LYS C 754 -26.95 -3.10 14.24
C LYS C 754 -27.18 -3.85 12.93
N ASP C 755 -26.81 -5.13 12.92
CA ASP C 755 -26.95 -5.95 11.72
C ASP C 755 -27.24 -7.38 12.13
N GLY C 756 -27.80 -8.14 11.19
CA GLY C 756 -28.11 -9.53 11.42
C GLY C 756 -29.57 -9.86 11.18
N PRO C 757 -29.84 -11.04 10.61
CA PRO C 757 -31.21 -11.43 10.32
C PRO C 757 -31.94 -12.05 11.50
N SER C 758 -31.36 -12.01 12.71
CA SER C 758 -31.92 -12.70 13.87
C SER C 758 -33.23 -12.10 14.33
N ALA C 759 -33.59 -10.92 13.81
CA ALA C 759 -34.75 -10.18 14.27
C ALA C 759 -35.96 -10.31 13.35
N GLY C 760 -35.97 -11.30 12.45
CA GLY C 760 -37.08 -11.42 11.51
C GLY C 760 -38.40 -11.71 12.20
N CYS C 761 -38.41 -12.72 13.10
CA CYS C 761 -39.63 -13.08 13.78
C CYS C 761 -40.09 -11.98 14.72
N THR C 762 -39.15 -11.26 15.33
CA THR C 762 -39.51 -10.12 16.16
C THR C 762 -40.24 -9.05 15.35
N ILE C 763 -39.74 -8.77 14.15
CA ILE C 763 -40.39 -7.79 13.28
C ILE C 763 -41.77 -8.26 12.84
N VAL C 764 -41.88 -9.55 12.51
CA VAL C 764 -43.20 -10.09 12.13
C VAL C 764 -44.18 -9.95 13.27
N THR C 765 -43.75 -10.28 14.49
CA THR C 765 -44.62 -10.16 15.65
C THR C 765 -45.02 -8.71 15.92
N ALA C 766 -44.08 -7.78 15.78
CA ALA C 766 -44.39 -6.37 15.96
C ALA C 766 -45.44 -5.91 14.94
N LEU C 767 -45.25 -6.27 13.68
CA LEU C 767 -46.19 -5.87 12.64
C LEU C 767 -47.57 -6.46 12.88
N LEU C 768 -47.63 -7.73 13.27
CA LEU C 768 -48.93 -8.35 13.51
C LEU C 768 -49.61 -7.76 14.75
N SER C 769 -48.83 -7.47 15.79
CA SER C 769 -49.40 -6.85 16.99
C SER C 769 -49.94 -5.46 16.70
N LEU C 770 -49.24 -4.70 15.87
CA LEU C 770 -49.76 -3.40 15.45
C LEU C 770 -51.02 -3.56 14.61
N ALA C 771 -51.04 -4.55 13.71
CA ALA C 771 -52.19 -4.74 12.84
C ALA C 771 -53.44 -5.13 13.61
N MET C 772 -53.32 -6.05 14.57
CA MET C 772 -54.48 -6.49 15.33
C MET C 772 -54.74 -5.63 16.56
N GLY C 773 -53.86 -4.70 16.89
CA GLY C 773 -54.04 -3.87 18.07
C GLY C 773 -54.04 -4.63 19.36
N ARG C 774 -53.15 -5.62 19.48
CA ARG C 774 -53.06 -6.46 20.67
C ARG C 774 -51.60 -6.54 21.11
N PRO C 775 -51.32 -6.34 22.40
CA PRO C 775 -49.95 -6.50 22.88
C PRO C 775 -49.58 -7.95 23.07
N VAL C 776 -48.28 -8.23 22.89
CA VAL C 776 -47.74 -9.56 23.10
C VAL C 776 -47.65 -9.84 24.58
N ARG C 777 -47.37 -11.08 24.96
CA ARG C 777 -47.13 -11.42 26.35
C ARG C 777 -46.11 -10.48 26.96
N GLN C 778 -46.46 -9.87 28.10
CA GLN C 778 -45.73 -8.72 28.62
C GLN C 778 -44.35 -9.07 29.12
N ASN C 779 -43.99 -10.34 29.24
CA ASN C 779 -42.66 -10.77 29.65
C ASN C 779 -42.12 -11.82 28.69
N LEU C 780 -42.27 -11.56 27.40
CA LEU C 780 -41.89 -12.50 26.36
C LEU C 780 -40.84 -11.89 25.44
N ALA C 781 -39.85 -12.71 25.07
CA ALA C 781 -38.82 -12.32 24.13
C ALA C 781 -38.66 -13.39 23.07
N MET C 782 -38.27 -12.98 21.87
CA MET C 782 -38.14 -13.90 20.75
C MET C 782 -36.92 -13.53 19.92
N THR C 783 -36.34 -14.53 19.26
CA THR C 783 -35.28 -14.33 18.29
C THR C 783 -35.32 -15.47 17.29
N GLY C 784 -34.73 -15.23 16.12
CA GLY C 784 -34.68 -16.23 15.08
C GLY C 784 -34.99 -15.71 13.69
N GLU C 785 -34.18 -16.09 12.72
CA GLU C 785 -34.42 -15.69 11.34
C GLU C 785 -35.67 -16.35 10.81
N VAL C 786 -36.45 -15.58 10.04
CA VAL C 786 -37.70 -16.08 9.45
C VAL C 786 -37.52 -16.11 7.94
N SER C 787 -37.95 -17.20 7.32
CA SER C 787 -37.92 -17.33 5.88
C SER C 787 -39.14 -16.64 5.25
N LEU C 788 -39.14 -16.59 3.92
CA LEU C 788 -40.25 -15.95 3.23
C LEU C 788 -41.56 -16.69 3.47
N THR C 789 -41.53 -18.02 3.50
CA THR C 789 -42.73 -18.79 3.74
C THR C 789 -43.08 -18.88 5.22
N GLY C 790 -42.21 -18.39 6.10
CA GLY C 790 -42.48 -18.38 7.53
C GLY C 790 -41.72 -19.39 8.35
N LYS C 791 -40.84 -20.18 7.74
CA LYS C 791 -40.02 -21.10 8.50
C LYS C 791 -38.99 -20.33 9.32
N ILE C 792 -38.70 -20.84 10.51
CA ILE C 792 -37.78 -20.19 11.44
C ILE C 792 -36.43 -20.89 11.34
N LEU C 793 -35.37 -20.11 11.15
CA LEU C 793 -34.02 -20.63 10.98
C LEU C 793 -33.16 -20.35 12.20
N PRO C 794 -32.16 -21.18 12.47
CA PRO C 794 -31.33 -20.97 13.66
C PRO C 794 -30.50 -19.69 13.55
N VAL C 795 -30.19 -19.14 14.72
CA VAL C 795 -29.36 -17.94 14.83
C VAL C 795 -28.24 -18.20 15.83
N GLY C 796 -27.17 -17.42 15.70
CA GLY C 796 -26.04 -17.56 16.59
C GLY C 796 -26.16 -16.72 17.85
N GLY C 797 -25.18 -16.89 18.73
CA GLY C 797 -25.16 -16.16 19.98
C GLY C 797 -26.29 -16.50 20.92
N ILE C 798 -26.62 -17.79 21.07
CA ILE C 798 -27.71 -18.18 21.95
C ILE C 798 -27.36 -17.89 23.41
N LYS C 799 -26.11 -18.08 23.79
CA LYS C 799 -25.70 -17.86 25.17
C LYS C 799 -25.90 -16.40 25.58
N GLU C 800 -25.42 -15.46 24.75
CA GLU C 800 -25.53 -14.05 25.09
C GLU C 800 -26.99 -13.61 25.10
N LYS C 801 -27.79 -14.09 24.14
CA LYS C 801 -29.20 -13.74 24.11
C LYS C 801 -29.92 -14.27 25.35
N THR C 802 -29.62 -15.50 25.75
CA THR C 802 -30.24 -16.07 26.95
C THR C 802 -29.84 -15.29 28.20
N ILE C 803 -28.55 -14.91 28.30
CA ILE C 803 -28.09 -14.14 29.46
C ILE C 803 -28.81 -12.79 29.50
N ALA C 804 -28.92 -12.13 28.36
CA ALA C 804 -29.60 -10.84 28.31
C ALA C 804 -31.07 -10.98 28.69
N ALA C 805 -31.73 -12.03 28.19
CA ALA C 805 -33.13 -12.23 28.49
C ALA C 805 -33.34 -12.49 29.98
N LYS C 806 -32.50 -13.34 30.58
CA LYS C 806 -32.64 -13.62 32.00
C LYS C 806 -32.35 -12.38 32.85
N ARG C 807 -31.33 -11.60 32.47
CA ARG C 807 -31.01 -10.39 33.20
C ARG C 807 -32.13 -9.35 33.08
N ALA C 808 -32.87 -9.37 31.97
CA ALA C 808 -33.99 -8.47 31.80
C ALA C 808 -35.25 -8.94 32.51
N GLY C 809 -35.23 -10.13 33.09
CA GLY C 809 -36.38 -10.63 33.84
C GLY C 809 -37.53 -11.13 32.99
N VAL C 810 -37.23 -11.80 31.88
CA VAL C 810 -38.30 -12.37 31.06
C VAL C 810 -38.78 -13.68 31.68
N THR C 811 -40.03 -14.04 31.41
CA THR C 811 -40.59 -15.28 31.90
C THR C 811 -40.60 -16.37 30.84
N CYS C 812 -40.71 -16.02 29.57
CA CYS C 812 -40.72 -17.00 28.48
C CYS C 812 -39.86 -16.50 27.35
N ILE C 813 -39.21 -17.43 26.66
CA ILE C 813 -38.32 -17.11 25.55
C ILE C 813 -38.64 -18.05 24.38
N VAL C 814 -38.63 -17.51 23.17
CA VAL C 814 -38.93 -18.27 21.96
C VAL C 814 -37.65 -18.40 21.15
N LEU C 815 -37.29 -19.63 20.81
CA LEU C 815 -36.09 -19.93 20.06
C LEU C 815 -36.40 -20.87 18.90
N PRO C 816 -35.62 -20.82 17.83
CA PRO C 816 -35.77 -21.82 16.77
C PRO C 816 -35.42 -23.20 17.29
N ALA C 817 -36.13 -24.21 16.77
CA ALA C 817 -35.91 -25.57 17.24
C ALA C 817 -34.52 -26.08 16.89
N GLU C 818 -33.90 -25.52 15.85
CA GLU C 818 -32.54 -25.91 15.50
C GLU C 818 -31.51 -25.44 16.53
N ASN C 819 -31.89 -24.56 17.44
CA ASN C 819 -31.00 -24.08 18.49
C ASN C 819 -31.19 -24.82 19.80
N LYS C 820 -31.89 -25.96 19.79
CA LYS C 820 -32.16 -26.70 21.02
C LYS C 820 -30.87 -27.15 21.69
N LYS C 821 -29.93 -27.68 20.90
CA LYS C 821 -28.65 -28.10 21.46
C LYS C 821 -27.80 -26.93 21.94
N ASP C 822 -27.91 -25.77 21.29
CA ASP C 822 -27.21 -24.59 21.77
C ASP C 822 -27.76 -24.12 23.11
N PHE C 823 -29.07 -24.20 23.28
CA PHE C 823 -29.69 -23.77 24.54
C PHE C 823 -29.40 -24.75 25.67
N TYR C 824 -29.53 -26.05 25.40
CA TYR C 824 -29.38 -27.03 26.48
C TYR C 824 -27.94 -27.29 26.88
N ASP C 825 -26.95 -26.81 26.12
CA ASP C 825 -25.56 -26.91 26.55
C ASP C 825 -25.17 -25.80 27.51
N LEU C 826 -26.04 -24.84 27.75
CA LEU C 826 -25.78 -23.79 28.73
C LEU C 826 -25.79 -24.37 30.15
N ALA C 827 -25.19 -23.62 31.07
CA ALA C 827 -25.13 -24.06 32.46
C ALA C 827 -26.54 -24.12 33.06
N ALA C 828 -26.70 -24.96 34.08
CA ALA C 828 -28.01 -25.17 34.68
C ALA C 828 -28.54 -23.90 35.33
N PHE C 829 -27.68 -23.13 35.98
CA PHE C 829 -28.13 -21.93 36.69
C PHE C 829 -28.57 -20.82 35.74
N ILE C 830 -28.30 -20.96 34.45
CA ILE C 830 -28.72 -19.94 33.48
C ILE C 830 -30.15 -20.20 33.00
N THR C 831 -30.42 -21.43 32.56
CA THR C 831 -31.68 -21.75 31.92
C THR C 831 -32.77 -22.16 32.90
N GLU C 832 -32.48 -22.19 34.20
CA GLU C 832 -33.44 -22.71 35.17
C GLU C 832 -34.70 -21.87 35.25
N GLY C 833 -34.59 -20.55 35.08
CA GLY C 833 -35.72 -19.66 35.30
C GLY C 833 -36.55 -19.30 34.08
N LEU C 834 -36.19 -19.79 32.91
CA LEU C 834 -36.84 -19.39 31.66
C LEU C 834 -37.73 -20.52 31.15
N GLU C 835 -38.97 -20.17 30.80
CA GLU C 835 -39.89 -21.09 30.13
C GLU C 835 -39.59 -21.04 28.63
N VAL C 836 -38.68 -21.90 28.19
CA VAL C 836 -38.20 -21.86 26.82
C VAL C 836 -39.21 -22.53 25.90
N HIS C 837 -39.45 -21.91 24.74
CA HIS C 837 -40.29 -22.47 23.70
C HIS C 837 -39.47 -22.61 22.42
N PHE C 838 -39.52 -23.78 21.80
CA PHE C 838 -38.81 -24.05 20.56
C PHE C 838 -39.82 -24.17 19.42
N VAL C 839 -39.50 -23.53 18.29
CA VAL C 839 -40.43 -23.42 17.17
C VAL C 839 -39.73 -23.79 15.87
N GLU C 840 -40.52 -24.22 14.89
CA GLU C 840 -40.04 -24.46 13.54
C GLU C 840 -40.74 -23.63 12.49
N HIS C 841 -41.98 -23.21 12.74
CA HIS C 841 -42.73 -22.35 11.84
C HIS C 841 -43.35 -21.23 12.67
N TYR C 842 -43.58 -20.08 12.02
CA TYR C 842 -44.04 -18.90 12.76
C TYR C 842 -45.44 -19.11 13.34
N ARG C 843 -46.21 -20.06 12.82
CA ARG C 843 -47.55 -20.28 13.35
C ARG C 843 -47.52 -20.72 14.81
N GLU C 844 -46.40 -21.29 15.28
CA GLU C 844 -46.23 -21.57 16.69
C GLU C 844 -45.94 -20.31 17.48
N ILE C 845 -45.12 -19.41 16.92
CA ILE C 845 -44.79 -18.16 17.58
C ILE C 845 -46.04 -17.30 17.74
N PHE C 846 -46.93 -17.35 16.74
CA PHE C 846 -48.17 -16.59 16.82
C PHE C 846 -49.03 -17.05 17.99
N ASP C 847 -49.13 -18.36 18.20
CA ASP C 847 -49.90 -18.89 19.31
C ASP C 847 -49.22 -18.66 20.65
N ILE C 848 -47.88 -18.65 20.69
CA ILE C 848 -47.18 -18.38 21.93
C ILE C 848 -47.34 -16.91 22.33
N ALA C 849 -47.21 -16.00 21.37
CA ALA C 849 -47.22 -14.57 21.67
C ALA C 849 -48.64 -14.04 21.89
N PHE C 850 -49.63 -14.62 21.21
CA PHE C 850 -51.01 -14.13 21.25
C PHE C 850 -51.96 -15.24 21.65
N PRO C 851 -51.96 -15.65 22.92
CA PRO C 851 -52.95 -16.63 23.37
C PRO C 851 -54.34 -16.03 23.46
N ASP C 852 -55.34 -16.89 23.34
CA ASP C 852 -56.74 -16.46 23.44
C ASP C 852 -57.10 -16.08 24.86
N GLN D 279 73.73 -4.85 -15.13
CA GLN D 279 73.08 -3.73 -14.45
C GLN D 279 72.74 -4.07 -13.01
N GLN D 280 73.53 -3.55 -12.07
CA GLN D 280 73.32 -3.80 -10.65
C GLN D 280 72.32 -2.84 -10.02
N ARG D 281 71.51 -2.14 -10.81
CA ARG D 281 70.51 -1.25 -10.24
C ARG D 281 69.46 -2.05 -9.46
N LEU D 282 69.08 -3.22 -9.97
CA LEU D 282 68.16 -4.08 -9.23
C LEU D 282 68.78 -4.55 -7.91
N GLY D 283 70.08 -4.87 -7.93
CA GLY D 283 70.75 -5.22 -6.69
C GLY D 283 70.81 -4.09 -5.70
N ARG D 284 71.03 -2.86 -6.18
CA ARG D 284 71.01 -1.70 -5.30
C ARG D 284 69.61 -1.48 -4.71
N GLU D 285 68.57 -1.69 -5.52
CA GLU D 285 67.20 -1.59 -5.01
C GLU D 285 66.92 -2.66 -3.96
N VAL D 286 67.44 -3.88 -4.18
CA VAL D 286 67.27 -4.94 -3.19
C VAL D 286 68.00 -4.59 -1.90
N GLU D 287 69.19 -3.99 -2.02
CA GLU D 287 69.92 -3.55 -0.84
C GLU D 287 69.15 -2.46 -0.09
N GLU D 288 68.53 -1.54 -0.83
CA GLU D 288 67.69 -0.52 -0.20
C GLU D 288 66.49 -1.15 0.49
N LYS D 289 65.91 -2.19 -0.10
CA LYS D 289 64.82 -2.90 0.55
C LYS D 289 65.29 -3.59 1.82
N ILE D 290 66.50 -4.15 1.81
CA ILE D 290 67.06 -4.75 3.02
C ILE D 290 67.28 -3.70 4.09
N LYS D 291 67.74 -2.51 3.68
CA LYS D 291 67.89 -1.40 4.62
C LYS D 291 66.54 -0.99 5.20
N GLN D 292 65.50 -1.00 4.37
CA GLN D 292 64.16 -0.71 4.86
C GLN D 292 63.69 -1.77 5.85
N THR D 293 64.03 -3.04 5.60
CA THR D 293 63.71 -4.09 6.55
C THR D 293 64.44 -3.89 7.88
N HIS D 294 65.70 -3.47 7.82
CA HIS D 294 66.44 -3.15 9.04
C HIS D 294 65.80 -1.97 9.76
N ARG D 295 65.32 -0.97 9.00
CA ARG D 295 64.59 0.15 9.60
C ARG D 295 63.31 -0.33 10.26
N LYS D 296 62.61 -1.29 9.66
CA LYS D 296 61.42 -1.85 10.28
C LYS D 296 61.77 -2.59 11.57
N TYR D 297 62.89 -3.30 11.58
CA TYR D 297 63.36 -3.94 12.81
C TYR D 297 63.64 -2.91 13.89
N LEU D 298 64.30 -1.81 13.53
CA LEU D 298 64.55 -0.73 14.48
C LEU D 298 63.24 -0.12 14.97
N LEU D 299 62.27 0.01 14.07
CA LEU D 299 60.96 0.53 14.45
C LEU D 299 60.25 -0.39 15.45
N GLN D 300 60.36 -1.71 15.23
CA GLN D 300 59.80 -2.65 16.19
C GLN D 300 60.49 -2.55 17.54
N GLU D 301 61.82 -2.40 17.54
CA GLU D 301 62.54 -2.22 18.79
C GLU D 301 62.10 -0.95 19.51
N GLN D 302 61.93 0.14 18.75
CA GLN D 302 61.47 1.40 19.34
C GLN D 302 60.05 1.27 19.86
N LEU D 303 59.20 0.51 19.15
CA LEU D 303 57.84 0.27 19.64
C LEU D 303 57.84 -0.49 20.94
N LYS D 304 58.71 -1.51 21.05
CA LYS D 304 58.84 -2.23 22.32
C LYS D 304 59.34 -1.30 23.42
N ILE D 305 60.31 -0.44 23.10
CA ILE D 305 60.84 0.50 24.09
C ILE D 305 59.74 1.44 24.58
N ILE D 306 58.93 1.95 23.65
CA ILE D 306 57.83 2.84 24.02
C ILE D 306 56.80 2.09 24.85
N LYS D 307 56.44 0.87 24.45
CA LYS D 307 55.43 0.11 25.18
C LYS D 307 55.90 -0.26 26.58
N LYS D 308 57.21 -0.37 26.79
CA LYS D 308 57.74 -0.66 28.11
C LYS D 308 57.24 0.35 29.15
N GLU D 309 57.21 1.63 28.78
CA GLU D 309 56.67 2.65 29.66
C GLU D 309 55.18 2.90 29.43
N LEU D 310 54.67 2.60 28.24
CA LEU D 310 53.27 2.81 27.94
C LEU D 310 52.37 1.79 28.62
N GLY D 311 52.92 0.66 29.07
CA GLY D 311 52.11 -0.32 29.77
C GLY D 311 51.58 0.11 31.12
N LEU D 312 52.10 1.22 31.65
CA LEU D 312 51.63 1.73 32.93
C LEU D 312 50.23 2.31 32.79
N GLU D 313 49.42 2.14 33.84
CA GLU D 313 48.06 2.68 33.91
C GLU D 313 47.20 2.18 32.77
N LYS D 314 47.34 0.90 32.42
CA LYS D 314 46.56 0.26 31.38
C LYS D 314 45.70 -0.85 31.98
N ASP D 315 45.01 -1.57 31.09
CA ASP D 315 44.07 -2.61 31.48
C ASP D 315 44.51 -3.94 30.90
N ASP D 316 44.04 -5.03 31.52
CA ASP D 316 44.40 -6.37 31.10
C ASP D 316 43.20 -7.29 31.35
N LYS D 317 43.35 -8.54 30.92
CA LYS D 317 42.26 -9.50 31.04
C LYS D 317 41.95 -9.86 32.49
N ASP D 318 42.92 -9.75 33.39
CA ASP D 318 42.68 -10.05 34.80
C ASP D 318 42.06 -8.88 35.55
N ALA D 319 42.45 -7.65 35.19
CA ALA D 319 41.91 -6.48 35.87
C ALA D 319 40.44 -6.26 35.50
N ILE D 320 40.05 -6.63 34.28
CA ILE D 320 38.67 -6.44 33.86
C ILE D 320 37.70 -7.33 34.64
N GLU D 321 38.17 -8.49 35.12
CA GLU D 321 37.30 -9.38 35.87
C GLU D 321 36.84 -8.73 37.17
N GLU D 322 37.78 -8.22 37.96
CA GLU D 322 37.41 -7.50 39.18
C GLU D 322 36.67 -6.21 38.84
N LYS D 323 36.99 -5.59 37.70
CA LYS D 323 36.28 -4.40 37.28
C LYS D 323 34.79 -4.67 37.07
N PHE D 324 34.45 -5.82 36.51
CA PHE D 324 33.05 -6.21 36.38
C PHE D 324 32.46 -6.69 37.70
N ARG D 325 33.26 -7.38 38.52
CA ARG D 325 32.73 -7.95 39.74
C ARG D 325 32.42 -6.89 40.80
N GLU D 326 33.17 -5.79 40.82
CA GLU D 326 32.92 -4.74 41.81
C GLU D 326 31.55 -4.09 41.62
N ARG D 327 31.00 -4.10 40.41
CA ARG D 327 29.66 -3.56 40.21
C ARG D 327 28.61 -4.43 40.88
N LEU D 328 28.82 -5.75 40.90
CA LEU D 328 27.86 -6.66 41.52
C LEU D 328 27.89 -6.61 43.04
N LYS D 329 28.87 -5.90 43.62
CA LYS D 329 29.01 -5.89 45.07
C LYS D 329 27.79 -5.27 45.76
N GLU D 330 27.26 -4.19 45.20
CA GLU D 330 26.16 -3.46 45.82
C GLU D 330 24.81 -3.80 45.20
N LEU D 331 24.72 -4.85 44.40
CA LEU D 331 23.49 -5.22 43.73
C LEU D 331 23.00 -6.57 44.24
N VAL D 332 21.68 -6.67 44.40
CA VAL D 332 21.05 -7.94 44.77
C VAL D 332 20.76 -8.71 43.49
N VAL D 333 21.76 -9.44 43.00
CA VAL D 333 21.68 -10.13 41.71
C VAL D 333 20.90 -11.43 41.86
N PRO D 334 19.87 -11.66 41.05
CA PRO D 334 19.17 -12.94 41.11
C PRO D 334 20.04 -14.09 40.64
N LYS D 335 19.61 -15.31 41.00
CA LYS D 335 20.45 -16.48 40.80
C LYS D 335 20.74 -16.74 39.33
N HIS D 336 19.73 -16.62 38.47
CA HIS D 336 19.94 -16.88 37.04
C HIS D 336 20.90 -15.87 36.43
N VAL D 337 20.76 -14.60 36.79
CA VAL D 337 21.69 -13.59 36.27
C VAL D 337 23.10 -13.86 36.77
N MET D 338 23.23 -14.30 38.02
CA MET D 338 24.55 -14.66 38.54
C MET D 338 25.15 -15.82 37.75
N ASP D 339 24.34 -16.82 37.42
CA ASP D 339 24.83 -17.94 36.64
C ASP D 339 25.29 -17.47 35.25
N VAL D 340 24.50 -16.60 34.62
CA VAL D 340 24.89 -16.09 33.30
C VAL D 340 26.19 -15.30 33.38
N VAL D 341 26.32 -14.45 34.42
CA VAL D 341 27.54 -13.67 34.58
C VAL D 341 28.74 -14.57 34.80
N ASP D 342 28.60 -15.60 35.64
CA ASP D 342 29.69 -16.53 35.86
C ASP D 342 30.05 -17.29 34.59
N GLU D 343 29.05 -17.68 33.80
CA GLU D 343 29.33 -18.36 32.53
C GLU D 343 30.10 -17.47 31.58
N GLU D 344 29.73 -16.18 31.50
CA GLU D 344 30.43 -15.27 30.59
C GLU D 344 31.84 -14.97 31.09
N LEU D 345 32.01 -14.80 32.40
CA LEU D 345 33.35 -14.57 32.94
C LEU D 345 34.24 -15.78 32.76
N SER D 346 33.66 -16.98 32.83
CA SER D 346 34.46 -18.20 32.66
C SER D 346 35.10 -18.25 31.27
N LYS D 347 34.33 -17.91 30.24
CA LYS D 347 34.90 -17.88 28.89
C LYS D 347 35.69 -16.61 28.64
N LEU D 348 35.51 -15.58 29.46
CA LEU D 348 36.25 -14.34 29.29
C LEU D 348 37.76 -14.56 29.46
N GLY D 349 38.15 -15.39 30.44
CA GLY D 349 39.57 -15.64 30.65
C GLY D 349 40.19 -16.60 29.67
N LEU D 350 39.38 -17.30 28.87
CA LEU D 350 39.90 -18.23 27.88
C LEU D 350 40.25 -17.54 26.57
N LEU D 351 39.41 -16.61 26.12
CA LEU D 351 39.67 -15.90 24.88
C LEU D 351 40.82 -14.91 25.05
N ASP D 352 41.45 -14.56 23.94
CA ASP D 352 42.52 -13.57 23.96
C ASP D 352 41.94 -12.16 23.95
N ASN D 353 42.83 -11.17 24.05
CA ASN D 353 42.41 -9.78 24.21
C ASN D 353 42.01 -9.12 22.90
N HIS D 354 42.16 -9.80 21.75
CA HIS D 354 41.93 -9.17 20.46
C HIS D 354 40.84 -9.82 19.63
N SER D 355 40.29 -10.95 20.05
CA SER D 355 39.26 -11.62 19.27
C SER D 355 37.98 -10.79 19.19
N SER D 356 37.26 -10.92 18.08
CA SER D 356 35.96 -10.26 17.95
C SER D 356 34.96 -10.82 18.95
N GLU D 357 34.99 -12.14 19.18
CA GLU D 357 34.12 -12.73 20.20
C GLU D 357 34.45 -12.20 21.58
N PHE D 358 35.72 -11.89 21.84
CA PHE D 358 36.09 -11.24 23.10
C PHE D 358 35.41 -9.89 23.23
N ASN D 359 35.39 -9.11 22.14
CA ASN D 359 34.67 -7.84 22.15
C ASN D 359 33.19 -8.07 22.41
N VAL D 360 32.60 -9.07 21.76
CA VAL D 360 31.17 -9.32 21.90
C VAL D 360 30.83 -9.65 23.35
N THR D 361 31.61 -10.55 23.96
CA THR D 361 31.29 -10.94 25.33
C THR D 361 31.60 -9.82 26.32
N ARG D 362 32.64 -9.03 26.07
CA ARG D 362 32.94 -7.91 26.94
C ARG D 362 31.83 -6.87 26.90
N ASN D 363 31.33 -6.55 25.70
CA ASN D 363 30.23 -5.61 25.58
C ASN D 363 28.93 -6.17 26.15
N TYR D 364 28.70 -7.47 26.03
CA TYR D 364 27.53 -8.08 26.64
C TYR D 364 27.60 -7.98 28.17
N LEU D 365 28.78 -8.25 28.74
CA LEU D 365 28.94 -8.16 30.18
C LEU D 365 28.83 -6.71 30.67
N ASP D 366 29.33 -5.77 29.88
CA ASP D 366 29.21 -4.36 30.26
C ASP D 366 27.76 -3.94 30.41
N TRP D 367 26.86 -4.51 29.61
CA TRP D 367 25.44 -4.23 29.74
C TRP D 367 24.82 -5.05 30.86
N LEU D 368 25.24 -6.31 30.99
CA LEU D 368 24.60 -7.22 31.93
C LEU D 368 24.91 -6.84 33.39
N THR D 369 26.12 -6.36 33.66
CA THR D 369 26.54 -6.04 35.02
C THR D 369 26.25 -4.59 35.39
N SER D 370 25.64 -3.82 34.49
CA SER D 370 25.29 -2.44 34.77
C SER D 370 23.79 -2.23 35.01
N ILE D 371 22.96 -3.24 34.76
CA ILE D 371 21.53 -3.11 35.08
C ILE D 371 21.37 -2.98 36.58
N PRO D 372 20.52 -2.09 37.08
CA PRO D 372 20.34 -1.94 38.54
C PRO D 372 19.56 -3.11 39.14
N TRP D 373 20.28 -4.19 39.41
CA TRP D 373 19.69 -5.42 39.94
C TRP D 373 19.32 -5.24 41.40
N GLY D 374 18.03 -4.99 41.66
CA GLY D 374 17.51 -4.97 43.00
C GLY D 374 17.58 -3.66 43.74
N LYS D 375 18.37 -2.69 43.26
CA LYS D 375 18.44 -1.41 43.94
C LYS D 375 17.27 -0.52 43.54
N TYR D 376 16.72 0.21 44.50
CA TYR D 376 15.52 1.00 44.31
C TYR D 376 15.78 2.45 44.73
N SER D 377 15.12 3.37 44.04
CA SER D 377 15.14 4.76 44.46
C SER D 377 14.21 4.94 45.67
N ASN D 378 14.71 5.64 46.69
CA ASN D 378 13.98 5.80 47.95
C ASN D 378 12.84 6.79 47.74
N GLU D 379 11.71 6.26 47.29
CA GLU D 379 10.51 7.07 47.14
C GLU D 379 9.98 7.48 48.51
N ASN D 380 9.37 8.67 48.57
CA ASN D 380 8.84 9.22 49.81
C ASN D 380 7.39 8.79 49.98
N LEU D 381 7.02 8.45 51.21
CA LEU D 381 5.70 7.92 51.52
C LEU D 381 4.81 8.93 52.23
N ASP D 382 5.23 10.18 52.34
CA ASP D 382 4.46 11.20 53.05
C ASP D 382 3.40 11.75 52.13
N LEU D 383 2.14 11.71 52.57
CA LEU D 383 1.04 12.19 51.74
C LEU D 383 1.07 13.70 51.60
N ALA D 384 1.40 14.42 52.67
CA ALA D 384 1.29 15.88 52.66
C ALA D 384 2.28 16.52 51.70
N ARG D 385 3.55 16.11 51.74
CA ARG D 385 4.55 16.69 50.86
C ARG D 385 4.25 16.38 49.40
N ALA D 386 3.82 15.15 49.13
CA ALA D 386 3.47 14.77 47.75
C ALA D 386 2.28 15.57 47.26
N GLN D 387 1.27 15.77 48.12
CA GLN D 387 0.12 16.58 47.73
C GLN D 387 0.54 18.02 47.45
N ALA D 388 1.44 18.57 48.27
CA ALA D 388 1.92 19.93 48.04
C ALA D 388 2.68 20.01 46.71
N VAL D 389 3.50 19.01 46.41
CA VAL D 389 4.25 19.02 45.15
C VAL D 389 3.30 18.89 43.96
N LEU D 390 2.27 18.07 44.07
CA LEU D 390 1.29 17.97 42.99
C LEU D 390 0.51 19.26 42.80
N GLU D 391 0.19 19.95 43.90
CA GLU D 391 -0.61 21.17 43.81
C GLU D 391 0.21 22.35 43.30
N GLU D 392 1.51 22.40 43.63
CA GLU D 392 2.29 23.59 43.32
C GLU D 392 2.51 23.80 41.84
N ASP D 393 2.22 22.81 41.00
CA ASP D 393 2.52 22.91 39.58
C ASP D 393 1.32 22.80 38.65
N HIS D 394 0.27 22.05 39.02
CA HIS D 394 -0.86 21.85 38.13
C HIS D 394 -2.16 22.11 38.87
N TYR D 395 -3.01 22.93 38.27
CA TYR D 395 -4.34 23.18 38.80
C TYR D 395 -5.32 22.09 38.33
N GLY D 396 -6.34 21.86 39.14
CA GLY D 396 -7.31 20.83 38.80
C GLY D 396 -6.69 19.45 38.82
N MET D 397 -7.06 18.64 37.83
CA MET D 397 -6.56 17.26 37.72
C MET D 397 -6.82 16.47 39.00
N GLU D 398 -8.04 16.59 39.54
CA GLU D 398 -8.36 15.95 40.81
C GLU D 398 -8.23 14.44 40.73
N ASP D 399 -8.66 13.85 39.61
CA ASP D 399 -8.61 12.40 39.47
C ASP D 399 -7.17 11.89 39.53
N VAL D 400 -6.25 12.55 38.82
CA VAL D 400 -4.86 12.11 38.80
C VAL D 400 -4.22 12.27 40.19
N LYS D 401 -4.49 13.39 40.86
CA LYS D 401 -3.94 13.61 42.19
C LYS D 401 -4.46 12.58 43.18
N LYS D 402 -5.76 12.28 43.11
CA LYS D 402 -6.33 11.25 43.97
C LYS D 402 -5.72 9.89 43.68
N ARG D 403 -5.51 9.58 42.40
CA ARG D 403 -4.89 8.31 42.04
C ARG D 403 -3.49 8.20 42.61
N ILE D 404 -2.71 9.28 42.52
CA ILE D 404 -1.35 9.26 43.06
C ILE D 404 -1.36 9.15 44.58
N LEU D 405 -2.30 9.83 45.25
CA LEU D 405 -2.39 9.70 46.71
C LEU D 405 -2.76 8.29 47.12
N GLU D 406 -3.69 7.66 46.40
CA GLU D 406 -4.05 6.27 46.68
C GLU D 406 -2.86 5.35 46.44
N PHE D 407 -2.10 5.59 45.36
CA PHE D 407 -0.88 4.83 45.10
C PHE D 407 0.10 4.94 46.27
N ILE D 408 0.29 6.17 46.77
CA ILE D 408 1.22 6.40 47.88
C ILE D 408 0.73 5.68 49.13
N ALA D 409 -0.56 5.77 49.44
CA ALA D 409 -1.10 5.12 50.62
C ALA D 409 -0.95 3.61 50.53
N VAL D 410 -1.22 3.03 49.36
CA VAL D 410 -1.10 1.59 49.17
C VAL D 410 0.36 1.16 49.35
N SER D 411 1.28 1.91 48.73
CA SER D 411 2.70 1.59 48.90
C SER D 411 3.17 1.80 50.34
N GLN D 412 2.47 2.63 51.11
CA GLN D 412 2.85 2.86 52.50
C GLN D 412 2.31 1.78 53.44
N LEU D 413 1.15 1.20 53.12
CA LEU D 413 0.55 0.24 54.03
C LEU D 413 1.42 -0.99 54.22
N ARG D 414 1.96 -1.54 53.13
CA ARG D 414 2.77 -2.75 53.21
C ARG D 414 4.26 -2.46 53.13
N GLY D 415 4.66 -1.19 53.15
CA GLY D 415 6.07 -0.85 53.29
C GLY D 415 6.97 -1.34 52.18
N SER D 416 6.49 -1.36 50.94
CA SER D 416 7.32 -1.78 49.82
C SER D 416 6.90 -1.01 48.57
N THR D 417 7.85 -0.87 47.65
CA THR D 417 7.59 -0.18 46.40
C THR D 417 6.66 -1.00 45.51
N GLN D 418 6.02 -0.32 44.57
CA GLN D 418 5.10 -0.97 43.66
C GLN D 418 5.09 -0.22 42.34
N GLY D 419 4.58 -0.89 41.31
CA GLY D 419 4.46 -0.28 40.00
C GLY D 419 3.16 -0.69 39.36
N LYS D 420 2.57 0.24 38.62
CA LYS D 420 1.30 0.00 37.95
C LYS D 420 1.31 0.69 36.60
N ILE D 421 0.39 0.27 35.74
CA ILE D 421 0.33 0.80 34.38
C ILE D 421 -0.88 1.72 34.26
N LEU D 422 -0.65 3.02 34.45
CA LEU D 422 -1.72 4.00 34.33
C LEU D 422 -1.79 4.56 32.91
N CYS D 423 -2.98 4.99 32.51
CA CYS D 423 -3.20 5.59 31.20
C CYS D 423 -3.96 6.90 31.37
N PHE D 424 -3.39 7.99 30.89
CA PHE D 424 -4.03 9.29 30.93
C PHE D 424 -4.56 9.62 29.54
N TYR D 425 -5.86 9.87 29.43
CA TYR D 425 -6.48 10.21 28.16
C TYR D 425 -7.44 11.39 28.35
N GLY D 426 -7.62 12.15 27.28
CA GLY D 426 -8.44 13.33 27.31
C GLY D 426 -8.20 14.23 26.11
N PRO D 427 -8.79 15.42 26.12
CA PRO D 427 -8.60 16.36 25.02
C PRO D 427 -7.14 16.77 24.88
N PRO D 428 -6.73 17.26 23.71
CA PRO D 428 -5.36 17.77 23.58
C PRO D 428 -5.13 18.99 24.44
N GLY D 429 -3.90 19.14 24.91
CA GLY D 429 -3.52 20.33 25.67
C GLY D 429 -4.19 20.47 27.02
N VAL D 430 -4.33 19.39 27.78
CA VAL D 430 -4.89 19.46 29.12
C VAL D 430 -3.82 19.30 30.20
N GLY D 431 -2.68 18.68 29.88
CA GLY D 431 -1.61 18.53 30.85
C GLY D 431 -1.23 17.09 31.11
N LYS D 432 -1.57 16.20 30.16
CA LYS D 432 -1.25 14.79 30.34
C LYS D 432 0.25 14.54 30.35
N THR D 433 0.99 15.22 29.47
CA THR D 433 2.44 15.02 29.40
C THR D 433 3.15 15.72 30.55
N SER D 434 2.72 16.91 30.93
CA SER D 434 3.41 17.68 31.94
C SER D 434 3.23 17.11 33.34
N ILE D 435 2.07 16.52 33.62
CA ILE D 435 1.81 15.98 34.96
C ILE D 435 2.74 14.79 35.26
N ALA D 436 3.24 14.13 34.21
CA ALA D 436 4.09 12.96 34.41
C ALA D 436 5.37 13.34 35.17
N ARG D 437 5.99 14.46 34.80
CA ARG D 437 7.18 14.89 35.52
C ARG D 437 6.87 15.34 36.93
N SER D 438 5.72 15.98 37.14
CA SER D 438 5.31 16.37 38.48
C SER D 438 5.08 15.16 39.37
N ILE D 439 4.48 14.11 38.82
CA ILE D 439 4.27 12.88 39.59
C ILE D 439 5.59 12.26 39.98
N ALA D 440 6.56 12.24 39.05
CA ALA D 440 7.88 11.69 39.36
C ALA D 440 8.58 12.53 40.43
N ARG D 441 8.44 13.86 40.35
CA ARG D 441 9.04 14.72 41.37
C ARG D 441 8.41 14.47 42.74
N ALA D 442 7.08 14.34 42.78
CA ALA D 442 6.41 14.09 44.06
C ALA D 442 6.82 12.74 44.64
N LEU D 443 6.86 11.70 43.81
CA LEU D 443 7.24 10.38 44.27
C LEU D 443 8.75 10.23 44.42
N ASN D 444 9.53 11.22 43.99
CA ASN D 444 10.99 11.17 44.01
C ASN D 444 11.54 10.00 43.20
N ARG D 445 10.80 9.60 42.16
CA ARG D 445 11.24 8.53 41.26
C ARG D 445 12.01 9.11 40.09
N GLU D 446 12.92 8.30 39.56
CA GLU D 446 13.62 8.70 38.34
C GLU D 446 12.63 8.74 37.17
N TYR D 447 12.90 9.65 36.24
CA TYR D 447 11.96 9.95 35.16
C TYR D 447 12.61 9.70 33.81
N PHE D 448 11.85 9.05 32.93
CA PHE D 448 12.26 8.86 31.54
C PHE D 448 11.04 9.08 30.65
N ARG D 449 11.26 9.70 29.49
CA ARG D 449 10.21 9.95 28.53
C ARG D 449 10.45 9.10 27.29
N PHE D 450 9.48 8.25 26.96
CA PHE D 450 9.56 7.35 25.81
C PHE D 450 8.45 7.74 24.83
N SER D 451 8.83 8.40 23.72
CA SER D 451 7.87 8.84 22.71
C SER D 451 7.68 7.73 21.68
N VAL D 452 6.69 6.88 21.95
CA VAL D 452 6.40 5.76 21.06
C VAL D 452 5.59 6.23 19.85
N GLY D 453 4.98 7.40 19.94
CA GLY D 453 4.14 7.86 18.84
C GLY D 453 4.92 8.00 17.55
N GLY D 454 4.39 7.40 16.49
CA GLY D 454 5.02 7.40 15.20
C GLY D 454 6.13 6.37 15.02
N MET D 455 6.48 5.64 16.07
CA MET D 455 7.53 4.64 15.97
C MET D 455 7.04 3.41 15.20
N THR D 456 7.95 2.80 14.47
CA THR D 456 7.63 1.58 13.72
C THR D 456 8.63 0.44 13.93
N ASP D 457 9.84 0.70 14.42
CA ASP D 457 10.83 -0.35 14.60
C ASP D 457 10.61 -1.04 15.93
N VAL D 458 10.35 -2.35 15.88
CA VAL D 458 10.19 -3.15 17.09
C VAL D 458 11.51 -3.25 17.86
N ALA D 459 12.64 -3.12 17.17
CA ALA D 459 13.94 -3.27 17.81
C ALA D 459 14.20 -2.19 18.86
N GLU D 460 13.44 -1.09 18.82
CA GLU D 460 13.61 -0.06 19.85
C GLU D 460 13.15 -0.55 21.21
N ILE D 461 12.22 -1.50 21.25
CA ILE D 461 11.68 -1.99 22.51
C ILE D 461 12.42 -3.23 22.99
N LYS D 462 12.66 -4.19 22.10
CA LYS D 462 13.22 -5.48 22.48
C LYS D 462 14.66 -5.68 22.02
N GLY D 463 15.25 -4.68 21.36
CA GLY D 463 16.65 -4.76 21.00
C GLY D 463 16.96 -5.73 19.88
N HIS D 464 18.26 -6.02 19.74
CA HIS D 464 18.78 -6.92 18.73
C HIS D 464 19.68 -7.97 19.36
N ARG D 465 19.85 -9.08 18.66
CA ARG D 465 20.68 -10.17 19.17
C ARG D 465 22.15 -9.75 19.25
N ARG D 466 22.89 -10.41 20.14
CA ARG D 466 24.30 -10.11 20.31
C ARG D 466 25.10 -10.36 19.05
N THR D 467 24.63 -11.27 18.19
CA THR D 467 25.39 -11.66 17.01
C THR D 467 25.57 -10.48 16.06
N TYR D 468 24.52 -9.68 15.87
CA TYR D 468 24.61 -8.55 14.95
C TYR D 468 25.60 -7.52 15.45
N VAL D 469 26.40 -6.99 14.52
CA VAL D 469 27.40 -5.98 14.89
C VAL D 469 26.70 -4.67 15.23
N GLY D 470 27.21 -3.98 16.24
CA GLY D 470 26.61 -2.73 16.68
C GLY D 470 25.27 -2.90 17.37
N ALA D 471 24.98 -4.10 17.87
CA ALA D 471 23.70 -4.34 18.52
C ALA D 471 23.62 -3.65 19.87
N MET D 472 22.43 -3.18 20.21
CA MET D 472 22.18 -2.53 21.49
C MET D 472 20.86 -3.04 22.03
N PRO D 473 20.68 -3.03 23.35
CA PRO D 473 19.38 -3.43 23.91
C PRO D 473 18.30 -2.43 23.55
N GLY D 474 17.08 -2.76 23.96
CA GLY D 474 15.95 -1.88 23.71
C GLY D 474 16.01 -0.61 24.53
N LYS D 475 15.01 0.24 24.33
CA LYS D 475 14.95 1.51 25.06
C LYS D 475 14.82 1.29 26.55
N ILE D 476 14.04 0.29 26.96
CA ILE D 476 13.77 0.07 28.39
C ILE D 476 15.05 -0.30 29.13
N ILE D 477 15.88 -1.14 28.52
CA ILE D 477 17.13 -1.52 29.17
C ILE D 477 18.03 -0.32 29.34
N GLN D 478 18.11 0.55 28.34
CA GLN D 478 18.86 1.79 28.48
C GLN D 478 18.25 2.70 29.54
N CYS D 479 16.92 2.66 29.70
CA CYS D 479 16.27 3.42 30.77
C CYS D 479 16.77 2.97 32.13
N LEU D 480 16.73 1.65 32.37
CA LEU D 480 17.23 1.13 33.64
C LEU D 480 18.72 1.43 33.82
N LYS D 481 19.50 1.37 32.74
CA LYS D 481 20.92 1.64 32.84
C LYS D 481 21.18 3.10 33.24
N LYS D 482 20.53 4.04 32.57
CA LYS D 482 20.82 5.45 32.80
C LYS D 482 20.22 5.95 34.11
N THR D 483 19.02 5.45 34.46
CA THR D 483 18.40 5.89 35.70
C THR D 483 19.02 5.24 36.93
N LYS D 484 19.73 4.12 36.75
CA LYS D 484 20.39 3.42 37.85
C LYS D 484 19.40 3.02 38.95
N THR D 485 18.19 2.65 38.56
CA THR D 485 17.18 2.22 39.51
C THR D 485 16.21 1.28 38.81
N GLU D 486 15.66 0.34 39.57
CA GLU D 486 14.74 -0.64 39.01
C GLU D 486 13.29 -0.18 39.10
N ASN D 487 13.03 0.97 39.72
CA ASN D 487 11.66 1.48 39.79
C ASN D 487 11.55 2.93 39.33
N PRO D 488 11.93 3.25 38.09
CA PRO D 488 11.75 4.62 37.60
C PRO D 488 10.32 4.81 37.08
N LEU D 489 10.01 6.06 36.74
CA LEU D 489 8.75 6.40 36.12
C LEU D 489 8.95 6.48 34.61
N ILE D 490 8.35 5.55 33.88
CA ILE D 490 8.45 5.51 32.43
C ILE D 490 7.19 6.12 31.84
N LEU D 491 7.36 7.20 31.08
CA LEU D 491 6.24 7.87 30.43
C LEU D 491 6.23 7.47 28.96
N ILE D 492 5.20 6.73 28.56
CA ILE D 492 5.03 6.26 27.20
C ILE D 492 4.04 7.19 26.52
N ASP D 493 4.55 8.12 25.71
CA ASP D 493 3.75 9.20 25.15
C ASP D 493 3.14 8.77 23.83
N GLU D 494 1.86 9.11 23.65
CA GLU D 494 1.14 8.89 22.40
C GLU D 494 1.11 7.40 22.03
N VAL D 495 0.52 6.59 22.90
CA VAL D 495 0.30 5.19 22.58
C VAL D 495 -0.67 5.03 21.42
N ASP D 496 -1.54 6.02 21.21
CA ASP D 496 -2.51 5.97 20.13
C ASP D 496 -1.89 6.22 18.76
N LYS D 497 -0.67 6.75 18.70
CA LYS D 497 -0.02 7.10 17.45
C LYS D 497 1.05 6.09 17.05
N ILE D 498 1.00 4.87 17.59
CA ILE D 498 1.94 3.84 17.20
C ILE D 498 1.75 3.47 15.74
N GLY D 499 2.84 3.13 15.07
CA GLY D 499 2.80 2.83 13.65
C GLY D 499 2.36 1.42 13.35
N ARG D 500 2.31 1.12 12.06
CA ARG D 500 1.91 -0.19 11.57
C ARG D 500 2.82 -0.59 10.41
N GLY D 501 2.84 -1.89 10.13
CA GLY D 501 3.64 -2.43 9.05
C GLY D 501 5.12 -2.50 9.38
N ASP D 505 5.54 -4.26 13.96
CA ASP D 505 4.42 -3.72 14.72
C ASP D 505 4.74 -3.76 16.22
N PRO D 506 5.14 -2.60 16.77
CA PRO D 506 5.47 -2.54 18.20
C PRO D 506 4.28 -2.70 19.12
N SER D 507 3.05 -2.67 18.60
CA SER D 507 1.88 -2.86 19.44
C SER D 507 1.85 -4.23 20.11
N SER D 508 2.28 -5.27 19.41
CA SER D 508 2.36 -6.59 20.02
C SER D 508 3.56 -6.71 20.95
N ALA D 509 4.62 -5.94 20.70
CA ALA D 509 5.77 -5.94 21.61
C ALA D 509 5.43 -5.25 22.92
N LEU D 510 4.53 -4.25 22.89
CA LEU D 510 4.11 -3.59 24.11
C LEU D 510 3.34 -4.53 25.03
N LEU D 511 2.74 -5.59 24.47
CA LEU D 511 1.98 -6.53 25.29
C LEU D 511 2.85 -7.26 26.29
N GLU D 512 4.13 -7.45 25.99
CA GLU D 512 5.06 -8.03 26.93
C GLU D 512 5.65 -6.99 27.88
N LEU D 513 5.39 -5.71 27.63
CA LEU D 513 5.88 -4.63 28.47
C LEU D 513 4.81 -4.01 29.36
N LEU D 514 3.54 -4.09 28.97
CA LEU D 514 2.45 -3.52 29.74
C LEU D 514 1.50 -4.58 30.30
N ASP D 515 1.97 -5.82 30.44
CA ASP D 515 1.15 -6.88 31.01
C ASP D 515 1.20 -6.80 32.53
N PRO D 516 0.05 -6.70 33.21
CA PRO D 516 0.06 -6.40 34.65
C PRO D 516 0.82 -7.41 35.49
N GLU D 517 0.97 -8.64 34.98
CA GLU D 517 1.69 -9.67 35.73
C GLU D 517 2.84 -10.31 34.97
N GLN D 518 3.04 -10.03 33.69
CA GLN D 518 4.17 -10.59 32.96
C GLN D 518 5.40 -9.69 32.94
N ASN D 519 5.34 -8.49 33.54
CA ASN D 519 6.52 -7.63 33.58
C ASN D 519 7.66 -8.25 34.37
N ALA D 520 7.38 -9.22 35.24
CA ALA D 520 8.42 -9.85 36.04
C ALA D 520 9.41 -10.64 35.21
N ASN D 521 9.10 -10.93 33.94
CA ASN D 521 9.99 -11.70 33.08
C ASN D 521 10.06 -11.08 31.70
N PHE D 522 10.18 -9.76 31.63
CA PHE D 522 10.35 -9.09 30.34
C PHE D 522 11.69 -9.49 29.74
N LEU D 523 11.67 -9.89 28.46
CA LEU D 523 12.83 -10.47 27.80
C LEU D 523 13.32 -9.52 26.71
N ASP D 524 14.55 -9.03 26.85
CA ASP D 524 15.19 -8.21 25.84
C ASP D 524 16.14 -9.08 25.02
N HIS D 525 16.11 -8.94 23.70
CA HIS D 525 16.86 -9.83 22.83
C HIS D 525 18.37 -9.69 22.97
N TYR D 526 18.86 -8.53 23.42
CA TYR D 526 20.30 -8.39 23.61
C TYR D 526 20.74 -9.05 24.91
N LEU D 527 20.09 -8.71 26.02
CA LEU D 527 20.43 -9.32 27.29
C LEU D 527 20.11 -10.82 27.29
N ASP D 528 18.98 -11.20 26.68
CA ASP D 528 18.50 -12.58 26.70
C ASP D 528 18.32 -13.05 28.14
N VAL D 529 17.93 -12.13 29.02
CA VAL D 529 17.75 -12.40 30.44
C VAL D 529 16.52 -11.65 30.93
N PRO D 530 15.58 -12.32 31.60
CA PRO D 530 14.39 -11.61 32.08
C PRO D 530 14.71 -10.60 33.15
N VAL D 531 14.02 -9.47 33.11
CA VAL D 531 14.18 -8.39 34.10
C VAL D 531 12.83 -8.14 34.75
N ASP D 532 12.88 -7.72 36.01
CA ASP D 532 11.66 -7.50 36.80
C ASP D 532 11.27 -6.03 36.65
N LEU D 533 10.25 -5.80 35.83
CA LEU D 533 9.70 -4.45 35.62
C LEU D 533 8.40 -4.22 36.39
N SER D 534 8.06 -5.10 37.33
CA SER D 534 6.82 -4.94 38.07
C SER D 534 6.84 -3.73 39.00
N LYS D 535 8.02 -3.23 39.35
CA LYS D 535 8.15 -2.06 40.20
C LYS D 535 8.15 -0.76 39.42
N VAL D 536 8.13 -0.82 38.09
CA VAL D 536 8.14 0.38 37.28
C VAL D 536 6.73 0.93 37.11
N LEU D 537 6.58 2.24 37.30
CA LEU D 537 5.29 2.92 37.15
C LEU D 537 5.18 3.40 35.70
N PHE D 538 4.31 2.75 34.94
CA PHE D 538 4.11 3.10 33.54
C PHE D 538 2.95 4.08 33.41
N ILE D 539 3.21 5.19 32.73
CA ILE D 539 2.18 6.19 32.44
C ILE D 539 2.09 6.33 30.92
N CYS D 540 0.89 6.11 30.38
CA CYS D 540 0.65 6.14 28.95
C CYS D 540 -0.29 7.27 28.59
N THR D 541 0.05 8.02 27.55
CA THR D 541 -0.74 9.16 27.11
C THR D 541 -1.43 8.82 25.79
N ALA D 542 -2.72 9.16 25.69
CA ALA D 542 -3.49 8.95 24.48
C ALA D 542 -4.54 10.04 24.34
N ASN D 543 -4.63 10.61 23.13
CA ASN D 543 -5.63 11.64 22.89
C ASN D 543 -7.03 11.05 22.70
N VAL D 544 -7.14 9.89 22.05
CA VAL D 544 -8.42 9.25 21.81
C VAL D 544 -8.31 7.78 22.24
N THR D 545 -9.35 7.31 22.93
CA THR D 545 -9.33 5.96 23.50
C THR D 545 -9.60 4.89 22.45
N ASP D 546 -10.48 5.16 21.49
CA ASP D 546 -11.03 4.12 20.64
C ASP D 546 -9.99 3.43 19.76
N THR D 547 -8.84 4.05 19.52
CA THR D 547 -7.87 3.49 18.59
C THR D 547 -6.83 2.60 19.24
N ILE D 548 -6.76 2.55 20.57
CA ILE D 548 -5.83 1.62 21.22
C ILE D 548 -6.35 0.20 21.06
N PRO D 549 -5.50 -0.76 20.69
CA PRO D 549 -5.97 -2.15 20.55
C PRO D 549 -6.49 -2.70 21.87
N GLU D 550 -7.47 -3.60 21.77
CA GLU D 550 -8.07 -4.20 22.96
C GLU D 550 -7.09 -4.86 23.90
N PRO D 551 -6.10 -5.66 23.45
CA PRO D 551 -5.15 -6.23 24.40
C PRO D 551 -4.38 -5.20 25.20
N LEU D 552 -4.09 -4.03 24.62
CA LEU D 552 -3.45 -2.95 25.38
C LEU D 552 -4.46 -2.11 26.15
N ARG D 553 -5.65 -1.91 25.58
CA ARG D 553 -6.66 -1.09 26.25
C ARG D 553 -7.18 -1.75 27.51
N ASP D 554 -7.19 -3.07 27.57
CA ASP D 554 -7.63 -3.78 28.76
C ASP D 554 -6.54 -3.94 29.81
N ARG D 555 -5.27 -3.91 29.39
CA ARG D 555 -4.17 -4.03 30.36
C ARG D 555 -4.00 -2.74 31.15
N MET D 556 -4.16 -1.60 30.50
CA MET D 556 -3.91 -0.32 31.14
C MET D 556 -5.09 0.14 31.98
N GLU D 557 -4.79 0.77 33.11
CA GLU D 557 -5.82 1.44 33.90
C GLU D 557 -6.04 2.83 33.34
N MET D 558 -7.27 3.12 32.90
CA MET D 558 -7.58 4.33 32.17
C MET D 558 -8.36 5.30 33.05
N ILE D 559 -7.82 6.51 33.21
CA ILE D 559 -8.50 7.60 33.90
C ILE D 559 -8.52 8.81 32.99
N ASN D 560 -9.61 9.57 33.03
CA ASN D 560 -9.86 10.65 32.10
C ASN D 560 -9.56 11.99 32.75
N VAL D 561 -8.77 12.82 32.07
CA VAL D 561 -8.57 14.22 32.46
C VAL D 561 -9.58 15.06 31.69
N SER D 562 -10.38 15.82 32.42
CA SER D 562 -11.45 16.59 31.81
C SER D 562 -10.98 17.97 31.37
N GLY D 563 -11.66 18.52 30.37
CA GLY D 563 -11.36 19.87 29.94
C GLY D 563 -11.74 20.90 30.98
N TYR D 564 -10.99 22.00 31.00
CA TYR D 564 -11.19 23.04 32.00
C TYR D 564 -12.35 23.94 31.62
N VAL D 565 -13.16 24.31 32.61
CA VAL D 565 -14.25 25.25 32.42
C VAL D 565 -13.70 26.66 32.56
N ALA D 566 -14.50 27.65 32.14
CA ALA D 566 -14.05 29.04 32.17
C ALA D 566 -13.67 29.48 33.57
N GLN D 567 -14.46 29.08 34.58
CA GLN D 567 -14.13 29.44 35.96
C GLN D 567 -12.79 28.82 36.38
N GLU D 568 -12.55 27.56 36.01
CA GLU D 568 -11.25 26.96 36.27
C GLU D 568 -10.17 27.60 35.40
N LYS D 569 -10.53 28.01 34.19
CA LYS D 569 -9.54 28.60 33.28
C LYS D 569 -9.02 29.93 33.81
N LEU D 570 -9.89 30.76 34.38
CA LEU D 570 -9.44 32.01 34.96
C LEU D 570 -8.43 31.78 36.08
N ALA D 571 -8.76 30.86 37.00
CA ALA D 571 -7.88 30.59 38.12
C ALA D 571 -6.55 29.99 37.66
N ILE D 572 -6.60 29.05 36.72
CA ILE D 572 -5.36 28.43 36.25
C ILE D 572 -4.49 29.45 35.54
N ALA D 573 -5.09 30.32 34.73
CA ALA D 573 -4.33 31.37 34.07
C ALA D 573 -3.66 32.28 35.09
N GLU D 574 -4.45 32.80 36.03
CA GLU D 574 -3.91 33.75 37.01
C GLU D 574 -2.80 33.13 37.84
N ARG D 575 -2.95 31.86 38.24
CA ARG D 575 -1.99 31.27 39.14
C ARG D 575 -0.76 30.70 38.46
N TYR D 576 -0.87 30.22 37.21
CA TYR D 576 0.27 29.59 36.56
C TYR D 576 0.65 30.29 35.26
N LEU D 577 -0.33 30.54 34.40
CA LEU D 577 0.00 30.97 33.04
C LEU D 577 0.58 32.37 33.01
N VAL D 578 -0.05 33.31 33.70
CA VAL D 578 0.42 34.69 33.74
C VAL D 578 1.80 34.77 34.38
N PRO D 579 2.05 34.16 35.55
CA PRO D 579 3.41 34.24 36.13
C PRO D 579 4.48 33.61 35.25
N GLN D 580 4.23 32.42 34.70
CA GLN D 580 5.23 31.74 33.90
C GLN D 580 5.53 32.51 32.61
N ALA D 581 4.48 32.98 31.93
CA ALA D 581 4.69 33.75 30.71
C ALA D 581 5.37 35.08 31.00
N ARG D 582 5.03 35.71 32.12
CA ARG D 582 5.68 36.97 32.49
C ARG D 582 7.16 36.75 32.78
N ALA D 583 7.50 35.65 33.46
CA ALA D 583 8.91 35.33 33.69
C ALA D 583 9.62 35.02 32.38
N LEU D 584 8.94 34.32 31.46
CA LEU D 584 9.55 33.99 30.18
C LEU D 584 9.82 35.25 29.36
N CYS D 585 8.92 36.24 29.42
CA CYS D 585 9.10 37.47 28.68
C CYS D 585 9.99 38.48 29.41
N GLY D 586 10.38 38.21 30.66
CA GLY D 586 11.23 39.11 31.39
C GLY D 586 10.54 40.34 31.94
N LEU D 587 9.21 40.40 31.86
CA LEU D 587 8.48 41.56 32.36
C LEU D 587 8.32 41.48 33.87
N ASP D 588 7.70 42.52 34.43
CA ASP D 588 7.43 42.61 35.85
C ASP D 588 5.99 43.07 36.05
N GLU D 589 5.42 42.70 37.20
CA GLU D 589 4.03 43.08 37.48
C GLU D 589 3.87 44.59 37.55
N SER D 590 4.90 45.31 38.01
CA SER D 590 4.83 46.76 38.10
C SER D 590 4.87 47.42 36.72
N LYS D 591 5.28 46.70 35.68
CA LYS D 591 5.38 47.26 34.34
C LYS D 591 4.31 46.77 33.39
N ALA D 592 3.70 45.61 33.63
CA ALA D 592 2.64 45.09 32.77
C ALA D 592 1.69 44.28 33.64
N LYS D 593 0.54 44.87 33.96
CA LYS D 593 -0.45 44.24 34.82
C LYS D 593 -1.65 43.80 34.00
N LEU D 594 -2.07 42.56 34.19
CA LEU D 594 -3.28 42.03 33.58
C LEU D 594 -4.33 41.82 34.68
N SER D 595 -5.44 42.53 34.56
CA SER D 595 -6.48 42.46 35.57
C SER D 595 -7.34 41.22 35.40
N SER D 596 -8.15 40.93 36.41
CA SER D 596 -9.01 39.75 36.38
C SER D 596 -10.03 39.83 35.25
N ASP D 597 -10.62 41.01 35.02
CA ASP D 597 -11.63 41.14 33.98
C ASP D 597 -11.04 40.98 32.59
N VAL D 598 -9.78 41.39 32.40
CA VAL D 598 -9.12 41.19 31.11
C VAL D 598 -9.01 39.71 30.79
N LEU D 599 -8.56 38.92 31.78
CA LEU D 599 -8.48 37.47 31.58
C LEU D 599 -9.87 36.87 31.39
N THR D 600 -10.86 37.36 32.15
CA THR D 600 -12.22 36.86 31.98
C THR D 600 -12.70 37.06 30.55
N LEU D 601 -12.45 38.24 29.99
CA LEU D 601 -12.79 38.49 28.59
C LEU D 601 -11.98 37.58 27.66
N LEU D 602 -10.70 37.37 27.97
CA LEU D 602 -9.85 36.56 27.12
C LEU D 602 -10.39 35.13 26.97
N ILE D 603 -10.72 34.50 28.10
CA ILE D 603 -11.33 33.16 28.01
C ILE D 603 -12.73 33.22 27.42
N LYS D 604 -13.52 34.24 27.78
CA LYS D 604 -14.90 34.27 27.34
C LYS D 604 -15.04 34.45 25.83
N GLN D 605 -14.11 35.18 25.21
CA GLN D 605 -14.26 35.54 23.80
C GLN D 605 -13.17 34.99 22.89
N TYR D 606 -12.13 34.38 23.42
CA TYR D 606 -11.03 33.92 22.57
C TYR D 606 -10.66 32.47 22.78
N CYS D 607 -10.78 31.95 23.99
CA CYS D 607 -10.22 30.65 24.33
C CYS D 607 -11.30 29.64 24.74
N ARG D 608 -12.37 29.57 23.95
CA ARG D 608 -13.51 28.71 24.28
C ARG D 608 -13.15 27.23 24.29
N GLU D 609 -12.04 26.84 23.68
CA GLU D 609 -11.72 25.43 23.55
C GLU D 609 -11.44 24.79 24.91
N SER D 610 -11.56 23.46 24.96
CA SER D 610 -11.36 22.74 26.21
C SER D 610 -9.90 22.81 26.66
N GLY D 611 -8.96 22.80 25.73
CA GLY D 611 -7.56 22.84 26.08
C GLY D 611 -7.14 24.20 26.59
N VAL D 612 -5.95 24.22 27.20
CA VAL D 612 -5.42 25.45 27.79
C VAL D 612 -4.30 26.06 26.96
N ARG D 613 -3.81 25.34 25.95
CA ARG D 613 -2.66 25.82 25.17
C ARG D 613 -2.97 27.09 24.40
N ASN D 614 -4.24 27.34 24.06
CA ASN D 614 -4.57 28.56 23.31
C ASN D 614 -4.48 29.80 24.20
N LEU D 615 -4.93 29.67 25.45
CA LEU D 615 -4.85 30.81 26.37
C LEU D 615 -3.42 31.22 26.65
N GLN D 616 -2.51 30.24 26.74
CA GLN D 616 -1.10 30.55 26.94
C GLN D 616 -0.55 31.38 25.78
N LYS D 617 -0.95 31.05 24.55
CA LYS D 617 -0.48 31.80 23.40
C LYS D 617 -0.99 33.24 23.44
N GLN D 618 -2.26 33.45 23.82
CA GLN D 618 -2.79 34.80 23.91
C GLN D 618 -2.08 35.59 25.00
N VAL D 619 -1.82 34.97 26.15
CA VAL D 619 -1.10 35.66 27.22
C VAL D 619 0.30 36.03 26.78
N GLU D 620 0.99 35.10 26.10
CA GLU D 620 2.32 35.39 25.58
C GLU D 620 2.29 36.51 24.56
N LYS D 621 1.27 36.54 23.70
CA LYS D 621 1.15 37.61 22.73
C LYS D 621 0.98 38.97 23.41
N VAL D 622 0.10 39.04 24.41
CA VAL D 622 -0.11 40.29 25.13
C VAL D 622 1.17 40.73 25.81
N LEU D 623 1.87 39.79 26.46
CA LEU D 623 3.07 40.15 27.20
C LEU D 623 4.21 40.56 26.26
N ARG D 624 4.31 39.91 25.10
CA ARG D 624 5.36 40.29 24.15
C ARG D 624 5.08 41.66 23.54
N LYS D 625 3.80 41.96 23.27
CA LYS D 625 3.47 43.30 22.79
C LYS D 625 3.77 44.35 23.85
N SER D 626 3.45 44.05 25.12
CA SER D 626 3.78 44.97 26.20
C SER D 626 5.29 45.18 26.31
N ALA D 627 6.06 44.09 26.20
CA ALA D 627 7.51 44.22 26.28
C ALA D 627 8.06 45.05 25.13
N TYR D 628 7.54 44.86 23.93
CA TYR D 628 7.97 45.67 22.80
C TYR D 628 7.63 47.14 23.00
N LYS D 629 6.44 47.40 23.53
CA LYS D 629 6.04 48.79 23.81
C LYS D 629 6.91 49.42 24.89
N ILE D 630 7.39 48.61 25.84
CA ILE D 630 8.20 49.13 26.93
C ILE D 630 9.62 49.42 26.45
N VAL D 631 10.27 48.42 25.84
CA VAL D 631 11.68 48.56 25.48
C VAL D 631 11.90 49.59 24.38
N SER D 632 10.93 49.77 23.49
CA SER D 632 11.09 50.70 22.37
C SER D 632 10.97 52.16 22.78
N GLY D 633 10.62 52.44 24.04
CA GLY D 633 10.47 53.79 24.50
C GLY D 633 9.13 54.42 24.21
N GLU D 634 8.18 53.67 23.64
CA GLU D 634 6.84 54.21 23.41
C GLU D 634 6.15 54.55 24.72
N ALA D 635 6.33 53.73 25.75
CA ALA D 635 5.79 54.00 27.07
C ALA D 635 6.66 53.34 28.12
N GLU D 636 6.86 54.04 29.23
CA GLU D 636 7.65 53.50 30.33
C GLU D 636 6.90 52.43 31.11
N SER D 637 5.57 52.55 31.19
CA SER D 637 4.74 51.54 31.84
C SER D 637 3.46 51.38 31.04
N VAL D 638 2.92 50.16 31.03
CA VAL D 638 1.74 49.84 30.24
C VAL D 638 0.75 49.08 31.12
N GLU D 639 -0.53 49.30 30.85
CA GLU D 639 -1.61 48.61 31.55
C GLU D 639 -2.61 48.10 30.53
N VAL D 640 -3.23 46.97 30.84
CA VAL D 640 -4.21 46.33 29.95
C VAL D 640 -5.60 46.56 30.53
N THR D 641 -6.52 47.02 29.68
CA THR D 641 -7.89 47.31 30.06
C THR D 641 -8.83 46.57 29.14
N PRO D 642 -10.05 46.28 29.60
CA PRO D 642 -11.01 45.58 28.72
C PRO D 642 -11.36 46.35 27.46
N GLU D 643 -11.28 47.67 27.47
CA GLU D 643 -11.63 48.45 26.28
C GLU D 643 -10.53 48.43 25.23
N ASN D 644 -9.27 48.46 25.64
CA ASN D 644 -8.15 48.46 24.70
C ASN D 644 -7.53 47.08 24.51
N LEU D 645 -8.15 46.03 25.04
CA LEU D 645 -7.61 44.68 24.89
C LEU D 645 -7.58 44.26 23.41
N GLN D 646 -8.52 44.77 22.62
CA GLN D 646 -8.57 44.42 21.20
C GLN D 646 -7.30 44.88 20.47
N ASP D 647 -6.69 45.98 20.92
CA ASP D 647 -5.46 46.44 20.30
C ASP D 647 -4.28 45.52 20.60
N PHE D 648 -4.42 44.60 21.55
CA PHE D 648 -3.37 43.66 21.91
C PHE D 648 -3.60 42.28 21.34
N VAL D 649 -4.84 41.79 21.36
CA VAL D 649 -5.15 40.43 20.93
C VAL D 649 -5.72 40.43 19.52
N GLY D 650 -6.54 41.43 19.21
CA GLY D 650 -7.21 41.51 17.93
C GLY D 650 -8.71 41.34 18.05
N LYS D 651 -9.32 41.06 16.90
CA LYS D 651 -10.77 40.92 16.85
C LYS D 651 -11.22 39.72 17.69
N PRO D 652 -12.26 39.88 18.50
CA PRO D 652 -12.76 38.75 19.29
C PRO D 652 -13.37 37.69 18.38
N VAL D 653 -13.00 36.43 18.64
CA VAL D 653 -13.50 35.33 17.81
C VAL D 653 -14.98 35.10 18.05
N PHE D 654 -15.41 35.10 19.30
CA PHE D 654 -16.79 34.83 19.67
C PHE D 654 -17.41 36.11 20.25
N THR D 655 -18.49 36.57 19.64
CA THR D 655 -19.16 37.79 20.10
C THR D 655 -20.64 37.57 20.32
N VAL D 656 -21.25 36.67 19.56
CA VAL D 656 -22.69 36.41 19.63
C VAL D 656 -22.90 34.98 20.13
N GLU D 657 -23.84 34.81 21.06
CA GLU D 657 -24.14 33.51 21.63
C GLU D 657 -25.50 32.96 21.23
N ARG D 658 -26.48 33.82 20.98
CA ARG D 658 -27.82 33.39 20.62
C ARG D 658 -28.24 34.04 19.31
N MET D 659 -28.80 33.24 18.41
CA MET D 659 -29.33 33.76 17.17
C MET D 659 -30.68 34.45 17.36
N TYR D 660 -31.48 33.98 18.31
CA TYR D 660 -32.82 34.51 18.53
C TYR D 660 -32.95 34.97 19.97
N ASP D 661 -33.56 36.15 20.17
CA ASP D 661 -33.96 36.58 21.50
C ASP D 661 -35.41 36.24 21.81
N VAL D 662 -36.27 36.25 20.79
CA VAL D 662 -37.65 35.81 20.92
C VAL D 662 -37.91 34.84 19.77
N THR D 663 -37.99 33.55 20.09
CA THR D 663 -38.09 32.52 19.06
C THR D 663 -39.42 32.64 18.31
N PRO D 664 -39.41 32.60 16.99
CA PRO D 664 -40.67 32.57 16.23
C PRO D 664 -41.46 31.31 16.54
N PRO D 665 -42.71 31.22 16.07
CA PRO D 665 -43.50 30.01 16.35
C PRO D 665 -42.83 28.71 15.90
N GLY D 666 -42.13 28.72 14.77
CA GLY D 666 -41.54 27.50 14.26
C GLY D 666 -40.13 27.19 14.74
N VAL D 667 -39.59 27.96 15.68
CA VAL D 667 -38.21 27.83 16.11
C VAL D 667 -38.16 27.46 17.58
N VAL D 668 -37.25 26.55 17.93
CA VAL D 668 -37.04 26.14 19.31
C VAL D 668 -35.54 25.92 19.51
N MET D 669 -35.07 26.19 20.72
CA MET D 669 -33.64 26.23 21.03
C MET D 669 -33.17 24.84 21.49
N GLY D 670 -32.11 24.34 20.84
CA GLY D 670 -31.49 23.10 21.23
C GLY D 670 -30.08 23.31 21.77
N LEU D 671 -29.42 22.19 22.07
CA LEU D 671 -28.06 22.18 22.58
C LEU D 671 -27.24 21.15 21.83
N ALA D 672 -25.95 21.44 21.62
CA ALA D 672 -25.06 20.58 20.86
C ALA D 672 -23.69 20.50 21.51
N TRP D 673 -23.02 19.38 21.29
CA TRP D 673 -21.64 19.23 21.74
C TRP D 673 -20.69 19.56 20.61
N THR D 674 -19.70 20.42 20.89
CA THR D 674 -18.68 20.79 19.91
C THR D 674 -17.32 20.78 20.57
N ALA D 675 -16.27 20.57 19.76
CA ALA D 675 -14.91 20.51 20.29
C ALA D 675 -14.48 21.84 20.89
N MET D 676 -14.82 22.95 20.25
CA MET D 676 -14.50 24.29 20.76
C MET D 676 -15.47 24.75 21.83
N GLY D 677 -15.65 23.96 22.89
CA GLY D 677 -16.64 24.25 23.91
C GLY D 677 -18.05 23.99 23.41
N GLY D 678 -18.97 23.74 24.33
CA GLY D 678 -20.34 23.50 23.94
C GLY D 678 -20.97 24.71 23.29
N SER D 679 -21.91 24.45 22.38
CA SER D 679 -22.61 25.52 21.68
C SER D 679 -24.05 25.10 21.43
N THR D 680 -24.93 26.09 21.35
CA THR D 680 -26.34 25.83 21.10
C THR D 680 -26.63 25.86 19.60
N LEU D 681 -27.71 25.16 19.22
CA LEU D 681 -28.21 25.20 17.87
C LEU D 681 -29.72 25.41 17.91
N PHE D 682 -30.23 26.14 16.93
CA PHE D 682 -31.66 26.34 16.78
C PHE D 682 -32.20 25.44 15.67
N VAL D 683 -33.49 25.14 15.75
CA VAL D 683 -34.18 24.36 14.73
C VAL D 683 -35.26 25.24 14.10
N GLU D 684 -35.21 25.38 12.79
CA GLU D 684 -36.13 26.24 12.05
C GLU D 684 -37.00 25.40 11.14
N THR D 685 -38.28 25.76 11.07
CA THR D 685 -39.24 25.09 10.21
C THR D 685 -40.06 26.13 9.47
N SER D 686 -40.50 25.76 8.26
CA SER D 686 -41.30 26.66 7.44
C SER D 686 -42.04 25.82 6.40
N LEU D 687 -43.04 26.43 5.79
CA LEU D 687 -43.87 25.74 4.81
C LEU D 687 -43.37 26.00 3.39
N ARG D 688 -43.15 24.91 2.65
CA ARG D 688 -42.76 25.03 1.25
C ARG D 688 -43.93 25.40 0.35
N ARG D 689 -45.15 25.01 0.72
CA ARG D 689 -46.34 25.28 -0.07
C ARG D 689 -47.44 25.81 0.83
N PRO D 690 -48.31 26.67 0.32
CA PRO D 690 -49.45 27.12 1.11
C PRO D 690 -50.48 26.02 1.28
N GLN D 691 -51.40 26.23 2.22
CA GLN D 691 -52.45 25.26 2.49
C GLN D 691 -53.41 25.18 1.31
N ASP D 692 -53.71 23.96 0.87
CA ASP D 692 -54.63 23.74 -0.24
C ASP D 692 -56.09 23.72 0.21
N LYS D 693 -56.35 23.75 1.51
CA LYS D 693 -57.72 23.73 2.02
C LYS D 693 -58.40 25.08 1.83
N LYS D 699 -54.66 14.61 0.10
CA LYS D 699 -53.37 15.28 0.24
C LYS D 699 -52.41 14.46 1.08
N ASP D 700 -51.11 14.78 0.98
CA ASP D 700 -50.09 14.07 1.72
C ASP D 700 -48.92 15.01 1.96
N GLY D 701 -48.55 15.19 3.22
CA GLY D 701 -47.45 16.08 3.55
C GLY D 701 -46.09 15.45 3.29
N SER D 702 -45.07 16.29 3.40
CA SER D 702 -43.70 15.86 3.21
C SER D 702 -42.78 16.75 4.01
N LEU D 703 -41.58 16.24 4.29
CA LEU D 703 -40.61 16.96 5.11
C LEU D 703 -39.25 16.96 4.41
N GLU D 704 -38.66 18.15 4.30
CA GLU D 704 -37.31 18.32 3.78
C GLU D 704 -36.39 18.81 4.88
N VAL D 705 -35.21 18.20 4.98
CA VAL D 705 -34.23 18.55 6.01
C VAL D 705 -32.98 19.07 5.32
N THR D 706 -32.47 20.21 5.79
CA THR D 706 -31.29 20.83 5.24
C THR D 706 -30.42 21.34 6.38
N GLY D 707 -29.13 21.52 6.10
CA GLY D 707 -28.20 21.98 7.11
C GLY D 707 -27.06 21.01 7.37
N GLN D 708 -26.69 20.24 6.34
CA GLN D 708 -25.61 19.26 6.43
C GLN D 708 -25.87 18.24 7.54
N LEU D 709 -27.13 17.82 7.66
CA LEU D 709 -27.50 16.83 8.66
C LEU D 709 -26.88 15.47 8.30
N GLY D 710 -26.38 14.78 9.32
CA GLY D 710 -25.84 13.46 9.11
C GLY D 710 -26.94 12.41 8.96
N GLU D 711 -26.51 11.19 8.66
CA GLU D 711 -27.46 10.09 8.47
C GLU D 711 -28.23 9.80 9.77
N VAL D 712 -27.53 9.81 10.90
CA VAL D 712 -28.19 9.57 12.18
C VAL D 712 -29.20 10.67 12.47
N MET D 713 -28.82 11.92 12.24
CA MET D 713 -29.72 13.03 12.53
C MET D 713 -30.89 13.07 11.55
N LYS D 714 -30.67 12.65 10.29
CA LYS D 714 -31.77 12.55 9.35
C LYS D 714 -32.75 11.46 9.76
N GLU D 715 -32.25 10.31 10.21
CA GLU D 715 -33.13 9.27 10.72
C GLU D 715 -33.90 9.75 11.94
N SER D 716 -33.23 10.47 12.83
CA SER D 716 -33.89 11.05 13.99
C SER D 716 -34.97 12.04 13.59
N ALA D 717 -34.71 12.83 12.54
CA ALA D 717 -35.72 13.76 12.04
C ALA D 717 -36.93 13.03 11.47
N ARG D 718 -36.71 11.92 10.75
CA ARG D 718 -37.83 11.13 10.25
C ARG D 718 -38.66 10.56 11.41
N ILE D 719 -37.98 10.03 12.43
CA ILE D 719 -38.67 9.49 13.59
C ILE D 719 -39.45 10.59 14.29
N ALA D 720 -38.84 11.77 14.42
CA ALA D 720 -39.49 12.90 15.06
C ALA D 720 -40.71 13.35 14.28
N TYR D 721 -40.63 13.34 12.95
CA TYR D 721 -41.79 13.69 12.13
C TYR D 721 -42.93 12.70 12.34
N THR D 722 -42.61 11.40 12.34
CA THR D 722 -43.65 10.40 12.56
C THR D 722 -44.30 10.57 13.94
N PHE D 723 -43.48 10.76 14.97
CA PHE D 723 -44.03 10.91 16.32
C PHE D 723 -44.80 12.22 16.46
N ALA D 724 -44.36 13.27 15.77
CA ALA D 724 -45.10 14.53 15.81
C ALA D 724 -46.48 14.36 15.17
N ARG D 725 -46.53 13.65 14.04
CA ARG D 725 -47.83 13.35 13.43
C ARG D 725 -48.72 12.59 14.41
N ALA D 726 -48.18 11.54 15.03
CA ALA D 726 -48.98 10.74 15.95
C ALA D 726 -49.45 11.55 17.15
N PHE D 727 -48.57 12.36 17.71
CA PHE D 727 -48.90 13.13 18.91
C PHE D 727 -49.90 14.23 18.60
N LEU D 728 -49.78 14.88 17.45
CA LEU D 728 -50.77 15.88 17.07
C LEU D 728 -52.11 15.23 16.77
N MET D 729 -52.11 14.02 16.22
CA MET D 729 -53.36 13.30 16.00
C MET D 729 -54.03 12.97 17.34
N GLN D 730 -53.25 12.48 18.31
CA GLN D 730 -53.83 12.07 19.58
C GLN D 730 -54.27 13.28 20.41
N HIS D 731 -53.52 14.38 20.35
CA HIS D 731 -53.82 15.54 21.18
C HIS D 731 -54.92 16.41 20.56
N ALA D 732 -54.86 16.61 19.25
CA ALA D 732 -55.85 17.45 18.55
C ALA D 732 -56.21 16.78 17.24
N PRO D 733 -57.20 15.88 17.26
CA PRO D 733 -57.59 15.18 16.02
C PRO D 733 -58.03 16.10 14.90
N ALA D 734 -58.66 17.23 15.23
CA ALA D 734 -59.14 18.15 14.19
C ALA D 734 -58.00 18.91 13.52
N ASN D 735 -56.79 18.85 14.07
CA ASN D 735 -55.65 19.58 13.52
C ASN D 735 -54.92 18.67 12.55
N ASP D 736 -55.20 18.84 11.26
CA ASP D 736 -54.55 18.09 10.20
C ASP D 736 -53.34 18.82 9.61
N TYR D 737 -52.68 19.66 10.41
CA TYR D 737 -51.59 20.49 9.90
C TYR D 737 -50.41 19.64 9.44
N LEU D 738 -49.94 18.74 10.31
CA LEU D 738 -48.78 17.92 9.96
C LEU D 738 -49.10 16.86 8.93
N VAL D 739 -50.38 16.51 8.76
CA VAL D 739 -50.74 15.45 7.83
C VAL D 739 -50.63 15.91 6.39
N THR D 740 -51.11 17.12 6.08
CA THR D 740 -51.23 17.59 4.70
C THR D 740 -50.20 18.63 4.31
N SER D 741 -49.76 19.47 5.23
CA SER D 741 -48.86 20.56 4.87
C SER D 741 -47.47 20.04 4.55
N HIS D 742 -46.77 20.77 3.69
CA HIS D 742 -45.39 20.47 3.31
C HIS D 742 -44.46 21.38 4.11
N ILE D 743 -43.51 20.78 4.83
CA ILE D 743 -42.68 21.49 5.78
C ILE D 743 -41.22 21.35 5.41
N HIS D 744 -40.51 22.47 5.44
CA HIS D 744 -39.06 22.50 5.27
C HIS D 744 -38.43 22.74 6.64
N LEU D 745 -37.53 21.85 7.04
CA LEU D 745 -36.86 21.94 8.33
C LEU D 745 -35.38 22.23 8.10
N HIS D 746 -34.89 23.30 8.72
CA HIS D 746 -33.49 23.71 8.58
C HIS D 746 -32.89 23.96 9.95
N VAL D 747 -31.61 23.61 10.07
CA VAL D 747 -30.81 23.91 11.26
C VAL D 747 -29.77 24.94 10.86
N PRO D 748 -29.82 26.16 11.43
CA PRO D 748 -28.87 27.21 11.03
C PRO D 748 -27.40 26.81 11.14
N GLU D 749 -26.52 27.65 10.59
CA GLU D 749 -25.11 27.33 10.38
C GLU D 749 -24.98 26.12 9.44
N GLY D 750 -25.53 26.32 8.24
CA GLY D 750 -25.58 25.26 7.25
C GLY D 750 -24.22 24.79 6.77
N ALA D 751 -23.19 25.63 6.88
CA ALA D 751 -21.85 25.22 6.48
C ALA D 751 -21.20 24.29 7.50
N THR D 752 -21.76 24.20 8.71
CA THR D 752 -21.18 23.39 9.76
C THR D 752 -21.76 21.98 9.74
N PRO D 753 -20.95 20.95 9.54
CA PRO D 753 -21.48 19.58 9.59
C PRO D 753 -21.81 19.17 11.03
N LYS D 754 -22.96 18.54 11.20
CA LYS D 754 -23.44 18.15 12.52
C LYS D 754 -24.09 16.78 12.45
N ASP D 755 -24.01 16.04 13.56
CA ASP D 755 -24.53 14.68 13.62
C ASP D 755 -24.97 14.39 15.05
N GLY D 756 -25.71 13.29 15.21
CA GLY D 756 -26.17 12.87 16.51
C GLY D 756 -27.67 12.90 16.64
N PRO D 757 -28.23 11.93 17.37
CA PRO D 757 -29.69 11.86 17.53
C PRO D 757 -30.25 12.71 18.66
N SER D 758 -29.42 13.46 19.37
CA SER D 758 -29.86 14.20 20.55
C SER D 758 -30.83 15.33 20.23
N ALA D 759 -31.13 15.59 18.95
CA ALA D 759 -32.03 16.68 18.58
C ALA D 759 -33.43 16.21 18.25
N GLY D 760 -33.77 14.95 18.51
CA GLY D 760 -35.08 14.44 18.12
C GLY D 760 -36.23 15.18 18.79
N CYS D 761 -36.14 15.35 20.10
CA CYS D 761 -37.19 16.06 20.83
C CYS D 761 -37.26 17.52 20.45
N THR D 762 -36.12 18.15 20.15
CA THR D 762 -36.12 19.52 19.64
C THR D 762 -36.89 19.60 18.32
N ILE D 763 -36.68 18.62 17.44
CA ILE D 763 -37.40 18.59 16.17
C ILE D 763 -38.89 18.40 16.40
N VAL D 764 -39.26 17.51 17.33
CA VAL D 764 -40.68 17.30 17.63
C VAL D 764 -41.31 18.58 18.13
N THR D 765 -40.62 19.28 19.04
CA THR D 765 -41.15 20.52 19.59
C THR D 765 -41.28 21.59 18.52
N ALA D 766 -40.29 21.70 17.64
CA ALA D 766 -40.36 22.66 16.55
C ALA D 766 -41.55 22.38 15.65
N LEU D 767 -41.74 21.11 15.27
CA LEU D 767 -42.85 20.76 14.39
C LEU D 767 -44.19 21.04 15.06
N LEU D 768 -44.33 20.67 16.34
CA LEU D 768 -45.60 20.89 17.03
C LEU D 768 -45.88 22.38 17.22
N SER D 769 -44.85 23.17 17.54
CA SER D 769 -45.03 24.60 17.69
C SER D 769 -45.42 25.26 16.37
N LEU D 770 -44.82 24.81 15.27
CA LEU D 770 -45.21 25.31 13.96
C LEU D 770 -46.66 24.94 13.65
N ALA D 771 -47.05 23.72 13.95
CA ALA D 771 -48.41 23.27 13.67
C ALA D 771 -49.45 24.00 14.51
N MET D 772 -49.16 24.26 15.78
CA MET D 772 -50.11 24.91 16.67
C MET D 772 -50.07 26.43 16.61
N GLY D 773 -49.04 27.01 15.99
CA GLY D 773 -48.90 28.44 15.96
C GLY D 773 -48.57 29.06 17.31
N ARG D 774 -47.99 28.28 18.22
CA ARG D 774 -47.67 28.75 19.56
C ARG D 774 -46.17 28.64 19.79
N PRO D 775 -45.46 29.73 20.08
CA PRO D 775 -44.03 29.62 20.36
C PRO D 775 -43.77 28.93 21.69
N VAL D 776 -42.59 28.32 21.78
CA VAL D 776 -42.14 27.66 22.99
C VAL D 776 -41.79 28.73 24.03
N ARG D 777 -41.56 28.30 25.27
CA ARG D 777 -41.11 29.23 26.31
C ARG D 777 -39.87 29.98 25.83
N GLN D 778 -39.89 31.30 26.04
CA GLN D 778 -38.96 32.19 25.35
C GLN D 778 -37.50 32.01 25.80
N ASN D 779 -37.25 31.29 26.89
CA ASN D 779 -35.90 31.03 27.35
C ASN D 779 -35.66 29.55 27.60
N LEU D 780 -36.46 28.70 26.97
CA LEU D 780 -36.35 27.26 27.17
C LEU D 780 -35.25 26.66 26.29
N ALA D 781 -34.51 25.73 26.86
CA ALA D 781 -33.53 24.94 26.14
C ALA D 781 -33.79 23.47 26.43
N MET D 782 -33.59 22.62 25.43
CA MET D 782 -33.98 21.22 25.55
C MET D 782 -33.14 20.36 24.65
N THR D 783 -32.97 19.10 25.05
CA THR D 783 -32.21 18.13 24.28
C THR D 783 -32.64 16.73 24.72
N GLY D 784 -32.42 15.75 23.83
CA GLY D 784 -32.73 14.38 24.16
C GLY D 784 -33.18 13.53 22.98
N GLU D 785 -32.67 12.31 22.91
CA GLU D 785 -33.10 11.38 21.87
C GLU D 785 -34.54 10.92 22.14
N VAL D 786 -35.30 10.75 21.06
CA VAL D 786 -36.70 10.36 21.14
C VAL D 786 -36.91 9.09 20.34
N SER D 787 -37.71 8.18 20.88
CA SER D 787 -38.05 6.95 20.18
C SER D 787 -39.29 7.16 19.32
N LEU D 788 -39.71 6.09 18.63
CA LEU D 788 -40.87 6.19 17.76
C LEU D 788 -42.17 6.39 18.54
N THR D 789 -42.20 6.01 19.81
CA THR D 789 -43.38 6.18 20.64
C THR D 789 -43.26 7.36 21.59
N GLY D 790 -42.16 8.12 21.50
CA GLY D 790 -41.97 9.30 22.32
C GLY D 790 -41.17 9.11 23.58
N LYS D 791 -40.71 7.90 23.86
CA LYS D 791 -39.90 7.69 25.06
C LYS D 791 -38.54 8.34 24.92
N ILE D 792 -38.28 9.34 25.76
CA ILE D 792 -37.01 10.06 25.71
C ILE D 792 -35.87 9.15 26.17
N LEU D 793 -34.70 9.32 25.56
CA LEU D 793 -33.55 8.49 25.84
C LEU D 793 -32.36 9.35 26.23
N PRO D 794 -31.44 8.80 27.03
CA PRO D 794 -30.29 9.59 27.49
C PRO D 794 -29.38 9.99 26.33
N VAL D 795 -28.72 11.14 26.52
CA VAL D 795 -27.78 11.67 25.55
C VAL D 795 -26.49 12.02 26.27
N GLY D 796 -25.39 12.04 25.50
CA GLY D 796 -24.10 12.30 26.06
C GLY D 796 -23.70 13.77 26.02
N GLY D 797 -22.55 14.06 26.61
CA GLY D 797 -22.03 15.41 26.63
C GLY D 797 -22.82 16.40 27.45
N ILE D 798 -23.32 15.97 28.62
CA ILE D 798 -24.16 16.84 29.43
C ILE D 798 -23.40 18.06 29.91
N LYS D 799 -22.11 17.90 30.24
CA LYS D 799 -21.33 19.00 30.78
C LYS D 799 -21.24 20.16 29.78
N GLU D 800 -20.82 19.86 28.55
CA GLU D 800 -20.64 20.90 27.55
C GLU D 800 -21.98 21.54 27.18
N LYS D 801 -23.03 20.73 27.06
CA LYS D 801 -24.34 21.28 26.71
C LYS D 801 -24.88 22.19 27.81
N THR D 802 -24.68 21.81 29.07
CA THR D 802 -25.12 22.67 30.18
C THR D 802 -24.30 23.94 30.24
N ILE D 803 -22.99 23.86 29.98
CA ILE D 803 -22.16 25.05 29.95
C ILE D 803 -22.63 26.00 28.86
N ALA D 804 -22.93 25.45 27.68
CA ALA D 804 -23.44 26.27 26.59
C ALA D 804 -24.78 26.90 26.94
N ALA D 805 -25.66 26.13 27.58
CA ALA D 805 -26.98 26.64 27.95
C ALA D 805 -26.86 27.80 28.94
N LYS D 806 -26.00 27.64 29.95
CA LYS D 806 -25.82 28.71 30.94
C LYS D 806 -25.14 29.92 30.30
N ARG D 807 -24.18 29.69 29.42
CA ARG D 807 -23.53 30.80 28.73
C ARG D 807 -24.51 31.55 27.83
N ALA D 808 -25.42 30.82 27.20
CA ALA D 808 -26.45 31.46 26.37
C ALA D 808 -27.51 32.18 27.19
N GLY D 809 -27.53 31.99 28.51
CA GLY D 809 -28.45 32.73 29.34
C GLY D 809 -29.86 32.18 29.40
N VAL D 810 -30.04 30.87 29.21
CA VAL D 810 -31.36 30.29 29.36
C VAL D 810 -31.71 30.15 30.84
N THR D 811 -33.01 30.13 31.12
CA THR D 811 -33.49 29.99 32.49
C THR D 811 -33.97 28.58 32.82
N CYS D 812 -34.33 27.78 31.82
CA CYS D 812 -34.79 26.42 32.03
C CYS D 812 -34.14 25.49 31.03
N ILE D 813 -33.80 24.28 31.48
CA ILE D 813 -33.19 23.27 30.63
C ILE D 813 -33.94 21.96 30.83
N VAL D 814 -34.17 21.23 29.74
CA VAL D 814 -34.88 19.95 29.76
C VAL D 814 -33.89 18.85 29.39
N LEU D 815 -33.81 17.82 30.21
CA LEU D 815 -32.89 16.72 30.02
C LEU D 815 -33.64 15.40 30.18
N PRO D 816 -33.14 14.33 29.55
CA PRO D 816 -33.71 13.00 29.80
C PRO D 816 -33.49 12.57 31.24
N ALA D 817 -34.41 11.75 31.74
CA ALA D 817 -34.35 11.31 33.14
C ALA D 817 -33.09 10.50 33.42
N GLU D 818 -32.65 9.69 32.45
CA GLU D 818 -31.45 8.88 32.66
C GLU D 818 -30.18 9.70 32.76
N ASN D 819 -30.24 10.99 32.42
CA ASN D 819 -29.10 11.88 32.56
C ASN D 819 -29.05 12.57 33.92
N LYS D 820 -29.93 12.19 34.85
CA LYS D 820 -29.92 12.80 36.18
C LYS D 820 -28.60 12.55 36.90
N LYS D 821 -28.05 11.35 36.76
CA LYS D 821 -26.77 11.03 37.37
C LYS D 821 -25.60 11.75 36.71
N ASP D 822 -25.78 12.27 35.51
CA ASP D 822 -24.73 13.05 34.85
C ASP D 822 -24.81 14.53 35.19
N PHE D 823 -26.03 15.05 35.38
CA PHE D 823 -26.18 16.48 35.65
C PHE D 823 -25.70 16.84 37.05
N TYR D 824 -26.07 16.04 38.04
CA TYR D 824 -25.70 16.33 39.43
C TYR D 824 -24.25 16.01 39.75
N ASP D 825 -23.54 15.34 38.85
CA ASP D 825 -22.11 15.14 39.03
C ASP D 825 -21.33 16.41 38.72
N LEU D 826 -21.94 17.37 38.04
CA LEU D 826 -21.26 18.60 37.68
C LEU D 826 -21.01 19.46 38.91
N ALA D 827 -20.07 20.41 38.77
CA ALA D 827 -19.75 21.30 39.87
C ALA D 827 -20.94 22.20 40.21
N ALA D 828 -20.97 22.68 41.46
CA ALA D 828 -22.11 23.47 41.93
C ALA D 828 -22.24 24.79 41.17
N PHE D 829 -21.12 25.44 40.85
CA PHE D 829 -21.20 26.74 40.20
C PHE D 829 -21.68 26.66 38.75
N ILE D 830 -21.75 25.45 38.19
CA ILE D 830 -22.25 25.29 36.82
C ILE D 830 -23.76 25.16 36.81
N THR D 831 -24.31 24.35 37.71
CA THR D 831 -25.72 23.96 37.65
C THR D 831 -26.61 24.77 38.58
N GLU D 832 -26.06 25.74 39.32
CA GLU D 832 -26.84 26.42 40.34
C GLU D 832 -27.94 27.30 39.74
N GLY D 833 -27.67 27.93 38.60
CA GLY D 833 -28.60 28.92 38.06
C GLY D 833 -29.68 28.39 37.15
N LEU D 834 -29.70 27.08 36.88
CA LEU D 834 -30.60 26.51 35.89
C LEU D 834 -31.80 25.84 36.55
N GLU D 835 -33.00 26.14 36.05
CA GLU D 835 -34.20 25.41 36.43
C GLU D 835 -34.28 24.15 35.57
N VAL D 836 -34.20 22.99 36.22
CA VAL D 836 -33.97 21.72 35.52
C VAL D 836 -35.22 20.87 35.59
N HIS D 837 -35.63 20.34 34.44
CA HIS D 837 -36.74 19.40 34.34
C HIS D 837 -36.23 18.10 33.75
N PHE D 838 -36.49 16.99 34.44
CA PHE D 838 -36.15 15.66 33.95
C PHE D 838 -37.42 14.97 33.46
N VAL D 839 -37.34 14.36 32.28
CA VAL D 839 -38.51 13.79 31.63
C VAL D 839 -38.22 12.36 31.20
N GLU D 840 -39.27 11.55 31.12
CA GLU D 840 -39.20 10.19 30.61
C GLU D 840 -40.01 9.99 29.34
N HIS D 841 -41.01 10.81 29.10
CA HIS D 841 -41.83 10.73 27.90
C HIS D 841 -42.15 12.14 27.44
N TYR D 842 -42.43 12.28 26.14
CA TYR D 842 -42.65 13.60 25.57
C TYR D 842 -43.91 14.26 26.11
N ARG D 843 -44.80 13.52 26.76
CA ARG D 843 -46.00 14.13 27.35
C ARG D 843 -45.63 15.21 28.36
N GLU D 844 -44.54 15.02 29.09
CA GLU D 844 -44.10 16.03 30.04
C GLU D 844 -43.44 17.21 29.34
N ILE D 845 -42.69 16.96 28.27
CA ILE D 845 -42.05 18.03 27.52
C ILE D 845 -43.10 18.92 26.87
N PHE D 846 -44.21 18.33 26.44
CA PHE D 846 -45.28 19.13 25.84
C PHE D 846 -45.85 20.13 26.85
N ASP D 847 -46.04 19.71 28.09
CA ASP D 847 -46.52 20.60 29.13
C ASP D 847 -45.46 21.61 29.56
N ILE D 848 -44.19 21.23 29.55
CA ILE D 848 -43.14 22.17 29.93
C ILE D 848 -42.97 23.26 28.89
N ALA D 849 -42.96 22.89 27.60
CA ALA D 849 -42.70 23.86 26.54
C ALA D 849 -43.93 24.68 26.20
N PHE D 850 -45.12 24.13 26.41
CA PHE D 850 -46.38 24.80 26.08
C PHE D 850 -47.29 24.85 27.30
N PRO D 851 -46.97 25.70 28.28
CA PRO D 851 -47.85 25.85 29.44
C PRO D 851 -49.15 26.55 29.07
N ASP D 852 -50.18 26.28 29.86
CA ASP D 852 -51.49 26.89 29.65
C ASP D 852 -51.49 28.34 30.12
N LEU E 298 57.07 12.51 40.07
CA LEU E 298 55.94 12.32 39.16
C LEU E 298 56.23 12.97 37.80
N LEU E 299 57.00 14.06 37.81
CA LEU E 299 57.33 14.73 36.57
C LEU E 299 58.28 13.90 35.72
N GLN E 300 59.16 13.11 36.35
CA GLN E 300 60.10 12.28 35.60
C GLN E 300 59.36 11.24 34.75
N GLU E 301 58.33 10.60 35.34
CA GLU E 301 57.53 9.66 34.57
C GLU E 301 56.80 10.37 33.43
N GLN E 302 56.26 11.56 33.69
CA GLN E 302 55.62 12.34 32.64
C GLN E 302 56.61 12.74 31.55
N LEU E 303 57.83 13.13 31.95
CA LEU E 303 58.84 13.47 30.95
C LEU E 303 59.21 12.27 30.09
N LYS E 304 59.36 11.10 30.70
CA LYS E 304 59.65 9.89 29.93
C LYS E 304 58.51 9.54 28.99
N ILE E 305 57.27 9.69 29.46
CA ILE E 305 56.11 9.40 28.63
C ILE E 305 56.06 10.36 27.44
N ILE E 306 56.34 11.65 27.69
CA ILE E 306 56.34 12.63 26.61
C ILE E 306 57.45 12.31 25.60
N LYS E 307 58.63 11.94 26.09
CA LYS E 307 59.73 11.60 25.19
C LYS E 307 59.38 10.39 24.33
N LYS E 308 58.74 9.39 24.93
CA LYS E 308 58.33 8.22 24.17
C LYS E 308 57.26 8.58 23.14
N GLU E 309 56.29 9.41 23.53
CA GLU E 309 55.19 9.75 22.64
C GLU E 309 55.63 10.60 21.46
N LEU E 310 56.54 11.56 21.70
CA LEU E 310 56.98 12.43 20.62
C LEU E 310 57.79 11.69 19.55
N GLY E 311 58.33 10.52 19.86
CA GLY E 311 59.03 9.74 18.87
C GLY E 311 58.15 8.86 18.00
N LEU E 312 56.87 8.76 18.33
CA LEU E 312 55.96 7.93 17.55
C LEU E 312 55.63 8.60 16.22
N GLU E 313 55.23 7.77 15.25
CA GLU E 313 54.84 8.27 13.94
C GLU E 313 53.45 8.90 13.95
N LYS E 314 52.64 8.62 14.98
CA LYS E 314 51.30 9.18 15.11
C LYS E 314 50.44 8.87 13.87
N ASP E 315 50.34 7.59 13.56
CA ASP E 315 49.56 7.14 12.42
C ASP E 315 48.07 7.31 12.70
N ASP E 316 47.25 6.95 11.70
CA ASP E 316 45.80 7.11 11.80
C ASP E 316 45.19 6.20 12.87
N LYS E 317 45.91 5.19 13.34
CA LYS E 317 45.33 4.26 14.31
C LYS E 317 45.17 4.90 15.68
N ASP E 318 46.15 5.69 16.11
CA ASP E 318 46.16 6.23 17.47
C ASP E 318 45.60 7.64 17.55
N ALA E 319 45.76 8.45 16.49
CA ALA E 319 45.43 9.87 16.54
C ALA E 319 43.93 10.14 16.53
N ILE E 320 43.08 9.12 16.45
CA ILE E 320 41.64 9.34 16.43
C ILE E 320 41.15 9.96 17.74
N GLU E 321 41.63 9.43 18.87
CA GLU E 321 41.25 9.99 20.17
C GLU E 321 41.70 11.44 20.31
N GLU E 322 42.93 11.72 19.88
CA GLU E 322 43.43 13.10 19.93
C GLU E 322 42.61 14.02 19.05
N LYS E 323 42.22 13.56 17.86
CA LYS E 323 41.38 14.37 16.99
C LYS E 323 40.04 14.67 17.65
N PHE E 324 39.40 13.65 18.24
CA PHE E 324 38.10 13.87 18.87
C PHE E 324 38.22 14.78 20.08
N ARG E 325 39.29 14.66 20.85
CA ARG E 325 39.50 15.58 21.98
C ARG E 325 39.72 17.00 21.48
N GLU E 326 40.47 17.14 20.38
CA GLU E 326 40.68 18.46 19.78
C GLU E 326 39.36 19.08 19.36
N ARG E 327 38.47 18.29 18.75
CA ARG E 327 37.18 18.81 18.34
C ARG E 327 36.29 19.11 19.55
N LEU E 328 36.61 18.56 20.72
CA LEU E 328 35.70 18.58 21.84
C LEU E 328 35.94 19.70 22.85
N LYS E 329 37.17 20.21 22.99
CA LYS E 329 37.45 21.17 24.05
C LYS E 329 37.13 22.61 23.67
N GLU E 330 36.69 22.87 22.44
CA GLU E 330 36.34 24.22 22.03
C GLU E 330 34.88 24.56 22.30
N LEU E 331 34.15 23.68 22.96
CA LEU E 331 32.72 23.87 23.20
C LEU E 331 32.34 23.16 24.50
N VAL E 332 31.22 23.60 25.07
CA VAL E 332 30.76 23.08 26.35
C VAL E 332 29.69 22.02 26.15
N VAL E 333 30.06 20.76 26.36
CA VAL E 333 29.10 19.67 26.21
C VAL E 333 28.32 19.49 27.52
N PRO E 334 27.06 19.06 27.48
CA PRO E 334 26.36 18.76 28.73
C PRO E 334 26.98 17.57 29.44
N LYS E 335 26.67 17.44 30.73
CA LYS E 335 27.20 16.33 31.52
C LYS E 335 26.65 14.99 31.02
N HIS E 336 25.38 14.96 30.61
CA HIS E 336 24.72 13.71 30.23
C HIS E 336 25.20 13.15 28.90
N VAL E 337 26.17 13.78 28.23
CA VAL E 337 26.68 13.26 26.97
C VAL E 337 28.19 13.05 27.10
N MET E 338 28.81 13.77 28.04
CA MET E 338 30.25 13.63 28.24
C MET E 338 30.61 12.23 28.73
N ASP E 339 29.78 11.65 29.61
CA ASP E 339 30.02 10.28 30.05
C ASP E 339 29.91 9.29 28.91
N VAL E 340 28.93 9.48 28.01
CA VAL E 340 28.80 8.62 26.85
C VAL E 340 30.04 8.74 25.96
N VAL E 341 30.51 9.97 25.76
CA VAL E 341 31.71 10.18 24.95
C VAL E 341 32.90 9.48 25.58
N ASP E 342 33.05 9.59 26.90
CA ASP E 342 34.15 8.94 27.59
C ASP E 342 34.08 7.43 27.45
N GLU E 343 32.89 6.85 27.59
CA GLU E 343 32.76 5.41 27.50
C GLU E 343 33.00 4.92 26.07
N GLU E 344 32.61 5.72 25.07
CA GLU E 344 32.86 5.31 23.69
C GLU E 344 34.33 5.41 23.32
N LEU E 345 35.03 6.45 23.77
CA LEU E 345 36.48 6.51 23.57
C LEU E 345 37.19 5.38 24.30
N SER E 346 36.73 5.04 25.51
CA SER E 346 37.30 3.90 26.21
C SER E 346 37.06 2.61 25.44
N LYS E 347 35.87 2.45 24.87
CA LYS E 347 35.60 1.28 24.04
C LYS E 347 36.44 1.29 22.77
N LEU E 348 36.57 2.46 22.14
CA LEU E 348 37.23 2.54 20.84
C LEU E 348 38.70 2.11 20.91
N GLY E 349 39.34 2.34 22.06
CA GLY E 349 40.76 2.04 22.18
C GLY E 349 41.09 0.56 22.25
N LEU E 350 40.09 -0.29 22.44
CA LEU E 350 40.33 -1.72 22.61
C LEU E 350 40.16 -2.52 21.32
N LEU E 351 39.53 -1.95 20.30
CA LEU E 351 39.19 -2.67 19.09
C LEU E 351 40.30 -2.58 18.04
N ASP E 352 40.35 -3.61 17.20
CA ASP E 352 41.18 -3.58 16.00
C ASP E 352 40.53 -2.64 14.98
N ASN E 353 41.35 -1.86 14.29
CA ASN E 353 40.82 -0.86 13.36
C ASN E 353 40.11 -1.49 12.16
N HIS E 354 40.39 -2.75 11.87
CA HIS E 354 39.80 -3.40 10.69
C HIS E 354 38.40 -3.94 10.94
N SER E 355 37.95 -4.03 12.19
CA SER E 355 36.65 -4.57 12.49
C SER E 355 35.54 -3.58 12.15
N SER E 356 34.38 -4.11 11.80
CA SER E 356 33.22 -3.27 11.49
C SER E 356 32.68 -2.54 12.71
N GLU E 357 32.79 -3.15 13.89
CA GLU E 357 32.36 -2.48 15.12
C GLU E 357 33.20 -1.23 15.38
N PHE E 358 34.50 -1.31 15.12
CA PHE E 358 35.35 -0.11 15.22
C PHE E 358 34.88 0.96 14.25
N ASN E 359 34.53 0.56 13.03
CA ASN E 359 34.07 1.52 12.03
C ASN E 359 32.79 2.22 12.47
N VAL E 360 31.83 1.45 12.98
CA VAL E 360 30.56 2.07 13.39
C VAL E 360 30.76 2.94 14.63
N THR E 361 31.63 2.52 15.56
CA THR E 361 31.90 3.35 16.74
C THR E 361 32.58 4.65 16.33
N ARG E 362 33.53 4.58 15.41
CA ARG E 362 34.20 5.78 14.92
C ARG E 362 33.23 6.71 14.22
N ASN E 363 32.33 6.15 13.40
CA ASN E 363 31.33 6.98 12.73
C ASN E 363 30.40 7.65 13.74
N TYR E 364 29.98 6.91 14.77
CA TYR E 364 29.12 7.48 15.80
C TYR E 364 29.84 8.60 16.55
N LEU E 365 31.11 8.40 16.88
CA LEU E 365 31.86 9.44 17.56
C LEU E 365 32.03 10.67 16.68
N ASP E 366 32.32 10.47 15.39
CA ASP E 366 32.45 11.59 14.48
C ASP E 366 31.15 12.38 14.37
N TRP E 367 30.02 11.67 14.30
CA TRP E 367 28.73 12.34 14.23
C TRP E 367 28.44 13.10 15.52
N LEU E 368 28.72 12.49 16.67
CA LEU E 368 28.34 13.10 17.94
C LEU E 368 29.21 14.30 18.27
N THR E 369 30.53 14.19 18.08
CA THR E 369 31.43 15.29 18.41
C THR E 369 31.29 16.47 17.47
N SER E 370 30.61 16.31 16.33
CA SER E 370 30.39 17.43 15.43
C SER E 370 29.22 18.30 15.85
N ILE E 371 28.39 17.83 16.77
CA ILE E 371 27.25 18.63 17.24
C ILE E 371 27.77 19.85 17.99
N PRO E 372 27.26 21.04 17.71
CA PRO E 372 27.73 22.26 18.41
C PRO E 372 27.10 22.43 19.79
N TRP E 373 27.50 21.56 20.72
CA TRP E 373 27.02 21.59 22.08
C TRP E 373 27.30 22.93 22.75
N GLY E 374 26.25 23.66 23.11
CA GLY E 374 26.41 24.89 23.86
C GLY E 374 27.01 26.05 23.08
N LYS E 375 26.89 26.04 21.76
CA LYS E 375 27.42 27.10 20.92
C LYS E 375 26.27 27.89 20.31
N TYR E 376 26.28 29.21 20.49
CA TYR E 376 25.21 30.08 20.05
C TYR E 376 25.77 31.23 19.22
N SER E 377 25.07 31.57 18.15
CA SER E 377 25.43 32.75 17.36
C SER E 377 24.87 34.01 18.02
N ASN E 378 25.59 35.11 17.87
CA ASN E 378 25.23 36.37 18.49
C ASN E 378 24.33 37.16 17.56
N GLU E 379 23.11 37.44 18.01
CA GLU E 379 22.16 38.19 17.21
C GLU E 379 22.41 39.69 17.33
N ASN E 380 22.00 40.43 16.30
CA ASN E 380 22.02 41.89 16.34
C ASN E 380 20.66 42.34 16.88
N LEU E 381 20.63 42.63 18.18
CA LEU E 381 19.36 42.85 18.87
C LEU E 381 18.84 44.27 18.76
N ASP E 382 19.61 45.21 18.21
CA ASP E 382 19.15 46.59 18.11
C ASP E 382 18.00 46.69 17.09
N LEU E 383 16.92 47.35 17.51
CA LEU E 383 15.67 47.30 16.73
C LEU E 383 15.76 48.11 15.45
N ALA E 384 16.52 49.21 15.45
CA ALA E 384 16.51 50.13 14.32
C ALA E 384 16.98 49.47 13.04
N ARG E 385 18.24 49.03 13.01
CA ARG E 385 18.75 48.42 11.79
C ARG E 385 18.15 47.04 11.55
N ALA E 386 17.67 46.37 12.59
CA ALA E 386 16.95 45.12 12.38
C ALA E 386 15.68 45.34 11.59
N GLN E 387 14.92 46.39 11.90
CA GLN E 387 13.76 46.75 11.08
C GLN E 387 14.18 47.23 9.70
N ALA E 388 15.30 47.97 9.63
CA ALA E 388 15.77 48.46 8.34
C ALA E 388 16.10 47.33 7.39
N VAL E 389 16.69 46.24 7.91
CA VAL E 389 17.00 45.08 7.09
C VAL E 389 15.72 44.45 6.56
N LEU E 390 14.68 44.36 7.40
CA LEU E 390 13.40 43.82 6.94
C LEU E 390 12.78 44.68 5.86
N GLU E 391 12.85 46.01 6.02
CA GLU E 391 12.36 46.90 4.97
C GLU E 391 13.22 46.80 3.72
N GLU E 392 14.52 46.51 3.89
CA GLU E 392 15.44 46.46 2.76
C GLU E 392 15.10 45.34 1.79
N ASP E 393 14.47 44.27 2.27
CA ASP E 393 14.25 43.09 1.44
C ASP E 393 12.79 42.87 1.05
N HIS E 394 11.83 43.23 1.91
CA HIS E 394 10.44 42.96 1.64
C HIS E 394 9.58 44.17 1.96
N TYR E 395 8.56 44.40 1.13
CA TYR E 395 7.59 45.45 1.35
C TYR E 395 6.32 44.86 1.98
N GLY E 396 5.58 45.73 2.68
CA GLY E 396 4.40 45.24 3.37
C GLY E 396 4.75 44.27 4.47
N MET E 397 3.95 43.21 4.59
CA MET E 397 4.15 42.17 5.60
C MET E 397 4.20 42.78 7.00
N GLU E 398 3.20 43.62 7.30
CA GLU E 398 3.19 44.35 8.57
C GLU E 398 3.13 43.41 9.77
N ASP E 399 2.30 42.37 9.69
CA ASP E 399 2.15 41.45 10.81
C ASP E 399 3.44 40.69 11.08
N VAL E 400 4.11 40.22 10.03
CA VAL E 400 5.36 39.49 10.20
C VAL E 400 6.44 40.38 10.79
N LYS E 401 6.54 41.62 10.31
CA LYS E 401 7.53 42.55 10.84
C LYS E 401 7.24 42.87 12.30
N LYS E 402 5.96 43.06 12.64
CA LYS E 402 5.61 43.28 14.04
C LYS E 402 6.01 42.10 14.91
N ARG E 403 5.72 40.88 14.44
CA ARG E 403 6.06 39.70 15.23
C ARG E 403 7.57 39.58 15.42
N ILE E 404 8.34 39.84 14.36
CA ILE E 404 9.79 39.75 14.48
C ILE E 404 10.33 40.82 15.42
N LEU E 405 9.79 42.04 15.35
CA LEU E 405 10.22 43.10 16.27
C LEU E 405 9.87 42.74 17.71
N GLU E 406 8.70 42.14 17.93
CA GLU E 406 8.33 41.71 19.28
C GLU E 406 9.27 40.62 19.78
N PHE E 407 9.64 39.67 18.91
CA PHE E 407 10.59 38.64 19.30
C PHE E 407 11.95 39.25 19.67
N ILE E 408 12.40 40.21 18.87
CA ILE E 408 13.68 40.88 19.17
C ILE E 408 13.59 41.63 20.48
N ALA E 409 12.44 42.28 20.74
CA ALA E 409 12.26 43.00 22.00
C ALA E 409 12.28 42.05 23.19
N VAL E 410 11.64 40.89 23.06
CA VAL E 410 11.66 39.90 24.13
C VAL E 410 13.08 39.40 24.36
N SER E 411 13.83 39.17 23.28
CA SER E 411 15.22 38.76 23.42
C SER E 411 16.05 39.82 24.12
N GLN E 412 15.83 41.09 23.80
CA GLN E 412 16.52 42.17 24.49
C GLN E 412 16.18 42.19 25.98
N LEU E 413 14.90 42.08 26.31
CA LEU E 413 14.48 42.17 27.70
C LEU E 413 14.99 40.99 28.52
N ARG E 414 15.01 39.79 27.94
CA ARG E 414 15.59 38.64 28.64
C ARG E 414 17.09 38.77 28.79
N GLY E 415 17.77 39.34 27.80
CA GLY E 415 19.22 39.36 27.82
C GLY E 415 19.88 38.07 27.41
N SER E 416 19.10 37.13 26.87
CA SER E 416 19.63 35.85 26.41
C SER E 416 18.83 35.40 25.20
N THR E 417 19.47 34.61 24.35
CA THR E 417 18.82 34.13 23.14
C THR E 417 17.68 33.17 23.48
N GLN E 418 16.66 33.15 22.64
CA GLN E 418 15.49 32.31 22.86
C GLN E 418 14.96 31.81 21.52
N GLY E 419 14.17 30.75 21.59
CA GLY E 419 13.58 30.16 20.40
C GLY E 419 12.06 30.24 20.40
N LYS E 420 11.46 30.09 19.22
CA LYS E 420 10.01 30.18 19.10
C LYS E 420 9.56 29.36 17.90
N ILE E 421 8.28 28.98 17.91
CA ILE E 421 7.66 28.25 16.82
C ILE E 421 6.48 29.07 16.33
N LEU E 422 6.45 29.33 15.02
CA LEU E 422 5.41 30.15 14.42
C LEU E 422 5.23 29.73 12.97
N CYS E 423 4.05 30.02 12.43
CA CYS E 423 3.66 29.55 11.10
C CYS E 423 3.22 30.74 10.25
N PHE E 424 3.90 30.94 9.13
CA PHE E 424 3.44 31.88 8.11
C PHE E 424 2.57 31.13 7.11
N TYR E 425 1.31 31.55 6.99
CA TYR E 425 0.37 30.89 6.09
C TYR E 425 -0.38 31.91 5.28
N GLY E 426 -0.74 31.54 4.05
CA GLY E 426 -1.42 32.42 3.15
C GLY E 426 -1.36 31.94 1.72
N PRO E 427 -1.83 32.75 0.78
CA PRO E 427 -1.83 32.37 -0.64
C PRO E 427 -0.41 32.18 -1.15
N PRO E 428 -0.21 31.30 -2.13
CA PRO E 428 1.13 31.12 -2.70
C PRO E 428 1.59 32.38 -3.43
N GLY E 429 2.92 32.56 -3.45
CA GLY E 429 3.50 33.68 -4.17
C GLY E 429 3.44 35.02 -3.46
N VAL E 430 3.23 35.01 -2.15
CA VAL E 430 3.18 36.26 -1.39
C VAL E 430 4.54 36.63 -0.79
N GLY E 431 5.40 35.65 -0.51
CA GLY E 431 6.70 35.95 0.05
C GLY E 431 7.02 35.17 1.30
N LYS E 432 6.31 34.06 1.51
CA LYS E 432 6.51 33.27 2.73
C LYS E 432 7.91 32.67 2.80
N THR E 433 8.43 32.20 1.67
CA THR E 433 9.73 31.52 1.69
C THR E 433 10.88 32.51 1.85
N SER E 434 10.84 33.64 1.13
CA SER E 434 11.96 34.57 1.16
C SER E 434 12.01 35.36 2.46
N ILE E 435 10.85 35.58 3.09
CA ILE E 435 10.84 36.33 4.35
C ILE E 435 11.57 35.54 5.43
N ALA E 436 11.59 34.22 5.34
CA ALA E 436 12.35 33.42 6.30
C ALA E 436 13.84 33.73 6.21
N ARG E 437 14.37 33.77 4.98
CA ARG E 437 15.78 34.12 4.80
C ARG E 437 16.05 35.56 5.21
N SER E 438 15.10 36.46 4.94
CA SER E 438 15.26 37.85 5.35
C SER E 438 15.33 37.96 6.87
N ILE E 439 14.47 37.21 7.57
CA ILE E 439 14.48 37.22 9.04
C ILE E 439 15.79 36.63 9.56
N ALA E 440 16.26 35.56 8.92
CA ALA E 440 17.53 34.97 9.33
C ALA E 440 18.68 35.96 9.16
N ARG E 441 18.67 36.71 8.05
CA ARG E 441 19.70 37.72 7.84
C ARG E 441 19.60 38.83 8.89
N ALA E 442 18.37 39.27 9.19
CA ALA E 442 18.19 40.34 10.17
C ALA E 442 18.66 39.92 11.56
N LEU E 443 18.37 38.68 11.94
CA LEU E 443 18.74 38.17 13.26
C LEU E 443 20.16 37.66 13.33
N ASN E 444 20.89 37.64 12.20
CA ASN E 444 22.23 37.09 12.14
C ASN E 444 22.27 35.64 12.59
N ARG E 445 21.17 34.92 12.37
CA ARG E 445 21.08 33.52 12.72
C ARG E 445 21.42 32.65 11.51
N GLU E 446 21.96 31.46 11.78
CA GLU E 446 22.22 30.52 10.72
C GLU E 446 20.91 30.04 10.10
N TYR E 447 20.91 29.87 8.78
CA TYR E 447 19.70 29.55 8.04
C TYR E 447 19.79 28.13 7.49
N PHE E 448 18.74 27.36 7.73
CA PHE E 448 18.63 26.00 7.21
C PHE E 448 17.23 25.79 6.67
N ARG E 449 17.11 24.97 5.63
CA ARG E 449 15.84 24.78 4.94
C ARG E 449 15.70 23.33 4.53
N PHE E 450 14.57 22.72 4.87
CA PHE E 450 14.27 21.35 4.44
C PHE E 450 12.76 21.20 4.28
N SER E 451 12.36 20.56 3.18
CA SER E 451 10.95 20.40 2.90
C SER E 451 10.39 19.16 3.59
N VAL E 452 9.13 19.26 4.03
CA VAL E 452 8.46 18.15 4.69
C VAL E 452 7.21 17.70 3.94
N GLY E 453 6.70 18.51 3.02
CA GLY E 453 5.51 18.11 2.28
C GLY E 453 5.78 16.91 1.40
N GLY E 454 4.81 15.99 1.35
CA GLY E 454 4.94 14.78 0.60
C GLY E 454 5.86 13.74 1.22
N MET E 455 6.44 14.02 2.38
CA MET E 455 7.33 13.06 3.03
C MET E 455 6.52 11.93 3.65
N THR E 456 7.07 10.72 3.56
CA THR E 456 6.45 9.55 4.17
C THR E 456 7.38 8.73 5.06
N ASP E 457 8.69 8.87 4.94
CA ASP E 457 9.63 8.12 5.76
C ASP E 457 9.86 8.88 7.07
N VAL E 458 9.42 8.29 8.18
CA VAL E 458 9.63 8.91 9.49
C VAL E 458 11.10 8.97 9.85
N ALA E 459 11.93 8.12 9.24
CA ALA E 459 13.35 8.08 9.56
C ALA E 459 14.11 9.31 9.08
N GLU E 460 13.50 10.15 8.25
CA GLU E 460 14.17 11.36 7.80
C GLU E 460 14.39 12.34 8.95
N ILE E 461 13.51 12.30 9.96
CA ILE E 461 13.68 13.14 11.14
C ILE E 461 14.40 12.37 12.24
N LYS E 462 13.85 11.21 12.63
CA LYS E 462 14.37 10.47 13.78
C LYS E 462 15.64 9.69 13.47
N GLY E 463 15.94 9.45 12.21
CA GLY E 463 17.12 8.67 11.88
C GLY E 463 16.89 7.18 12.08
N HIS E 464 18.00 6.44 11.98
CA HIS E 464 17.98 4.99 12.14
C HIS E 464 18.97 4.58 13.23
N ARG E 465 18.69 3.42 13.83
CA ARG E 465 19.54 2.89 14.89
C ARG E 465 20.93 2.56 14.33
N ARG E 466 21.95 2.71 15.18
CA ARG E 466 23.33 2.48 14.75
C ARG E 466 23.55 1.06 14.25
N THR E 467 22.75 0.10 14.74
CA THR E 467 22.95 -1.30 14.38
C THR E 467 22.79 -1.51 12.88
N TYR E 468 21.80 -0.87 12.27
CA TYR E 468 21.60 -0.98 10.83
C TYR E 468 22.78 -0.36 10.10
N VAL E 469 23.21 -1.03 9.03
CA VAL E 469 24.40 -0.58 8.30
C VAL E 469 24.09 0.73 7.57
N GLY E 470 25.03 1.67 7.65
CA GLY E 470 24.88 2.94 6.97
C GLY E 470 23.76 3.83 7.50
N ALA E 471 23.53 3.82 8.80
CA ALA E 471 22.48 4.65 9.37
C ALA E 471 22.93 6.10 9.47
N MET E 472 21.95 7.01 9.46
CA MET E 472 22.20 8.43 9.57
C MET E 472 21.21 9.04 10.55
N PRO E 473 21.61 10.11 11.25
CA PRO E 473 20.77 10.64 12.34
C PRO E 473 19.59 11.48 11.89
N GLY E 474 19.49 11.83 10.61
CA GLY E 474 18.32 12.53 10.12
C GLY E 474 18.52 14.02 9.91
N LYS E 475 17.42 14.66 9.51
CA LYS E 475 17.47 16.04 9.01
C LYS E 475 17.87 17.02 10.10
N ILE E 476 17.29 16.87 11.29
CA ILE E 476 17.56 17.83 12.36
C ILE E 476 19.02 17.77 12.80
N ILE E 477 19.55 16.56 12.95
CA ILE E 477 20.95 16.43 13.35
C ILE E 477 21.87 16.91 12.24
N GLN E 478 21.51 16.65 10.98
CA GLN E 478 22.32 17.19 9.88
C GLN E 478 22.32 18.71 9.88
N CYS E 479 21.16 19.32 10.18
CA CYS E 479 21.08 20.76 10.29
C CYS E 479 21.97 21.29 11.41
N LEU E 480 21.92 20.62 12.57
CA LEU E 480 22.76 21.05 13.69
C LEU E 480 24.24 20.93 13.34
N LYS E 481 24.62 19.86 12.64
CA LYS E 481 26.01 19.69 12.24
C LYS E 481 26.44 20.76 11.26
N LYS E 482 25.59 21.07 10.27
CA LYS E 482 25.98 21.99 9.22
C LYS E 482 26.02 23.44 9.73
N THR E 483 25.00 23.86 10.47
CA THR E 483 24.92 25.24 10.92
C THR E 483 25.92 25.54 12.02
N LYS E 484 26.35 24.54 12.79
CA LYS E 484 27.34 24.69 13.86
C LYS E 484 26.87 25.65 14.94
N THR E 485 25.56 25.85 15.05
CA THR E 485 24.96 26.66 16.10
C THR E 485 23.72 25.97 16.63
N GLU E 486 23.44 26.19 17.92
CA GLU E 486 22.23 25.65 18.53
C GLU E 486 21.04 26.59 18.45
N ASN E 487 21.18 27.75 17.81
CA ASN E 487 20.03 28.61 17.59
C ASN E 487 19.91 29.04 16.13
N PRO E 488 19.80 28.11 15.18
CA PRO E 488 19.63 28.50 13.78
C PRO E 488 18.17 28.82 13.48
N LEU E 489 17.95 29.34 12.28
CA LEU E 489 16.59 29.51 11.77
C LEU E 489 16.28 28.37 10.81
N ILE E 490 15.27 27.57 11.15
CA ILE E 490 14.90 26.39 10.38
C ILE E 490 13.57 26.67 9.71
N LEU E 491 13.57 26.64 8.38
CA LEU E 491 12.36 26.86 7.60
C LEU E 491 11.77 25.52 7.20
N ILE E 492 10.55 25.24 7.66
CA ILE E 492 9.84 24.00 7.36
C ILE E 492 8.58 24.36 6.59
N ASP E 493 8.58 24.11 5.29
CA ASP E 493 7.49 24.50 4.41
C ASP E 493 6.63 23.29 4.05
N GLU E 494 5.42 23.60 3.57
CA GLU E 494 4.46 22.59 3.14
C GLU E 494 4.11 21.60 4.25
N VAL E 495 4.04 22.10 5.50
CA VAL E 495 3.61 21.25 6.61
C VAL E 495 2.16 20.86 6.44
N ASP E 496 1.39 21.62 5.67
CA ASP E 496 -0.02 21.32 5.47
C ASP E 496 -0.25 20.07 4.64
N LYS E 497 0.72 19.65 3.84
CA LYS E 497 0.60 18.47 2.99
C LYS E 497 1.55 17.37 3.43
N ILE E 498 1.67 17.18 4.74
CA ILE E 498 2.48 16.10 5.28
C ILE E 498 1.79 14.77 5.07
N ASP E 505 1.90 8.05 10.17
CA ASP E 505 2.42 9.20 9.42
C ASP E 505 3.58 9.85 10.16
N PRO E 506 4.51 10.45 9.41
CA PRO E 506 5.64 11.15 10.05
C PRO E 506 5.21 12.37 10.87
N SER E 507 3.96 12.80 10.77
CA SER E 507 3.46 13.94 11.54
C SER E 507 3.64 13.72 13.03
N SER E 508 3.55 12.46 13.47
CA SER E 508 3.75 12.14 14.89
C SER E 508 5.17 12.44 15.35
N ALA E 509 6.15 12.42 14.45
CA ALA E 509 7.52 12.78 14.80
C ALA E 509 7.69 14.28 14.96
N LEU E 510 6.97 15.07 14.17
CA LEU E 510 7.02 16.53 14.33
C LEU E 510 6.42 16.97 15.65
N LEU E 511 5.54 16.14 16.24
CA LEU E 511 4.86 16.52 17.47
C LEU E 511 5.84 16.75 18.61
N GLU E 512 6.97 16.07 18.62
CA GLU E 512 8.00 16.29 19.62
C GLU E 512 9.11 17.21 19.15
N LEU E 513 9.19 17.50 17.85
CA LEU E 513 10.23 18.37 17.33
C LEU E 513 9.93 19.84 17.62
N LEU E 514 8.66 20.23 17.61
CA LEU E 514 8.25 21.63 17.71
C LEU E 514 7.24 21.80 18.85
N ASP E 515 7.47 21.07 19.95
CA ASP E 515 6.64 21.20 21.15
C ASP E 515 7.46 21.87 22.23
N PRO E 516 7.10 23.10 22.62
CA PRO E 516 7.98 23.88 23.52
C PRO E 516 8.31 23.17 24.83
N GLU E 517 7.37 22.42 25.39
CA GLU E 517 7.64 21.73 26.66
C GLU E 517 8.56 20.53 26.51
N GLN E 518 8.83 20.08 25.27
CA GLN E 518 9.72 18.96 25.06
C GLN E 518 10.67 19.15 23.89
N ASN E 519 10.79 20.37 23.35
CA ASN E 519 11.82 20.62 22.35
C ASN E 519 13.20 20.37 22.93
N ALA E 520 13.43 20.80 24.16
CA ALA E 520 14.64 20.42 24.88
C ALA E 520 14.64 18.92 25.09
N ASN E 521 15.83 18.32 25.06
CA ASN E 521 16.02 16.87 25.21
C ASN E 521 15.34 16.10 24.07
N PHE E 522 15.45 16.64 22.86
CA PHE E 522 15.00 15.90 21.68
C PHE E 522 15.90 14.72 21.44
N LEU E 523 15.30 13.55 21.20
CA LEU E 523 16.04 12.28 21.19
C LEU E 523 15.85 11.61 19.83
N ASP E 524 16.85 11.72 18.97
CA ASP E 524 16.86 10.97 17.72
C ASP E 524 17.30 9.53 17.97
N HIS E 525 16.98 8.65 17.01
CA HIS E 525 17.25 7.23 17.17
C HIS E 525 18.72 6.88 16.95
N TYR E 526 19.48 7.69 16.21
CA TYR E 526 20.86 7.35 15.92
C TYR E 526 21.79 7.78 17.05
N LEU E 527 21.76 9.07 17.40
CA LEU E 527 22.67 9.57 18.44
C LEU E 527 22.37 8.95 19.80
N ASP E 528 21.09 8.67 20.08
CA ASP E 528 20.65 8.10 21.35
C ASP E 528 21.01 8.98 22.53
N VAL E 529 21.20 10.27 22.30
CA VAL E 529 21.49 11.23 23.35
C VAL E 529 20.65 12.48 23.11
N PRO E 530 19.95 12.99 24.12
CA PRO E 530 19.07 14.14 23.91
C PRO E 530 19.83 15.41 23.57
N VAL E 531 19.19 16.24 22.74
CA VAL E 531 19.72 17.52 22.32
C VAL E 531 18.73 18.62 22.69
N ASP E 532 19.25 19.83 22.86
CA ASP E 532 18.45 20.97 23.30
C ASP E 532 18.10 21.82 22.09
N LEU E 533 16.86 21.73 21.63
CA LEU E 533 16.35 22.54 20.53
C LEU E 533 15.45 23.66 20.98
N SER E 534 15.42 23.97 22.27
CA SER E 534 14.51 24.98 22.79
C SER E 534 14.81 26.38 22.26
N LYS E 535 16.06 26.66 21.93
CA LYS E 535 16.46 27.98 21.42
C LYS E 535 16.44 28.06 19.91
N VAL E 536 16.09 26.98 19.21
CA VAL E 536 15.99 27.02 17.77
C VAL E 536 14.70 27.72 17.36
N LEU E 537 14.80 28.61 16.38
CA LEU E 537 13.64 29.33 15.87
C LEU E 537 13.12 28.60 14.64
N PHE E 538 11.86 28.18 14.69
CA PHE E 538 11.24 27.42 13.62
C PHE E 538 10.32 28.31 12.82
N ILE E 539 10.61 28.48 11.53
CA ILE E 539 9.77 29.23 10.61
C ILE E 539 9.01 28.20 9.77
N CYS E 540 7.69 28.16 9.92
CA CYS E 540 6.92 27.20 9.16
C CYS E 540 6.08 27.89 8.09
N THR E 541 5.81 27.15 7.01
CA THR E 541 5.07 27.69 5.87
C THR E 541 4.03 26.67 5.43
N ALA E 542 2.78 27.13 5.29
CA ALA E 542 1.70 26.28 4.82
C ALA E 542 0.77 27.11 3.95
N ASN E 543 0.30 26.50 2.85
CA ASN E 543 -0.58 27.21 1.94
C ASN E 543 -1.99 27.35 2.51
N VAL E 544 -2.48 26.31 3.18
CA VAL E 544 -3.82 26.34 3.79
C VAL E 544 -3.71 25.68 5.15
N THR E 545 -4.43 26.26 6.13
CA THR E 545 -4.25 25.88 7.53
C THR E 545 -5.20 24.77 7.98
N ASP E 546 -6.30 24.54 7.27
CA ASP E 546 -7.28 23.56 7.74
C ASP E 546 -6.72 22.14 7.73
N THR E 547 -5.96 21.79 6.70
CA THR E 547 -5.43 20.45 6.55
C THR E 547 -4.23 20.17 7.45
N ILE E 548 -3.72 21.18 8.15
CA ILE E 548 -2.64 20.94 9.12
C ILE E 548 -3.16 20.06 10.24
N PRO E 549 -2.39 19.07 10.70
CA PRO E 549 -2.88 18.21 11.79
C PRO E 549 -3.22 19.01 13.04
N GLU E 550 -4.27 18.57 13.73
CA GLU E 550 -4.76 19.30 14.90
C GLU E 550 -3.72 19.52 15.99
N PRO E 551 -2.96 18.52 16.44
CA PRO E 551 -1.92 18.82 17.44
C PRO E 551 -0.85 19.76 16.93
N LEU E 552 -0.49 19.66 15.64
CA LEU E 552 0.46 20.62 15.07
C LEU E 552 -0.12 22.03 15.06
N ARG E 553 -1.36 22.16 14.60
CA ARG E 553 -2.00 23.48 14.60
C ARG E 553 -2.22 24.01 16.01
N ASP E 554 -2.18 23.14 17.01
CA ASP E 554 -2.26 23.59 18.40
C ASP E 554 -0.91 24.04 18.95
N ARG E 555 0.17 23.32 18.61
CA ARG E 555 1.50 23.73 19.04
C ARG E 555 1.93 25.03 18.38
N MET E 556 1.68 25.16 17.08
CA MET E 556 2.24 26.23 16.28
C MET E 556 1.38 27.49 16.33
N GLU E 557 2.01 28.64 16.08
CA GLU E 557 1.33 29.92 16.11
C GLU E 557 0.98 30.35 14.69
N MET E 558 -0.31 30.61 14.45
CA MET E 558 -0.78 30.98 13.13
C MET E 558 -0.56 32.47 12.89
N ILE E 559 0.16 32.81 11.84
CA ILE E 559 0.35 34.19 11.40
C ILE E 559 0.02 34.25 9.91
N ASN E 560 -0.99 35.04 9.57
CA ASN E 560 -1.44 35.15 8.19
C ASN E 560 -0.69 36.25 7.45
N VAL E 561 -0.31 35.95 6.20
CA VAL E 561 0.28 36.95 5.32
C VAL E 561 -0.56 37.04 4.05
N SER E 562 -1.48 38.00 4.02
CA SER E 562 -2.48 38.06 2.96
C SER E 562 -1.89 38.59 1.66
N GLY E 563 -2.72 38.62 0.63
CA GLY E 563 -2.32 39.10 -0.67
C GLY E 563 -2.14 40.61 -0.69
N TYR E 564 -1.82 41.12 -1.87
CA TYR E 564 -1.51 42.53 -2.07
C TYR E 564 -2.58 43.22 -2.90
N VAL E 565 -2.95 44.43 -2.49
CA VAL E 565 -3.84 45.25 -3.27
C VAL E 565 -3.08 45.82 -4.47
N ALA E 566 -3.83 46.36 -5.44
CA ALA E 566 -3.22 46.90 -6.65
C ALA E 566 -2.15 47.94 -6.33
N GLN E 567 -2.41 48.82 -5.35
CA GLN E 567 -1.39 49.78 -4.94
C GLN E 567 -0.18 49.07 -4.33
N GLU E 568 -0.43 48.04 -3.52
CA GLU E 568 0.67 47.27 -2.95
C GLU E 568 1.50 46.61 -4.05
N LYS E 569 0.82 46.02 -5.05
CA LYS E 569 1.54 45.40 -6.16
C LYS E 569 2.35 46.43 -6.94
N LEU E 570 1.78 47.61 -7.16
CA LEU E 570 2.50 48.65 -7.89
C LEU E 570 3.75 49.08 -7.12
N ALA E 571 3.62 49.26 -5.80
CA ALA E 571 4.77 49.63 -4.99
C ALA E 571 5.84 48.55 -5.02
N ILE E 572 5.43 47.28 -4.90
CA ILE E 572 6.38 46.18 -4.92
C ILE E 572 7.10 46.12 -6.27
N ALA E 573 6.35 46.27 -7.37
CA ALA E 573 6.97 46.24 -8.68
C ALA E 573 7.95 47.39 -8.87
N GLU E 574 7.58 48.59 -8.41
CA GLU E 574 8.45 49.74 -8.57
C GLU E 574 9.72 49.61 -7.73
N ARG E 575 9.61 49.06 -6.53
CA ARG E 575 10.76 49.08 -5.63
C ARG E 575 11.66 47.86 -5.80
N TYR E 576 11.08 46.66 -5.89
CA TYR E 576 11.86 45.43 -5.85
C TYR E 576 11.85 44.68 -7.17
N LEU E 577 10.67 44.39 -7.74
CA LEU E 577 10.60 43.47 -8.87
C LEU E 577 11.39 43.98 -10.07
N VAL E 578 11.22 45.25 -10.42
CA VAL E 578 11.90 45.82 -11.60
C VAL E 578 13.41 45.83 -11.40
N PRO E 579 13.96 46.32 -10.27
CA PRO E 579 15.42 46.27 -10.11
C PRO E 579 16.01 44.87 -10.12
N GLN E 580 15.40 43.91 -9.42
CA GLN E 580 15.94 42.56 -9.43
C GLN E 580 15.80 41.90 -10.79
N ALA E 581 14.72 42.18 -11.51
CA ALA E 581 14.60 41.67 -12.87
C ALA E 581 15.64 42.27 -13.79
N ARG E 582 15.95 43.57 -13.63
CA ARG E 582 17.02 44.18 -14.40
C ARG E 582 18.36 43.51 -14.09
N ALA E 583 18.62 43.26 -12.80
CA ALA E 583 19.86 42.59 -12.41
C ALA E 583 19.94 41.19 -13.00
N LEU E 584 18.84 40.44 -12.98
CA LEU E 584 18.82 39.11 -13.57
C LEU E 584 19.06 39.16 -15.06
N CYS E 585 18.45 40.13 -15.76
CA CYS E 585 18.62 40.26 -17.19
C CYS E 585 19.91 40.95 -17.58
N GLY E 586 20.63 41.54 -16.62
CA GLY E 586 21.88 42.23 -16.91
C GLY E 586 21.74 43.63 -17.44
N LEU E 587 20.51 44.13 -17.58
CA LEU E 587 20.31 45.46 -18.12
C LEU E 587 20.64 46.54 -17.08
N ASP E 588 20.51 47.79 -17.49
CA ASP E 588 20.77 48.94 -16.64
C ASP E 588 19.56 49.86 -16.67
N GLU E 589 19.44 50.71 -15.65
CA GLU E 589 18.32 51.63 -15.57
C GLU E 589 18.30 52.58 -16.75
N SER E 590 19.47 53.06 -17.18
CA SER E 590 19.54 54.00 -18.30
C SER E 590 19.21 53.33 -19.64
N LYS E 591 19.24 52.00 -19.70
CA LYS E 591 19.00 51.28 -20.95
C LYS E 591 17.56 50.81 -21.10
N ALA E 592 16.86 50.52 -20.00
CA ALA E 592 15.49 50.03 -20.07
C ALA E 592 14.73 50.62 -18.88
N LYS E 593 13.83 51.54 -19.17
CA LYS E 593 13.05 52.23 -18.14
C LYS E 593 11.61 51.71 -18.16
N LEU E 594 11.12 51.33 -16.99
CA LEU E 594 9.74 50.89 -16.82
C LEU E 594 8.97 52.00 -16.10
N SER E 595 7.95 52.54 -16.77
CA SER E 595 7.16 53.62 -16.18
C SER E 595 6.15 53.07 -15.20
N SER E 596 5.50 53.97 -14.46
CA SER E 596 4.44 53.57 -13.56
C SER E 596 3.17 53.19 -14.31
N ASP E 597 2.88 53.85 -15.43
CA ASP E 597 1.68 53.56 -16.19
C ASP E 597 1.69 52.14 -16.74
N VAL E 598 2.84 51.71 -17.26
CA VAL E 598 2.92 50.37 -17.84
C VAL E 598 2.80 49.30 -16.75
N LEU E 599 3.40 49.54 -15.58
CA LEU E 599 3.26 48.60 -14.48
C LEU E 599 1.81 48.53 -14.00
N THR E 600 1.14 49.69 -13.91
CA THR E 600 -0.26 49.70 -13.51
C THR E 600 -1.12 48.94 -14.53
N LEU E 601 -0.86 49.15 -15.82
CA LEU E 601 -1.61 48.43 -16.84
C LEU E 601 -1.37 46.93 -16.76
N LEU E 602 -0.11 46.51 -16.53
CA LEU E 602 0.18 45.10 -16.39
C LEU E 602 -0.56 44.50 -15.19
N ILE E 603 -0.53 45.19 -14.05
CA ILE E 603 -1.22 44.68 -12.87
C ILE E 603 -2.72 44.60 -13.11
N LYS E 604 -3.29 45.60 -13.79
CA LYS E 604 -4.73 45.66 -13.96
C LYS E 604 -5.24 44.65 -14.97
N GLN E 605 -4.50 44.41 -16.06
CA GLN E 605 -5.05 43.67 -17.19
C GLN E 605 -4.29 42.40 -17.57
N TYR E 606 -3.03 42.26 -17.20
CA TYR E 606 -2.23 41.12 -17.63
C TYR E 606 -1.99 40.10 -16.52
N CYS E 607 -2.53 40.34 -15.33
CA CYS E 607 -2.34 39.43 -14.21
C CYS E 607 -3.63 39.30 -13.42
N ARG E 608 -3.82 38.13 -12.82
CA ARG E 608 -4.96 37.88 -11.93
C ARG E 608 -4.49 36.91 -10.84
N GLU E 609 -4.04 37.47 -9.72
CA GLU E 609 -3.50 36.67 -8.63
C GLU E 609 -3.45 37.51 -7.38
N SER E 610 -3.26 36.84 -6.25
CA SER E 610 -2.98 37.53 -4.99
C SER E 610 -1.50 37.80 -4.79
N GLY E 611 -0.63 36.99 -5.40
CA GLY E 611 0.79 37.20 -5.33
C GLY E 611 1.30 38.11 -6.42
N VAL E 612 2.61 38.01 -6.68
CA VAL E 612 3.24 38.84 -7.71
C VAL E 612 4.06 37.96 -8.65
N ARG E 613 3.72 36.68 -8.73
CA ARG E 613 4.46 35.77 -9.62
C ARG E 613 4.19 36.08 -11.08
N ASN E 614 2.92 36.26 -11.46
CA ASN E 614 2.61 36.57 -12.84
C ASN E 614 3.14 37.95 -13.24
N LEU E 615 3.07 38.92 -12.32
CA LEU E 615 3.66 40.23 -12.59
C LEU E 615 5.16 40.12 -12.80
N GLN E 616 5.83 39.31 -11.98
CA GLN E 616 7.26 39.08 -12.16
C GLN E 616 7.55 38.45 -13.51
N LYS E 617 6.71 37.48 -13.92
CA LYS E 617 6.89 36.86 -15.23
C LYS E 617 6.75 37.88 -16.36
N GLN E 618 5.74 38.73 -16.27
CA GLN E 618 5.53 39.74 -17.33
C GLN E 618 6.68 40.74 -17.37
N VAL E 619 7.14 41.20 -16.20
CA VAL E 619 8.26 42.13 -16.17
C VAL E 619 9.51 41.48 -16.72
N GLU E 620 9.76 40.21 -16.38
CA GLU E 620 10.90 39.50 -16.91
C GLU E 620 10.82 39.36 -18.42
N LYS E 621 9.62 39.07 -18.94
CA LYS E 621 9.45 38.97 -20.39
C LYS E 621 9.75 40.30 -21.07
N VAL E 622 9.24 41.40 -20.50
CA VAL E 622 9.49 42.72 -21.07
C VAL E 622 10.98 43.03 -21.06
N LEU E 623 11.67 42.72 -19.97
CA LEU E 623 13.10 43.00 -19.91
C LEU E 623 13.92 42.09 -20.82
N ARG E 624 13.49 40.83 -21.01
CA ARG E 624 14.15 39.98 -22.00
C ARG E 624 14.00 40.54 -23.40
N LYS E 625 12.80 41.02 -23.74
CA LYS E 625 12.60 41.64 -25.04
C LYS E 625 13.48 42.87 -25.20
N SER E 626 13.56 43.70 -24.15
CA SER E 626 14.41 44.88 -24.20
C SER E 626 15.88 44.51 -24.37
N ALA E 627 16.34 43.48 -23.64
CA ALA E 627 17.72 43.05 -23.75
C ALA E 627 18.02 42.52 -25.15
N TYR E 628 17.09 41.76 -25.73
CA TYR E 628 17.29 41.29 -27.09
C TYR E 628 17.35 42.44 -28.07
N LYS E 629 16.51 43.45 -27.87
CA LYS E 629 16.55 44.63 -28.75
C LYS E 629 17.89 45.36 -28.64
N ILE E 630 18.43 45.49 -27.42
CA ILE E 630 19.72 46.14 -27.25
C ILE E 630 20.83 45.33 -27.90
N VAL E 631 20.83 44.02 -27.70
CA VAL E 631 21.90 43.17 -28.23
C VAL E 631 21.85 43.14 -29.76
N SER E 632 20.65 43.02 -30.33
CA SER E 632 20.53 42.94 -31.78
C SER E 632 20.90 44.24 -32.47
N GLY E 633 21.03 45.33 -31.73
CA GLY E 633 21.38 46.60 -32.33
C GLY E 633 20.23 47.39 -32.89
N GLU E 634 18.99 46.95 -32.66
CA GLU E 634 17.83 47.70 -33.12
C GLU E 634 17.70 49.05 -32.42
N ALA E 635 18.23 49.17 -31.21
CA ALA E 635 18.22 50.44 -30.49
C ALA E 635 19.29 50.39 -29.41
N GLU E 636 19.94 51.53 -29.20
CA GLU E 636 20.92 51.66 -28.13
C GLU E 636 20.26 51.77 -26.77
N SER E 637 19.04 52.30 -26.71
CA SER E 637 18.27 52.35 -25.48
C SER E 637 16.80 52.18 -25.85
N VAL E 638 16.03 51.65 -24.90
CA VAL E 638 14.63 51.32 -25.15
C VAL E 638 13.79 51.82 -23.98
N GLU E 639 12.57 52.23 -24.28
CA GLU E 639 11.60 52.65 -23.29
C GLU E 639 10.24 52.11 -23.67
N VAL E 640 9.42 51.83 -22.67
CA VAL E 640 8.12 51.18 -22.87
C VAL E 640 7.02 52.10 -22.36
N THR E 641 5.92 52.16 -23.11
CA THR E 641 4.77 52.99 -22.79
C THR E 641 3.52 52.16 -23.01
N PRO E 642 2.39 52.56 -22.43
CA PRO E 642 1.15 51.82 -22.67
C PRO E 642 0.76 51.72 -24.13
N GLU E 643 1.12 52.71 -24.95
CA GLU E 643 0.77 52.68 -26.36
C GLU E 643 1.65 51.73 -27.18
N ASN E 644 2.78 51.28 -26.63
CA ASN E 644 3.63 50.32 -27.32
C ASN E 644 3.95 49.08 -26.49
N LEU E 645 3.21 48.85 -25.40
CA LEU E 645 3.46 47.66 -24.58
C LEU E 645 3.13 46.37 -25.33
N GLN E 646 2.16 46.42 -26.25
CA GLN E 646 1.75 45.23 -26.98
C GLN E 646 2.86 44.63 -27.82
N ASP E 647 3.91 45.40 -28.14
CA ASP E 647 5.05 44.85 -28.87
C ASP E 647 5.86 43.89 -28.01
N PHE E 648 5.74 43.97 -26.69
CA PHE E 648 6.49 43.11 -25.77
C PHE E 648 5.66 41.95 -25.24
N VAL E 649 4.43 42.23 -24.85
CA VAL E 649 3.50 41.21 -24.35
C VAL E 649 2.27 41.20 -25.24
N GLY E 650 1.70 40.01 -25.43
CA GLY E 650 0.66 39.83 -26.42
C GLY E 650 -0.74 40.25 -26.01
N LYS E 651 -0.98 41.57 -25.96
CA LYS E 651 -2.29 42.19 -25.79
C LYS E 651 -2.87 41.93 -24.39
N PRO E 652 -3.77 42.78 -23.91
CA PRO E 652 -4.36 42.55 -22.59
C PRO E 652 -5.14 41.24 -22.54
N VAL E 653 -5.08 40.58 -21.39
CA VAL E 653 -5.74 39.29 -21.20
C VAL E 653 -7.10 39.47 -20.54
N PHE E 654 -7.14 40.14 -19.40
CA PHE E 654 -8.39 40.34 -18.65
C PHE E 654 -8.98 41.70 -19.02
N THR E 655 -9.49 41.76 -20.25
CA THR E 655 -9.99 43.02 -20.80
C THR E 655 -11.33 43.46 -20.22
N VAL E 656 -12.06 42.57 -19.55
CA VAL E 656 -13.38 42.90 -19.04
C VAL E 656 -13.48 42.44 -17.58
N GLU E 657 -14.16 43.24 -16.76
CA GLU E 657 -14.35 42.94 -15.36
C GLU E 657 -15.80 42.70 -14.97
N ARG E 658 -16.75 43.05 -15.83
CA ARG E 658 -18.17 42.92 -15.54
C ARG E 658 -18.84 42.11 -16.64
N MET E 659 -19.72 41.19 -16.24
CA MET E 659 -20.47 40.41 -17.21
C MET E 659 -21.70 41.17 -17.70
N TYR E 660 -22.42 41.81 -16.79
CA TYR E 660 -23.62 42.57 -17.12
C TYR E 660 -23.40 44.06 -16.86
N ASP E 661 -23.81 44.88 -17.83
CA ASP E 661 -23.81 46.33 -17.64
C ASP E 661 -25.11 46.79 -17.01
N VAL E 662 -26.24 46.39 -17.57
CA VAL E 662 -27.56 46.58 -16.98
C VAL E 662 -28.16 45.20 -16.75
N THR E 663 -28.58 44.94 -15.53
CA THR E 663 -29.02 43.59 -15.17
C THR E 663 -30.49 43.40 -15.55
N PRO E 664 -30.83 42.31 -16.22
CA PRO E 664 -32.24 41.98 -16.45
C PRO E 664 -32.90 41.58 -15.14
N PRO E 665 -34.23 41.44 -15.11
CA PRO E 665 -34.90 41.15 -13.83
C PRO E 665 -34.44 39.87 -13.16
N GLY E 666 -34.02 38.87 -13.93
CA GLY E 666 -33.65 37.60 -13.32
C GLY E 666 -32.23 37.46 -12.85
N VAL E 667 -31.42 38.52 -12.92
CA VAL E 667 -29.99 38.42 -12.63
C VAL E 667 -29.65 39.37 -11.49
N VAL E 668 -28.87 38.87 -10.53
CA VAL E 668 -28.36 39.64 -9.41
C VAL E 668 -26.86 39.38 -9.30
N MET E 669 -26.13 40.37 -8.80
CA MET E 669 -24.68 40.33 -8.73
C MET E 669 -24.25 39.94 -7.32
N GLY E 670 -23.38 38.92 -7.22
CA GLY E 670 -22.86 38.46 -5.95
C GLY E 670 -21.35 38.63 -5.86
N LEU E 671 -20.80 38.09 -4.78
CA LEU E 671 -19.38 38.15 -4.51
C LEU E 671 -18.88 36.77 -4.06
N ALA E 672 -17.60 36.50 -4.31
CA ALA E 672 -17.01 35.21 -3.99
C ALA E 672 -15.60 35.42 -3.44
N TRP E 673 -15.09 34.38 -2.79
CA TRP E 673 -13.74 34.40 -2.24
C TRP E 673 -13.02 33.13 -2.66
N THR E 674 -11.84 33.30 -3.24
CA THR E 674 -11.03 32.17 -3.70
C THR E 674 -9.60 32.35 -3.21
N ALA E 675 -8.83 31.25 -3.26
CA ALA E 675 -7.43 31.31 -2.87
C ALA E 675 -6.64 32.24 -3.79
N MET E 676 -7.04 32.34 -5.05
CA MET E 676 -6.40 33.25 -5.99
C MET E 676 -6.83 34.70 -5.79
N GLY E 677 -7.75 34.96 -4.89
CA GLY E 677 -8.25 36.29 -4.62
C GLY E 677 -9.75 36.38 -4.81
N GLY E 678 -10.30 37.53 -4.42
CA GLY E 678 -11.73 37.74 -4.53
C GLY E 678 -12.16 37.98 -5.96
N SER E 679 -13.41 37.59 -6.23
CA SER E 679 -13.99 37.75 -7.55
C SER E 679 -15.50 37.78 -7.43
N THR E 680 -16.14 38.44 -8.39
CA THR E 680 -17.59 38.56 -8.39
C THR E 680 -18.22 37.45 -9.23
N LEU E 681 -19.44 37.07 -8.85
CA LEU E 681 -20.22 36.09 -9.59
C LEU E 681 -21.65 36.59 -9.71
N PHE E 682 -22.30 36.23 -10.80
CA PHE E 682 -23.70 36.56 -11.02
C PHE E 682 -24.57 35.34 -10.80
N VAL E 683 -25.85 35.58 -10.53
CA VAL E 683 -26.84 34.52 -10.39
C VAL E 683 -27.92 34.77 -11.42
N GLU E 684 -28.18 33.77 -12.27
CA GLU E 684 -29.11 33.89 -13.37
C GLU E 684 -30.28 32.95 -13.17
N THR E 685 -31.49 33.48 -13.32
CA THR E 685 -32.71 32.68 -13.19
C THR E 685 -33.60 32.94 -14.39
N SER E 686 -34.33 31.91 -14.80
CA SER E 686 -35.24 32.01 -15.93
C SER E 686 -36.26 30.90 -15.84
N LEU E 687 -37.37 31.07 -16.55
CA LEU E 687 -38.40 30.05 -16.60
C LEU E 687 -37.91 28.83 -17.38
N ARG E 688 -38.42 27.67 -16.99
CA ARG E 688 -38.14 26.42 -17.68
C ARG E 688 -39.35 25.88 -18.42
N ARG E 689 -40.57 26.21 -17.99
CA ARG E 689 -41.79 25.89 -18.70
C ARG E 689 -42.67 27.13 -18.73
N PRO E 690 -43.51 27.28 -19.76
CA PRO E 690 -44.41 28.43 -19.80
C PRO E 690 -45.47 28.34 -18.71
N GLN E 691 -46.08 29.50 -18.42
CA GLN E 691 -47.10 29.57 -17.39
C GLN E 691 -48.32 28.75 -17.78
N ASP E 692 -49.01 28.24 -16.76
CA ASP E 692 -50.20 27.42 -16.98
C ASP E 692 -51.34 28.24 -17.55
N LYS E 699 -50.07 22.30 -9.51
CA LYS E 699 -49.07 21.41 -8.91
C LYS E 699 -47.90 22.21 -8.35
N ASP E 700 -47.05 21.55 -7.58
CA ASP E 700 -45.89 22.20 -6.98
C ASP E 700 -44.87 22.59 -8.05
N GLY E 701 -44.20 23.71 -7.84
CA GLY E 701 -43.13 24.13 -8.71
C GLY E 701 -41.87 23.33 -8.47
N SER E 702 -40.78 23.80 -9.10
CA SER E 702 -39.50 23.14 -8.97
C SER E 702 -38.40 24.15 -9.25
N LEU E 703 -37.18 23.81 -8.82
CA LEU E 703 -36.01 24.66 -9.00
C LEU E 703 -34.84 23.80 -9.42
N GLU E 704 -34.50 23.85 -10.70
CA GLU E 704 -33.30 23.18 -11.19
C GLU E 704 -32.09 24.07 -10.95
N VAL E 705 -31.02 23.47 -10.42
CA VAL E 705 -29.82 24.19 -10.04
C VAL E 705 -28.64 23.63 -10.83
N THR E 706 -27.95 24.51 -11.55
CA THR E 706 -26.80 24.12 -12.35
C THR E 706 -25.68 25.14 -12.14
N GLY E 707 -24.46 24.73 -12.45
CA GLY E 707 -23.31 25.60 -12.30
C GLY E 707 -22.23 25.02 -11.39
N GLN E 708 -22.21 23.69 -11.28
CA GLN E 708 -21.22 22.99 -10.46
C GLN E 708 -21.26 23.45 -9.01
N LEU E 709 -22.46 23.75 -8.52
CA LEU E 709 -22.63 24.13 -7.13
C LEU E 709 -22.39 22.92 -6.23
N GLY E 710 -21.71 23.14 -5.11
CA GLY E 710 -21.49 22.07 -4.16
C GLY E 710 -22.76 21.74 -3.39
N GLU E 711 -22.62 20.76 -2.50
CA GLU E 711 -23.74 20.37 -1.64
C GLU E 711 -24.16 21.52 -0.75
N VAL E 712 -23.19 22.33 -0.30
CA VAL E 712 -23.50 23.45 0.59
C VAL E 712 -24.41 24.45 -0.09
N MET E 713 -24.08 24.86 -1.32
CA MET E 713 -24.98 25.78 -2.02
C MET E 713 -26.22 25.10 -2.56
N LYS E 714 -26.22 23.78 -2.76
CA LYS E 714 -27.48 23.12 -3.08
C LYS E 714 -28.47 23.25 -1.91
N GLU E 715 -27.99 22.96 -0.69
CA GLU E 715 -28.83 23.15 0.48
C GLU E 715 -29.22 24.62 0.66
N SER E 716 -28.25 25.52 0.45
CA SER E 716 -28.52 26.95 0.59
C SER E 716 -29.55 27.42 -0.44
N ALA E 717 -29.49 26.88 -1.65
CA ALA E 717 -30.47 27.23 -2.67
C ALA E 717 -31.86 26.71 -2.31
N ARG E 718 -31.93 25.51 -1.74
CA ARG E 718 -33.22 25.02 -1.28
C ARG E 718 -33.80 25.91 -0.18
N ILE E 719 -32.96 26.31 0.77
CA ILE E 719 -33.40 27.20 1.84
C ILE E 719 -33.84 28.54 1.27
N ALA E 720 -33.07 29.07 0.32
CA ALA E 720 -33.40 30.35 -0.30
C ALA E 720 -34.71 30.28 -1.06
N TYR E 721 -34.94 29.18 -1.77
CA TYR E 721 -36.19 29.00 -2.50
C TYR E 721 -37.37 28.95 -1.54
N THR E 722 -37.24 28.21 -0.43
CA THR E 722 -38.32 28.15 0.55
C THR E 722 -38.59 29.52 1.16
N PHE E 723 -37.53 30.24 1.53
CA PHE E 723 -37.72 31.56 2.13
C PHE E 723 -38.30 32.55 1.14
N ALA E 724 -37.89 32.48 -0.13
CA ALA E 724 -38.48 33.35 -1.15
C ALA E 724 -39.95 33.05 -1.34
N ARG E 725 -40.31 31.77 -1.35
CA ARG E 725 -41.73 31.40 -1.42
C ARG E 725 -42.51 32.02 -0.26
N ALA E 726 -42.00 31.85 0.96
CA ALA E 726 -42.71 32.38 2.13
C ALA E 726 -42.79 33.90 2.09
N PHE E 727 -41.70 34.56 1.69
CA PHE E 727 -41.65 36.02 1.70
C PHE E 727 -42.59 36.60 0.65
N LEU E 728 -42.63 35.99 -0.53
CA LEU E 728 -43.56 36.46 -1.56
C LEU E 728 -45.01 36.15 -1.17
N MET E 729 -45.24 35.04 -0.47
CA MET E 729 -46.59 34.73 -0.01
C MET E 729 -47.06 35.78 0.99
N GLN E 730 -46.22 36.12 1.97
CA GLN E 730 -46.62 37.08 2.99
C GLN E 730 -46.63 38.51 2.47
N HIS E 731 -45.81 38.83 1.47
CA HIS E 731 -45.75 40.20 0.96
C HIS E 731 -46.83 40.46 -0.10
N ALA E 732 -47.05 39.49 -0.99
CA ALA E 732 -48.04 39.64 -2.07
C ALA E 732 -48.78 38.33 -2.24
N PRO E 733 -49.93 38.18 -1.57
CA PRO E 733 -50.69 36.92 -1.70
C PRO E 733 -51.12 36.58 -3.12
N ALA E 734 -51.40 37.60 -3.95
CA ALA E 734 -51.87 37.34 -5.31
C ALA E 734 -50.75 36.85 -6.22
N ASN E 735 -49.48 37.00 -5.81
CA ASN E 735 -48.35 36.62 -6.66
C ASN E 735 -47.93 35.19 -6.33
N ASP E 736 -48.55 34.23 -7.01
CA ASP E 736 -48.23 32.82 -6.87
C ASP E 736 -47.12 32.36 -7.81
N TYR E 737 -46.25 33.28 -8.25
CA TYR E 737 -45.28 32.95 -9.28
C TYR E 737 -44.29 31.88 -8.82
N LEU E 738 -43.79 32.00 -7.59
CA LEU E 738 -42.73 31.09 -7.15
C LEU E 738 -43.24 29.69 -6.87
N VAL E 739 -44.53 29.53 -6.55
CA VAL E 739 -45.03 28.22 -6.18
C VAL E 739 -45.66 27.49 -7.35
N THR E 740 -46.24 28.21 -8.31
CA THR E 740 -46.95 27.59 -9.43
C THR E 740 -46.11 27.48 -10.70
N SER E 741 -44.85 27.90 -10.67
CA SER E 741 -44.03 27.93 -11.86
C SER E 741 -42.72 27.17 -11.65
N HIS E 742 -42.13 26.73 -12.75
CA HIS E 742 -40.86 26.03 -12.75
C HIS E 742 -39.76 27.02 -13.10
N ILE E 743 -38.71 27.04 -12.27
CA ILE E 743 -37.63 28.01 -12.40
C ILE E 743 -36.29 27.28 -12.46
N HIS E 744 -35.43 27.73 -13.38
CA HIS E 744 -34.07 27.23 -13.49
C HIS E 744 -33.12 28.31 -12.97
N LEU E 745 -32.22 27.92 -12.08
CA LEU E 745 -31.23 28.82 -11.51
C LEU E 745 -29.85 28.37 -11.92
N HIS E 746 -29.04 29.31 -12.41
CA HIS E 746 -27.70 29.00 -12.89
C HIS E 746 -26.72 30.07 -12.42
N VAL E 747 -25.50 29.64 -12.15
CA VAL E 747 -24.40 30.52 -11.80
C VAL E 747 -23.35 30.43 -12.92
N PRO E 748 -23.10 31.54 -13.63
CA PRO E 748 -22.17 31.50 -14.76
C PRO E 748 -20.79 30.99 -14.42
N GLU E 749 -19.96 30.78 -15.45
CA GLU E 749 -18.66 30.12 -15.35
C GLU E 749 -18.85 28.69 -14.82
N GLY E 750 -19.59 27.91 -15.60
CA GLY E 750 -19.93 26.55 -15.22
C GLY E 750 -18.73 25.63 -15.08
N ALA E 751 -17.60 25.99 -15.67
CA ALA E 751 -16.40 25.17 -15.53
C ALA E 751 -15.67 25.40 -14.22
N THR E 752 -16.05 26.43 -13.45
CA THR E 752 -15.39 26.75 -12.19
C THR E 752 -16.25 26.26 -11.04
N PRO E 753 -15.80 25.30 -10.24
CA PRO E 753 -16.59 24.87 -9.09
C PRO E 753 -16.57 25.91 -7.98
N LYS E 754 -17.72 26.09 -7.33
CA LYS E 754 -17.86 27.02 -6.21
C LYS E 754 -18.31 26.28 -4.96
N ASP E 755 -18.10 26.90 -3.80
CA ASP E 755 -18.53 26.36 -2.53
C ASP E 755 -18.74 27.50 -1.55
N GLY E 756 -19.45 27.20 -0.46
CA GLY E 756 -19.74 28.17 0.56
C GLY E 756 -21.12 28.78 0.42
N PRO E 757 -21.82 28.94 1.56
CA PRO E 757 -23.22 29.41 1.51
C PRO E 757 -23.37 30.92 1.41
N SER E 758 -22.33 31.66 1.05
CA SER E 758 -22.38 33.12 1.07
C SER E 758 -23.41 33.69 0.12
N ALA E 759 -23.87 32.93 -0.87
CA ALA E 759 -24.74 33.44 -1.91
C ALA E 759 -26.23 33.21 -1.64
N GLY E 760 -26.61 32.92 -0.40
CA GLY E 760 -28.02 32.67 -0.12
C GLY E 760 -28.90 33.87 -0.36
N CYS E 761 -28.48 35.04 0.14
CA CYS E 761 -29.27 36.25 -0.08
C CYS E 761 -29.31 36.66 -1.53
N THR E 762 -28.23 36.43 -2.28
CA THR E 762 -28.24 36.71 -3.71
C THR E 762 -29.27 35.82 -4.42
N ILE E 763 -29.35 34.56 -4.03
CA ILE E 763 -30.34 33.65 -4.62
C ILE E 763 -31.75 34.09 -4.28
N VAL E 764 -31.97 34.50 -3.03
CA VAL E 764 -33.30 34.99 -2.64
C VAL E 764 -33.68 36.21 -3.46
N THR E 765 -32.74 37.15 -3.62
CA THR E 765 -33.01 38.36 -4.39
C THR E 765 -33.29 38.03 -5.85
N ALA E 766 -32.53 37.09 -6.42
CA ALA E 766 -32.76 36.71 -7.81
C ALA E 766 -34.14 36.10 -7.99
N LEU E 767 -34.53 35.19 -7.09
CA LEU E 767 -35.85 34.57 -7.20
C LEU E 767 -36.96 35.60 -7.05
N LEU E 768 -36.83 36.51 -6.08
CA LEU E 768 -37.86 37.51 -5.87
C LEU E 768 -37.95 38.48 -7.06
N SER E 769 -36.80 38.91 -7.59
CA SER E 769 -36.81 39.82 -8.73
C SER E 769 -37.39 39.16 -9.97
N LEU E 770 -37.08 37.87 -10.18
CA LEU E 770 -37.70 37.14 -11.28
C LEU E 770 -39.22 37.05 -11.09
N ALA E 771 -39.66 36.77 -9.86
CA ALA E 771 -41.09 36.65 -9.59
C ALA E 771 -41.84 37.96 -9.78
N MET E 772 -41.27 39.09 -9.34
CA MET E 772 -41.94 40.38 -9.46
C MET E 772 -41.69 41.07 -10.80
N GLY E 773 -40.65 40.66 -11.52
CA GLY E 773 -40.32 41.30 -12.78
C GLY E 773 -39.63 42.64 -12.64
N ARG E 774 -39.18 43.00 -11.44
CA ARG E 774 -38.52 44.28 -11.21
C ARG E 774 -37.01 44.07 -11.20
N PRO E 775 -36.26 44.70 -12.09
CA PRO E 775 -34.79 44.57 -12.04
C PRO E 775 -34.24 45.12 -10.73
N VAL E 776 -33.21 44.44 -10.22
CA VAL E 776 -32.55 44.89 -9.01
C VAL E 776 -31.80 46.20 -9.28
N ARG E 777 -31.62 46.99 -8.22
CA ARG E 777 -30.82 48.22 -8.29
C ARG E 777 -29.49 47.92 -9.00
N GLN E 778 -29.24 48.62 -10.10
CA GLN E 778 -28.28 48.14 -11.09
C GLN E 778 -26.86 48.06 -10.54
N ASN E 779 -26.46 49.02 -9.72
CA ASN E 779 -25.09 49.02 -9.22
C ASN E 779 -24.93 48.26 -7.91
N LEU E 780 -26.02 47.75 -7.34
CA LEU E 780 -25.98 47.12 -6.03
C LEU E 780 -25.41 45.70 -6.11
N ALA E 781 -24.63 45.34 -5.09
CA ALA E 781 -24.11 43.99 -4.92
C ALA E 781 -24.38 43.55 -3.49
N MET E 782 -24.42 42.22 -3.28
CA MET E 782 -24.72 41.69 -1.97
C MET E 782 -24.02 40.36 -1.75
N THR E 783 -23.80 40.04 -0.48
CA THR E 783 -23.32 38.73 -0.07
C THR E 783 -23.77 38.48 1.37
N GLY E 784 -23.90 37.21 1.73
CA GLY E 784 -24.32 36.87 3.07
C GLY E 784 -25.20 35.64 3.17
N GLU E 785 -24.91 34.78 4.14
CA GLU E 785 -25.71 33.59 4.37
C GLU E 785 -27.09 33.96 4.88
N VAL E 786 -28.10 33.21 4.44
CA VAL E 786 -29.48 33.44 4.83
C VAL E 786 -30.03 32.19 5.50
N SER E 787 -30.81 32.37 6.55
CA SER E 787 -31.45 31.27 7.26
C SER E 787 -32.85 31.03 6.72
N LEU E 788 -33.48 29.97 7.21
CA LEU E 788 -34.83 29.61 6.77
C LEU E 788 -35.85 30.66 7.20
N THR E 789 -35.61 31.38 8.29
CA THR E 789 -36.51 32.44 8.73
C THR E 789 -36.15 33.80 8.16
N GLY E 790 -35.06 33.90 7.39
CA GLY E 790 -34.65 35.13 6.76
C GLY E 790 -33.50 35.85 7.43
N LYS E 791 -33.10 35.43 8.62
CA LYS E 791 -31.99 36.07 9.30
C LYS E 791 -30.70 35.92 8.49
N ILE E 792 -29.94 37.00 8.40
CA ILE E 792 -28.70 37.05 7.65
C ILE E 792 -27.55 36.73 8.59
N LEU E 793 -26.70 35.79 8.20
CA LEU E 793 -25.58 35.32 8.99
C LEU E 793 -24.26 35.81 8.43
N PRO E 794 -23.25 35.99 9.27
CA PRO E 794 -21.95 36.48 8.79
C PRO E 794 -21.28 35.48 7.85
N VAL E 795 -20.50 36.02 6.92
CA VAL E 795 -19.73 35.23 5.98
C VAL E 795 -18.27 35.65 6.07
N GLY E 796 -17.37 34.70 5.80
CA GLY E 796 -15.96 34.98 5.85
C GLY E 796 -15.46 35.65 4.58
N GLY E 797 -14.23 36.16 4.67
CA GLY E 797 -13.59 36.80 3.54
C GLY E 797 -14.30 38.07 3.09
N ILE E 798 -14.32 39.09 3.95
CA ILE E 798 -14.98 40.34 3.59
C ILE E 798 -14.05 41.24 2.80
N LYS E 799 -12.75 41.21 3.07
CA LYS E 799 -11.80 42.08 2.37
C LYS E 799 -11.76 41.77 0.88
N GLU E 800 -11.65 40.48 0.54
CA GLU E 800 -11.58 40.08 -0.86
C GLU E 800 -12.88 40.43 -1.60
N LYS E 801 -14.02 40.18 -0.95
CA LYS E 801 -15.30 40.51 -1.56
C LYS E 801 -15.43 42.01 -1.79
N THR E 802 -15.00 42.81 -0.81
CA THR E 802 -15.06 44.26 -0.97
C THR E 802 -14.15 44.75 -2.10
N ILE E 803 -12.94 44.18 -2.19
CA ILE E 803 -12.02 44.56 -3.26
C ILE E 803 -12.62 44.21 -4.61
N ALA E 804 -13.19 43.00 -4.73
CA ALA E 804 -13.79 42.58 -5.99
C ALA E 804 -14.97 43.46 -6.37
N ALA E 805 -15.80 43.83 -5.39
CA ALA E 805 -16.93 44.72 -5.67
C ALA E 805 -16.44 46.09 -6.13
N LYS E 806 -15.41 46.63 -5.46
CA LYS E 806 -14.92 47.95 -5.82
C LYS E 806 -14.32 47.96 -7.22
N ARG E 807 -13.55 46.91 -7.56
CA ARG E 807 -12.91 46.87 -8.87
C ARG E 807 -13.92 46.67 -9.99
N ALA E 808 -15.12 46.19 -9.67
CA ALA E 808 -16.15 45.94 -10.66
C ALA E 808 -17.07 47.14 -10.89
N GLY E 809 -16.79 48.28 -10.26
CA GLY E 809 -17.64 49.44 -10.42
C GLY E 809 -18.87 49.46 -9.55
N VAL E 810 -18.95 48.58 -8.54
CA VAL E 810 -20.08 48.59 -7.63
C VAL E 810 -19.98 49.77 -6.69
N THR E 811 -21.08 50.50 -6.52
CA THR E 811 -21.12 51.63 -5.62
C THR E 811 -21.91 51.36 -4.34
N CYS E 812 -22.74 50.31 -4.31
CA CYS E 812 -23.53 49.96 -3.15
C CYS E 812 -23.36 48.47 -2.85
N ILE E 813 -22.93 48.17 -1.63
CA ILE E 813 -22.65 46.79 -1.21
C ILE E 813 -23.41 46.51 0.07
N VAL E 814 -24.00 45.33 0.17
CA VAL E 814 -24.77 44.91 1.34
C VAL E 814 -24.02 43.77 2.02
N LEU E 815 -23.77 43.92 3.31
CA LEU E 815 -23.02 42.97 4.10
C LEU E 815 -23.81 42.60 5.35
N PRO E 816 -23.59 41.40 5.90
CA PRO E 816 -24.23 41.05 7.17
C PRO E 816 -23.74 41.96 8.29
N ALA E 817 -24.64 42.25 9.23
CA ALA E 817 -24.30 43.16 10.32
C ALA E 817 -23.19 42.60 11.21
N GLU E 818 -23.10 41.28 11.33
CA GLU E 818 -22.04 40.69 12.14
C GLU E 818 -20.66 40.88 11.51
N ASN E 819 -20.61 41.26 10.23
CA ASN E 819 -19.35 41.53 9.54
C ASN E 819 -18.94 42.99 9.62
N LYS E 820 -19.63 43.80 10.44
CA LYS E 820 -19.29 45.22 10.54
C LYS E 820 -17.87 45.42 11.05
N LYS E 821 -17.47 44.64 12.04
CA LYS E 821 -16.11 44.72 12.57
C LYS E 821 -15.08 44.12 11.63
N ASP E 822 -15.51 43.30 10.68
CA ASP E 822 -14.61 42.83 9.63
C ASP E 822 -14.44 43.85 8.51
N PHE E 823 -15.52 44.58 8.18
CA PHE E 823 -15.41 45.62 7.16
C PHE E 823 -14.63 46.82 7.69
N TYR E 824 -14.94 47.26 8.92
CA TYR E 824 -14.23 48.38 9.49
C TYR E 824 -12.91 47.94 10.11
N ASP E 825 -12.11 47.22 9.33
CA ASP E 825 -10.73 46.92 9.65
C ASP E 825 -9.82 47.06 8.44
N LEU E 826 -10.40 47.25 7.26
CA LEU E 826 -9.62 47.46 6.04
C LEU E 826 -9.05 48.86 5.99
N ALA E 827 -8.12 49.08 5.08
CA ALA E 827 -7.53 50.40 4.90
C ALA E 827 -8.59 51.38 4.38
N ALA E 828 -8.31 52.67 4.57
CA ALA E 828 -9.29 53.70 4.20
C ALA E 828 -9.56 53.73 2.70
N PHE E 829 -8.52 53.53 1.88
CA PHE E 829 -8.72 53.62 0.44
C PHE E 829 -9.51 52.45 -0.13
N ILE E 830 -9.54 51.31 0.57
CA ILE E 830 -10.32 50.18 0.10
C ILE E 830 -11.81 50.43 0.28
N THR E 831 -12.20 50.96 1.45
CA THR E 831 -13.62 51.11 1.79
C THR E 831 -14.22 52.43 1.33
N GLU E 832 -13.41 53.38 0.88
CA GLU E 832 -13.94 54.68 0.49
C GLU E 832 -14.74 54.58 -0.80
N GLY E 833 -15.81 55.36 -0.87
CA GLY E 833 -16.65 55.43 -2.05
C GLY E 833 -17.82 54.47 -2.07
N LEU E 834 -17.82 53.46 -1.21
CA LEU E 834 -18.87 52.46 -1.22
C LEU E 834 -20.00 52.88 -0.28
N GLU E 835 -21.23 52.88 -0.79
CA GLU E 835 -22.42 53.17 0.01
C GLU E 835 -22.83 51.88 0.72
N VAL E 836 -22.10 51.58 1.80
CA VAL E 836 -22.23 50.29 2.47
C VAL E 836 -23.48 50.28 3.34
N HIS E 837 -24.19 49.16 3.31
CA HIS E 837 -25.34 48.92 4.17
C HIS E 837 -25.11 47.63 4.95
N PHE E 838 -25.44 47.65 6.24
CA PHE E 838 -25.36 46.49 7.10
C PHE E 838 -26.77 46.06 7.50
N VAL E 839 -27.01 44.75 7.51
CA VAL E 839 -28.35 44.22 7.64
C VAL E 839 -28.38 43.10 8.68
N GLU E 840 -29.48 43.04 9.43
CA GLU E 840 -29.75 41.96 10.36
C GLU E 840 -30.70 40.92 9.80
N HIS E 841 -31.64 41.33 8.95
CA HIS E 841 -32.66 40.44 8.41
C HIS E 841 -32.97 40.85 6.99
N TYR E 842 -33.47 39.90 6.20
CA TYR E 842 -33.64 40.13 4.76
C TYR E 842 -34.74 41.14 4.46
N ARG E 843 -35.63 41.42 5.42
CA ARG E 843 -36.74 42.32 5.16
C ARG E 843 -36.25 43.71 4.75
N GLU E 844 -35.13 44.16 5.31
CA GLU E 844 -34.54 45.43 4.90
C GLU E 844 -33.59 45.29 3.72
N ILE E 845 -33.06 44.10 3.45
CA ILE E 845 -32.38 43.86 2.19
C ILE E 845 -33.34 44.05 1.03
N PHE E 846 -34.59 43.63 1.21
CA PHE E 846 -35.60 43.85 0.18
C PHE E 846 -35.81 45.33 -0.09
N ASP E 847 -35.87 46.14 0.98
CA ASP E 847 -36.02 47.58 0.80
C ASP E 847 -34.80 48.19 0.13
N ILE E 848 -33.61 47.74 0.50
CA ILE E 848 -32.39 48.33 -0.07
C ILE E 848 -32.26 47.98 -1.55
N ALA E 849 -32.52 46.72 -1.91
CA ALA E 849 -32.33 46.26 -3.28
C ALA E 849 -33.46 46.66 -4.22
N PHE E 850 -34.66 46.90 -3.69
CA PHE E 850 -35.83 47.26 -4.50
C PHE E 850 -36.46 48.53 -3.97
N PRO E 851 -35.82 49.68 -4.15
CA PRO E 851 -36.41 50.93 -3.70
C PRO E 851 -37.66 51.29 -4.49
N ASP E 852 -38.57 52.00 -3.83
CA ASP E 852 -39.82 52.46 -4.43
C ASP E 852 -40.66 51.30 -4.99
N GLN F 279 72.73 -34.71 26.57
CA GLN F 279 73.31 -33.41 26.89
C GLN F 279 73.85 -32.72 25.65
N GLN F 280 74.53 -33.51 24.80
CA GLN F 280 75.09 -32.96 23.56
C GLN F 280 74.01 -32.65 22.53
N ARG F 281 72.79 -33.15 22.72
CA ARG F 281 71.72 -32.87 21.76
C ARG F 281 71.33 -31.40 21.77
N LEU F 282 71.62 -30.69 22.87
CA LEU F 282 71.28 -29.26 22.94
C LEU F 282 72.04 -28.46 21.88
N GLY F 283 73.31 -28.77 21.67
CA GLY F 283 74.08 -28.07 20.65
C GLY F 283 73.55 -28.33 19.26
N ARG F 284 73.19 -29.58 18.96
CA ARG F 284 72.63 -29.90 17.65
C ARG F 284 71.29 -29.20 17.45
N GLU F 285 70.45 -29.17 18.48
CA GLU F 285 69.17 -28.47 18.39
C GLU F 285 69.38 -26.98 18.16
N VAL F 286 70.36 -26.38 18.86
CA VAL F 286 70.64 -24.96 18.68
C VAL F 286 71.14 -24.69 17.27
N GLU F 287 72.02 -25.55 16.74
CA GLU F 287 72.51 -25.36 15.38
C GLU F 287 71.38 -25.48 14.36
N GLU F 288 70.50 -26.47 14.54
CA GLU F 288 69.37 -26.62 13.63
C GLU F 288 68.44 -25.41 13.70
N LYS F 289 68.18 -24.92 14.91
CA LYS F 289 67.33 -23.74 15.06
C LYS F 289 67.96 -22.51 14.40
N ILE F 290 69.28 -22.36 14.54
CA ILE F 290 69.97 -21.24 13.92
C ILE F 290 69.88 -21.33 12.40
N LYS F 291 70.10 -22.52 11.85
CA LYS F 291 70.00 -22.70 10.41
C LYS F 291 68.59 -22.40 9.90
N GLN F 292 67.58 -22.89 10.64
CA GLN F 292 66.19 -22.61 10.25
C GLN F 292 65.88 -21.13 10.32
N THR F 293 66.37 -20.45 11.36
CA THR F 293 66.13 -19.02 11.49
C THR F 293 66.82 -18.24 10.37
N HIS F 294 68.03 -18.63 10.00
CA HIS F 294 68.71 -17.97 8.89
C HIS F 294 67.96 -18.18 7.58
N ARG F 295 67.49 -19.41 7.34
CA ARG F 295 66.73 -19.68 6.14
C ARG F 295 65.43 -18.86 6.11
N LYS F 296 64.74 -18.80 7.24
CA LYS F 296 63.51 -18.01 7.31
C LYS F 296 63.78 -16.53 7.08
N TYR F 297 64.89 -16.02 7.64
CA TYR F 297 65.23 -14.61 7.46
C TYR F 297 65.53 -14.29 6.00
N LEU F 298 66.34 -15.13 5.35
CA LEU F 298 66.63 -14.88 3.94
C LEU F 298 65.40 -15.03 3.07
N LEU F 299 64.52 -15.99 3.37
CA LEU F 299 63.30 -16.14 2.61
C LEU F 299 62.37 -14.95 2.80
N GLN F 300 62.30 -14.43 4.04
CA GLN F 300 61.51 -13.24 4.29
C GLN F 300 62.05 -12.03 3.54
N GLU F 301 63.38 -11.87 3.52
CA GLU F 301 63.97 -10.76 2.76
C GLU F 301 63.68 -10.91 1.27
N GLN F 302 63.78 -12.13 0.75
CA GLN F 302 63.52 -12.36 -0.66
C GLN F 302 62.06 -12.05 -1.02
N LEU F 303 61.12 -12.49 -0.17
CA LEU F 303 59.72 -12.22 -0.47
C LEU F 303 59.39 -10.75 -0.32
N LYS F 304 60.04 -10.05 0.62
CA LYS F 304 59.83 -8.61 0.73
C LYS F 304 60.35 -7.89 -0.51
N ILE F 305 61.52 -8.29 -1.01
CA ILE F 305 62.05 -7.70 -2.23
C ILE F 305 61.12 -7.96 -3.41
N ILE F 306 60.61 -9.19 -3.52
CA ILE F 306 59.68 -9.52 -4.60
C ILE F 306 58.41 -8.68 -4.51
N LYS F 307 57.86 -8.55 -3.29
CA LYS F 307 56.65 -7.75 -3.11
C LYS F 307 56.90 -6.28 -3.43
N LYS F 308 58.14 -5.81 -3.20
CA LYS F 308 58.48 -4.44 -3.58
C LYS F 308 58.34 -4.24 -5.09
N GLU F 309 58.80 -5.21 -5.89
CA GLU F 309 58.59 -5.14 -7.33
C GLU F 309 57.12 -5.37 -7.68
N LEU F 310 56.45 -6.22 -6.91
CA LEU F 310 55.02 -6.48 -7.17
C LEU F 310 54.17 -5.25 -6.94
N GLY F 311 54.61 -4.35 -6.04
CA GLY F 311 53.80 -3.19 -5.70
C GLY F 311 53.50 -2.29 -6.88
N LEU F 312 54.38 -2.26 -7.87
CA LEU F 312 54.16 -1.46 -9.07
C LEU F 312 53.48 -2.24 -10.19
N GLU F 313 53.10 -3.49 -9.94
CA GLU F 313 52.34 -4.30 -10.90
C GLU F 313 51.22 -5.04 -10.18
N LYS F 314 50.54 -4.37 -9.25
CA LYS F 314 49.50 -5.00 -8.46
C LYS F 314 48.29 -4.08 -8.37
N ASP F 315 47.14 -4.69 -8.06
CA ASP F 315 45.88 -4.00 -7.87
C ASP F 315 45.45 -4.02 -6.41
N ASP F 316 46.39 -3.80 -5.49
CA ASP F 316 46.19 -4.03 -4.07
C ASP F 316 45.33 -2.92 -3.46
N LYS F 317 45.35 -2.84 -2.12
CA LYS F 317 44.38 -2.03 -1.39
C LYS F 317 44.40 -0.56 -1.83
N ASP F 318 45.57 0.04 -1.95
CA ASP F 318 45.69 1.45 -2.26
C ASP F 318 45.49 1.76 -3.74
N ALA F 319 45.40 0.74 -4.59
CA ALA F 319 45.19 0.99 -6.01
C ALA F 319 43.83 1.62 -6.28
N ILE F 320 42.79 1.19 -5.58
CA ILE F 320 41.47 1.76 -5.80
C ILE F 320 41.43 3.22 -5.33
N GLU F 321 42.08 3.52 -4.21
CA GLU F 321 42.16 4.91 -3.75
C GLU F 321 42.94 5.76 -4.75
N GLU F 322 44.03 5.21 -5.29
CA GLU F 322 44.81 5.93 -6.29
C GLU F 322 43.98 6.20 -7.54
N LYS F 323 43.17 5.23 -7.97
CA LYS F 323 42.33 5.43 -9.14
C LYS F 323 41.25 6.48 -8.88
N PHE F 324 40.66 6.45 -7.68
CA PHE F 324 39.67 7.46 -7.33
C PHE F 324 40.29 8.85 -7.30
N ARG F 325 41.53 8.96 -6.82
CA ARG F 325 42.28 10.21 -6.92
C ARG F 325 42.53 10.55 -8.39
N GLU F 326 42.75 9.53 -9.23
CA GLU F 326 43.02 9.73 -10.65
C GLU F 326 41.84 10.41 -11.33
N ARG F 327 40.62 10.04 -10.95
CA ARG F 327 39.43 10.58 -11.62
C ARG F 327 39.26 12.08 -11.35
N LEU F 328 39.96 12.61 -10.36
CA LEU F 328 39.44 13.79 -9.66
C LEU F 328 40.15 15.12 -9.96
N LYS F 329 41.44 15.14 -10.36
CA LYS F 329 42.18 16.39 -10.38
C LYS F 329 41.44 17.51 -11.10
N GLU F 330 41.13 17.32 -12.39
CA GLU F 330 40.69 18.43 -13.23
C GLU F 330 39.34 19.02 -12.83
N LEU F 331 38.58 18.35 -11.98
CA LEU F 331 37.41 18.97 -11.39
C LEU F 331 37.81 19.96 -10.29
N VAL F 332 37.13 21.10 -10.25
CA VAL F 332 37.35 22.06 -9.18
C VAL F 332 36.43 21.70 -8.00
N VAL F 333 36.90 20.75 -7.20
CA VAL F 333 36.04 20.18 -6.15
C VAL F 333 35.90 21.18 -5.01
N PRO F 334 34.69 21.54 -4.60
CA PRO F 334 34.53 22.40 -3.43
C PRO F 334 34.85 21.64 -2.14
N LYS F 335 35.14 22.42 -1.09
CA LYS F 335 35.62 21.85 0.16
C LYS F 335 34.57 20.94 0.81
N HIS F 336 33.30 21.36 0.78
CA HIS F 336 32.26 20.66 1.52
C HIS F 336 31.99 19.26 0.99
N VAL F 337 32.36 18.96 -0.25
CA VAL F 337 32.31 17.59 -0.75
C VAL F 337 33.69 16.95 -0.79
N MET F 338 34.76 17.75 -0.86
CA MET F 338 36.11 17.18 -0.81
C MET F 338 36.35 16.51 0.53
N ASP F 339 35.87 17.11 1.62
CA ASP F 339 35.99 16.46 2.93
C ASP F 339 35.23 15.14 2.97
N VAL F 340 34.02 15.12 2.40
CA VAL F 340 33.25 13.88 2.35
C VAL F 340 34.03 12.82 1.59
N VAL F 341 34.61 13.19 0.45
CA VAL F 341 35.43 12.26 -0.32
C VAL F 341 36.59 11.75 0.53
N ASP F 342 37.25 12.64 1.27
CA ASP F 342 38.42 12.24 2.05
C ASP F 342 38.05 11.23 3.13
N GLU F 343 37.03 11.52 3.94
CA GLU F 343 36.63 10.55 4.96
C GLU F 343 36.13 9.25 4.35
N GLU F 344 35.36 9.31 3.26
CA GLU F 344 34.88 8.07 2.67
C GLU F 344 36.03 7.22 2.11
N LEU F 345 37.02 7.85 1.49
CA LEU F 345 38.15 7.07 0.98
C LEU F 345 39.00 6.51 2.11
N SER F 346 39.15 7.26 3.20
CA SER F 346 39.88 6.73 4.36
C SER F 346 39.14 5.53 4.94
N LYS F 347 37.82 5.62 5.07
CA LYS F 347 37.03 4.51 5.58
C LYS F 347 37.12 3.30 4.65
N LEU F 348 37.08 3.54 3.34
CA LEU F 348 37.19 2.46 2.38
C LEU F 348 38.54 1.77 2.47
N GLY F 349 39.62 2.55 2.62
CA GLY F 349 40.94 1.95 2.76
C GLY F 349 41.12 1.17 4.05
N LEU F 350 40.61 1.72 5.16
CA LEU F 350 40.81 1.07 6.46
C LEU F 350 39.99 -0.21 6.57
N LEU F 351 38.72 -0.17 6.18
CA LEU F 351 37.82 -1.28 6.44
C LEU F 351 38.11 -2.45 5.51
N ASP F 352 37.74 -3.65 5.95
CA ASP F 352 38.13 -4.89 5.27
C ASP F 352 37.47 -5.03 3.90
N ASN F 353 38.04 -5.93 3.10
CA ASN F 353 37.64 -6.07 1.71
C ASN F 353 36.29 -6.77 1.56
N HIS F 354 35.52 -6.30 0.58
CA HIS F 354 34.33 -7.00 0.05
C HIS F 354 33.31 -7.36 1.14
N SER F 355 33.23 -6.55 2.19
CA SER F 355 32.13 -6.68 3.13
C SER F 355 30.96 -5.81 2.67
N SER F 356 29.85 -5.92 3.40
CA SER F 356 28.66 -5.14 3.05
C SER F 356 28.92 -3.64 3.15
N GLU F 357 29.48 -3.19 4.28
CA GLU F 357 29.80 -1.77 4.42
C GLU F 357 30.88 -1.34 3.43
N PHE F 358 31.85 -2.22 3.16
CA PHE F 358 32.86 -1.93 2.16
C PHE F 358 32.22 -1.67 0.81
N ASN F 359 31.30 -2.54 0.40
CA ASN F 359 30.62 -2.38 -0.89
C ASN F 359 29.79 -1.11 -0.92
N VAL F 360 29.08 -0.81 0.17
CA VAL F 360 28.24 0.38 0.21
C VAL F 360 29.09 1.64 0.08
N THR F 361 30.18 1.71 0.85
CA THR F 361 31.05 2.89 0.77
C THR F 361 31.71 2.99 -0.59
N ARG F 362 32.12 1.86 -1.19
CA ARG F 362 32.72 1.89 -2.50
C ARG F 362 31.74 2.43 -3.55
N ASN F 363 30.50 1.96 -3.50
CA ASN F 363 29.50 2.43 -4.46
C ASN F 363 29.20 3.90 -4.26
N TYR F 364 29.10 4.34 -3.00
CA TYR F 364 28.85 5.75 -2.72
C TYR F 364 29.98 6.62 -3.24
N LEU F 365 31.23 6.20 -3.01
CA LEU F 365 32.37 6.97 -3.48
C LEU F 365 32.43 6.98 -5.01
N ASP F 366 32.10 5.86 -5.65
CA ASP F 366 32.08 5.82 -7.11
C ASP F 366 31.04 6.80 -7.67
N TRP F 367 29.85 6.84 -7.06
CA TRP F 367 28.84 7.79 -7.49
C TRP F 367 29.29 9.23 -7.24
N LEU F 368 29.92 9.48 -6.09
CA LEU F 368 30.26 10.85 -5.72
C LEU F 368 31.38 11.40 -6.58
N THR F 369 32.40 10.59 -6.88
CA THR F 369 33.54 11.07 -7.65
C THR F 369 33.24 11.27 -9.12
N SER F 370 32.14 10.72 -9.62
CA SER F 370 31.80 10.85 -11.04
C SER F 370 31.07 12.15 -11.35
N ILE F 371 30.60 12.87 -10.33
CA ILE F 371 29.86 14.12 -10.58
C ILE F 371 30.83 15.18 -11.09
N PRO F 372 30.55 15.81 -12.23
CA PRO F 372 31.47 16.82 -12.78
C PRO F 372 31.44 18.13 -12.01
N TRP F 373 32.13 18.15 -10.87
CA TRP F 373 32.17 19.32 -10.00
C TRP F 373 32.83 20.51 -10.70
N GLY F 374 32.06 21.58 -10.93
CA GLY F 374 32.62 22.79 -11.49
C GLY F 374 33.09 22.68 -12.93
N LYS F 375 32.57 21.72 -13.69
CA LYS F 375 32.91 21.55 -15.09
C LYS F 375 31.77 22.05 -15.95
N TYR F 376 32.07 22.93 -16.90
CA TYR F 376 31.06 23.58 -17.74
C TYR F 376 31.40 23.41 -19.20
N SER F 377 30.37 23.22 -20.02
CA SER F 377 30.56 23.16 -21.46
C SER F 377 30.80 24.56 -22.01
N ASN F 378 31.68 24.65 -23.02
CA ASN F 378 32.03 25.94 -23.62
C ASN F 378 30.89 26.41 -24.52
N GLU F 379 29.84 26.90 -23.86
CA GLU F 379 28.67 27.42 -24.58
C GLU F 379 29.04 28.67 -25.36
N ASN F 380 28.62 28.70 -26.63
CA ASN F 380 28.86 29.83 -27.52
C ASN F 380 27.57 30.61 -27.71
N LEU F 381 27.68 31.94 -27.74
CA LEU F 381 26.52 32.81 -27.72
C LEU F 381 26.39 33.65 -28.99
N ASP F 382 26.91 33.19 -30.12
CA ASP F 382 26.80 33.94 -31.37
C ASP F 382 25.34 33.97 -31.83
N LEU F 383 24.77 35.17 -31.92
CA LEU F 383 23.36 35.29 -32.31
C LEU F 383 23.13 34.82 -33.74
N ALA F 384 24.01 35.19 -34.67
CA ALA F 384 23.80 34.85 -36.08
C ALA F 384 23.86 33.34 -36.29
N ARG F 385 24.87 32.68 -35.71
CA ARG F 385 25.00 31.25 -35.87
C ARG F 385 23.82 30.52 -35.24
N ALA F 386 23.40 30.96 -34.06
CA ALA F 386 22.27 30.33 -33.38
C ALA F 386 20.99 30.49 -34.19
N GLN F 387 20.74 31.68 -34.73
CA GLN F 387 19.55 31.88 -35.54
C GLN F 387 19.60 31.03 -36.81
N ALA F 388 20.76 30.95 -37.45
CA ALA F 388 20.89 30.16 -38.66
C ALA F 388 20.64 28.69 -38.39
N VAL F 389 21.21 28.16 -37.29
CA VAL F 389 21.05 26.74 -37.01
C VAL F 389 19.64 26.43 -36.54
N LEU F 390 18.98 27.36 -35.84
CA LEU F 390 17.60 27.14 -35.44
C LEU F 390 16.66 27.19 -36.64
N GLU F 391 16.89 28.10 -37.59
CA GLU F 391 16.06 28.17 -38.78
C GLU F 391 16.33 27.02 -39.73
N GLU F 392 17.53 26.44 -39.68
CA GLU F 392 17.92 25.42 -40.66
C GLU F 392 17.10 24.15 -40.51
N ASP F 393 17.00 23.64 -39.28
CA ASP F 393 16.49 22.29 -39.04
C ASP F 393 15.08 22.24 -38.46
N HIS F 394 14.34 23.36 -38.46
CA HIS F 394 12.98 23.34 -37.96
C HIS F 394 12.15 24.41 -38.66
N TYR F 395 10.90 24.07 -38.96
CA TYR F 395 9.97 24.98 -39.59
C TYR F 395 8.97 25.54 -38.59
N GLY F 396 8.61 26.81 -38.78
CA GLY F 396 7.62 27.43 -37.91
C GLY F 396 8.13 27.58 -36.49
N MET F 397 7.19 27.61 -35.54
CA MET F 397 7.50 27.72 -34.12
C MET F 397 8.29 28.99 -33.83
N GLU F 398 7.69 30.13 -34.18
CA GLU F 398 8.38 31.41 -34.04
C GLU F 398 8.69 31.73 -32.58
N ASP F 399 7.73 31.49 -31.68
CA ASP F 399 7.90 31.86 -30.28
C ASP F 399 9.02 31.06 -29.62
N VAL F 400 9.12 29.77 -29.96
CA VAL F 400 10.13 28.92 -29.34
C VAL F 400 11.53 29.40 -29.70
N LYS F 401 11.74 29.85 -30.94
CA LYS F 401 13.06 30.32 -31.35
C LYS F 401 13.31 31.74 -30.86
N LYS F 402 12.27 32.56 -30.80
CA LYS F 402 12.43 33.92 -30.27
C LYS F 402 12.82 33.88 -28.79
N ARG F 403 12.24 32.94 -28.03
CA ARG F 403 12.63 32.80 -26.64
C ARG F 403 14.09 32.41 -26.49
N ILE F 404 14.58 31.53 -27.35
CA ILE F 404 15.98 31.14 -27.30
C ILE F 404 16.89 32.31 -27.70
N LEU F 405 16.48 33.11 -28.69
CA LEU F 405 17.27 34.29 -29.04
C LEU F 405 17.33 35.26 -27.87
N GLU F 406 16.20 35.47 -27.18
CA GLU F 406 16.20 36.32 -26.00
C GLU F 406 17.11 35.76 -24.91
N PHE F 407 17.08 34.43 -24.74
CA PHE F 407 17.96 33.78 -23.76
C PHE F 407 19.42 34.04 -24.09
N ILE F 408 19.79 33.91 -25.37
CA ILE F 408 21.17 34.11 -25.77
C ILE F 408 21.58 35.58 -25.58
N ALA F 409 20.68 36.51 -25.91
CA ALA F 409 20.98 37.92 -25.72
C ALA F 409 21.18 38.26 -24.24
N VAL F 410 20.32 37.72 -23.37
CA VAL F 410 20.45 37.98 -21.95
C VAL F 410 21.72 37.36 -21.40
N SER F 411 22.09 36.17 -21.91
CA SER F 411 23.35 35.56 -21.52
C SER F 411 24.55 36.38 -21.96
N GLN F 412 24.50 36.97 -23.17
CA GLN F 412 25.57 37.84 -23.61
C GLN F 412 25.68 39.07 -22.72
N LEU F 413 24.54 39.66 -22.36
CA LEU F 413 24.58 40.82 -21.48
C LEU F 413 25.14 40.47 -20.10
N ARG F 414 24.73 39.31 -19.56
CA ARG F 414 25.23 38.89 -18.25
C ARG F 414 26.71 38.56 -18.27
N GLY F 415 27.26 38.22 -19.43
CA GLY F 415 28.66 37.88 -19.53
C GLY F 415 29.00 36.52 -18.95
N SER F 416 27.97 35.72 -18.67
CA SER F 416 28.18 34.40 -18.10
C SER F 416 26.97 33.54 -18.42
N THR F 417 27.14 32.22 -18.27
CA THR F 417 26.06 31.28 -18.53
C THR F 417 24.97 31.43 -17.46
N GLN F 418 23.78 30.96 -17.80
CA GLN F 418 22.64 31.07 -16.90
C GLN F 418 21.67 29.94 -17.18
N GLY F 419 20.79 29.67 -16.22
CA GLY F 419 19.79 28.65 -16.38
C GLY F 419 18.37 29.20 -16.38
N LYS F 420 17.46 28.52 -17.06
CA LYS F 420 16.07 28.94 -17.15
C LYS F 420 15.18 27.72 -17.15
N ILE F 421 13.91 27.94 -16.83
CA ILE F 421 12.89 26.89 -16.81
C ILE F 421 11.89 27.20 -17.92
N LEU F 422 11.80 26.31 -18.89
CA LEU F 422 10.89 26.45 -20.02
C LEU F 422 9.95 25.24 -20.09
N CYS F 423 8.80 25.45 -20.72
CA CYS F 423 7.80 24.39 -20.88
C CYS F 423 7.14 24.56 -22.24
N PHE F 424 7.42 23.62 -23.15
CA PHE F 424 6.81 23.61 -24.47
C PHE F 424 5.58 22.70 -24.42
N TYR F 425 4.40 23.27 -24.56
CA TYR F 425 3.16 22.53 -24.46
C TYR F 425 2.36 22.64 -25.76
N GLY F 426 1.78 21.51 -26.17
CA GLY F 426 1.01 21.46 -27.39
C GLY F 426 0.63 20.03 -27.75
N PRO F 427 -0.03 19.86 -28.90
CA PRO F 427 -0.42 18.52 -29.34
C PRO F 427 0.79 17.65 -29.58
N PRO F 428 0.67 16.34 -29.38
CA PRO F 428 1.82 15.46 -29.62
C PRO F 428 2.19 15.39 -31.09
N GLY F 429 3.47 15.18 -31.35
CA GLY F 429 3.95 15.05 -32.72
C GLY F 429 4.18 16.35 -33.46
N VAL F 430 4.41 17.45 -32.74
CA VAL F 430 4.61 18.76 -33.36
C VAL F 430 6.05 19.23 -33.28
N GLY F 431 6.96 18.38 -32.83
CA GLY F 431 8.37 18.74 -32.78
C GLY F 431 8.88 19.26 -31.44
N LYS F 432 8.15 19.02 -30.36
CA LYS F 432 8.59 19.52 -29.04
C LYS F 432 9.90 18.87 -28.62
N THR F 433 10.06 17.58 -28.88
CA THR F 433 11.28 16.88 -28.48
C THR F 433 12.45 17.25 -29.39
N SER F 434 12.21 17.35 -30.70
CA SER F 434 13.28 17.63 -31.64
C SER F 434 13.84 19.04 -31.44
N ILE F 435 12.97 20.01 -31.17
CA ILE F 435 13.44 21.38 -30.98
C ILE F 435 14.33 21.48 -29.75
N ALA F 436 14.11 20.61 -28.76
CA ALA F 436 15.01 20.58 -27.61
C ALA F 436 16.43 20.18 -28.02
N ARG F 437 16.57 19.17 -28.87
CA ARG F 437 17.89 18.79 -29.36
C ARG F 437 18.48 19.87 -30.26
N SER F 438 17.65 20.55 -31.05
CA SER F 438 18.14 21.65 -31.86
C SER F 438 18.67 22.79 -30.99
N ILE F 439 17.96 23.11 -29.91
CA ILE F 439 18.41 24.14 -28.99
C ILE F 439 19.70 23.71 -28.30
N ALA F 440 19.80 22.44 -27.92
CA ALA F 440 21.00 21.93 -27.29
C ALA F 440 22.20 22.06 -28.22
N ARG F 441 22.01 21.72 -29.50
CA ARG F 441 23.10 21.85 -30.47
C ARG F 441 23.44 23.32 -30.72
N ALA F 442 22.43 24.19 -30.73
CA ALA F 442 22.68 25.61 -30.93
C ALA F 442 23.50 26.20 -29.79
N LEU F 443 23.17 25.83 -28.55
CA LEU F 443 23.86 26.35 -27.38
C LEU F 443 25.12 25.56 -27.04
N ASN F 444 25.43 24.51 -27.79
CA ASN F 444 26.57 23.64 -27.53
C ASN F 444 26.50 23.07 -26.12
N ARG F 445 25.32 22.57 -25.77
CA ARG F 445 25.03 22.02 -24.46
C ARG F 445 24.74 20.53 -24.58
N GLU F 446 25.15 19.78 -23.57
CA GLU F 446 24.83 18.36 -23.51
C GLU F 446 23.33 18.17 -23.28
N TYR F 447 22.76 17.16 -23.92
CA TYR F 447 21.33 16.92 -23.90
C TYR F 447 21.02 15.60 -23.18
N PHE F 448 20.08 15.67 -22.26
CA PHE F 448 19.58 14.50 -21.55
C PHE F 448 18.06 14.59 -21.44
N ARG F 449 17.39 13.45 -21.60
CA ARG F 449 15.94 13.37 -21.53
C ARG F 449 15.51 12.30 -20.55
N PHE F 450 14.53 12.64 -19.71
CA PHE F 450 13.88 11.66 -18.86
C PHE F 450 12.42 12.08 -18.68
N SER F 451 11.57 11.10 -18.40
CA SER F 451 10.13 11.31 -18.37
C SER F 451 9.61 11.16 -16.94
N VAL F 452 8.75 12.09 -16.53
CA VAL F 452 8.08 12.03 -15.24
C VAL F 452 6.63 11.55 -15.37
N GLY F 453 6.29 10.91 -16.48
CA GLY F 453 4.96 10.34 -16.64
C GLY F 453 4.75 9.18 -15.68
N GLY F 454 3.60 9.14 -15.03
CA GLY F 454 3.26 8.04 -14.15
C GLY F 454 4.12 7.91 -12.90
N MET F 455 4.37 9.02 -12.22
CA MET F 455 5.12 8.98 -10.97
C MET F 455 4.32 8.39 -9.83
N THR F 456 4.63 7.15 -9.45
CA THR F 456 4.02 6.53 -8.29
C THR F 456 4.79 6.77 -7.00
N ASP F 457 6.04 7.23 -7.09
CA ASP F 457 6.85 7.49 -5.91
C ASP F 457 7.70 8.72 -6.14
N VAL F 458 8.03 9.40 -5.03
CA VAL F 458 8.85 10.61 -5.10
C VAL F 458 10.33 10.27 -5.11
N ALA F 459 10.70 9.05 -4.68
CA ALA F 459 12.12 8.73 -4.48
C ALA F 459 12.86 8.46 -5.79
N GLU F 460 12.15 8.25 -6.90
CA GLU F 460 12.84 7.91 -8.14
C GLU F 460 13.63 9.10 -8.68
N ILE F 461 13.16 10.32 -8.39
CA ILE F 461 13.86 11.51 -8.85
C ILE F 461 14.70 12.12 -7.73
N LYS F 462 14.26 11.93 -6.48
CA LYS F 462 14.96 12.48 -5.33
C LYS F 462 16.03 11.56 -4.78
N GLY F 463 15.96 10.27 -5.08
CA GLY F 463 16.93 9.31 -4.62
C GLY F 463 16.54 8.65 -3.31
N HIS F 464 17.07 7.44 -3.11
CA HIS F 464 16.84 6.68 -1.89
C HIS F 464 17.95 6.95 -0.88
N ARG F 465 17.62 6.80 0.40
CA ARG F 465 18.62 6.93 1.44
C ARG F 465 19.65 5.82 1.34
N ARG F 466 20.91 6.15 1.62
CA ARG F 466 21.99 5.18 1.45
C ARG F 466 21.86 4.02 2.42
N THR F 467 21.12 4.19 3.51
CA THR F 467 20.93 3.10 4.47
C THR F 467 20.20 1.92 3.85
N TYR F 468 19.17 2.19 3.05
CA TYR F 468 18.38 1.12 2.45
C TYR F 468 19.18 0.39 1.38
N VAL F 469 18.92 -0.92 1.27
CA VAL F 469 19.63 -1.73 0.28
C VAL F 469 19.14 -1.38 -1.11
N GLY F 470 20.06 -1.44 -2.07
CA GLY F 470 19.71 -1.14 -3.45
C GLY F 470 19.40 0.31 -3.74
N ALA F 471 19.92 1.23 -2.93
CA ALA F 471 19.66 2.65 -3.14
C ALA F 471 20.35 3.15 -4.40
N MET F 472 19.69 4.07 -5.09
CA MET F 472 20.23 4.72 -6.28
C MET F 472 20.02 6.21 -6.16
N PRO F 473 20.91 7.01 -6.75
CA PRO F 473 20.82 8.49 -6.60
C PRO F 473 19.83 9.13 -7.56
N GLY F 474 18.57 8.70 -7.48
CA GLY F 474 17.52 9.37 -8.21
C GLY F 474 17.72 9.32 -9.71
N LYS F 475 17.46 10.46 -10.36
CA LYS F 475 17.58 10.58 -11.81
C LYS F 475 18.59 11.64 -12.23
N ILE F 476 18.58 12.81 -11.58
CA ILE F 476 19.43 13.93 -11.99
C ILE F 476 20.91 13.60 -11.79
N ILE F 477 21.23 12.78 -10.78
CA ILE F 477 22.63 12.51 -10.48
C ILE F 477 23.30 11.75 -11.61
N GLN F 478 22.65 10.70 -12.12
CA GLN F 478 23.23 9.99 -13.26
C GLN F 478 23.17 10.83 -14.54
N CYS F 479 22.21 11.76 -14.62
CA CYS F 479 22.21 12.72 -15.71
C CYS F 479 23.49 13.55 -15.71
N LEU F 480 23.86 14.07 -14.53
CA LEU F 480 25.12 14.82 -14.42
C LEU F 480 26.32 13.91 -14.68
N LYS F 481 26.23 12.66 -14.23
CA LYS F 481 27.33 11.71 -14.45
C LYS F 481 27.58 11.48 -15.94
N LYS F 482 26.51 11.29 -16.71
CA LYS F 482 26.68 10.95 -18.12
C LYS F 482 26.88 12.17 -19.00
N THR F 483 26.30 13.32 -18.65
CA THR F 483 26.54 14.54 -19.42
C THR F 483 27.88 15.17 -19.13
N LYS F 484 28.50 14.84 -17.99
CA LYS F 484 29.86 15.29 -17.63
C LYS F 484 29.98 16.80 -17.58
N THR F 485 28.85 17.52 -17.44
CA THR F 485 28.88 18.97 -17.36
C THR F 485 27.87 19.43 -16.32
N GLU F 486 28.13 20.61 -15.76
CA GLU F 486 27.16 21.28 -14.91
C GLU F 486 26.25 22.22 -15.69
N ASN F 487 26.31 22.18 -17.01
CA ASN F 487 25.43 22.98 -17.86
C ASN F 487 24.66 22.11 -18.86
N PRO F 488 23.98 21.03 -18.45
CA PRO F 488 23.23 20.23 -19.43
C PRO F 488 21.94 20.90 -19.85
N LEU F 489 21.31 20.39 -20.91
CA LEU F 489 19.94 20.72 -21.24
C LEU F 489 19.08 19.49 -20.91
N ILE F 490 18.19 19.66 -19.93
CA ILE F 490 17.41 18.54 -19.40
C ILE F 490 15.98 18.68 -19.90
N LEU F 491 15.49 17.64 -20.56
CA LEU F 491 14.13 17.62 -21.10
C LEU F 491 13.28 16.75 -20.20
N ILE F 492 12.42 17.39 -19.40
CA ILE F 492 11.54 16.69 -18.48
C ILE F 492 10.21 16.49 -19.20
N ASP F 493 9.98 15.28 -19.70
CA ASP F 493 8.80 14.99 -20.51
C ASP F 493 7.63 14.57 -19.63
N GLU F 494 6.42 14.75 -20.19
CA GLU F 494 5.17 14.31 -19.59
C GLU F 494 4.92 14.92 -18.21
N VAL F 495 5.24 16.21 -18.04
CA VAL F 495 5.01 16.86 -16.76
C VAL F 495 3.53 17.02 -16.44
N ASP F 496 2.66 16.95 -17.46
CA ASP F 496 1.23 17.13 -17.24
C ASP F 496 0.55 15.90 -16.69
N LYS F 497 1.19 14.74 -16.74
CA LYS F 497 0.62 13.48 -16.26
C LYS F 497 1.47 12.89 -15.15
N ILE F 498 1.93 13.74 -14.23
CA ILE F 498 2.78 13.27 -13.13
C ILE F 498 2.01 12.35 -12.20
N GLY F 499 0.71 12.61 -11.99
CA GLY F 499 -0.07 11.78 -11.11
C GLY F 499 0.32 11.98 -9.65
N ARG F 500 0.03 10.94 -8.86
CA ARG F 500 0.33 10.95 -7.44
C ARG F 500 0.50 9.51 -6.96
N GLY F 501 1.12 9.36 -5.79
CA GLY F 501 1.35 8.06 -5.22
C GLY F 501 1.70 8.11 -3.74
N ASP F 505 2.89 13.35 -2.64
CA ASP F 505 2.80 13.79 -4.03
C ASP F 505 4.21 13.95 -4.60
N PRO F 506 4.50 13.20 -5.67
CA PRO F 506 5.83 13.29 -6.29
C PRO F 506 6.16 14.68 -6.83
N SER F 507 5.15 15.51 -7.11
CA SER F 507 5.41 16.85 -7.64
C SER F 507 6.15 17.73 -6.63
N SER F 508 6.16 17.37 -5.35
CA SER F 508 6.86 18.16 -4.35
C SER F 508 8.36 18.18 -4.61
N ALA F 509 8.90 17.12 -5.19
CA ALA F 509 10.32 17.08 -5.52
C ALA F 509 10.67 17.95 -6.72
N LEU F 510 9.72 18.14 -7.65
CA LEU F 510 9.99 19.01 -8.79
C LEU F 510 10.12 20.46 -8.37
N LEU F 511 9.46 20.84 -7.27
CA LEU F 511 9.65 22.18 -6.72
C LEU F 511 11.10 22.38 -6.26
N GLU F 512 11.67 21.35 -5.63
CA GLU F 512 13.07 21.41 -5.21
C GLU F 512 14.04 21.44 -6.39
N LEU F 513 13.58 21.10 -7.59
CA LEU F 513 14.43 21.06 -8.78
C LEU F 513 14.20 22.24 -9.71
N LEU F 514 13.08 22.94 -9.59
CA LEU F 514 12.75 24.05 -10.48
C LEU F 514 12.76 25.42 -9.80
N ASP F 515 12.83 25.47 -8.48
CA ASP F 515 12.84 26.74 -7.78
C ASP F 515 14.17 27.46 -8.00
N PRO F 516 14.18 28.70 -8.51
CA PRO F 516 15.45 29.39 -8.73
C PRO F 516 16.27 29.58 -7.46
N GLU F 517 15.61 29.73 -6.31
CA GLU F 517 16.31 29.94 -5.05
C GLU F 517 16.71 28.63 -4.38
N GLN F 518 16.24 27.49 -4.87
CA GLN F 518 16.57 26.19 -4.30
C GLN F 518 17.53 25.38 -5.18
N ASN F 519 17.62 25.71 -6.46
CA ASN F 519 18.47 24.94 -7.37
C ASN F 519 19.94 24.97 -6.99
N ALA F 520 20.39 26.03 -6.31
CA ALA F 520 21.80 26.15 -5.97
C ALA F 520 22.24 25.10 -4.95
N ASN F 521 21.32 24.54 -4.18
CA ASN F 521 21.64 23.59 -3.13
C ASN F 521 20.72 22.38 -3.19
N PHE F 522 20.55 21.82 -4.39
CA PHE F 522 19.77 20.61 -4.55
C PHE F 522 20.46 19.46 -3.81
N LEU F 523 19.70 18.78 -2.95
CA LEU F 523 20.24 17.78 -2.04
C LEU F 523 19.60 16.43 -2.34
N ASP F 524 20.29 15.62 -3.14
CA ASP F 524 19.83 14.26 -3.39
C ASP F 524 20.04 13.41 -2.14
N HIS F 525 19.08 12.51 -1.88
CA HIS F 525 19.13 11.70 -0.66
C HIS F 525 20.33 10.77 -0.62
N TYR F 526 20.71 10.17 -1.75
CA TYR F 526 21.82 9.22 -1.75
C TYR F 526 23.16 9.94 -1.56
N LEU F 527 23.39 11.01 -2.31
CA LEU F 527 24.67 11.71 -2.22
C LEU F 527 24.83 12.42 -0.89
N ASP F 528 23.74 12.98 -0.36
CA ASP F 528 23.75 13.70 0.92
C ASP F 528 24.70 14.90 0.87
N VAL F 529 24.92 15.44 -0.32
CA VAL F 529 25.74 16.63 -0.50
C VAL F 529 25.02 17.57 -1.46
N PRO F 530 25.11 18.89 -1.27
CA PRO F 530 24.41 19.82 -2.17
C PRO F 530 25.16 19.95 -3.50
N VAL F 531 24.40 19.97 -4.58
CA VAL F 531 24.95 20.17 -5.92
C VAL F 531 24.25 21.36 -6.55
N ASP F 532 25.03 22.19 -7.27
CA ASP F 532 24.51 23.42 -7.85
C ASP F 532 23.91 23.10 -9.22
N LEU F 533 22.61 23.33 -9.36
CA LEU F 533 21.91 23.12 -10.63
C LEU F 533 21.31 24.41 -11.17
N SER F 534 21.77 25.57 -10.70
CA SER F 534 21.22 26.84 -11.17
C SER F 534 21.52 27.11 -12.63
N LYS F 535 22.62 26.57 -13.15
CA LYS F 535 22.99 26.78 -14.55
C LYS F 535 22.27 25.84 -15.50
N VAL F 536 21.63 24.78 -15.01
CA VAL F 536 21.00 23.81 -15.88
C VAL F 536 19.75 24.42 -16.51
N LEU F 537 19.61 24.25 -17.82
CA LEU F 537 18.46 24.72 -18.57
C LEU F 537 17.42 23.61 -18.60
N PHE F 538 16.34 23.78 -17.84
CA PHE F 538 15.28 22.78 -17.74
C PHE F 538 14.18 23.11 -18.74
N ILE F 539 13.85 22.14 -19.60
CA ILE F 539 12.80 22.28 -20.58
C ILE F 539 11.77 21.19 -20.33
N CYS F 540 10.51 21.59 -20.18
CA CYS F 540 9.43 20.63 -19.97
C CYS F 540 8.55 20.54 -21.21
N THR F 541 7.88 19.40 -21.36
CA THR F 541 6.94 19.19 -22.45
C THR F 541 5.65 18.60 -21.89
N ALA F 542 4.52 19.07 -22.41
CA ALA F 542 3.21 18.62 -21.96
C ALA F 542 2.23 18.71 -23.11
N ASN F 543 1.15 17.94 -23.01
CA ASN F 543 0.08 18.00 -24.01
C ASN F 543 -0.99 19.01 -23.64
N VAL F 544 -1.15 19.32 -22.35
CA VAL F 544 -2.12 20.30 -21.90
C VAL F 544 -1.63 20.88 -20.58
N THR F 545 -1.88 22.17 -20.38
CA THR F 545 -1.43 22.85 -19.17
C THR F 545 -2.46 22.78 -18.05
N ASP F 546 -3.65 22.25 -18.31
CA ASP F 546 -4.70 22.19 -17.29
C ASP F 546 -4.29 21.30 -16.13
N THR F 547 -3.68 20.16 -16.41
CA THR F 547 -3.33 19.18 -15.39
C THR F 547 -2.00 19.45 -14.72
N ILE F 548 -1.30 20.50 -15.12
CA ILE F 548 -0.04 20.85 -14.46
C ILE F 548 -0.32 21.25 -13.01
N PRO F 549 0.46 20.77 -12.03
CA PRO F 549 0.24 21.20 -10.65
C PRO F 549 0.39 22.71 -10.51
N GLU F 550 -0.46 23.28 -9.66
CA GLU F 550 -0.47 24.73 -9.46
C GLU F 550 0.87 25.31 -9.03
N PRO F 551 1.58 24.78 -8.03
CA PRO F 551 2.89 25.36 -7.69
C PRO F 551 3.91 25.24 -8.80
N LEU F 552 3.84 24.18 -9.62
CA LEU F 552 4.81 23.99 -10.70
C LEU F 552 4.53 24.95 -11.86
N ARG F 553 3.27 25.18 -12.19
CA ARG F 553 2.93 26.04 -13.30
C ARG F 553 3.38 27.48 -13.08
N ASP F 554 3.57 27.89 -11.82
CA ASP F 554 4.03 29.25 -11.53
C ASP F 554 5.54 29.39 -11.63
N ARG F 555 6.28 28.28 -11.74
CA ARG F 555 7.73 28.31 -11.78
C ARG F 555 8.30 28.15 -13.19
N MET F 556 7.46 27.85 -14.18
CA MET F 556 7.92 27.59 -15.54
C MET F 556 7.16 28.47 -16.52
N GLU F 557 7.80 28.74 -17.67
CA GLU F 557 7.26 29.64 -18.68
C GLU F 557 6.44 28.83 -19.68
N MET F 558 5.17 29.18 -19.85
CA MET F 558 4.30 28.52 -20.82
C MET F 558 4.64 29.00 -22.22
N ILE F 559 5.16 28.10 -23.05
CA ILE F 559 5.45 28.37 -24.45
C ILE F 559 4.63 27.39 -25.28
N ASN F 560 3.80 27.92 -26.17
CA ASN F 560 2.89 27.09 -26.96
C ASN F 560 3.56 26.62 -28.24
N VAL F 561 3.32 25.35 -28.59
CA VAL F 561 3.76 24.78 -29.86
C VAL F 561 2.50 24.22 -30.53
N SER F 562 1.89 25.03 -31.39
CA SER F 562 0.58 24.70 -31.95
C SER F 562 0.73 23.67 -33.09
N GLY F 563 -0.42 23.18 -33.55
CA GLY F 563 -0.44 22.22 -34.62
C GLY F 563 -0.21 22.87 -35.97
N TYR F 564 -0.18 22.03 -37.00
CA TYR F 564 0.15 22.44 -38.36
C TYR F 564 -1.04 22.22 -39.28
N VAL F 565 -1.26 23.16 -40.19
CA VAL F 565 -2.27 23.02 -41.23
C VAL F 565 -1.70 22.17 -42.36
N ALA F 566 -2.54 21.82 -43.33
CA ALA F 566 -2.09 20.93 -44.41
C ALA F 566 -0.90 21.50 -45.16
N GLN F 567 -0.91 22.82 -45.42
CA GLN F 567 0.22 23.44 -46.09
C GLN F 567 1.50 23.34 -45.25
N GLU F 568 1.40 23.63 -43.95
CA GLU F 568 2.56 23.51 -43.08
C GLU F 568 3.05 22.07 -42.98
N LYS F 569 2.12 21.11 -42.91
CA LYS F 569 2.52 19.71 -42.86
C LYS F 569 3.23 19.30 -44.14
N LEU F 570 2.73 19.74 -45.30
CA LEU F 570 3.39 19.43 -46.56
C LEU F 570 4.79 20.05 -46.61
N ALA F 571 4.91 21.31 -46.18
CA ALA F 571 6.21 21.97 -46.18
C ALA F 571 7.19 21.31 -45.22
N ILE F 572 6.73 20.87 -44.05
CA ILE F 572 7.59 20.14 -43.14
C ILE F 572 8.01 18.80 -43.73
N ALA F 573 7.06 18.08 -44.33
CA ALA F 573 7.37 16.76 -44.87
C ALA F 573 8.41 16.84 -45.98
N GLU F 574 8.18 17.70 -46.98
CA GLU F 574 9.05 17.76 -48.14
C GLU F 574 10.48 18.08 -47.75
N ARG F 575 10.67 18.92 -46.75
CA ARG F 575 12.01 19.40 -46.40
C ARG F 575 12.68 18.61 -45.30
N TYR F 576 11.92 17.93 -44.42
CA TYR F 576 12.52 17.22 -43.30
C TYR F 576 12.20 15.74 -43.31
N LEU F 577 10.92 15.35 -43.50
CA LEU F 577 10.54 13.96 -43.25
C LEU F 577 11.09 13.04 -44.33
N VAL F 578 10.94 13.42 -45.60
CA VAL F 578 11.44 12.61 -46.71
C VAL F 578 12.98 12.53 -46.67
N PRO F 579 13.71 13.64 -46.51
CA PRO F 579 15.18 13.52 -46.45
C PRO F 579 15.68 12.65 -45.30
N GLN F 580 15.03 12.73 -44.12
CA GLN F 580 15.48 11.92 -42.99
C GLN F 580 15.18 10.45 -43.22
N ALA F 581 13.98 10.15 -43.72
CA ALA F 581 13.61 8.75 -43.96
C ALA F 581 14.47 8.13 -45.06
N ARG F 582 14.80 8.90 -46.09
CA ARG F 582 15.70 8.40 -47.13
C ARG F 582 17.07 8.08 -46.56
N ALA F 583 17.58 8.95 -45.69
CA ALA F 583 18.88 8.68 -45.05
C ALA F 583 18.82 7.45 -44.17
N LEU F 584 17.72 7.27 -43.43
CA LEU F 584 17.56 6.07 -42.62
C LEU F 584 17.53 4.82 -43.48
N CYS F 585 16.81 4.86 -44.60
CA CYS F 585 16.74 3.71 -45.49
C CYS F 585 17.99 3.56 -46.35
N GLY F 586 18.90 4.52 -46.32
CA GLY F 586 20.11 4.45 -47.13
C GLY F 586 19.93 4.83 -48.58
N LEU F 587 18.76 5.34 -48.96
CA LEU F 587 18.50 5.73 -50.33
C LEU F 587 18.90 7.18 -50.57
N ASP F 588 18.61 7.66 -51.78
CA ASP F 588 18.86 9.06 -52.13
C ASP F 588 17.83 9.49 -53.16
N GLU F 589 17.76 10.80 -53.40
CA GLU F 589 16.75 11.35 -54.29
C GLU F 589 16.89 10.87 -55.73
N SER F 590 18.06 10.36 -56.10
CA SER F 590 18.29 9.95 -57.48
C SER F 590 17.50 8.69 -57.85
N LYS F 591 17.22 7.81 -56.89
CA LYS F 591 16.51 6.57 -57.18
C LYS F 591 15.30 6.34 -56.29
N ALA F 592 15.00 7.24 -55.35
CA ALA F 592 13.80 7.12 -54.50
C ALA F 592 13.17 8.50 -54.44
N LYS F 593 12.24 8.76 -55.34
CA LYS F 593 11.58 10.06 -55.46
C LYS F 593 10.13 9.93 -55.02
N LEU F 594 9.73 10.80 -54.09
CA LEU F 594 8.37 10.82 -53.56
C LEU F 594 7.75 12.16 -53.97
N SER F 595 6.80 12.10 -54.90
CA SER F 595 6.24 13.31 -55.47
C SER F 595 5.41 14.07 -54.46
N SER F 596 5.17 15.36 -54.76
CA SER F 596 4.42 16.22 -53.85
C SER F 596 2.96 15.76 -53.72
N ASP F 597 2.36 15.30 -54.81
CA ASP F 597 0.96 14.88 -54.76
C ASP F 597 0.76 13.68 -53.85
N VAL F 598 1.78 12.83 -53.70
CA VAL F 598 1.68 11.69 -52.80
C VAL F 598 1.57 12.16 -51.35
N LEU F 599 2.37 13.15 -50.97
CA LEU F 599 2.30 13.68 -49.61
C LEU F 599 0.95 14.33 -49.33
N THR F 600 0.39 15.02 -50.33
CA THR F 600 -0.94 15.62 -50.15
C THR F 600 -1.98 14.53 -49.88
N LEU F 601 -1.94 13.45 -50.66
CA LEU F 601 -2.89 12.35 -50.44
C LEU F 601 -2.69 11.72 -49.06
N LEU F 602 -1.43 11.53 -48.66
CA LEU F 602 -1.15 10.95 -47.35
C LEU F 602 -1.71 11.83 -46.24
N ILE F 603 -1.48 13.14 -46.33
CA ILE F 603 -1.97 14.06 -45.30
C ILE F 603 -3.49 14.06 -45.27
N LYS F 604 -4.14 14.08 -46.45
CA LYS F 604 -5.58 14.23 -46.49
C LYS F 604 -6.32 12.94 -46.12
N GLN F 605 -5.73 11.77 -46.38
CA GLN F 605 -6.49 10.53 -46.24
C GLN F 605 -5.85 9.48 -45.33
N TYR F 606 -4.53 9.41 -45.23
CA TYR F 606 -3.88 8.38 -44.42
C TYR F 606 -3.48 8.89 -43.04
N CYS F 607 -3.74 10.16 -42.74
CA CYS F 607 -3.42 10.72 -41.43
C CYS F 607 -4.50 11.71 -41.05
N ARG F 608 -4.79 11.78 -39.75
CA ARG F 608 -5.74 12.75 -39.21
C ARG F 608 -5.25 13.13 -37.82
N GLU F 609 -4.47 14.21 -37.75
CA GLU F 609 -3.86 14.65 -36.51
C GLU F 609 -3.33 16.06 -36.67
N SER F 610 -3.07 16.70 -35.54
CA SER F 610 -2.46 18.03 -35.57
C SER F 610 -0.97 17.95 -35.84
N GLY F 611 -0.31 16.87 -35.42
CA GLY F 611 1.11 16.70 -35.62
C GLY F 611 1.43 16.01 -36.93
N VAL F 612 2.66 15.53 -37.03
CA VAL F 612 3.15 14.86 -38.23
C VAL F 612 3.75 13.51 -37.86
N ARG F 613 3.39 12.99 -36.69
CA ARG F 613 3.97 11.72 -36.24
C ARG F 613 3.49 10.56 -37.10
N ASN F 614 2.22 10.57 -37.52
CA ASN F 614 1.73 9.50 -38.39
C ASN F 614 2.26 9.64 -39.80
N LEU F 615 2.43 10.88 -40.27
CA LEU F 615 2.98 11.10 -41.60
C LEU F 615 4.42 10.59 -41.69
N GLN F 616 5.20 10.74 -40.62
CA GLN F 616 6.56 10.20 -40.61
C GLN F 616 6.54 8.68 -40.75
N LYS F 617 5.62 8.01 -40.04
CA LYS F 617 5.51 6.56 -40.16
C LYS F 617 5.10 6.16 -41.58
N GLN F 618 4.16 6.88 -42.18
CA GLN F 618 3.74 6.57 -43.54
C GLN F 618 4.90 6.74 -44.52
N VAL F 619 5.67 7.82 -44.38
CA VAL F 619 6.80 8.05 -45.26
C VAL F 619 7.85 6.96 -45.08
N GLU F 620 8.11 6.56 -43.83
CA GLU F 620 9.07 5.49 -43.58
C GLU F 620 8.61 4.18 -44.19
N LYS F 621 7.32 3.87 -44.08
CA LYS F 621 6.78 2.67 -44.70
C LYS F 621 6.95 2.71 -46.22
N VAL F 622 6.62 3.85 -46.83
CA VAL F 622 6.73 3.98 -48.28
C VAL F 622 8.16 3.78 -48.73
N LEU F 623 9.11 4.41 -48.02
CA LEU F 623 10.51 4.30 -48.43
C LEU F 623 11.09 2.92 -48.12
N ARG F 624 10.62 2.25 -47.08
CA ARG F 624 11.04 0.87 -46.84
C ARG F 624 10.57 -0.04 -47.97
N LYS F 625 9.32 0.14 -48.41
CA LYS F 625 8.83 -0.65 -49.54
C LYS F 625 9.62 -0.34 -50.81
N SER F 626 9.95 0.95 -51.02
CA SER F 626 10.75 1.32 -52.18
C SER F 626 12.14 0.69 -52.12
N ALA F 627 12.75 0.67 -50.93
CA ALA F 627 14.05 0.03 -50.78
C ALA F 627 13.98 -1.47 -51.06
N TYR F 628 12.92 -2.12 -50.57
CA TYR F 628 12.74 -3.54 -50.86
C TYR F 628 12.60 -3.78 -52.35
N LYS F 629 11.81 -2.95 -53.03
CA LYS F 629 11.64 -3.09 -54.47
C LYS F 629 12.95 -2.88 -55.22
N ILE F 630 13.75 -1.90 -54.78
CA ILE F 630 15.00 -1.60 -55.47
C ILE F 630 16.00 -2.73 -55.28
N VAL F 631 16.17 -3.21 -54.04
CA VAL F 631 17.16 -4.26 -53.78
C VAL F 631 16.74 -5.58 -54.41
N SER F 632 15.43 -5.88 -54.39
CA SER F 632 14.94 -7.13 -54.96
C SER F 632 15.10 -7.21 -56.46
N GLY F 633 15.43 -6.10 -57.13
CA GLY F 633 15.58 -6.10 -58.57
C GLY F 633 14.30 -5.92 -59.35
N GLU F 634 13.17 -5.70 -58.67
CA GLU F 634 11.92 -5.47 -59.37
C GLU F 634 11.96 -4.18 -60.18
N ALA F 635 12.60 -3.13 -59.65
CA ALA F 635 12.75 -1.88 -60.36
C ALA F 635 14.07 -1.23 -59.97
N GLU F 636 14.76 -0.67 -60.97
CA GLU F 636 16.02 0.01 -60.70
C GLU F 636 15.82 1.34 -59.99
N SER F 637 14.77 2.07 -60.34
CA SER F 637 14.44 3.33 -59.68
C SER F 637 12.94 3.34 -59.41
N VAL F 638 12.57 3.93 -58.27
CA VAL F 638 11.19 3.92 -57.81
C VAL F 638 10.71 5.35 -57.61
N GLU F 639 9.60 5.68 -58.25
CA GLU F 639 8.88 6.92 -58.00
C GLU F 639 7.43 6.58 -57.71
N VAL F 640 6.85 7.28 -56.75
CA VAL F 640 5.49 6.99 -56.29
C VAL F 640 4.56 8.08 -56.80
N THR F 641 3.40 7.65 -57.29
CA THR F 641 2.42 8.52 -57.91
C THR F 641 1.05 8.16 -57.35
N PRO F 642 0.09 9.08 -57.39
CA PRO F 642 -1.24 8.77 -56.81
C PRO F 642 -1.88 7.50 -57.35
N GLU F 643 -1.66 7.15 -58.62
CA GLU F 643 -2.28 5.96 -59.17
C GLU F 643 -1.54 4.67 -58.82
N ASN F 644 -0.33 4.75 -58.25
CA ASN F 644 0.35 3.56 -57.76
C ASN F 644 0.65 3.62 -56.27
N LEU F 645 0.05 4.56 -55.53
CA LEU F 645 0.32 4.67 -54.11
C LEU F 645 -0.16 3.44 -53.35
N GLN F 646 -1.25 2.82 -53.80
CA GLN F 646 -1.80 1.66 -53.12
C GLN F 646 -0.87 0.45 -53.17
N ASP F 647 0.14 0.46 -54.03
CA ASP F 647 1.13 -0.61 -54.03
C ASP F 647 2.08 -0.53 -52.84
N PHE F 648 2.20 0.64 -52.22
CA PHE F 648 3.07 0.84 -51.07
C PHE F 648 2.34 0.92 -49.75
N VAL F 649 1.12 1.48 -49.74
CA VAL F 649 0.30 1.58 -48.55
C VAL F 649 -1.07 1.01 -48.89
N GLY F 650 -1.78 0.54 -47.87
CA GLY F 650 -3.09 -0.03 -48.06
C GLY F 650 -4.11 1.00 -48.53
N LYS F 651 -5.38 0.60 -48.41
CA LYS F 651 -6.49 1.44 -48.82
C LYS F 651 -6.53 2.72 -48.00
N PRO F 652 -7.10 3.80 -48.52
CA PRO F 652 -7.14 5.04 -47.73
C PRO F 652 -7.90 4.86 -46.43
N VAL F 653 -7.25 5.23 -45.32
CA VAL F 653 -7.85 5.04 -44.01
C VAL F 653 -9.07 5.94 -43.85
N PHE F 654 -8.93 7.21 -44.21
CA PHE F 654 -10.01 8.18 -44.10
C PHE F 654 -10.47 8.58 -45.49
N THR F 655 -11.67 8.15 -45.88
CA THR F 655 -12.19 8.41 -47.20
C THR F 655 -12.99 9.70 -47.30
N VAL F 656 -13.30 10.33 -46.16
CA VAL F 656 -14.08 11.57 -46.15
C VAL F 656 -13.51 12.48 -45.08
N GLU F 657 -13.51 13.79 -45.36
CA GLU F 657 -12.94 14.75 -44.43
C GLU F 657 -13.86 15.03 -43.23
N ARG F 658 -15.18 14.90 -43.41
CA ARG F 658 -16.13 15.16 -42.35
C ARG F 658 -17.13 14.02 -42.26
N MET F 659 -17.67 13.81 -41.06
CA MET F 659 -18.67 12.78 -40.86
C MET F 659 -19.94 13.07 -41.65
N TYR F 660 -20.26 14.35 -41.84
CA TYR F 660 -21.48 14.76 -42.52
C TYR F 660 -21.13 15.59 -43.74
N ASP F 661 -21.71 15.24 -44.88
CA ASP F 661 -21.58 16.07 -46.08
C ASP F 661 -22.56 17.24 -46.02
N VAL F 662 -23.85 16.94 -45.94
CA VAL F 662 -24.89 17.92 -45.69
C VAL F 662 -25.57 17.55 -44.37
N THR F 663 -25.79 18.55 -43.53
CA THR F 663 -26.30 18.31 -42.18
C THR F 663 -27.82 18.34 -42.19
N PRO F 664 -28.49 17.27 -41.78
CA PRO F 664 -29.93 17.32 -41.58
C PRO F 664 -30.28 18.27 -40.45
N PRO F 665 -31.56 18.61 -40.27
CA PRO F 665 -31.93 19.61 -39.26
C PRO F 665 -31.48 19.26 -37.85
N GLY F 666 -31.39 17.98 -37.50
CA GLY F 666 -31.14 17.61 -36.12
C GLY F 666 -29.71 17.80 -35.65
N VAL F 667 -28.78 18.03 -36.57
CA VAL F 667 -27.36 18.06 -36.22
C VAL F 667 -26.74 19.37 -36.69
N VAL F 668 -25.84 19.92 -35.87
CA VAL F 668 -25.06 21.11 -36.21
C VAL F 668 -23.61 20.84 -35.86
N MET F 669 -22.70 21.33 -36.70
CA MET F 669 -21.29 21.05 -36.54
C MET F 669 -20.68 21.92 -35.44
N GLY F 670 -19.70 21.35 -34.73
CA GLY F 670 -18.99 22.06 -33.69
C GLY F 670 -17.51 21.67 -33.68
N LEU F 671 -16.76 22.37 -32.83
CA LEU F 671 -15.32 22.16 -32.70
C LEU F 671 -14.98 21.87 -31.24
N ALA F 672 -13.89 21.12 -31.04
CA ALA F 672 -13.47 20.73 -29.71
C ALA F 672 -11.95 20.81 -29.61
N TRP F 673 -11.46 20.90 -28.38
CA TRP F 673 -10.04 20.94 -28.10
C TRP F 673 -9.72 19.91 -27.02
N THR F 674 -8.74 19.05 -27.31
CA THR F 674 -8.36 18.00 -26.39
C THR F 674 -6.84 17.94 -26.30
N ALA F 675 -6.34 17.00 -25.50
CA ALA F 675 -4.90 16.82 -25.36
C ALA F 675 -4.25 16.37 -26.66
N MET F 676 -5.00 15.74 -27.55
CA MET F 676 -4.48 15.29 -28.85
C MET F 676 -4.59 16.39 -29.92
N GLY F 677 -4.87 17.62 -29.53
CA GLY F 677 -5.02 18.70 -30.48
C GLY F 677 -6.46 19.00 -30.81
N GLY F 678 -6.63 19.94 -31.73
CA GLY F 678 -7.97 20.34 -32.13
C GLY F 678 -8.68 19.27 -32.93
N SER F 679 -10.01 19.27 -32.82
CA SER F 679 -10.85 18.32 -33.54
C SER F 679 -12.25 18.89 -33.62
N THR F 680 -13.07 18.26 -34.45
CA THR F 680 -14.45 18.68 -34.65
C THR F 680 -15.41 17.58 -34.20
N LEU F 681 -16.58 18.01 -33.72
CA LEU F 681 -17.63 17.09 -33.32
C LEU F 681 -18.97 17.62 -33.83
N PHE F 682 -19.91 16.70 -34.03
CA PHE F 682 -21.26 17.03 -34.49
C PHE F 682 -22.23 16.68 -33.37
N VAL F 683 -23.09 17.62 -33.01
CA VAL F 683 -24.10 17.37 -31.98
C VAL F 683 -25.36 16.87 -32.66
N GLU F 684 -25.65 15.58 -32.53
CA GLU F 684 -26.81 14.96 -33.13
C GLU F 684 -28.00 15.05 -32.18
N THR F 685 -29.18 15.26 -32.75
CA THR F 685 -30.38 15.43 -31.95
C THR F 685 -31.59 14.94 -32.76
N SER F 686 -32.46 14.17 -32.12
CA SER F 686 -33.63 13.63 -32.80
C SER F 686 -34.69 13.30 -31.76
N LEU F 687 -35.92 13.12 -32.24
CA LEU F 687 -37.04 12.81 -31.36
C LEU F 687 -36.88 11.42 -30.77
N ARG F 688 -37.47 11.23 -29.59
CA ARG F 688 -37.55 9.92 -28.95
C ARG F 688 -38.97 9.36 -28.92
N ARG F 689 -39.97 10.22 -29.06
CA ARG F 689 -41.37 9.82 -29.11
C ARG F 689 -42.07 10.61 -30.20
N PRO F 690 -43.11 10.06 -30.80
CA PRO F 690 -43.91 10.84 -31.76
C PRO F 690 -44.64 11.97 -31.06
N GLN F 691 -44.87 13.05 -31.79
CA GLN F 691 -45.53 14.21 -31.22
C GLN F 691 -47.02 13.93 -31.01
N ASP F 692 -47.63 14.74 -30.15
CA ASP F 692 -49.04 14.60 -29.83
C ASP F 692 -49.92 15.13 -30.96
N LYS F 699 -48.22 17.88 -20.63
CA LYS F 699 -47.13 17.11 -20.04
C LYS F 699 -45.78 17.73 -20.39
N ASP F 700 -44.82 17.59 -19.47
CA ASP F 700 -43.50 18.15 -19.67
C ASP F 700 -42.73 17.36 -20.72
N GLY F 701 -41.79 18.04 -21.36
CA GLY F 701 -40.86 17.39 -22.25
C GLY F 701 -39.70 16.78 -21.48
N SER F 702 -38.71 16.30 -22.23
CA SER F 702 -37.54 15.69 -21.62
C SER F 702 -36.38 15.76 -22.60
N LEU F 703 -35.17 15.66 -22.05
CA LEU F 703 -33.95 15.67 -22.83
C LEU F 703 -33.02 14.59 -22.31
N GLU F 704 -32.70 13.62 -23.18
CA GLU F 704 -31.75 12.58 -22.84
C GLU F 704 -30.42 12.85 -23.55
N VAL F 705 -29.33 12.71 -22.79
CA VAL F 705 -28.00 13.00 -23.31
C VAL F 705 -27.14 11.74 -23.21
N THR F 706 -26.42 11.44 -24.28
CA THR F 706 -25.55 10.27 -24.35
C THR F 706 -24.28 10.65 -25.08
N GLY F 707 -23.23 9.85 -24.88
CA GLY F 707 -21.96 10.10 -25.54
C GLY F 707 -20.80 10.27 -24.58
N GLN F 708 -20.92 9.69 -23.39
CA GLN F 708 -19.90 9.80 -22.34
C GLN F 708 -19.62 11.25 -21.99
N LEU F 709 -20.67 12.06 -21.97
CA LEU F 709 -20.53 13.47 -21.60
C LEU F 709 -20.15 13.60 -20.13
N GLY F 710 -19.27 14.55 -19.83
CA GLY F 710 -18.91 14.82 -18.46
C GLY F 710 -20.01 15.57 -17.73
N GLU F 711 -19.80 15.73 -16.41
CA GLU F 711 -20.79 16.44 -15.60
C GLU F 711 -20.91 17.90 -16.03
N VAL F 712 -19.78 18.56 -16.32
CA VAL F 712 -19.83 19.95 -16.75
C VAL F 712 -20.57 20.07 -18.08
N MET F 713 -20.30 19.17 -19.02
CA MET F 713 -20.97 19.25 -20.31
C MET F 713 -22.44 18.86 -20.20
N LYS F 714 -22.78 17.95 -19.29
CA LYS F 714 -24.19 17.66 -19.05
C LYS F 714 -24.93 18.87 -18.48
N GLU F 715 -24.31 19.57 -17.54
CA GLU F 715 -24.91 20.80 -17.02
C GLU F 715 -25.03 21.85 -18.11
N SER F 716 -24.03 21.95 -18.99
CA SER F 716 -24.10 22.87 -20.12
C SER F 716 -25.25 22.50 -21.05
N ALA F 717 -25.46 21.20 -21.27
CA ALA F 717 -26.59 20.77 -22.09
C ALA F 717 -27.92 21.13 -21.45
N ARG F 718 -28.04 20.98 -20.13
CA ARG F 718 -29.27 21.39 -19.44
C ARG F 718 -29.51 22.89 -19.59
N ILE F 719 -28.45 23.68 -19.41
CA ILE F 719 -28.57 25.14 -19.56
C ILE F 719 -28.97 25.49 -20.99
N ALA F 720 -28.38 24.80 -21.97
CA ALA F 720 -28.70 25.03 -23.37
C ALA F 720 -30.16 24.70 -23.66
N TYR F 721 -30.65 23.58 -23.10
CA TYR F 721 -32.06 23.22 -23.29
C TYR F 721 -32.98 24.28 -22.70
N THR F 722 -32.67 24.74 -21.49
CA THR F 722 -33.51 25.78 -20.87
C THR F 722 -33.49 27.07 -21.68
N PHE F 723 -32.31 27.48 -22.16
CA PHE F 723 -32.24 28.70 -22.95
C PHE F 723 -32.95 28.56 -24.28
N ALA F 724 -32.87 27.39 -24.92
CA ALA F 724 -33.60 27.18 -26.17
C ALA F 724 -35.10 27.24 -25.94
N ARG F 725 -35.57 26.64 -24.84
CA ARG F 725 -36.98 26.76 -24.48
C ARG F 725 -37.38 28.22 -24.33
N ALA F 726 -36.59 28.98 -23.57
CA ALA F 726 -36.91 30.40 -23.35
C ALA F 726 -36.87 31.19 -24.65
N PHE F 727 -35.92 30.86 -25.53
CA PHE F 727 -35.81 31.56 -26.81
C PHE F 727 -37.04 31.31 -27.68
N LEU F 728 -37.50 30.05 -27.74
CA LEU F 728 -38.69 29.77 -28.54
C LEU F 728 -39.96 30.29 -27.89
N MET F 729 -39.97 30.48 -26.58
CA MET F 729 -41.15 31.06 -25.94
C MET F 729 -41.42 32.49 -26.38
N GLN F 730 -40.42 33.18 -26.94
CA GLN F 730 -40.59 34.56 -27.38
C GLN F 730 -40.38 34.76 -28.88
N HIS F 731 -39.54 33.96 -29.53
CA HIS F 731 -39.32 34.14 -30.96
C HIS F 731 -40.48 33.56 -31.77
N ALA F 732 -41.12 32.50 -31.29
CA ALA F 732 -42.25 31.88 -31.95
C ALA F 732 -43.15 31.22 -30.91
N PRO F 733 -44.09 31.99 -30.34
CA PRO F 733 -44.94 31.44 -29.27
C PRO F 733 -45.74 30.22 -29.68
N ALA F 734 -46.14 30.11 -30.96
CA ALA F 734 -46.97 29.01 -31.39
C ALA F 734 -46.22 27.69 -31.49
N ASN F 735 -44.88 27.73 -31.54
CA ASN F 735 -44.07 26.52 -31.68
C ASN F 735 -43.78 25.95 -30.29
N ASP F 736 -44.64 25.03 -29.87
CA ASP F 736 -44.53 24.33 -28.59
C ASP F 736 -43.63 23.09 -28.66
N TYR F 737 -42.72 23.03 -29.63
CA TYR F 737 -41.91 21.84 -29.86
C TYR F 737 -41.09 21.49 -28.62
N LEU F 738 -40.20 22.40 -28.20
CA LEU F 738 -39.25 22.07 -27.14
C LEU F 738 -39.89 21.89 -25.77
N VAL F 739 -41.10 22.40 -25.57
CA VAL F 739 -41.75 22.34 -24.27
C VAL F 739 -42.70 21.16 -24.13
N THR F 740 -42.98 20.43 -25.22
CA THR F 740 -43.90 19.31 -25.17
C THR F 740 -43.40 18.04 -25.84
N SER F 741 -42.22 18.02 -26.42
CA SER F 741 -41.70 16.86 -27.13
C SER F 741 -40.50 16.28 -26.41
N HIS F 742 -40.41 14.95 -26.42
CA HIS F 742 -39.30 14.22 -25.82
C HIS F 742 -38.16 14.14 -26.83
N ILE F 743 -36.98 14.58 -26.42
CA ILE F 743 -35.85 14.75 -27.31
C ILE F 743 -34.64 14.01 -26.76
N HIS F 744 -33.92 13.33 -27.65
CA HIS F 744 -32.69 12.64 -27.32
C HIS F 744 -31.53 13.31 -28.05
N LEU F 745 -30.48 13.64 -27.30
CA LEU F 745 -29.29 14.30 -27.83
C LEU F 745 -28.10 13.38 -27.70
N HIS F 746 -27.26 13.34 -28.74
CA HIS F 746 -26.11 12.44 -28.77
C HIS F 746 -24.95 13.12 -29.48
N VAL F 747 -23.74 12.75 -29.07
CA VAL F 747 -22.51 13.19 -29.70
C VAL F 747 -21.74 11.96 -30.18
N PRO F 748 -21.54 11.78 -31.49
CA PRO F 748 -20.84 10.58 -31.99
C PRO F 748 -19.45 10.38 -31.40
N GLU F 749 -18.86 9.23 -31.72
CA GLU F 749 -17.65 8.74 -31.04
C GLU F 749 -17.93 8.56 -29.55
N GLY F 750 -18.91 7.72 -29.26
CA GLY F 750 -19.37 7.51 -27.89
C GLY F 750 -18.34 6.84 -27.00
N ALA F 751 -17.33 6.19 -27.58
CA ALA F 751 -16.30 5.56 -26.78
C ALA F 751 -15.30 6.58 -26.22
N THR F 752 -15.24 7.77 -26.79
CA THR F 752 -14.29 8.79 -26.34
C THR F 752 -14.93 9.66 -25.26
N PRO F 753 -14.37 9.72 -24.07
CA PRO F 753 -14.91 10.64 -23.04
C PRO F 753 -14.61 12.08 -23.39
N LYS F 754 -15.64 12.93 -23.31
CA LYS F 754 -15.51 14.33 -23.67
C LYS F 754 -16.16 15.19 -22.59
N ASP F 755 -15.60 16.37 -22.38
CA ASP F 755 -16.10 17.29 -21.37
C ASP F 755 -15.73 18.71 -21.79
N GLY F 756 -16.37 19.68 -21.13
CA GLY F 756 -16.13 21.08 -21.41
C GLY F 756 -17.40 21.84 -21.75
N PRO F 757 -17.52 23.06 -21.23
CA PRO F 757 -18.74 23.85 -21.47
C PRO F 757 -18.76 24.56 -22.80
N SER F 758 -17.75 24.39 -23.65
CA SER F 758 -17.66 25.12 -24.91
C SER F 758 -18.74 24.69 -25.91
N ALA F 759 -19.45 23.59 -25.65
CA ALA F 759 -20.42 23.09 -26.62
C ALA F 759 -21.81 23.70 -26.43
N GLY F 760 -21.98 24.61 -25.47
CA GLY F 760 -23.27 25.18 -25.17
C GLY F 760 -24.04 25.75 -26.35
N CYS F 761 -23.45 26.72 -27.04
CA CYS F 761 -24.13 27.34 -28.18
C CYS F 761 -24.37 26.33 -29.29
N THR F 762 -23.48 25.36 -29.48
CA THR F 762 -23.72 24.30 -30.46
C THR F 762 -24.96 23.51 -30.10
N ILE F 763 -25.12 23.18 -28.82
CA ILE F 763 -26.31 22.44 -28.38
C ILE F 763 -27.56 23.28 -28.58
N VAL F 764 -27.50 24.58 -28.28
CA VAL F 764 -28.65 25.44 -28.49
C VAL F 764 -29.02 25.47 -29.96
N THR F 765 -28.02 25.59 -30.84
CA THR F 765 -28.29 25.63 -32.27
C THR F 765 -28.90 24.32 -32.76
N ALA F 766 -28.38 23.18 -32.26
CA ALA F 766 -28.94 21.90 -32.65
C ALA F 766 -30.40 21.78 -32.23
N LEU F 767 -30.70 22.17 -30.99
CA LEU F 767 -32.08 22.09 -30.50
C LEU F 767 -33.00 23.00 -31.30
N LEU F 768 -32.56 24.22 -31.59
CA LEU F 768 -33.41 25.14 -32.35
C LEU F 768 -33.61 24.65 -33.77
N SER F 769 -32.56 24.10 -34.40
CA SER F 769 -32.70 23.59 -35.75
C SER F 769 -33.65 22.40 -35.80
N LEU F 770 -33.58 21.51 -34.79
CA LEU F 770 -34.53 20.41 -34.73
C LEU F 770 -35.96 20.93 -34.55
N ALA F 771 -36.15 21.90 -33.65
CA ALA F 771 -37.48 22.41 -33.38
C ALA F 771 -38.08 23.12 -34.58
N MET F 772 -37.29 23.90 -35.32
CA MET F 772 -37.77 24.59 -36.50
C MET F 772 -37.77 23.72 -37.75
N GLY F 773 -37.09 22.59 -37.72
CA GLY F 773 -36.99 21.73 -38.89
C GLY F 773 -36.25 22.37 -40.04
N ARG F 774 -35.23 23.17 -39.75
CA ARG F 774 -34.46 23.87 -40.78
C ARG F 774 -32.97 23.65 -40.54
N PRO F 775 -32.22 23.23 -41.55
CA PRO F 775 -30.79 22.98 -41.35
C PRO F 775 -30.00 24.27 -41.20
N VAL F 776 -28.88 24.16 -40.50
CA VAL F 776 -27.94 25.26 -40.34
C VAL F 776 -27.12 25.41 -41.61
N ARG F 777 -26.35 26.50 -41.70
CA ARG F 777 -25.43 26.68 -42.81
C ARG F 777 -24.49 25.47 -42.91
N GLN F 778 -24.28 25.00 -44.15
CA GLN F 778 -23.66 23.69 -44.35
C GLN F 778 -22.20 23.67 -43.91
N ASN F 779 -21.49 24.79 -44.03
CA ASN F 779 -20.08 24.87 -43.68
C ASN F 779 -19.83 25.80 -42.50
N LEU F 780 -20.72 25.77 -41.50
CA LEU F 780 -20.62 26.65 -40.34
C LEU F 780 -20.29 25.84 -39.09
N ALA F 781 -19.25 26.25 -38.37
CA ALA F 781 -18.89 25.67 -37.10
C ALA F 781 -18.90 26.75 -36.03
N MET F 782 -19.35 26.39 -34.83
CA MET F 782 -19.52 27.36 -33.76
C MET F 782 -19.00 26.77 -32.44
N THR F 783 -18.43 27.65 -31.62
CA THR F 783 -17.96 27.31 -30.28
C THR F 783 -18.30 28.44 -29.34
N GLY F 784 -18.38 28.11 -28.05
CA GLY F 784 -18.63 29.13 -27.05
C GLY F 784 -19.59 28.72 -25.95
N GLU F 785 -19.19 28.93 -24.70
CA GLU F 785 -20.06 28.65 -23.57
C GLU F 785 -21.26 29.59 -23.58
N VAL F 786 -22.44 29.05 -23.27
CA VAL F 786 -23.69 29.81 -23.27
C VAL F 786 -24.18 29.90 -21.82
N SER F 787 -24.71 31.06 -21.47
CA SER F 787 -25.28 31.28 -20.15
C SER F 787 -26.80 31.08 -20.18
N LEU F 788 -27.42 31.15 -18.99
CA LEU F 788 -28.86 30.97 -18.91
C LEU F 788 -29.63 32.09 -19.59
N THR F 789 -29.05 33.28 -19.67
CA THR F 789 -29.67 34.41 -20.38
C THR F 789 -29.29 34.42 -21.85
N GLY F 790 -28.32 33.62 -22.26
CA GLY F 790 -27.90 33.56 -23.64
C GLY F 790 -26.60 34.26 -23.97
N LYS F 791 -25.98 34.93 -23.00
CA LYS F 791 -24.71 35.58 -23.25
C LYS F 791 -23.62 34.54 -23.53
N ILE F 792 -22.84 34.78 -24.56
CA ILE F 792 -21.76 33.89 -24.96
C ILE F 792 -20.51 34.24 -24.17
N LEU F 793 -19.86 33.21 -23.61
CA LEU F 793 -18.69 33.40 -22.78
C LEU F 793 -17.45 32.88 -23.49
N PRO F 794 -16.27 33.45 -23.20
CA PRO F 794 -15.06 33.03 -23.90
C PRO F 794 -14.68 31.59 -23.57
N VAL F 795 -14.03 30.94 -24.54
CA VAL F 795 -13.54 29.58 -24.40
C VAL F 795 -12.07 29.54 -24.80
N GLY F 796 -11.35 28.56 -24.27
CA GLY F 796 -9.93 28.45 -24.55
C GLY F 796 -9.62 27.47 -25.67
N GLY F 797 -8.35 27.48 -26.07
CA GLY F 797 -7.87 26.57 -27.09
C GLY F 797 -8.41 26.82 -28.49
N ILE F 798 -8.55 28.07 -28.90
CA ILE F 798 -9.13 28.36 -30.20
C ILE F 798 -8.10 28.28 -31.32
N LYS F 799 -6.81 28.29 -31.00
CA LYS F 799 -5.80 28.05 -32.03
C LYS F 799 -5.98 26.66 -32.63
N GLU F 800 -6.05 25.64 -31.78
CA GLU F 800 -6.25 24.27 -32.25
C GLU F 800 -7.64 24.11 -32.89
N LYS F 801 -8.64 24.79 -32.32
CA LYS F 801 -9.98 24.71 -32.90
C LYS F 801 -10.00 25.27 -34.32
N THR F 802 -9.35 26.40 -34.56
CA THR F 802 -9.30 26.98 -35.89
C THR F 802 -8.46 26.12 -36.84
N ILE F 803 -7.37 25.54 -36.34
CA ILE F 803 -6.57 24.64 -37.18
C ILE F 803 -7.42 23.45 -37.61
N ALA F 804 -8.17 22.86 -36.69
CA ALA F 804 -9.03 21.73 -37.02
C ALA F 804 -10.16 22.15 -37.97
N ALA F 805 -10.72 23.34 -37.76
CA ALA F 805 -11.78 23.82 -38.64
C ALA F 805 -11.27 24.00 -40.06
N LYS F 806 -10.06 24.54 -40.22
CA LYS F 806 -9.45 24.61 -41.54
C LYS F 806 -9.20 23.22 -42.10
N ARG F 807 -8.77 22.28 -41.24
CA ARG F 807 -8.59 20.91 -41.67
C ARG F 807 -9.92 20.29 -42.10
N ALA F 808 -11.00 20.61 -41.39
CA ALA F 808 -12.32 20.08 -41.72
C ALA F 808 -12.94 20.72 -42.96
N GLY F 809 -12.37 21.81 -43.46
CA GLY F 809 -12.84 22.41 -44.69
C GLY F 809 -14.03 23.35 -44.56
N VAL F 810 -14.25 23.94 -43.37
CA VAL F 810 -15.34 24.87 -43.21
C VAL F 810 -14.93 26.24 -43.76
N THR F 811 -15.94 27.06 -44.07
CA THR F 811 -15.71 28.41 -44.57
C THR F 811 -16.23 29.50 -43.65
N CYS F 812 -17.11 29.16 -42.71
CA CYS F 812 -17.65 30.12 -41.75
C CYS F 812 -17.48 29.58 -40.34
N ILE F 813 -17.11 30.46 -39.42
CA ILE F 813 -16.86 30.07 -38.03
C ILE F 813 -17.47 31.13 -37.12
N VAL F 814 -17.91 30.71 -35.94
CA VAL F 814 -18.51 31.58 -34.95
C VAL F 814 -17.69 31.50 -33.67
N LEU F 815 -17.26 32.64 -33.16
CA LEU F 815 -16.44 32.74 -31.98
C LEU F 815 -17.02 33.73 -30.98
N PRO F 816 -16.76 33.56 -29.68
CA PRO F 816 -17.17 34.58 -28.71
C PRO F 816 -16.43 35.88 -28.97
N ALA F 817 -17.12 36.99 -28.71
CA ALA F 817 -16.54 38.31 -28.99
C ALA F 817 -15.31 38.57 -28.12
N GLU F 818 -15.31 38.08 -26.88
CA GLU F 818 -14.17 38.29 -26.00
C GLU F 818 -12.91 37.58 -26.47
N ASN F 819 -13.02 36.68 -27.44
CA ASN F 819 -11.87 35.92 -27.93
C ASN F 819 -11.26 36.54 -29.19
N LYS F 820 -11.71 37.73 -29.59
CA LYS F 820 -11.13 38.39 -30.75
C LYS F 820 -9.63 38.61 -30.58
N LYS F 821 -9.20 38.87 -29.34
CA LYS F 821 -7.79 39.09 -29.06
C LYS F 821 -6.95 37.85 -29.29
N ASP F 822 -7.54 36.66 -29.17
CA ASP F 822 -6.80 35.41 -29.30
C ASP F 822 -6.88 34.80 -30.70
N PHE F 823 -7.88 35.18 -31.49
CA PHE F 823 -8.02 34.62 -32.83
C PHE F 823 -6.99 35.22 -33.79
N TYR F 824 -6.76 36.53 -33.70
CA TYR F 824 -5.84 37.20 -34.61
C TYR F 824 -4.38 36.89 -34.30
N ASP F 825 -4.07 36.20 -33.20
CA ASP F 825 -2.71 35.75 -32.97
C ASP F 825 -2.29 34.71 -34.02
N LEU F 826 -3.25 34.09 -34.69
CA LEU F 826 -2.96 33.13 -35.74
C LEU F 826 -2.28 33.82 -36.92
N ALA F 827 -1.50 33.03 -37.67
CA ALA F 827 -0.81 33.56 -38.84
C ALA F 827 -1.82 33.95 -39.91
N ALA F 828 -1.37 34.79 -40.85
CA ALA F 828 -2.26 35.30 -41.89
C ALA F 828 -2.77 34.19 -42.80
N PHE F 829 -1.92 33.23 -43.16
CA PHE F 829 -2.33 32.21 -44.11
C PHE F 829 -3.32 31.22 -43.52
N ILE F 830 -3.52 31.22 -42.20
CA ILE F 830 -4.49 30.31 -41.60
C ILE F 830 -5.89 30.89 -41.65
N THR F 831 -6.03 32.15 -41.21
CA THR F 831 -7.35 32.75 -41.05
C THR F 831 -7.89 33.40 -42.32
N GLU F 832 -7.09 33.40 -43.40
CA GLU F 832 -7.50 34.11 -44.61
C GLU F 832 -8.72 33.50 -45.29
N GLY F 833 -8.96 32.21 -45.09
CA GLY F 833 -10.05 31.54 -45.77
C GLY F 833 -11.35 31.41 -45.02
N LEU F 834 -11.44 31.94 -43.80
CA LEU F 834 -12.60 31.76 -42.94
C LEU F 834 -13.39 33.06 -42.84
N GLU F 835 -14.71 32.97 -43.02
CA GLU F 835 -15.62 34.10 -42.80
C GLU F 835 -15.92 34.16 -41.31
N VAL F 836 -15.04 34.84 -40.58
CA VAL F 836 -15.06 34.82 -39.13
C VAL F 836 -16.13 35.76 -38.61
N HIS F 837 -16.91 35.28 -37.64
CA HIS F 837 -17.94 36.07 -36.97
C HIS F 837 -17.69 36.05 -35.47
N PHE F 838 -17.84 37.21 -34.83
CA PHE F 838 -17.70 37.35 -33.39
C PHE F 838 -19.05 37.76 -32.80
N VAL F 839 -19.45 37.10 -31.72
CA VAL F 839 -20.79 37.26 -31.17
C VAL F 839 -20.71 37.60 -29.69
N GLU F 840 -21.59 38.49 -29.26
CA GLU F 840 -21.77 38.84 -27.85
C GLU F 840 -22.94 38.13 -27.20
N HIS F 841 -24.07 38.02 -27.92
CA HIS F 841 -25.26 37.36 -27.41
C HIS F 841 -25.73 36.36 -28.45
N TYR F 842 -26.47 35.34 -28.00
CA TYR F 842 -26.81 34.23 -28.88
C TYR F 842 -27.69 34.65 -30.05
N ARG F 843 -28.43 35.76 -29.92
CA ARG F 843 -29.29 36.19 -31.02
C ARG F 843 -28.50 36.45 -32.29
N GLU F 844 -27.26 36.90 -32.17
CA GLU F 844 -26.40 37.03 -33.34
C GLU F 844 -26.07 35.68 -33.95
N ILE F 845 -25.83 34.66 -33.11
CA ILE F 845 -25.60 33.31 -33.63
C ILE F 845 -26.84 32.80 -34.35
N PHE F 846 -28.03 33.13 -33.81
CA PHE F 846 -29.27 32.75 -34.48
C PHE F 846 -29.41 33.43 -35.84
N ASP F 847 -29.08 34.72 -35.90
CA ASP F 847 -29.14 35.44 -37.17
C ASP F 847 -28.09 34.97 -38.16
N ILE F 848 -26.98 34.42 -37.70
CA ILE F 848 -25.93 33.92 -38.60
C ILE F 848 -26.26 32.52 -39.11
N ALA F 849 -26.62 31.61 -38.19
CA ALA F 849 -26.87 30.22 -38.59
C ALA F 849 -28.11 30.11 -39.47
N PHE F 850 -29.15 30.89 -39.18
CA PHE F 850 -30.40 30.88 -39.93
C PHE F 850 -30.60 32.26 -40.55
N PRO F 851 -29.89 32.56 -41.64
CA PRO F 851 -29.98 33.91 -42.23
C PRO F 851 -31.34 34.26 -42.80
N ASP F 852 -32.17 33.27 -43.13
CA ASP F 852 -33.48 33.55 -43.71
C ASP F 852 -34.50 32.52 -43.27
N LEU G 299 56.51 -5.33 -16.97
CA LEU G 299 57.25 -4.19 -17.51
C LEU G 299 58.74 -4.52 -17.65
N GLN G 300 59.55 -3.48 -17.82
CA GLN G 300 61.00 -3.70 -17.96
C GLN G 300 61.63 -4.21 -16.68
N GLU G 301 61.02 -3.89 -15.52
CA GLU G 301 61.56 -4.36 -14.26
C GLU G 301 61.46 -5.87 -14.12
N GLN G 302 60.55 -6.50 -14.87
CA GLN G 302 60.39 -7.94 -14.81
C GLN G 302 61.64 -8.66 -15.29
N LEU G 303 62.32 -8.12 -16.30
CA LEU G 303 63.54 -8.75 -16.81
C LEU G 303 64.61 -8.82 -15.74
N LYS G 304 64.76 -7.75 -14.96
CA LYS G 304 65.74 -7.75 -13.87
C LYS G 304 65.27 -8.56 -12.67
N ILE G 305 63.97 -8.59 -12.41
CA ILE G 305 63.47 -9.28 -11.22
C ILE G 305 63.37 -10.78 -11.45
N ILE G 306 63.41 -11.22 -12.71
CA ILE G 306 63.23 -12.63 -13.03
C ILE G 306 64.35 -13.47 -12.41
N LYS G 307 65.57 -12.93 -12.36
CA LYS G 307 66.69 -13.69 -11.81
C LYS G 307 66.44 -14.06 -10.35
N LYS G 308 65.93 -13.12 -9.56
CA LYS G 308 65.59 -13.43 -8.16
C LYS G 308 64.31 -14.25 -8.07
N GLU G 309 63.36 -14.01 -8.97
CA GLU G 309 62.08 -14.70 -8.91
C GLU G 309 62.25 -16.19 -9.15
N LEU G 310 63.08 -16.56 -10.13
CA LEU G 310 63.32 -17.98 -10.41
C LEU G 310 64.20 -18.64 -9.35
N GLY G 311 65.09 -17.88 -8.71
CA GLY G 311 65.88 -18.45 -7.63
C GLY G 311 65.03 -18.84 -6.43
N LEU G 312 64.02 -18.05 -6.13
CA LEU G 312 63.10 -18.36 -5.04
C LEU G 312 62.15 -19.47 -5.46
N GLU G 313 61.29 -19.89 -4.54
CA GLU G 313 60.34 -20.95 -4.82
C GLU G 313 59.37 -20.56 -5.93
N LYS G 314 59.16 -21.47 -6.87
CA LYS G 314 58.28 -21.24 -8.00
C LYS G 314 57.50 -22.51 -8.30
N ASP G 315 56.32 -22.34 -8.88
CA ASP G 315 55.51 -23.49 -9.26
C ASP G 315 56.13 -24.21 -10.45
N ASP G 316 56.17 -25.55 -10.37
CA ASP G 316 56.77 -26.34 -11.43
C ASP G 316 55.83 -26.51 -12.61
N LYS G 317 54.52 -26.34 -12.41
CA LYS G 317 53.53 -26.56 -13.45
C LYS G 317 53.28 -25.27 -14.26
N ASP G 318 54.27 -24.94 -15.10
CA ASP G 318 54.12 -23.82 -16.03
C ASP G 318 53.21 -24.18 -17.20
N ALA G 319 52.82 -25.45 -17.31
CA ALA G 319 51.99 -25.90 -18.43
C ALA G 319 50.67 -25.14 -18.49
N ILE G 320 50.14 -24.72 -17.35
CA ILE G 320 48.90 -23.95 -17.35
C ILE G 320 49.09 -22.62 -18.08
N GLU G 321 50.18 -21.91 -17.77
CA GLU G 321 50.48 -20.66 -18.47
C GLU G 321 50.77 -20.92 -19.94
N GLU G 322 51.48 -22.02 -20.23
CA GLU G 322 51.81 -22.35 -21.61
C GLU G 322 50.54 -22.58 -22.44
N LYS G 323 49.57 -23.31 -21.88
CA LYS G 323 48.34 -23.57 -22.61
C LYS G 323 47.44 -22.35 -22.66
N PHE G 324 47.51 -21.48 -21.65
CA PHE G 324 46.76 -20.23 -21.73
C PHE G 324 47.32 -19.32 -22.82
N ARG G 325 48.64 -19.26 -22.97
CA ARG G 325 49.22 -18.46 -24.04
C ARG G 325 48.95 -19.07 -25.41
N GLU G 326 48.97 -20.40 -25.49
CA GLU G 326 48.67 -21.07 -26.77
C GLU G 326 47.22 -20.87 -27.19
N ARG G 327 46.35 -20.52 -26.23
CA ARG G 327 44.94 -20.36 -26.53
C ARG G 327 44.69 -19.18 -27.46
N LEU G 328 45.53 -18.15 -27.39
CA LEU G 328 45.32 -16.92 -28.15
C LEU G 328 46.11 -16.84 -29.43
N LYS G 329 46.70 -17.95 -29.90
CA LYS G 329 47.55 -17.89 -31.08
C LYS G 329 46.79 -17.46 -32.32
N GLU G 330 45.58 -17.99 -32.52
CA GLU G 330 44.82 -17.73 -33.74
C GLU G 330 43.89 -16.53 -33.60
N LEU G 331 43.86 -15.87 -32.45
CA LEU G 331 42.98 -14.72 -32.27
C LEU G 331 43.67 -13.44 -32.71
N VAL G 332 42.90 -12.56 -33.34
CA VAL G 332 43.35 -11.21 -33.64
C VAL G 332 43.04 -10.31 -32.44
N VAL G 333 43.98 -10.27 -31.51
CA VAL G 333 43.71 -9.72 -30.17
C VAL G 333 44.16 -8.26 -30.11
N PRO G 334 43.36 -7.36 -29.52
CA PRO G 334 43.81 -5.98 -29.34
C PRO G 334 44.83 -5.85 -28.22
N LYS G 335 45.60 -4.76 -28.29
CA LYS G 335 46.63 -4.51 -27.28
C LYS G 335 46.03 -4.14 -25.93
N HIS G 336 44.86 -3.48 -25.94
CA HIS G 336 44.26 -2.98 -24.71
C HIS G 336 43.81 -4.10 -23.78
N VAL G 337 43.78 -5.33 -24.24
CA VAL G 337 43.59 -6.48 -23.36
C VAL G 337 44.84 -7.33 -23.21
N MET G 338 45.79 -7.27 -24.15
CA MET G 338 47.08 -7.91 -23.91
C MET G 338 47.81 -7.28 -22.75
N ASP G 339 47.71 -5.95 -22.61
CA ASP G 339 48.43 -5.26 -21.55
C ASP G 339 47.96 -5.66 -20.16
N VAL G 340 46.83 -6.34 -20.04
CA VAL G 340 46.36 -6.86 -18.75
C VAL G 340 46.46 -8.38 -18.69
N VAL G 341 46.24 -9.08 -19.80
CA VAL G 341 46.35 -10.54 -19.77
C VAL G 341 47.80 -10.97 -19.55
N ASP G 342 48.75 -10.23 -20.12
CA ASP G 342 50.16 -10.56 -19.89
C ASP G 342 50.55 -10.34 -18.44
N GLU G 343 49.98 -9.32 -17.78
CA GLU G 343 50.22 -9.13 -16.36
C GLU G 343 49.60 -10.25 -15.54
N GLU G 344 48.37 -10.65 -15.89
CA GLU G 344 47.69 -11.69 -15.12
C GLU G 344 48.39 -13.05 -15.24
N LEU G 345 48.81 -13.41 -16.46
CA LEU G 345 49.44 -14.72 -16.64
C LEU G 345 50.78 -14.79 -15.90
N SER G 346 51.50 -13.67 -15.80
CA SER G 346 52.68 -13.63 -14.97
C SER G 346 52.33 -13.61 -13.49
N LYS G 347 51.18 -13.03 -13.13
CA LYS G 347 50.76 -13.01 -11.74
C LYS G 347 50.49 -14.42 -11.22
N LEU G 348 49.88 -15.27 -12.04
CA LEU G 348 49.62 -16.65 -11.59
C LEU G 348 50.90 -17.36 -11.16
N GLY G 349 52.04 -16.96 -11.72
CA GLY G 349 53.28 -17.63 -11.40
C GLY G 349 53.83 -17.36 -10.01
N LEU G 350 53.29 -16.38 -9.30
CA LEU G 350 53.76 -16.06 -7.96
C LEU G 350 52.91 -16.69 -6.86
N LEU G 351 51.69 -17.11 -7.17
CA LEU G 351 50.79 -17.68 -6.18
C LEU G 351 50.96 -19.19 -6.08
N ASP G 352 50.32 -19.77 -5.05
CA ASP G 352 50.36 -21.21 -4.85
C ASP G 352 49.67 -21.93 -5.99
N ASN G 353 50.09 -23.18 -6.23
CA ASN G 353 49.61 -23.94 -7.38
C ASN G 353 48.09 -24.16 -7.34
N HIS G 354 47.49 -24.21 -6.14
CA HIS G 354 46.05 -24.42 -6.04
C HIS G 354 45.42 -23.57 -4.93
N SER G 355 45.94 -22.38 -4.68
CA SER G 355 45.36 -21.52 -3.65
C SER G 355 44.03 -20.95 -4.11
N SER G 356 43.25 -20.47 -3.14
CA SER G 356 41.92 -19.94 -3.44
C SER G 356 42.00 -18.71 -4.34
N GLU G 357 42.85 -17.75 -3.99
CA GLU G 357 43.02 -16.59 -4.85
C GLU G 357 43.68 -16.98 -6.18
N PHE G 358 44.51 -18.02 -6.18
CA PHE G 358 45.00 -18.56 -7.44
C PHE G 358 43.85 -19.07 -8.29
N ASN G 359 42.90 -19.78 -7.67
CA ASN G 359 41.75 -20.28 -8.42
C ASN G 359 40.91 -19.14 -8.98
N VAL G 360 40.71 -18.08 -8.19
CA VAL G 360 39.94 -16.93 -8.67
C VAL G 360 40.65 -16.27 -9.84
N THR G 361 41.96 -16.07 -9.73
CA THR G 361 42.70 -15.43 -10.81
C THR G 361 42.73 -16.33 -12.05
N ARG G 362 42.81 -17.64 -11.86
CA ARG G 362 42.78 -18.56 -13.00
C ARG G 362 41.43 -18.52 -13.70
N ASN G 363 40.34 -18.45 -12.94
CA ASN G 363 39.03 -18.33 -13.55
C ASN G 363 38.89 -17.03 -14.34
N TYR G 364 39.39 -15.93 -13.75
CA TYR G 364 39.37 -14.65 -14.46
C TYR G 364 40.18 -14.72 -15.75
N LEU G 365 41.36 -15.33 -15.69
CA LEU G 365 42.20 -15.45 -16.87
C LEU G 365 41.54 -16.32 -17.93
N ASP G 366 40.91 -17.42 -17.51
CA ASP G 366 40.22 -18.30 -18.45
C ASP G 366 39.08 -17.59 -19.14
N TRP G 367 38.31 -16.79 -18.40
CA TRP G 367 37.24 -16.02 -19.03
C TRP G 367 37.80 -14.96 -19.96
N LEU G 368 38.91 -14.33 -19.57
CA LEU G 368 39.58 -13.38 -20.46
C LEU G 368 40.17 -14.06 -21.70
N THR G 369 40.52 -15.34 -21.60
CA THR G 369 41.14 -16.06 -22.72
C THR G 369 40.16 -17.01 -23.40
N SER G 370 38.87 -16.71 -23.33
CA SER G 370 37.87 -17.53 -24.01
C SER G 370 36.93 -16.75 -24.89
N ILE G 371 36.84 -15.43 -24.77
CA ILE G 371 35.98 -14.66 -25.67
C ILE G 371 36.68 -14.50 -27.01
N PRO G 372 35.95 -14.57 -28.13
CA PRO G 372 36.56 -14.57 -29.48
C PRO G 372 36.94 -13.17 -29.97
N TRP G 373 38.14 -12.73 -29.59
CA TRP G 373 38.65 -11.45 -30.06
C TRP G 373 38.74 -11.40 -31.58
N GLY G 374 37.89 -10.58 -32.20
CA GLY G 374 38.00 -10.30 -33.63
C GLY G 374 37.52 -11.40 -34.56
N LYS G 375 36.88 -12.45 -34.06
CA LYS G 375 36.38 -13.50 -34.92
C LYS G 375 35.00 -13.13 -35.45
N TYR G 376 34.85 -13.20 -36.77
CA TYR G 376 33.63 -12.76 -37.45
C TYR G 376 33.14 -13.85 -38.39
N SER G 377 31.83 -14.09 -38.36
CA SER G 377 31.18 -14.90 -39.37
C SER G 377 30.62 -14.00 -40.46
N ASN G 378 30.93 -14.33 -41.71
CA ASN G 378 30.54 -13.50 -42.84
C ASN G 378 29.02 -13.53 -43.01
N GLU G 379 28.37 -12.43 -42.67
CA GLU G 379 26.92 -12.35 -42.80
C GLU G 379 26.51 -12.29 -44.25
N ASN G 380 25.32 -12.81 -44.54
CA ASN G 380 24.77 -12.83 -45.89
C ASN G 380 23.48 -12.01 -45.89
N LEU G 381 23.44 -10.97 -46.72
CA LEU G 381 22.30 -10.06 -46.78
C LEU G 381 21.46 -10.25 -48.04
N ASP G 382 21.68 -11.33 -48.79
CA ASP G 382 20.91 -11.57 -50.00
C ASP G 382 19.43 -11.75 -49.67
N LEU G 383 18.57 -11.07 -50.43
CA LEU G 383 17.13 -11.17 -50.20
C LEU G 383 16.59 -12.53 -50.62
N ALA G 384 17.13 -13.10 -51.70
CA ALA G 384 16.65 -14.41 -52.17
C ALA G 384 16.88 -15.48 -51.12
N ARG G 385 18.09 -15.53 -50.55
CA ARG G 385 18.41 -16.52 -49.53
C ARG G 385 17.52 -16.33 -48.31
N ALA G 386 17.36 -15.09 -47.85
CA ALA G 386 16.53 -14.83 -46.67
C ALA G 386 15.08 -15.21 -46.92
N GLN G 387 14.54 -14.86 -48.08
CA GLN G 387 13.16 -15.22 -48.39
C GLN G 387 12.98 -16.72 -48.45
N ALA G 388 13.92 -17.43 -49.07
CA ALA G 388 13.84 -18.89 -49.13
C ALA G 388 13.87 -19.48 -47.72
N VAL G 389 14.80 -19.00 -46.88
CA VAL G 389 14.93 -19.54 -45.53
C VAL G 389 13.66 -19.31 -44.74
N LEU G 390 13.10 -18.09 -44.82
CA LEU G 390 11.85 -17.82 -44.13
C LEU G 390 10.68 -18.62 -44.70
N GLU G 391 10.74 -19.03 -45.97
CA GLU G 391 9.68 -19.84 -46.52
C GLU G 391 9.78 -21.31 -46.12
N GLU G 392 10.99 -21.82 -45.92
CA GLU G 392 11.13 -23.24 -45.56
C GLU G 392 10.59 -23.52 -44.15
N ASP G 393 11.00 -22.71 -43.17
CA ASP G 393 10.71 -23.02 -41.77
C ASP G 393 9.58 -22.19 -41.17
N HIS G 394 8.88 -21.39 -41.96
CA HIS G 394 7.76 -20.61 -41.46
C HIS G 394 6.62 -20.65 -42.48
N TYR G 395 5.41 -20.90 -41.98
CA TYR G 395 4.22 -20.94 -42.82
C TYR G 395 3.33 -19.74 -42.51
N GLY G 396 2.70 -19.21 -43.56
CA GLY G 396 1.81 -18.07 -43.39
C GLY G 396 2.58 -16.84 -42.94
N MET G 397 1.93 -16.03 -42.10
CA MET G 397 2.47 -14.79 -41.54
C MET G 397 3.27 -14.00 -42.58
N GLU G 398 2.65 -13.77 -43.74
CA GLU G 398 3.35 -13.09 -44.83
C GLU G 398 3.71 -11.65 -44.47
N ASP G 399 2.95 -11.01 -43.58
CA ASP G 399 3.26 -9.64 -43.20
C ASP G 399 4.59 -9.55 -42.48
N VAL G 400 4.84 -10.46 -41.54
CA VAL G 400 6.10 -10.46 -40.81
C VAL G 400 7.26 -10.76 -41.74
N LYS G 401 7.06 -11.70 -42.68
CA LYS G 401 8.09 -12.01 -43.67
C LYS G 401 8.40 -10.78 -44.53
N LYS G 402 7.36 -10.06 -44.95
CA LYS G 402 7.56 -8.84 -45.74
C LYS G 402 8.35 -7.81 -44.95
N ARG G 403 8.00 -7.63 -43.66
CA ARG G 403 8.71 -6.67 -42.84
C ARG G 403 10.18 -7.06 -42.67
N ILE G 404 10.45 -8.35 -42.46
CA ILE G 404 11.82 -8.81 -42.29
C ILE G 404 12.60 -8.61 -43.59
N LEU G 405 11.98 -8.91 -44.74
CA LEU G 405 12.65 -8.71 -46.01
C LEU G 405 12.96 -7.24 -46.25
N GLU G 406 12.02 -6.36 -45.90
CA GLU G 406 12.27 -4.92 -46.02
C GLU G 406 13.41 -4.48 -45.11
N PHE G 407 13.46 -5.01 -43.89
CA PHE G 407 14.55 -4.68 -42.98
C PHE G 407 15.90 -5.15 -43.53
N ILE G 408 15.93 -6.35 -44.12
CA ILE G 408 17.18 -6.86 -44.68
C ILE G 408 17.61 -6.03 -45.88
N ALA G 409 16.66 -5.62 -46.72
CA ALA G 409 16.99 -4.75 -47.85
C ALA G 409 17.54 -3.42 -47.37
N VAL G 410 16.93 -2.85 -46.33
CA VAL G 410 17.40 -1.59 -45.77
C VAL G 410 18.81 -1.75 -45.22
N SER G 411 19.07 -2.87 -44.54
CA SER G 411 20.40 -3.12 -44.01
C SER G 411 21.42 -3.27 -45.13
N GLN G 412 21.04 -3.95 -46.21
CA GLN G 412 21.96 -4.13 -47.34
C GLN G 412 22.29 -2.79 -47.99
N LEU G 413 21.28 -1.92 -48.17
CA LEU G 413 21.55 -0.59 -48.71
C LEU G 413 22.42 0.22 -47.77
N ARG G 414 22.14 0.14 -46.46
CA ARG G 414 22.90 0.91 -45.48
C ARG G 414 24.35 0.42 -45.41
N GLY G 415 24.58 -0.85 -45.71
CA GLY G 415 25.88 -1.45 -45.52
C GLY G 415 26.10 -2.07 -44.16
N SER G 416 25.11 -1.99 -43.27
CA SER G 416 25.20 -2.60 -41.95
C SER G 416 23.80 -2.84 -41.44
N THR G 417 23.68 -3.71 -40.45
CA THR G 417 22.39 -4.06 -39.87
C THR G 417 22.06 -3.25 -38.63
N GLN G 418 22.89 -2.28 -38.27
CA GLN G 418 22.63 -1.46 -37.10
C GLN G 418 21.48 -0.49 -37.37
N GLY G 419 21.00 0.13 -36.28
CA GLY G 419 19.89 1.07 -36.39
C GLY G 419 18.77 0.77 -35.41
N LYS G 420 17.55 0.68 -35.92
CA LYS G 420 16.42 0.37 -35.06
C LYS G 420 16.43 -1.11 -34.66
N ILE G 421 16.18 -1.37 -33.39
CA ILE G 421 16.13 -2.74 -32.89
C ILE G 421 14.77 -3.33 -33.19
N LEU G 422 14.76 -4.48 -33.86
CA LEU G 422 13.50 -5.13 -34.20
C LEU G 422 12.85 -5.70 -32.95
N CYS G 423 11.56 -5.40 -32.77
CA CYS G 423 10.80 -5.85 -31.60
C CYS G 423 9.59 -6.62 -32.08
N PHE G 424 9.61 -7.93 -31.91
CA PHE G 424 8.47 -8.78 -32.26
C PHE G 424 7.55 -8.87 -31.05
N TYR G 425 6.40 -8.22 -31.13
CA TYR G 425 5.44 -8.20 -30.03
C TYR G 425 4.14 -8.88 -30.45
N GLY G 426 3.50 -9.53 -29.49
CA GLY G 426 2.27 -10.25 -29.74
C GLY G 426 1.80 -11.03 -28.53
N PRO G 427 0.76 -11.83 -28.70
CA PRO G 427 0.22 -12.62 -27.57
C PRO G 427 1.24 -13.61 -27.07
N PRO G 428 1.13 -14.05 -25.82
CA PRO G 428 2.02 -15.10 -25.32
C PRO G 428 1.76 -16.42 -26.02
N GLY G 429 2.80 -17.23 -26.14
CA GLY G 429 2.66 -18.54 -26.74
C GLY G 429 2.61 -18.56 -28.26
N VAL G 430 2.96 -17.45 -28.91
CA VAL G 430 2.99 -17.40 -30.36
C VAL G 430 4.30 -17.96 -30.93
N GLY G 431 5.30 -18.17 -30.09
CA GLY G 431 6.57 -18.69 -30.59
C GLY G 431 7.37 -17.68 -31.39
N LYS G 432 7.46 -16.44 -30.91
CA LYS G 432 8.25 -15.42 -31.60
C LYS G 432 9.73 -15.78 -31.66
N THR G 433 10.16 -16.73 -30.83
CA THR G 433 11.55 -17.17 -30.86
C THR G 433 11.89 -17.83 -32.20
N SER G 434 10.91 -18.48 -32.83
CA SER G 434 11.16 -19.14 -34.10
C SER G 434 11.50 -18.14 -35.20
N ILE G 435 10.84 -16.97 -35.19
CA ILE G 435 11.14 -15.94 -36.19
C ILE G 435 12.58 -15.45 -36.04
N ALA G 436 13.01 -15.22 -34.79
CA ALA G 436 14.38 -14.81 -34.56
C ALA G 436 15.37 -15.90 -34.96
N ARG G 437 15.04 -17.16 -34.70
CA ARG G 437 15.91 -18.26 -35.11
C ARG G 437 16.04 -18.31 -36.63
N SER G 438 14.92 -18.12 -37.35
CA SER G 438 14.96 -18.11 -38.80
C SER G 438 15.78 -16.95 -39.32
N ILE G 439 15.64 -15.77 -38.71
CA ILE G 439 16.42 -14.61 -39.13
C ILE G 439 17.91 -14.87 -38.92
N ALA G 440 18.26 -15.46 -37.76
CA ALA G 440 19.66 -15.77 -37.50
C ALA G 440 20.20 -16.79 -38.49
N ARG G 441 19.40 -17.80 -38.84
CA ARG G 441 19.82 -18.78 -39.82
C ARG G 441 20.03 -18.15 -41.19
N ALA G 442 19.12 -17.27 -41.60
CA ALA G 442 19.20 -16.65 -42.92
C ALA G 442 20.41 -15.72 -43.02
N LEU G 443 20.62 -14.88 -42.01
CA LEU G 443 21.69 -13.90 -42.05
C LEU G 443 23.05 -14.49 -41.72
N ASN G 444 23.14 -15.81 -41.53
CA ASN G 444 24.40 -16.48 -41.18
C ASN G 444 24.98 -15.91 -39.89
N ARG G 445 24.11 -15.55 -38.95
CA ARG G 445 24.50 -15.05 -37.64
C ARG G 445 24.15 -16.09 -36.59
N GLU G 446 25.11 -16.40 -35.73
CA GLU G 446 24.88 -17.39 -34.68
C GLU G 446 23.86 -16.87 -33.69
N TYR G 447 22.95 -17.74 -33.27
CA TYR G 447 21.84 -17.36 -32.41
C TYR G 447 22.19 -17.55 -30.93
N PHE G 448 21.58 -16.73 -30.09
CA PHE G 448 21.72 -16.83 -28.64
C PHE G 448 20.41 -16.41 -27.97
N ARG G 449 20.17 -16.97 -26.80
CA ARG G 449 18.95 -16.74 -26.04
C ARG G 449 19.28 -15.96 -24.78
N PHE G 450 18.59 -14.83 -24.56
CA PHE G 450 18.90 -13.91 -23.48
C PHE G 450 17.59 -13.53 -22.78
N SER G 451 17.38 -14.10 -21.60
CA SER G 451 16.15 -13.85 -20.85
C SER G 451 16.32 -12.67 -19.91
N VAL G 452 15.32 -11.78 -19.92
CA VAL G 452 15.28 -10.63 -19.03
C VAL G 452 13.96 -10.52 -18.28
N GLY G 453 13.05 -11.48 -18.43
CA GLY G 453 11.77 -11.42 -17.75
C GLY G 453 11.89 -11.47 -16.24
N GLY G 454 11.35 -10.45 -15.58
CA GLY G 454 11.42 -10.36 -14.14
C GLY G 454 12.77 -9.94 -13.58
N MET G 455 13.70 -9.54 -14.43
CA MET G 455 15.02 -9.16 -13.95
C MET G 455 14.97 -7.86 -13.16
N THR G 456 15.73 -7.81 -12.06
CA THR G 456 15.81 -6.61 -11.24
C THR G 456 17.26 -6.21 -11.02
N ASP G 457 18.17 -7.18 -11.06
CA ASP G 457 19.59 -6.92 -10.80
C ASP G 457 20.32 -6.63 -12.11
N VAL G 458 21.05 -5.51 -12.13
CA VAL G 458 21.89 -5.19 -13.28
C VAL G 458 23.01 -6.20 -13.45
N ALA G 459 23.45 -6.84 -12.36
CA ALA G 459 24.59 -7.74 -12.41
C ALA G 459 24.36 -8.92 -13.36
N GLU G 460 23.11 -9.26 -13.66
CA GLU G 460 22.88 -10.28 -14.67
C GLU G 460 23.35 -9.81 -16.04
N ILE G 461 23.10 -8.53 -16.36
CA ILE G 461 23.55 -7.98 -17.63
C ILE G 461 25.07 -7.80 -17.63
N LYS G 462 25.62 -7.28 -16.53
CA LYS G 462 26.99 -6.78 -16.51
C LYS G 462 27.94 -7.62 -15.67
N GLY G 463 27.46 -8.60 -14.92
CA GLY G 463 28.33 -9.46 -14.15
C GLY G 463 28.67 -8.91 -12.78
N HIS G 464 29.13 -9.80 -11.92
CA HIS G 464 29.56 -9.43 -10.57
C HIS G 464 31.00 -8.94 -10.60
N ARG G 465 31.38 -8.23 -9.54
CA ARG G 465 32.76 -7.76 -9.41
C ARG G 465 33.68 -8.94 -9.16
N ARG G 466 34.91 -8.84 -9.69
CA ARG G 466 35.86 -9.95 -9.59
C ARG G 466 36.21 -10.28 -8.15
N THR G 467 36.11 -9.31 -7.25
CA THR G 467 36.45 -9.54 -5.86
C THR G 467 35.38 -10.33 -5.11
N TYR G 468 34.20 -10.50 -5.69
CA TYR G 468 33.13 -11.22 -5.02
C TYR G 468 33.44 -12.71 -4.94
N VAL G 469 32.78 -13.38 -4.00
CA VAL G 469 32.94 -14.83 -3.87
C VAL G 469 32.10 -15.52 -4.91
N GLY G 470 32.73 -16.36 -5.73
CA GLY G 470 32.02 -17.03 -6.80
C GLY G 470 31.51 -16.08 -7.87
N ALA G 471 32.31 -15.09 -8.24
CA ALA G 471 31.88 -14.09 -9.22
C ALA G 471 31.70 -14.72 -10.59
N MET G 472 30.70 -14.23 -11.32
CA MET G 472 30.41 -14.67 -12.68
C MET G 472 30.13 -13.46 -13.55
N PRO G 473 30.69 -13.40 -14.75
CA PRO G 473 30.44 -12.26 -15.64
C PRO G 473 29.02 -12.26 -16.16
N GLY G 474 28.69 -11.17 -16.87
CA GLY G 474 27.35 -11.02 -17.39
C GLY G 474 27.01 -12.04 -18.47
N LYS G 475 25.72 -12.16 -18.73
CA LYS G 475 25.26 -13.12 -19.73
C LYS G 475 25.75 -12.76 -21.12
N ILE G 476 26.13 -11.51 -21.35
CA ILE G 476 26.69 -11.12 -22.63
C ILE G 476 28.04 -11.79 -22.85
N ILE G 477 28.88 -11.84 -21.82
CA ILE G 477 30.17 -12.51 -21.95
C ILE G 477 29.97 -14.00 -22.14
N GLN G 478 28.98 -14.58 -21.46
CA GLN G 478 28.64 -15.98 -21.69
C GLN G 478 28.20 -16.22 -23.13
N CYS G 479 27.43 -15.28 -23.69
CA CYS G 479 27.03 -15.37 -25.09
C CYS G 479 28.25 -15.33 -26.01
N LEU G 480 29.18 -14.42 -25.73
CA LEU G 480 30.40 -14.34 -26.54
C LEU G 480 31.20 -15.63 -26.47
N LYS G 481 31.34 -16.20 -25.26
CA LYS G 481 32.13 -17.41 -25.10
C LYS G 481 31.48 -18.60 -25.80
N LYS G 482 30.18 -18.81 -25.56
CA LYS G 482 29.49 -19.94 -26.18
C LYS G 482 29.40 -19.79 -27.68
N THR G 483 29.13 -18.59 -28.16
CA THR G 483 28.92 -18.32 -29.58
C THR G 483 30.21 -18.37 -30.40
N LYS G 484 31.34 -17.94 -29.82
CA LYS G 484 32.65 -17.95 -30.47
C LYS G 484 32.71 -17.05 -31.71
N THR G 485 31.94 -15.96 -31.72
CA THR G 485 32.08 -14.93 -32.74
C THR G 485 31.65 -13.60 -32.15
N GLU G 486 32.13 -12.51 -32.78
CA GLU G 486 31.82 -11.17 -32.29
C GLU G 486 30.50 -10.61 -32.83
N ASN G 487 29.82 -11.32 -33.72
CA ASN G 487 28.58 -10.80 -34.27
C ASN G 487 27.43 -11.80 -34.18
N PRO G 488 27.02 -12.19 -32.97
CA PRO G 488 25.86 -13.09 -32.85
C PRO G 488 24.56 -12.31 -32.96
N LEU G 489 23.46 -13.08 -32.99
CA LEU G 489 22.12 -12.52 -32.89
C LEU G 489 21.59 -12.84 -31.50
N ILE G 490 21.35 -11.80 -30.71
CA ILE G 490 20.95 -11.95 -29.31
C ILE G 490 19.48 -11.57 -29.21
N LEU G 491 18.66 -12.50 -28.71
CA LEU G 491 17.23 -12.26 -28.55
C LEU G 491 16.95 -11.88 -27.10
N ILE G 492 16.66 -10.60 -26.87
CA ILE G 492 16.26 -10.13 -25.55
C ILE G 492 14.75 -10.32 -25.42
N ASP G 493 14.33 -11.51 -25.02
CA ASP G 493 12.92 -11.84 -25.02
C ASP G 493 12.24 -11.35 -23.75
N GLU G 494 10.95 -11.02 -23.87
CA GLU G 494 10.12 -10.56 -22.76
C GLU G 494 10.73 -9.30 -22.12
N VAL G 495 11.09 -8.34 -22.97
CA VAL G 495 11.66 -7.09 -22.47
C VAL G 495 10.61 -6.24 -21.77
N ASP G 496 9.33 -6.45 -22.05
CA ASP G 496 8.27 -5.70 -21.40
C ASP G 496 8.07 -6.08 -19.93
N LYS G 497 8.64 -7.20 -19.50
CA LYS G 497 8.60 -7.62 -18.10
C LYS G 497 9.94 -7.47 -17.40
N ILE G 498 10.68 -6.40 -17.73
CA ILE G 498 11.99 -6.18 -17.16
C ILE G 498 11.89 -5.89 -15.66
N ASP G 505 19.46 0.47 -11.92
CA ASP G 505 18.19 0.15 -12.56
C ASP G 505 18.40 -0.80 -13.74
N PRO G 506 17.62 -1.89 -13.79
CA PRO G 506 17.76 -2.83 -14.91
C PRO G 506 17.48 -2.20 -16.26
N SER G 507 16.54 -1.25 -16.34
CA SER G 507 16.25 -0.61 -17.62
C SER G 507 17.41 0.25 -18.09
N SER G 508 18.06 0.97 -17.17
CA SER G 508 19.14 1.88 -17.55
C SER G 508 20.30 1.12 -18.17
N ALA G 509 20.65 -0.05 -17.62
CA ALA G 509 21.77 -0.81 -18.14
C ALA G 509 21.51 -1.31 -19.55
N LEU G 510 20.25 -1.55 -19.92
CA LEU G 510 19.94 -2.06 -21.25
C LEU G 510 20.05 -0.97 -22.31
N LEU G 511 19.81 0.29 -21.96
CA LEU G 511 20.08 1.38 -22.89
C LEU G 511 21.56 1.43 -23.26
N GLU G 512 22.43 1.21 -22.28
CA GLU G 512 23.87 1.20 -22.53
C GLU G 512 24.28 0.11 -23.52
N LEU G 513 23.48 -0.94 -23.64
CA LEU G 513 23.78 -2.04 -24.54
C LEU G 513 23.26 -1.79 -25.95
N LEU G 514 22.05 -1.23 -26.07
CA LEU G 514 21.41 -1.05 -27.36
C LEU G 514 21.74 0.29 -28.02
N ASP G 515 22.52 1.15 -27.38
CA ASP G 515 22.84 2.45 -27.94
C ASP G 515 24.18 2.37 -28.66
N PRO G 516 24.21 2.53 -29.99
CA PRO G 516 25.49 2.41 -30.71
C PRO G 516 26.52 3.46 -30.33
N GLU G 517 26.09 4.60 -29.76
CA GLU G 517 27.06 5.61 -29.34
C GLU G 517 27.96 5.12 -28.22
N GLN G 518 27.49 4.16 -27.43
CA GLN G 518 28.30 3.55 -26.38
C GLN G 518 28.41 2.03 -26.50
N ASN G 519 27.73 1.42 -27.47
CA ASN G 519 27.80 -0.03 -27.64
C ASN G 519 29.21 -0.47 -28.02
N ALA G 520 29.95 0.38 -28.73
CA ALA G 520 31.27 0.01 -29.24
C ALA G 520 32.27 -0.31 -28.14
N ASN G 521 32.02 0.13 -26.89
CA ASN G 521 32.90 -0.17 -25.76
C ASN G 521 32.02 -0.60 -24.58
N PHE G 522 31.76 -1.90 -24.49
CA PHE G 522 30.98 -2.44 -23.39
C PHE G 522 31.92 -2.84 -22.24
N LEU G 523 31.64 -2.33 -21.05
CA LEU G 523 32.45 -2.58 -19.87
C LEU G 523 31.63 -3.38 -18.86
N ASP G 524 32.20 -4.48 -18.38
CA ASP G 524 31.53 -5.33 -17.40
C ASP G 524 32.32 -5.34 -16.10
N HIS G 525 31.63 -5.68 -15.01
CA HIS G 525 32.25 -5.65 -13.69
C HIS G 525 33.24 -6.79 -13.47
N TYR G 526 33.14 -7.86 -14.25
CA TYR G 526 34.01 -9.02 -14.03
C TYR G 526 35.35 -8.89 -14.75
N LEU G 527 35.33 -8.80 -16.08
CA LEU G 527 36.59 -8.71 -16.81
C LEU G 527 37.24 -7.34 -16.62
N ASP G 528 36.43 -6.31 -16.37
CA ASP G 528 36.89 -4.96 -16.07
C ASP G 528 37.71 -4.39 -17.24
N VAL G 529 37.43 -4.84 -18.45
CA VAL G 529 38.06 -4.31 -19.66
C VAL G 529 36.98 -4.11 -20.71
N PRO G 530 37.08 -3.09 -21.57
CA PRO G 530 36.06 -2.90 -22.60
C PRO G 530 36.11 -3.98 -23.67
N VAL G 531 34.93 -4.32 -24.17
CA VAL G 531 34.78 -5.30 -25.25
C VAL G 531 33.89 -4.68 -26.32
N ASP G 532 34.26 -4.87 -27.58
CA ASP G 532 33.59 -4.21 -28.70
C ASP G 532 32.42 -5.08 -29.16
N LEU G 533 31.21 -4.57 -28.97
CA LEU G 533 29.98 -5.23 -29.40
C LEU G 533 29.30 -4.48 -30.54
N SER G 534 30.08 -3.85 -31.42
CA SER G 534 29.50 -3.00 -32.46
C SER G 534 28.66 -3.80 -33.44
N LYS G 535 29.14 -4.98 -33.83
CA LYS G 535 28.50 -5.75 -34.90
C LYS G 535 27.41 -6.69 -34.39
N VAL G 536 27.12 -6.69 -33.08
CA VAL G 536 26.09 -7.57 -32.55
C VAL G 536 24.71 -7.06 -32.97
N LEU G 537 23.90 -7.95 -33.50
CA LEU G 537 22.55 -7.61 -33.97
C LEU G 537 21.56 -7.99 -32.87
N PHE G 538 21.15 -6.98 -32.11
CA PHE G 538 20.22 -7.22 -31.00
C PHE G 538 18.78 -7.27 -31.51
N ILE G 539 18.05 -8.30 -31.08
CA ILE G 539 16.63 -8.46 -31.38
C ILE G 539 15.93 -8.74 -30.06
N CYS G 540 14.67 -8.33 -29.97
CA CYS G 540 13.91 -8.45 -28.75
C CYS G 540 12.47 -8.82 -29.06
N THR G 541 11.80 -9.40 -28.06
CA THR G 541 10.39 -9.72 -28.14
C THR G 541 9.69 -9.27 -26.87
N ALA G 542 8.38 -9.06 -26.97
CA ALA G 542 7.59 -8.61 -25.83
C ALA G 542 6.16 -9.11 -25.99
N ASN G 543 5.43 -9.14 -24.88
CA ASN G 543 4.04 -9.58 -24.88
C ASN G 543 3.05 -8.47 -25.23
N VAL G 544 3.43 -7.21 -25.03
CA VAL G 544 2.54 -6.09 -25.32
C VAL G 544 3.40 -4.90 -25.74
N THR G 545 2.84 -4.07 -26.63
CA THR G 545 3.54 -2.87 -27.08
C THR G 545 3.69 -1.83 -25.98
N ASP G 546 2.88 -1.92 -24.93
CA ASP G 546 2.98 -0.99 -23.81
C ASP G 546 4.03 -1.46 -22.83
N THR G 547 5.28 -1.55 -23.29
CA THR G 547 6.38 -1.99 -22.44
C THR G 547 6.56 -1.04 -21.27
N ILE G 548 6.83 -1.60 -20.09
CA ILE G 548 7.00 -0.80 -18.88
C ILE G 548 8.22 0.12 -18.95
N PRO G 549 9.27 -0.15 -19.73
CA PRO G 549 10.32 0.86 -19.90
C PRO G 549 9.98 1.82 -21.04
N GLU G 550 10.01 3.11 -20.76
CA GLU G 550 9.71 4.14 -21.76
C GLU G 550 10.92 4.44 -22.65
N PRO G 551 12.12 4.71 -22.11
CA PRO G 551 13.24 5.06 -23.00
C PRO G 551 13.61 3.97 -23.97
N LEU G 552 13.39 2.70 -23.61
CA LEU G 552 13.74 1.61 -24.52
C LEU G 552 12.84 1.58 -25.76
N ARG G 553 11.58 2.01 -25.62
CA ARG G 553 10.64 1.92 -26.73
C ARG G 553 11.04 2.79 -27.91
N ASP G 554 11.77 3.88 -27.68
CA ASP G 554 12.17 4.74 -28.78
C ASP G 554 13.18 4.06 -29.70
N ARG G 555 14.03 3.19 -29.16
CA ARG G 555 15.05 2.52 -29.95
C ARG G 555 14.54 1.27 -30.66
N MET G 556 13.28 0.90 -30.46
CA MET G 556 12.73 -0.33 -30.99
C MET G 556 11.67 -0.06 -32.06
N GLU G 557 11.64 -0.92 -33.08
CA GLU G 557 10.61 -0.89 -34.11
C GLU G 557 9.57 -1.95 -33.79
N MET G 558 8.32 -1.52 -33.62
CA MET G 558 7.24 -2.43 -33.27
C MET G 558 6.88 -3.29 -34.48
N ILE G 559 7.08 -4.60 -34.36
CA ILE G 559 6.64 -5.57 -35.36
C ILE G 559 5.58 -6.45 -34.72
N ASN G 560 4.39 -6.47 -35.31
CA ASN G 560 3.24 -7.15 -34.72
C ASN G 560 3.17 -8.58 -35.26
N VAL G 561 3.47 -9.55 -34.39
CA VAL G 561 3.27 -10.95 -34.71
C VAL G 561 1.88 -11.36 -34.22
N SER G 562 0.88 -11.18 -35.07
CA SER G 562 -0.50 -11.40 -34.67
C SER G 562 -0.77 -12.88 -34.43
N GLY G 563 -1.93 -13.15 -33.84
CA GLY G 563 -2.28 -14.53 -33.52
C GLY G 563 -2.48 -15.37 -34.76
N TYR G 564 -2.26 -16.68 -34.61
CA TYR G 564 -2.33 -17.61 -35.72
C TYR G 564 -3.77 -17.88 -36.12
N VAL G 565 -3.95 -18.24 -37.38
CA VAL G 565 -5.22 -18.76 -37.88
C VAL G 565 -5.24 -20.27 -37.66
N ALA G 566 -6.44 -20.85 -37.61
CA ALA G 566 -6.57 -22.28 -37.36
C ALA G 566 -5.83 -23.10 -38.42
N GLN G 567 -5.77 -22.57 -39.66
CA GLN G 567 -5.09 -23.29 -40.72
C GLN G 567 -3.59 -23.41 -40.46
N GLU G 568 -2.95 -22.32 -40.04
CA GLU G 568 -1.51 -22.34 -39.79
C GLU G 568 -1.14 -22.89 -38.43
N LYS G 569 -2.09 -22.97 -37.49
CA LYS G 569 -1.82 -23.64 -36.23
C LYS G 569 -1.52 -25.11 -36.47
N LEU G 570 -2.26 -25.76 -37.37
CA LEU G 570 -1.99 -27.14 -37.71
C LEU G 570 -0.59 -27.30 -38.30
N ALA G 571 -0.20 -26.39 -39.19
CA ALA G 571 1.10 -26.49 -39.83
C ALA G 571 2.23 -26.32 -38.82
N ILE G 572 2.13 -25.28 -37.97
CA ILE G 572 3.20 -25.06 -37.00
C ILE G 572 3.25 -26.18 -35.98
N ALA G 573 2.09 -26.71 -35.56
CA ALA G 573 2.07 -27.82 -34.64
C ALA G 573 2.75 -29.04 -35.24
N GLU G 574 2.34 -29.43 -36.44
CA GLU G 574 2.91 -30.60 -37.09
C GLU G 574 4.41 -30.44 -37.32
N ARG G 575 4.87 -29.23 -37.66
CA ARG G 575 6.28 -29.05 -37.97
C ARG G 575 7.15 -29.00 -36.72
N TYR G 576 6.66 -28.39 -35.63
CA TYR G 576 7.49 -28.15 -34.46
C TYR G 576 7.08 -28.97 -33.24
N LEU G 577 5.82 -28.90 -32.84
CA LEU G 577 5.42 -29.41 -31.53
C LEU G 577 5.58 -30.93 -31.47
N VAL G 578 5.12 -31.63 -32.51
CA VAL G 578 5.19 -33.10 -32.49
C VAL G 578 6.64 -33.60 -32.43
N PRO G 579 7.57 -33.13 -33.27
CA PRO G 579 8.95 -33.63 -33.13
C PRO G 579 9.62 -33.28 -31.82
N GLN G 580 9.47 -32.04 -31.36
CA GLN G 580 10.11 -31.64 -30.10
C GLN G 580 9.53 -32.40 -28.92
N ALA G 581 8.22 -32.56 -28.88
CA ALA G 581 7.60 -33.32 -27.78
C ALA G 581 7.94 -34.80 -27.87
N ARG G 582 8.08 -35.34 -29.09
CA ARG G 582 8.54 -36.72 -29.24
C ARG G 582 9.94 -36.89 -28.66
N ALA G 583 10.84 -35.94 -28.97
CA ALA G 583 12.19 -36.00 -28.43
C ALA G 583 12.18 -35.86 -26.91
N LEU G 584 11.33 -34.98 -26.38
CA LEU G 584 11.22 -34.81 -24.94
C LEU G 584 10.73 -36.09 -24.27
N CYS G 585 9.75 -36.76 -24.88
CA CYS G 585 9.24 -38.01 -24.35
C CYS G 585 10.07 -39.22 -24.75
N GLY G 586 11.06 -39.05 -25.62
CA GLY G 586 11.91 -40.13 -26.04
C GLY G 586 11.34 -41.03 -27.12
N LEU G 587 10.13 -40.75 -27.60
CA LEU G 587 9.53 -41.54 -28.65
C LEU G 587 10.07 -41.14 -30.02
N ASP G 588 9.61 -41.81 -31.06
CA ASP G 588 10.00 -41.50 -32.43
C ASP G 588 8.83 -41.78 -33.35
N GLU G 589 9.04 -41.50 -34.64
CA GLU G 589 7.98 -41.70 -35.63
C GLU G 589 7.55 -43.16 -35.74
N SER G 590 8.51 -44.09 -35.63
CA SER G 590 8.20 -45.50 -35.81
C SER G 590 7.33 -46.06 -34.68
N LYS G 591 7.51 -45.57 -33.45
CA LYS G 591 6.77 -46.12 -32.31
C LYS G 591 5.41 -45.45 -32.13
N ALA G 592 5.37 -44.11 -32.15
CA ALA G 592 4.13 -43.37 -31.96
C ALA G 592 3.97 -42.38 -33.10
N LYS G 593 2.83 -42.44 -33.78
CA LYS G 593 2.51 -41.51 -34.85
C LYS G 593 1.26 -40.74 -34.49
N LEU G 594 1.17 -39.50 -34.97
CA LEU G 594 0.09 -38.59 -34.57
C LEU G 594 -0.41 -37.91 -35.86
N SER G 595 -1.55 -38.41 -36.36
CA SER G 595 -2.06 -37.98 -37.65
C SER G 595 -2.56 -36.54 -37.59
N SER G 596 -2.57 -35.90 -38.77
CA SER G 596 -2.89 -34.47 -38.85
C SER G 596 -4.33 -34.19 -38.46
N ASP G 597 -5.26 -35.08 -38.80
CA ASP G 597 -6.66 -34.86 -38.45
C ASP G 597 -6.85 -34.82 -36.93
N VAL G 598 -6.03 -35.55 -36.18
CA VAL G 598 -6.09 -35.46 -34.73
C VAL G 598 -5.69 -34.08 -34.26
N LEU G 599 -4.62 -33.52 -34.85
CA LEU G 599 -4.23 -32.15 -34.49
C LEU G 599 -5.32 -31.16 -34.85
N THR G 600 -5.99 -31.36 -36.00
CA THR G 600 -7.11 -30.51 -36.36
C THR G 600 -8.23 -30.60 -35.34
N LEU G 601 -8.51 -31.81 -34.85
CA LEU G 601 -9.55 -31.99 -33.84
C LEU G 601 -9.18 -31.30 -32.53
N LEU G 602 -7.93 -31.41 -32.10
CA LEU G 602 -7.49 -30.71 -30.89
C LEU G 602 -7.60 -29.20 -31.06
N ILE G 603 -7.20 -28.68 -32.22
CA ILE G 603 -7.28 -27.24 -32.46
C ILE G 603 -8.74 -26.77 -32.47
N LYS G 604 -9.62 -27.55 -33.08
CA LYS G 604 -11.01 -27.13 -33.23
C LYS G 604 -11.79 -27.24 -31.92
N GLN G 605 -11.60 -28.32 -31.17
CA GLN G 605 -12.47 -28.62 -30.03
C GLN G 605 -11.76 -28.66 -28.69
N TYR G 606 -10.44 -28.67 -28.64
CA TYR G 606 -9.72 -28.80 -27.38
C TYR G 606 -8.92 -27.56 -27.01
N CYS G 607 -8.85 -26.55 -27.88
CA CYS G 607 -8.12 -25.32 -27.60
C CYS G 607 -8.88 -24.12 -28.14
N ARG G 608 -8.83 -23.02 -27.38
CA ARG G 608 -9.41 -21.75 -27.79
C ARG G 608 -8.46 -20.65 -27.32
N GLU G 609 -7.53 -20.28 -28.20
CA GLU G 609 -6.52 -19.29 -27.88
C GLU G 609 -5.79 -18.88 -29.16
N SER G 610 -5.09 -17.75 -29.07
CA SER G 610 -4.28 -17.29 -30.19
C SER G 610 -2.92 -17.96 -30.24
N GLY G 611 -2.40 -18.44 -29.11
CA GLY G 611 -1.13 -19.11 -29.06
C GLY G 611 -1.24 -20.61 -29.29
N VAL G 612 -0.15 -21.31 -29.01
CA VAL G 612 -0.10 -22.76 -29.19
C VAL G 612 0.36 -23.41 -27.88
N ARG G 613 0.36 -22.65 -26.79
CA ARG G 613 0.80 -23.18 -25.51
C ARG G 613 -0.11 -24.31 -25.04
N ASN G 614 -1.43 -24.10 -25.10
CA ASN G 614 -2.36 -25.15 -24.69
C ASN G 614 -2.31 -26.34 -25.65
N LEU G 615 -2.16 -26.09 -26.95
CA LEU G 615 -2.01 -27.18 -27.90
C LEU G 615 -0.73 -27.96 -27.63
N GLN G 616 0.36 -27.27 -27.31
CA GLN G 616 1.60 -27.96 -26.96
C GLN G 616 1.42 -28.80 -25.70
N LYS G 617 0.70 -28.27 -24.71
CA LYS G 617 0.44 -29.03 -23.48
C LYS G 617 -0.35 -30.29 -23.80
N GLN G 618 -1.38 -30.17 -24.64
CA GLN G 618 -2.18 -31.33 -25.02
C GLN G 618 -1.35 -32.37 -25.78
N VAL G 619 -0.48 -31.91 -26.69
CA VAL G 619 0.37 -32.83 -27.43
C VAL G 619 1.34 -33.54 -26.50
N GLU G 620 1.91 -32.81 -25.53
CA GLU G 620 2.79 -33.42 -24.56
C GLU G 620 2.06 -34.46 -23.72
N LYS G 621 0.82 -34.16 -23.33
CA LYS G 621 0.02 -35.13 -22.59
C LYS G 621 -0.23 -36.39 -23.41
N VAL G 622 -0.58 -36.21 -24.69
CA VAL G 622 -0.83 -37.36 -25.56
C VAL G 622 0.42 -38.21 -25.68
N LEU G 623 1.58 -37.58 -25.89
CA LEU G 623 2.81 -38.35 -26.06
C LEU G 623 3.26 -38.99 -24.75
N ARG G 624 2.99 -38.36 -23.61
CA ARG G 624 3.27 -38.98 -22.32
C ARG G 624 2.43 -40.24 -22.14
N LYS G 625 1.14 -40.15 -22.47
CA LYS G 625 0.28 -41.33 -22.39
C LYS G 625 0.75 -42.41 -23.35
N SER G 626 1.17 -42.02 -24.55
CA SER G 626 1.67 -42.98 -25.53
C SER G 626 2.92 -43.70 -25.01
N ALA G 627 3.86 -42.94 -24.45
CA ALA G 627 5.07 -43.54 -23.92
C ALA G 627 4.76 -44.48 -22.76
N TYR G 628 3.82 -44.08 -21.89
CA TYR G 628 3.39 -44.96 -20.81
C TYR G 628 2.82 -46.26 -21.36
N LYS G 629 1.98 -46.17 -22.39
CA LYS G 629 1.39 -47.36 -22.99
C LYS G 629 2.45 -48.27 -23.60
N ILE G 630 3.41 -47.69 -24.31
CA ILE G 630 4.45 -48.50 -24.97
C ILE G 630 5.31 -49.19 -23.92
N VAL G 631 5.74 -48.46 -22.89
CA VAL G 631 6.64 -49.07 -21.91
C VAL G 631 5.90 -50.07 -21.04
N SER G 632 4.59 -49.88 -20.80
CA SER G 632 3.84 -50.78 -19.95
C SER G 632 3.45 -52.07 -20.66
N GLY G 633 3.73 -52.19 -21.96
CA GLY G 633 3.33 -53.38 -22.70
C GLY G 633 1.90 -53.37 -23.17
N GLU G 634 1.23 -52.21 -23.13
CA GLU G 634 -0.14 -52.13 -23.63
C GLU G 634 -0.21 -52.40 -25.13
N ALA G 635 0.75 -51.90 -25.89
CA ALA G 635 0.80 -52.14 -27.32
C ALA G 635 2.23 -51.97 -27.80
N GLU G 636 2.58 -52.70 -28.86
CA GLU G 636 3.91 -52.58 -29.45
C GLU G 636 4.11 -51.18 -30.04
N SER G 637 3.08 -50.64 -30.69
CA SER G 637 3.11 -49.29 -31.22
C SER G 637 1.72 -48.69 -31.07
N VAL G 638 1.66 -47.37 -30.94
CA VAL G 638 0.41 -46.67 -30.69
C VAL G 638 0.19 -45.63 -31.79
N GLU G 639 -1.06 -45.55 -32.27
CA GLU G 639 -1.47 -44.55 -33.24
C GLU G 639 -2.68 -43.83 -32.69
N VAL G 640 -2.73 -42.51 -32.91
CA VAL G 640 -3.81 -41.68 -32.40
C VAL G 640 -4.78 -41.39 -33.54
N THR G 641 -6.07 -41.64 -33.29
CA THR G 641 -7.12 -41.47 -34.27
C THR G 641 -8.31 -40.84 -33.59
N PRO G 642 -9.16 -40.13 -34.34
CA PRO G 642 -10.30 -39.45 -33.70
C PRO G 642 -11.25 -40.37 -32.95
N GLU G 643 -11.30 -41.66 -33.28
CA GLU G 643 -12.18 -42.58 -32.56
C GLU G 643 -11.56 -43.17 -31.30
N ASN G 644 -10.27 -42.91 -31.05
CA ASN G 644 -9.65 -43.30 -29.78
C ASN G 644 -8.97 -42.14 -29.06
N LEU G 645 -9.11 -40.91 -29.56
CA LEU G 645 -8.46 -39.76 -28.93
C LEU G 645 -8.98 -39.53 -27.52
N GLN G 646 -10.25 -39.85 -27.28
CA GLN G 646 -10.85 -39.62 -25.97
C GLN G 646 -10.18 -40.44 -24.87
N ASP G 647 -9.45 -41.50 -25.23
CA ASP G 647 -8.71 -42.24 -24.23
C ASP G 647 -7.50 -41.47 -23.72
N PHE G 648 -6.89 -40.65 -24.58
CA PHE G 648 -5.67 -39.95 -24.19
C PHE G 648 -5.97 -38.61 -23.52
N VAL G 649 -7.00 -37.91 -23.97
CA VAL G 649 -7.30 -36.58 -23.46
C VAL G 649 -8.68 -36.50 -22.81
N GLY G 650 -9.63 -37.33 -23.21
CA GLY G 650 -10.98 -37.24 -22.70
C GLY G 650 -11.93 -36.58 -23.68
N LYS G 651 -13.13 -36.29 -23.18
CA LYS G 651 -14.16 -35.70 -24.02
C LYS G 651 -13.77 -34.29 -24.44
N PRO G 652 -14.22 -33.84 -25.61
CA PRO G 652 -13.87 -32.49 -26.07
C PRO G 652 -14.44 -31.42 -25.14
N VAL G 653 -13.71 -30.31 -25.04
CA VAL G 653 -14.10 -29.23 -24.15
C VAL G 653 -15.08 -28.28 -24.82
N PHE G 654 -14.73 -27.78 -26.02
CA PHE G 654 -15.57 -26.82 -26.74
C PHE G 654 -16.45 -27.58 -27.72
N THR G 655 -17.52 -28.16 -27.19
CA THR G 655 -18.40 -29.04 -27.97
C THR G 655 -19.20 -28.27 -29.02
N VAL G 656 -19.51 -27.00 -28.78
CA VAL G 656 -20.40 -26.23 -29.65
C VAL G 656 -19.66 -25.01 -30.16
N GLU G 657 -19.90 -24.67 -31.43
CA GLU G 657 -19.27 -23.52 -32.05
C GLU G 657 -20.17 -22.29 -32.10
N ARG G 658 -21.48 -22.48 -32.00
CA ARG G 658 -22.42 -21.37 -32.13
C ARG G 658 -23.67 -21.69 -31.33
N MET G 659 -24.17 -20.71 -30.58
CA MET G 659 -25.31 -20.94 -29.71
C MET G 659 -26.59 -21.19 -30.51
N TYR G 660 -26.80 -20.44 -31.59
CA TYR G 660 -28.00 -20.54 -32.39
C TYR G 660 -27.68 -21.06 -33.77
N ASP G 661 -28.43 -22.07 -34.21
CA ASP G 661 -28.35 -22.53 -35.59
C ASP G 661 -29.29 -21.75 -36.48
N VAL G 662 -30.57 -21.69 -36.11
CA VAL G 662 -31.57 -20.88 -36.79
C VAL G 662 -32.04 -19.81 -35.80
N THR G 663 -31.82 -18.56 -36.15
CA THR G 663 -32.11 -17.47 -35.23
C THR G 663 -33.62 -17.22 -35.16
N PRO G 664 -34.16 -17.04 -33.96
CA PRO G 664 -35.56 -16.64 -33.81
C PRO G 664 -35.76 -15.22 -34.33
N PRO G 665 -37.01 -14.77 -34.47
CA PRO G 665 -37.24 -13.40 -34.95
C PRO G 665 -36.57 -12.32 -34.10
N GLY G 666 -36.52 -12.50 -32.79
CA GLY G 666 -35.96 -11.49 -31.92
C GLY G 666 -34.47 -11.60 -31.66
N VAL G 667 -33.75 -12.46 -32.37
CA VAL G 667 -32.34 -12.70 -32.11
C VAL G 667 -31.55 -12.45 -33.39
N VAL G 668 -30.43 -11.74 -33.25
CA VAL G 668 -29.53 -11.48 -34.37
C VAL G 668 -28.10 -11.75 -33.89
N MET G 669 -27.22 -12.06 -34.84
CA MET G 669 -25.86 -12.49 -34.52
C MET G 669 -24.88 -11.34 -34.65
N GLY G 670 -24.04 -11.16 -33.63
CA GLY G 670 -23.02 -10.15 -33.63
C GLY G 670 -21.61 -10.72 -33.58
N LEU G 671 -20.65 -9.83 -33.33
CA LEU G 671 -19.25 -10.21 -33.22
C LEU G 671 -18.61 -9.42 -32.08
N ALA G 672 -17.50 -9.96 -31.56
CA ALA G 672 -16.81 -9.34 -30.44
C ALA G 672 -15.32 -9.61 -30.54
N TRP G 673 -14.55 -8.77 -29.85
CA TRP G 673 -13.10 -8.91 -29.75
C TRP G 673 -12.73 -9.06 -28.29
N THR G 674 -12.01 -10.13 -27.96
CA THR G 674 -11.61 -10.41 -26.59
C THR G 674 -10.10 -10.64 -26.56
N ALA G 675 -9.56 -10.70 -25.33
CA ALA G 675 -8.13 -10.94 -25.15
C ALA G 675 -7.73 -12.33 -25.63
N MET G 676 -8.63 -13.30 -25.56
CA MET G 676 -8.38 -14.65 -26.05
C MET G 676 -8.72 -14.83 -27.52
N GLY G 677 -8.79 -13.72 -28.27
CA GLY G 677 -9.15 -13.77 -29.67
C GLY G 677 -10.60 -13.36 -29.90
N GLY G 678 -11.02 -13.51 -31.16
CA GLY G 678 -12.37 -13.14 -31.51
C GLY G 678 -13.41 -14.09 -30.93
N SER G 679 -14.60 -13.54 -30.70
CA SER G 679 -15.68 -14.30 -30.11
C SER G 679 -17.02 -13.82 -30.68
N THR G 680 -17.98 -14.73 -30.71
CA THR G 680 -19.31 -14.42 -31.21
C THR G 680 -20.28 -14.17 -30.04
N LEU G 681 -21.10 -13.14 -30.20
CA LEU G 681 -22.15 -12.85 -29.23
C LEU G 681 -23.47 -12.69 -29.96
N PHE G 682 -24.55 -13.00 -29.25
CA PHE G 682 -25.90 -12.85 -29.77
C PHE G 682 -26.65 -11.80 -28.96
N VAL G 683 -27.62 -11.16 -29.60
CA VAL G 683 -28.48 -10.18 -28.95
C VAL G 683 -29.90 -10.74 -28.94
N GLU G 684 -30.50 -10.81 -27.76
CA GLU G 684 -31.82 -11.40 -27.58
C GLU G 684 -32.78 -10.36 -27.05
N THR G 685 -33.97 -10.30 -27.66
CA THR G 685 -35.01 -9.36 -27.24
C THR G 685 -36.33 -10.10 -27.14
N SER G 686 -37.15 -9.67 -26.18
CA SER G 686 -38.47 -10.25 -25.99
C SER G 686 -39.33 -9.24 -25.22
N LEU G 687 -40.64 -9.43 -25.31
CA LEU G 687 -41.57 -8.55 -24.62
C LEU G 687 -41.61 -8.85 -23.13
N ARG G 688 -42.02 -7.85 -22.35
CA ARG G 688 -42.27 -8.02 -20.93
C ARG G 688 -43.75 -7.95 -20.58
N ARG G 689 -44.58 -7.44 -21.49
CA ARG G 689 -46.02 -7.33 -21.30
C ARG G 689 -46.69 -7.64 -22.62
N PRO G 690 -47.95 -8.10 -22.60
CA PRO G 690 -48.70 -8.21 -23.86
C PRO G 690 -48.90 -6.85 -24.48
N GLN G 691 -48.91 -6.83 -25.83
CA GLN G 691 -49.01 -5.55 -26.54
C GLN G 691 -50.36 -4.88 -26.32
N ASP G 692 -51.41 -5.67 -26.12
CA ASP G 692 -52.76 -5.14 -25.88
C ASP G 692 -53.21 -4.19 -26.97
N LYS G 699 -49.25 5.30 -23.48
CA LYS G 699 -48.09 5.37 -22.58
C LYS G 699 -46.80 5.08 -23.33
N ASP G 700 -45.70 5.64 -22.85
CA ASP G 700 -44.41 5.43 -23.48
C ASP G 700 -43.92 4.01 -23.26
N GLY G 701 -43.28 3.45 -24.29
CA GLY G 701 -42.65 2.15 -24.16
C GLY G 701 -41.36 2.25 -23.36
N SER G 702 -40.77 1.11 -23.03
CA SER G 702 -39.53 1.11 -22.25
C SER G 702 -38.66 -0.04 -22.70
N LEU G 703 -37.35 0.13 -22.51
CA LEU G 703 -36.36 -0.89 -22.82
C LEU G 703 -35.60 -1.27 -21.57
N GLU G 704 -35.62 -2.55 -21.23
CA GLU G 704 -34.85 -3.08 -20.11
C GLU G 704 -33.64 -3.82 -20.64
N VAL G 705 -32.45 -3.43 -20.18
CA VAL G 705 -31.20 -3.93 -20.71
C VAL G 705 -30.45 -4.65 -19.59
N THR G 706 -30.13 -5.93 -19.82
CA THR G 706 -29.37 -6.74 -18.88
C THR G 706 -28.26 -7.46 -19.65
N GLY G 707 -27.35 -8.06 -18.89
CA GLY G 707 -26.27 -8.81 -19.49
C GLY G 707 -24.88 -8.32 -19.09
N GLN G 708 -24.80 -7.61 -17.96
CA GLN G 708 -23.54 -7.07 -17.46
C GLN G 708 -22.89 -6.14 -18.49
N LEU G 709 -23.71 -5.35 -19.18
CA LEU G 709 -23.22 -4.44 -20.20
C LEU G 709 -22.58 -3.23 -19.53
N GLY G 710 -21.47 -2.76 -20.10
CA GLY G 710 -20.82 -1.58 -19.60
C GLY G 710 -21.60 -0.31 -19.88
N GLU G 711 -21.10 0.80 -19.34
CA GLU G 711 -21.77 2.09 -19.53
C GLU G 711 -21.81 2.48 -21.00
N VAL G 712 -20.70 2.29 -21.71
CA VAL G 712 -20.66 2.62 -23.14
C VAL G 712 -21.63 1.75 -23.92
N MET G 713 -21.69 0.46 -23.59
CA MET G 713 -22.61 -0.43 -24.29
C MET G 713 -24.06 -0.11 -23.97
N LYS G 714 -24.35 0.34 -22.74
CA LYS G 714 -25.71 0.75 -22.41
C LYS G 714 -26.09 2.04 -23.14
N GLU G 715 -25.15 2.98 -23.25
CA GLU G 715 -25.40 4.18 -24.05
C GLU G 715 -25.66 3.82 -25.51
N SER G 716 -24.87 2.88 -26.04
CA SER G 716 -25.10 2.42 -27.40
C SER G 716 -26.46 1.77 -27.55
N ALA G 717 -26.89 1.02 -26.53
CA ALA G 717 -28.22 0.40 -26.56
C ALA G 717 -29.32 1.46 -26.58
N ARG G 718 -29.17 2.51 -25.77
CA ARG G 718 -30.15 3.60 -25.77
C ARG G 718 -30.20 4.29 -27.14
N ILE G 719 -29.03 4.56 -27.72
CA ILE G 719 -28.98 5.19 -29.04
C ILE G 719 -29.63 4.30 -30.08
N ALA G 720 -29.35 2.99 -29.99
CA ALA G 720 -29.94 2.04 -30.92
C ALA G 720 -31.45 1.99 -30.78
N TYR G 721 -31.95 2.05 -29.54
CA TYR G 721 -33.40 2.06 -29.33
C TYR G 721 -34.04 3.29 -29.95
N THR G 722 -33.43 4.47 -29.73
CA THR G 722 -33.98 5.69 -30.32
C THR G 722 -33.96 5.64 -31.84
N PHE G 723 -32.84 5.17 -32.41
CA PHE G 723 -32.74 5.12 -33.87
C PHE G 723 -33.70 4.09 -34.45
N ALA G 724 -33.90 2.97 -33.75
CA ALA G 724 -34.87 1.99 -34.21
C ALA G 724 -36.28 2.55 -34.18
N ARG G 725 -36.62 3.30 -33.13
CA ARG G 725 -37.90 3.98 -33.09
C ARG G 725 -38.09 4.88 -34.30
N ALA G 726 -37.09 5.73 -34.57
CA ALA G 726 -37.20 6.67 -35.69
C ALA G 726 -37.29 5.93 -37.02
N PHE G 727 -36.48 4.88 -37.21
CA PHE G 727 -36.45 4.17 -38.47
C PHE G 727 -37.75 3.43 -38.72
N LEU G 728 -38.32 2.81 -37.68
CA LEU G 728 -39.59 2.13 -37.85
C LEU G 728 -40.72 3.12 -38.05
N MET G 729 -40.64 4.30 -37.43
CA MET G 729 -41.65 5.33 -37.67
C MET G 729 -41.61 5.81 -39.11
N GLN G 730 -40.42 6.04 -39.66
CA GLN G 730 -40.33 6.56 -41.02
C GLN G 730 -40.62 5.48 -42.07
N HIS G 731 -40.20 4.24 -41.81
CA HIS G 731 -40.39 3.17 -42.80
C HIS G 731 -41.81 2.62 -42.75
N ALA G 732 -42.32 2.35 -41.56
CA ALA G 732 -43.65 1.77 -41.38
C ALA G 732 -44.42 2.61 -40.38
N PRO G 733 -45.03 3.72 -40.83
CA PRO G 733 -45.76 4.60 -39.90
C PRO G 733 -46.88 3.90 -39.13
N ALA G 734 -47.54 2.92 -39.74
CA ALA G 734 -48.64 2.24 -39.07
C ALA G 734 -48.16 1.29 -37.98
N ASN G 735 -46.88 0.93 -37.97
CA ASN G 735 -46.35 -0.03 -37.01
C ASN G 735 -45.89 0.73 -35.76
N ASP G 736 -46.69 0.67 -34.70
CA ASP G 736 -46.38 1.30 -33.44
C ASP G 736 -45.81 0.33 -32.41
N TYR G 737 -45.12 -0.72 -32.85
CA TYR G 737 -44.62 -1.75 -31.93
C TYR G 737 -43.59 -1.17 -30.98
N LEU G 738 -42.58 -0.48 -31.51
CA LEU G 738 -41.48 -0.02 -30.68
C LEU G 738 -41.89 1.08 -29.71
N VAL G 739 -42.79 1.97 -30.13
CA VAL G 739 -43.14 3.11 -29.29
C VAL G 739 -44.12 2.76 -28.18
N THR G 740 -44.85 1.65 -28.30
CA THR G 740 -45.88 1.31 -27.33
C THR G 740 -45.52 0.11 -26.46
N SER G 741 -44.84 -0.89 -27.01
CA SER G 741 -44.57 -2.12 -26.27
C SER G 741 -43.36 -1.96 -25.37
N HIS G 742 -43.29 -2.83 -24.36
CA HIS G 742 -42.17 -2.88 -23.43
C HIS G 742 -41.28 -4.05 -23.82
N ILE G 743 -40.00 -3.76 -24.04
CA ILE G 743 -39.06 -4.73 -24.59
C ILE G 743 -37.90 -4.93 -23.61
N HIS G 744 -37.59 -6.19 -23.35
CA HIS G 744 -36.41 -6.57 -22.57
C HIS G 744 -35.33 -7.06 -23.52
N LEU G 745 -34.14 -6.47 -23.42
CA LEU G 745 -33.02 -6.81 -24.27
C LEU G 745 -31.93 -7.48 -23.43
N HIS G 746 -31.44 -8.62 -23.91
CA HIS G 746 -30.43 -9.38 -23.20
C HIS G 746 -29.33 -9.81 -24.15
N VAL G 747 -28.12 -9.93 -23.61
CA VAL G 747 -26.99 -10.50 -24.33
C VAL G 747 -26.50 -11.68 -23.50
N PRO G 748 -26.58 -12.91 -24.02
CA PRO G 748 -26.24 -14.08 -23.19
C PRO G 748 -24.79 -14.12 -22.76
N GLU G 749 -24.42 -15.16 -21.99
CA GLU G 749 -23.15 -15.21 -21.27
C GLU G 749 -23.07 -14.05 -20.27
N GLY G 750 -24.04 -14.02 -19.35
CA GLY G 750 -24.14 -12.91 -18.42
C GLY G 750 -22.98 -12.83 -17.44
N ALA G 751 -22.29 -13.95 -17.21
CA ALA G 751 -21.17 -13.95 -16.28
C ALA G 751 -19.99 -13.14 -16.81
N THR G 752 -19.93 -12.89 -18.12
CA THR G 752 -18.82 -12.16 -18.72
C THR G 752 -19.20 -10.71 -18.93
N PRO G 753 -18.43 -9.76 -18.39
CA PRO G 753 -18.73 -8.35 -18.65
C PRO G 753 -18.49 -7.98 -20.11
N LYS G 754 -19.28 -7.05 -20.61
CA LYS G 754 -19.24 -6.64 -22.01
C LYS G 754 -19.19 -5.12 -22.10
N ASP G 755 -18.34 -4.62 -22.98
CA ASP G 755 -18.20 -3.18 -23.17
C ASP G 755 -17.84 -2.90 -24.61
N GLY G 756 -18.05 -1.65 -25.03
CA GLY G 756 -17.73 -1.22 -26.37
C GLY G 756 -18.96 -0.96 -27.21
N PRO G 757 -18.89 0.08 -28.06
CA PRO G 757 -20.04 0.41 -28.92
C PRO G 757 -20.16 -0.45 -30.17
N SER G 758 -19.40 -1.53 -30.28
CA SER G 758 -19.40 -2.35 -31.48
C SER G 758 -20.74 -3.00 -31.77
N ALA G 759 -21.61 -3.10 -30.77
CA ALA G 759 -22.91 -3.73 -30.93
C ALA G 759 -24.01 -2.77 -31.37
N GLY G 760 -23.65 -1.57 -31.81
CA GLY G 760 -24.62 -0.57 -32.21
C GLY G 760 -25.62 -1.03 -33.25
N CYS G 761 -25.14 -1.40 -34.43
CA CYS G 761 -26.06 -1.82 -35.50
C CYS G 761 -26.72 -3.15 -35.17
N THR G 762 -26.03 -4.01 -34.40
CA THR G 762 -26.60 -5.31 -34.03
C THR G 762 -27.87 -5.13 -33.21
N ILE G 763 -27.85 -4.20 -32.25
CA ILE G 763 -29.03 -3.96 -31.42
C ILE G 763 -30.17 -3.40 -32.25
N VAL G 764 -29.86 -2.51 -33.18
CA VAL G 764 -30.90 -1.96 -34.06
C VAL G 764 -31.53 -3.07 -34.88
N THR G 765 -30.70 -3.97 -35.43
CA THR G 765 -31.22 -5.08 -36.21
C THR G 765 -32.09 -5.99 -35.38
N ALA G 766 -31.66 -6.30 -34.15
CA ALA G 766 -32.47 -7.15 -33.28
C ALA G 766 -33.81 -6.50 -32.96
N LEU G 767 -33.80 -5.21 -32.63
CA LEU G 767 -35.05 -4.51 -32.29
C LEU G 767 -35.99 -4.45 -33.49
N LEU G 768 -35.46 -4.14 -34.68
CA LEU G 768 -36.33 -4.07 -35.85
C LEU G 768 -36.88 -5.44 -36.22
N SER G 769 -36.05 -6.48 -36.12
CA SER G 769 -36.53 -7.83 -36.40
C SER G 769 -37.61 -8.25 -35.43
N LEU G 770 -37.45 -7.92 -34.15
CA LEU G 770 -38.50 -8.20 -33.16
C LEU G 770 -39.77 -7.42 -33.49
N ALA G 771 -39.62 -6.15 -33.86
CA ALA G 771 -40.79 -5.31 -34.13
C ALA G 771 -41.57 -5.77 -35.35
N MET G 772 -40.88 -6.21 -36.41
CA MET G 772 -41.56 -6.65 -37.63
C MET G 772 -41.90 -8.13 -37.61
N GLY G 773 -41.40 -8.89 -36.64
CA GLY G 773 -41.60 -10.32 -36.66
C GLY G 773 -40.88 -11.04 -37.76
N ARG G 774 -39.83 -10.44 -38.32
CA ARG G 774 -39.09 -10.98 -39.44
C ARG G 774 -37.72 -11.44 -38.98
N PRO G 775 -37.39 -12.73 -39.11
CA PRO G 775 -36.04 -13.17 -38.81
C PRO G 775 -35.04 -12.63 -39.82
N VAL G 776 -33.82 -12.39 -39.32
CA VAL G 776 -32.73 -11.89 -40.15
C VAL G 776 -32.18 -13.03 -40.98
N ARG G 777 -31.32 -12.72 -41.95
CA ARG G 777 -30.63 -13.74 -42.72
C ARG G 777 -29.96 -14.73 -41.78
N GLN G 778 -30.20 -16.01 -42.02
CA GLN G 778 -29.89 -17.04 -41.02
C GLN G 778 -28.40 -17.35 -40.90
N ASN G 779 -27.51 -16.62 -41.58
CA ASN G 779 -26.09 -16.84 -41.40
C ASN G 779 -25.31 -15.52 -41.39
N LEU G 780 -25.98 -14.39 -41.14
CA LEU G 780 -25.35 -13.09 -41.20
C LEU G 780 -24.82 -12.66 -39.85
N ALA G 781 -23.62 -12.08 -39.86
CA ALA G 781 -23.00 -11.51 -38.67
C ALA G 781 -22.61 -10.08 -38.96
N MET G 782 -22.91 -9.17 -38.03
CA MET G 782 -22.72 -7.75 -38.25
C MET G 782 -22.07 -7.10 -37.04
N THR G 783 -21.33 -6.02 -37.29
CA THR G 783 -20.68 -5.25 -36.23
C THR G 783 -20.53 -3.82 -36.70
N GLY G 784 -20.33 -2.92 -35.74
CA GLY G 784 -20.13 -1.51 -36.05
C GLY G 784 -21.00 -0.58 -35.26
N GLU G 785 -20.46 0.58 -34.88
CA GLU G 785 -21.22 1.56 -34.13
C GLU G 785 -22.32 2.17 -34.99
N VAL G 786 -23.32 2.75 -34.33
CA VAL G 786 -24.41 3.45 -35.00
C VAL G 786 -24.58 4.81 -34.34
N SER G 787 -24.73 5.84 -35.15
CA SER G 787 -24.99 7.18 -34.64
C SER G 787 -26.50 7.37 -34.44
N LEU G 788 -26.85 8.47 -33.78
CA LEU G 788 -28.25 8.77 -33.54
C LEU G 788 -29.03 8.97 -34.84
N THR G 789 -28.37 9.42 -35.91
CA THR G 789 -28.99 9.56 -37.20
C THR G 789 -28.81 8.33 -38.09
N GLY G 790 -28.14 7.29 -37.59
CA GLY G 790 -28.04 6.04 -38.31
C GLY G 790 -26.73 5.79 -39.03
N LYS G 791 -25.81 6.75 -39.04
CA LYS G 791 -24.54 6.54 -39.72
C LYS G 791 -23.70 5.52 -38.96
N ILE G 792 -23.06 4.63 -39.72
CA ILE G 792 -22.24 3.56 -39.15
C ILE G 792 -20.79 4.03 -39.09
N LEU G 793 -20.16 3.86 -37.94
CA LEU G 793 -18.81 4.32 -37.70
C LEU G 793 -17.84 3.14 -37.60
N PRO G 794 -16.56 3.36 -37.91
CA PRO G 794 -15.60 2.25 -37.86
C PRO G 794 -15.40 1.72 -36.45
N VAL G 795 -15.04 0.43 -36.37
CA VAL G 795 -14.76 -0.23 -35.10
C VAL G 795 -13.47 -1.04 -35.24
N GLY G 796 -12.79 -1.22 -34.12
CA GLY G 796 -11.52 -1.94 -34.13
C GLY G 796 -11.70 -3.45 -34.02
N GLY G 797 -10.56 -4.14 -34.05
CA GLY G 797 -10.57 -5.59 -33.94
C GLY G 797 -11.21 -6.31 -35.11
N ILE G 798 -10.94 -5.86 -36.33
CA ILE G 798 -11.57 -6.49 -37.49
C ILE G 798 -11.07 -7.90 -37.71
N LYS G 799 -9.78 -8.14 -37.52
CA LYS G 799 -9.20 -9.45 -37.81
C LYS G 799 -9.79 -10.52 -36.89
N GLU G 800 -9.86 -10.23 -35.58
CA GLU G 800 -10.37 -11.21 -34.63
C GLU G 800 -11.83 -11.52 -34.90
N LYS G 801 -12.63 -10.48 -35.18
CA LYS G 801 -14.05 -10.70 -35.47
C LYS G 801 -14.22 -11.51 -36.75
N THR G 802 -13.42 -11.22 -37.77
CA THR G 802 -13.51 -11.97 -39.02
C THR G 802 -13.12 -13.43 -38.82
N ILE G 803 -12.07 -13.69 -38.05
CA ILE G 803 -11.66 -15.06 -37.77
C ILE G 803 -12.75 -15.79 -36.99
N ALA G 804 -13.35 -15.13 -36.00
CA ALA G 804 -14.41 -15.75 -35.24
C ALA G 804 -15.61 -16.07 -36.12
N ALA G 805 -15.97 -15.15 -37.02
CA ALA G 805 -17.09 -15.38 -37.93
C ALA G 805 -16.80 -16.56 -38.86
N LYS G 806 -15.57 -16.61 -39.40
CA LYS G 806 -15.21 -17.72 -40.28
C LYS G 806 -15.23 -19.05 -39.54
N ARG G 807 -14.79 -19.06 -38.28
CA ARG G 807 -14.81 -20.28 -37.49
C ARG G 807 -16.23 -20.66 -37.09
N ALA G 808 -17.12 -19.68 -36.97
CA ALA G 808 -18.50 -19.92 -36.58
C ALA G 808 -19.42 -20.23 -37.76
N GLY G 809 -18.85 -20.49 -38.94
CA GLY G 809 -19.66 -20.84 -40.10
C GLY G 809 -20.39 -19.70 -40.74
N VAL G 810 -19.93 -18.47 -40.55
CA VAL G 810 -20.57 -17.31 -41.18
C VAL G 810 -20.17 -17.25 -42.65
N THR G 811 -21.13 -16.90 -43.51
CA THR G 811 -20.87 -16.71 -44.92
C THR G 811 -21.04 -15.28 -45.40
N CYS G 812 -21.76 -14.44 -44.66
CA CYS G 812 -21.94 -13.03 -45.02
C CYS G 812 -21.68 -12.18 -43.79
N ILE G 813 -20.81 -11.18 -43.93
CA ILE G 813 -20.42 -10.31 -42.84
C ILE G 813 -20.61 -8.86 -43.27
N VAL G 814 -21.14 -8.04 -42.37
CA VAL G 814 -21.38 -6.62 -42.63
C VAL G 814 -20.42 -5.81 -41.79
N LEU G 815 -19.68 -4.91 -42.44
CA LEU G 815 -18.70 -4.08 -41.78
C LEU G 815 -18.90 -2.62 -42.17
N PRO G 816 -18.50 -1.68 -41.31
CA PRO G 816 -18.54 -0.26 -41.70
C PRO G 816 -17.60 0.00 -42.85
N ALA G 817 -17.97 0.97 -43.70
CA ALA G 817 -17.18 1.27 -44.88
C ALA G 817 -15.78 1.77 -44.52
N GLU G 818 -15.64 2.43 -43.36
CA GLU G 818 -14.33 2.94 -42.96
C GLU G 818 -13.39 1.82 -42.49
N ASN G 819 -13.89 0.59 -42.33
CA ASN G 819 -13.06 -0.54 -41.96
C ASN G 819 -12.56 -1.32 -43.16
N LYS G 820 -12.75 -0.80 -44.38
CA LYS G 820 -12.32 -1.49 -45.59
C LYS G 820 -10.81 -1.72 -45.61
N LYS G 821 -10.03 -0.72 -45.18
CA LYS G 821 -8.59 -0.88 -45.15
C LYS G 821 -8.17 -1.98 -44.19
N ASP G 822 -8.80 -2.05 -43.02
CA ASP G 822 -8.49 -3.10 -42.06
C ASP G 822 -8.84 -4.47 -42.61
N PHE G 823 -9.96 -4.58 -43.32
CA PHE G 823 -10.38 -5.89 -43.82
C PHE G 823 -9.50 -6.37 -44.97
N TYR G 824 -9.20 -5.48 -45.93
CA TYR G 824 -8.40 -5.90 -47.06
C TYR G 824 -6.93 -6.09 -46.73
N ASP G 825 -6.49 -5.71 -45.53
CA ASP G 825 -5.15 -6.05 -45.08
C ASP G 825 -5.03 -7.50 -44.66
N LEU G 826 -6.14 -8.21 -44.51
CA LEU G 826 -6.13 -9.61 -44.12
C LEU G 826 -5.74 -10.49 -45.32
N ALA G 827 -5.13 -11.63 -45.03
CA ALA G 827 -4.71 -12.54 -46.08
C ALA G 827 -5.92 -13.15 -46.78
N ALA G 828 -5.68 -13.65 -48.00
CA ALA G 828 -6.78 -14.20 -48.81
C ALA G 828 -7.40 -15.44 -48.17
N PHE G 829 -6.59 -16.29 -47.53
CA PHE G 829 -7.11 -17.54 -46.98
C PHE G 829 -8.00 -17.33 -45.76
N ILE G 830 -8.07 -16.11 -45.23
CA ILE G 830 -8.95 -15.84 -44.10
C ILE G 830 -10.34 -15.44 -44.57
N THR G 831 -10.43 -14.65 -45.63
CA THR G 831 -11.69 -14.03 -46.04
C THR G 831 -12.19 -14.44 -47.42
N GLU G 832 -11.68 -15.53 -48.00
CA GLU G 832 -12.06 -15.88 -49.37
C GLU G 832 -13.53 -16.28 -49.46
N GLY G 833 -14.08 -16.86 -48.39
CA GLY G 833 -15.43 -17.39 -48.42
C GLY G 833 -16.53 -16.50 -47.89
N LEU G 834 -16.22 -15.25 -47.53
CA LEU G 834 -17.19 -14.36 -46.92
C LEU G 834 -17.79 -13.44 -47.97
N GLU G 835 -19.12 -13.37 -48.02
CA GLU G 835 -19.84 -12.42 -48.87
C GLU G 835 -19.89 -11.09 -48.11
N VAL G 836 -18.79 -10.34 -48.21
CA VAL G 836 -18.61 -9.15 -47.39
C VAL G 836 -19.44 -8.00 -47.93
N HIS G 837 -20.06 -7.25 -47.03
CA HIS G 837 -20.80 -6.03 -47.38
C HIS G 837 -20.26 -4.87 -46.57
N PHE G 838 -19.97 -3.77 -47.25
CA PHE G 838 -19.50 -2.54 -46.61
C PHE G 838 -20.60 -1.49 -46.69
N VAL G 839 -20.87 -0.84 -45.55
CA VAL G 839 -21.99 0.08 -45.43
C VAL G 839 -21.52 1.39 -44.80
N GLU G 840 -22.24 2.46 -45.12
CA GLU G 840 -22.04 3.77 -44.50
C GLU G 840 -23.19 4.20 -43.62
N HIS G 841 -24.42 3.78 -43.95
CA HIS G 841 -25.60 4.11 -43.18
C HIS G 841 -26.40 2.84 -42.96
N TYR G 842 -27.17 2.82 -41.86
CA TYR G 842 -27.92 1.61 -41.51
C TYR G 842 -28.99 1.27 -42.54
N ARG G 843 -29.38 2.23 -43.38
CA ARG G 843 -30.39 1.97 -44.40
C ARG G 843 -29.95 0.86 -45.35
N GLU G 844 -28.63 0.73 -45.57
CA GLU G 844 -28.12 -0.38 -46.38
C GLU G 844 -28.14 -1.69 -45.60
N ILE G 845 -27.86 -1.63 -44.30
CA ILE G 845 -27.89 -2.83 -43.47
C ILE G 845 -29.30 -3.38 -43.40
N PHE G 846 -30.31 -2.51 -43.39
CA PHE G 846 -31.69 -2.95 -43.37
C PHE G 846 -32.03 -3.77 -44.61
N ASP G 847 -31.58 -3.32 -45.77
CA ASP G 847 -31.82 -4.07 -47.00
C ASP G 847 -30.97 -5.32 -47.11
N ILE G 848 -29.77 -5.33 -46.51
CA ILE G 848 -28.95 -6.53 -46.55
C ILE G 848 -29.53 -7.61 -45.64
N ALA G 849 -29.96 -7.24 -44.44
CA ALA G 849 -30.40 -8.22 -43.46
C ALA G 849 -31.85 -8.66 -43.68
N PHE G 850 -32.66 -7.86 -44.36
CA PHE G 850 -34.07 -8.15 -44.56
C PHE G 850 -34.41 -8.08 -46.05
N PRO G 851 -34.05 -9.12 -46.81
CA PRO G 851 -34.44 -9.16 -48.22
C PRO G 851 -35.95 -9.34 -48.37
N ASP G 852 -36.47 -8.85 -49.49
CA ASP G 852 -37.90 -8.93 -49.81
C ASP G 852 -38.75 -8.25 -48.73
#